data_3DVA
#
_entry.id   3DVA
#
_cell.length_a   68.673
_cell.length_b   232.294
_cell.length_c   91.936
_cell.angle_alpha   90.00
_cell.angle_beta   91.20
_cell.angle_gamma   90.00
#
_symmetry.space_group_name_H-M   'P 1 21 1'
#
loop_
_entity.id
_entity.type
_entity.pdbx_description
1 polymer 'Pyruvate dehydrogenase E1 component subunit alpha'
2 polymer 'Pyruvate dehydrogenase E1 component subunit beta'
3 polymer 'Dihydrolipoyllysine-residue acetyltransferase component of pyruvate dehydrogenase complex'
4 non-polymer 'MAGNESIUM ION'
5 non-polymer '2-{4-[(4-AMINO-2-METHYLPYRIMIDIN-5-YL)METHYL]-3-METHYLTHIOPHEN-2-YL}ETHYL TRIHYDROGEN DIPHOSPHATE'
6 non-polymer 'POTASSIUM ION'
7 water water
#
loop_
_entity_poly.entity_id
_entity_poly.type
_entity_poly.pdbx_seq_one_letter_code
_entity_poly.pdbx_strand_id
1 'polypeptide(L)'
;MGVKTFQFPFAEQLEKVAEQFPTFQILNEEGEVVNEEAMPELSDEQLKELMRRMVYTRILDQRSISLNRQGRLGFYAPTA
GQEASQIASHFALEKEDFILPGYRDVPQIIWHGLPLYQAFLFSRGHFHGNQIPEGVNVLPPQIIIGAQYIQAAGVALGLK
MRGKKAVAITYTGDGGTSQGDFYEGINFAGAFKAPAIFVVQNNRFAASTPVEKQTVAKTLAQKAVAAGIPGIQVDGMDPL
AVYAAVKAARERAINGEGPTLIETLCFRYGPHTMSGDDPTRYRSKELENEWAKKDPLVRFRKFLEAKGLWSEEEENNVIE
QAKEEIKEAIKKADETPKQKVTDLISIMFEELPFNLKEQYEIYKEKESK
;
A,C,E,G
2 'polypeptide(L)'
;MAQMTMVQAITDALRIELKNDPNVLIFGEDVGVNGGVFRATEGLQAEFGEDRVFDTPLAESGIGGLAIGLALQGFRPVPE
IQFFGFVYEVMDSICGQMARIRYRTGGRYHMPITIRSPFGGGVHTPELHSDSLEGLVAQQPGLKVVIPSTPYDAKGLLIS
AIRDNDPVIFLEHLKLYRSFRQEVPEGEYTIPIGKADIKREGKDITIIAYGAMVHESLKAAAELEKEGISAEVVDLRTVQ
PLDIETIIGSVEKTGRAIVVQEAQRQAGIAANVVAEINERAILSLEAPVLRVAAPDTVYPFAQAESVWLPNFKDVIETAK
KVMNF
;
B,D,F,H
3 'polypeptide(L)'
;MAFEFKLPDIGEGIHEGEIVKWFVKPGDEVNEDDVLCEVQNDKAVVEIPSPVKGKVLEILVPEGTVATVGQTLITLDAPG
YENMTFKGQEQEEAKKEEKTETVSKEEKVDAVAPNAPAAEAEAGPNRRVIAMPSVRKYAREKGVDIRLVQGTGKNGRVLK
EDIDAFLAGGAKPAPAAAEEKAAPAAAKPATTEGEFPETREKMSGIRRAIAKAMVHSKHTAPHVTLMDEADVTKLVAHRK
KFKAIAAEKGIKLTFLPYVVKALVSALREYPVLNTSIDDETEEIIQKHYYNIGIAADTDRGLLVPVIKHADRKPIFALAQ
EINELAEKARDGKLTPGEMKGASCTITNIGSAGGQWFTPVINHPEVAILGIGRIAEKPIVRDGEIVAAPMLALSLSFDHR
MIDGATAQKALNHIKRLLSDPELLLMEA
;
I,J
#
# COMPACT_ATOMS: atom_id res chain seq x y z
N THR A 5 31.08 -6.86 24.37
CA THR A 5 30.62 -6.30 23.07
C THR A 5 29.15 -6.61 22.81
N PHE A 6 28.45 -5.66 22.19
CA PHE A 6 27.02 -5.82 21.88
C PHE A 6 26.75 -7.01 20.98
N GLN A 7 25.66 -7.72 21.26
CA GLN A 7 25.29 -8.90 20.50
C GLN A 7 23.93 -8.79 19.83
N PHE A 8 23.89 -9.01 18.52
CA PHE A 8 22.63 -9.02 17.78
C PHE A 8 21.95 -10.36 18.01
N PRO A 9 20.61 -10.39 18.05
CA PRO A 9 19.88 -11.62 18.27
C PRO A 9 19.70 -12.47 17.01
N PHE A 10 20.79 -12.99 16.46
CA PHE A 10 20.73 -13.79 15.23
C PHE A 10 20.15 -15.19 15.44
N ALA A 11 20.48 -15.84 16.54
CA ALA A 11 19.94 -17.16 16.83
C ALA A 11 18.43 -17.06 16.93
N GLU A 12 17.98 -15.97 17.55
CA GLU A 12 16.56 -15.68 17.68
C GLU A 12 15.96 -15.47 16.30
N GLN A 13 16.64 -14.69 15.47
CA GLN A 13 16.21 -14.42 14.10
C GLN A 13 16.00 -15.72 13.33
N LEU A 14 17.01 -16.60 13.37
CA LEU A 14 16.95 -17.88 12.67
C LEU A 14 15.78 -18.73 13.17
N GLU A 15 15.58 -18.75 14.48
CA GLU A 15 14.50 -19.52 15.09
C GLU A 15 13.13 -18.94 14.72
N LYS A 16 13.01 -17.61 14.75
CA LYS A 16 11.74 -16.97 14.43
C LYS A 16 11.29 -17.17 12.97
N VAL A 17 12.24 -17.17 12.04
CA VAL A 17 11.89 -17.36 10.64
C VAL A 17 11.48 -18.82 10.41
N ALA A 18 12.11 -19.74 11.16
CA ALA A 18 11.81 -21.16 11.04
C ALA A 18 10.35 -21.43 11.42
N GLU A 19 9.88 -20.76 12.47
CA GLU A 19 8.51 -20.91 12.95
C GLU A 19 7.49 -20.49 11.91
N GLN A 20 7.92 -19.71 10.92
CA GLN A 20 7.01 -19.24 9.88
C GLN A 20 6.86 -20.23 8.72
N PHE A 21 7.62 -21.31 8.75
CA PHE A 21 7.54 -22.30 7.69
C PHE A 21 7.42 -23.74 8.22
N PRO A 22 6.32 -24.03 8.94
CA PRO A 22 6.13 -25.39 9.42
C PRO A 22 5.70 -26.28 8.26
N THR A 23 5.90 -27.58 8.40
CA THR A 23 5.54 -28.52 7.34
C THR A 23 4.01 -28.67 7.29
N PHE A 24 3.43 -28.40 6.12
CA PHE A 24 2.00 -28.52 5.91
C PHE A 24 1.63 -29.97 5.55
N GLN A 25 0.87 -30.61 6.42
CA GLN A 25 0.47 -32.00 6.22
C GLN A 25 -1.03 -32.17 6.38
N ILE A 26 -1.61 -33.09 5.62
CA ILE A 26 -3.05 -33.39 5.70
C ILE A 26 -3.27 -34.88 5.98
N LEU A 27 -2.41 -35.71 5.39
CA LEU A 27 -2.49 -37.16 5.58
C LEU A 27 -1.17 -37.72 6.09
N ASN A 28 -1.21 -38.49 7.17
CA ASN A 28 0.00 -39.12 7.70
C ASN A 28 0.31 -40.39 6.92
N GLU A 29 1.39 -41.07 7.29
CA GLU A 29 1.81 -42.30 6.59
C GLU A 29 0.74 -43.39 6.58
N GLU A 30 -0.16 -43.36 7.55
CA GLU A 30 -1.20 -44.39 7.66
C GLU A 30 -2.50 -44.04 6.95
N GLY A 31 -2.50 -42.91 6.25
CA GLY A 31 -3.69 -42.47 5.52
C GLY A 31 -4.71 -41.77 6.39
N GLU A 32 -4.30 -41.42 7.61
CA GLU A 32 -5.18 -40.73 8.55
C GLU A 32 -5.11 -39.21 8.36
N VAL A 33 -6.27 -38.57 8.47
CA VAL A 33 -6.38 -37.12 8.33
C VAL A 33 -5.88 -36.44 9.60
N VAL A 34 -4.75 -35.75 9.50
CA VAL A 34 -4.17 -35.07 10.66
C VAL A 34 -4.49 -33.57 10.68
N ASN A 35 -5.03 -33.08 9.58
CA ASN A 35 -5.40 -31.67 9.44
C ASN A 35 -6.75 -31.62 8.75
N GLU A 36 -7.81 -31.67 9.54
CA GLU A 36 -9.16 -31.76 9.01
C GLU A 36 -9.63 -30.44 8.40
N GLU A 37 -9.30 -29.33 9.04
CA GLU A 37 -9.76 -28.03 8.54
C GLU A 37 -9.05 -27.48 7.29
N ALA A 38 -8.08 -28.23 6.79
CA ALA A 38 -7.37 -27.84 5.57
C ALA A 38 -7.77 -28.74 4.41
N MET A 39 -8.56 -29.77 4.74
CA MET A 39 -9.04 -30.74 3.76
C MET A 39 -9.66 -30.07 2.54
N PRO A 40 -9.15 -30.40 1.34
CA PRO A 40 -9.67 -29.85 0.10
C PRO A 40 -10.97 -30.54 -0.32
N GLU A 41 -11.87 -29.79 -0.95
CA GLU A 41 -13.15 -30.33 -1.40
C GLU A 41 -13.02 -31.07 -2.73
N LEU A 42 -12.83 -32.39 -2.63
CA LEU A 42 -12.71 -33.25 -3.79
C LEU A 42 -13.79 -34.33 -3.72
N SER A 43 -14.44 -34.59 -4.85
CA SER A 43 -15.48 -35.61 -4.91
C SER A 43 -14.84 -36.99 -4.90
N ASP A 44 -15.67 -38.03 -4.78
CA ASP A 44 -15.17 -39.39 -4.78
C ASP A 44 -14.50 -39.75 -6.10
N GLU A 45 -15.04 -39.27 -7.20
CA GLU A 45 -14.48 -39.55 -8.51
C GLU A 45 -13.15 -38.84 -8.72
N GLN A 46 -13.08 -37.59 -8.27
CA GLN A 46 -11.84 -36.82 -8.36
C GLN A 46 -10.75 -37.52 -7.57
N LEU A 47 -11.11 -37.95 -6.36
CA LEU A 47 -10.18 -38.68 -5.50
C LEU A 47 -9.70 -39.97 -6.19
N LYS A 48 -10.61 -40.62 -6.90
CA LYS A 48 -10.31 -41.86 -7.61
C LYS A 48 -9.39 -41.63 -8.81
N GLU A 49 -9.60 -40.54 -9.53
CA GLU A 49 -8.77 -40.24 -10.69
C GLU A 49 -7.36 -39.80 -10.29
N LEU A 50 -7.25 -39.04 -9.20
CA LEU A 50 -5.94 -38.62 -8.70
C LEU A 50 -5.11 -39.86 -8.38
N MET A 51 -5.73 -40.84 -7.74
CA MET A 51 -5.07 -42.09 -7.40
C MET A 51 -4.75 -42.85 -8.68
N ARG A 52 -5.65 -42.78 -9.65
CA ARG A 52 -5.48 -43.46 -10.93
C ARG A 52 -4.25 -42.91 -11.66
N ARG A 53 -4.08 -41.59 -11.60
CA ARG A 53 -2.94 -40.92 -12.25
C ARG A 53 -1.62 -41.20 -11.53
N MET A 54 -1.65 -41.29 -10.21
CA MET A 54 -0.45 -41.57 -9.44
C MET A 54 0.02 -43.01 -9.68
N VAL A 55 -0.92 -43.95 -9.73
CA VAL A 55 -0.58 -45.34 -10.00
C VAL A 55 -0.08 -45.47 -11.44
N TYR A 56 -0.74 -44.75 -12.35
CA TYR A 56 -0.36 -44.75 -13.75
C TYR A 56 1.08 -44.25 -13.91
N THR A 57 1.37 -43.12 -13.26
CA THR A 57 2.69 -42.51 -13.32
C THR A 57 3.77 -43.41 -12.70
N ARG A 58 3.39 -44.17 -11.67
CA ARG A 58 4.32 -45.09 -11.03
C ARG A 58 4.72 -46.16 -12.04
N ILE A 59 3.73 -46.69 -12.76
CA ILE A 59 3.96 -47.69 -13.80
C ILE A 59 4.73 -47.07 -14.96
N LEU A 60 4.46 -45.80 -15.24
CA LEU A 60 5.15 -45.10 -16.32
C LEU A 60 6.65 -45.09 -16.06
N ASP A 61 7.03 -44.89 -14.80
CA ASP A 61 8.43 -44.85 -14.39
C ASP A 61 9.11 -46.20 -14.53
N GLN A 62 8.43 -47.25 -14.11
CA GLN A 62 8.98 -48.60 -14.19
C GLN A 62 9.31 -48.94 -15.63
N ARG A 63 8.31 -48.75 -16.50
CA ARG A 63 8.43 -49.04 -17.92
C ARG A 63 9.47 -48.16 -18.62
N SER A 64 9.53 -46.90 -18.22
CA SER A 64 10.51 -45.97 -18.80
C SER A 64 11.93 -46.42 -18.46
N ILE A 65 12.12 -46.84 -17.21
CA ILE A 65 13.42 -47.34 -16.77
C ILE A 65 13.78 -48.60 -17.56
N SER A 66 12.79 -49.48 -17.74
CA SER A 66 13.00 -50.73 -18.47
C SER A 66 13.31 -50.51 -19.94
N LEU A 67 12.51 -49.68 -20.62
CA LEU A 67 12.73 -49.38 -22.03
C LEU A 67 14.09 -48.72 -22.24
N ASN A 68 14.43 -47.77 -21.39
CA ASN A 68 15.73 -47.13 -21.46
C ASN A 68 16.83 -48.18 -21.39
N ARG A 69 16.65 -49.15 -20.48
CA ARG A 69 17.59 -50.25 -20.34
C ARG A 69 17.63 -51.14 -21.57
N GLN A 70 16.53 -51.20 -22.31
CA GLN A 70 16.44 -52.00 -23.53
C GLN A 70 16.90 -51.17 -24.73
N GLY A 71 17.37 -49.95 -24.48
CA GLY A 71 17.80 -49.05 -25.54
C GLY A 71 16.66 -48.50 -26.37
N ARG A 72 15.43 -48.73 -25.90
CA ARG A 72 14.25 -48.25 -26.61
C ARG A 72 13.82 -46.85 -26.19
N LEU A 73 14.58 -46.27 -25.26
CA LEU A 73 14.39 -44.90 -24.82
C LEU A 73 15.76 -44.29 -24.57
N GLY A 74 15.83 -42.97 -24.58
CA GLY A 74 17.09 -42.28 -24.33
C GLY A 74 17.13 -41.66 -22.96
N PHE A 75 17.52 -40.40 -22.89
CA PHE A 75 17.57 -39.67 -21.64
C PHE A 75 16.29 -39.84 -20.83
N TYR A 76 16.42 -40.23 -19.58
CA TYR A 76 15.27 -40.35 -18.69
C TYR A 76 15.59 -40.08 -17.24
N ALA A 77 14.77 -39.25 -16.61
CA ALA A 77 14.93 -38.89 -15.21
C ALA A 77 13.81 -39.50 -14.38
N PRO A 78 14.12 -40.58 -13.64
CA PRO A 78 13.16 -41.31 -12.79
C PRO A 78 12.28 -40.41 -11.94
N THR A 79 11.02 -40.81 -11.78
CA THR A 79 10.05 -39.99 -11.05
C THR A 79 9.40 -40.72 -9.86
N ALA A 80 9.60 -42.03 -9.77
CA ALA A 80 8.99 -42.82 -8.69
C ALA A 80 9.24 -42.22 -7.32
N GLY A 81 8.15 -42.00 -6.59
CA GLY A 81 8.22 -41.42 -5.26
C GLY A 81 7.64 -40.02 -5.20
N GLN A 82 7.75 -39.28 -6.30
CA GLN A 82 7.26 -37.90 -6.37
C GLN A 82 5.86 -37.75 -6.96
N GLU A 83 5.11 -38.84 -7.05
CA GLU A 83 3.76 -38.77 -7.63
C GLU A 83 2.88 -37.69 -7.00
N ALA A 84 2.84 -37.64 -5.67
CA ALA A 84 2.06 -36.64 -4.98
C ALA A 84 2.51 -35.24 -5.37
N SER A 85 3.82 -35.03 -5.33
CA SER A 85 4.41 -33.74 -5.65
C SER A 85 4.21 -33.36 -7.12
N GLN A 86 4.40 -34.32 -8.00
CA GLN A 86 4.23 -34.05 -9.42
C GLN A 86 2.79 -34.08 -9.91
N ILE A 87 2.06 -35.14 -9.54
CA ILE A 87 0.69 -35.35 -10.03
C ILE A 87 -0.41 -34.58 -9.30
N ALA A 88 -0.37 -34.60 -7.97
CA ALA A 88 -1.37 -33.90 -7.16
C ALA A 88 -1.30 -32.38 -7.33
N SER A 89 -0.12 -31.88 -7.72
CA SER A 89 0.04 -30.45 -7.97
C SER A 89 -0.62 -30.11 -9.30
N HIS A 90 -0.30 -30.89 -10.33
CA HIS A 90 -0.89 -30.69 -11.64
C HIS A 90 -2.41 -30.85 -11.59
N PHE A 91 -2.88 -31.75 -10.74
CA PHE A 91 -4.31 -32.02 -10.60
C PHE A 91 -5.08 -30.79 -10.12
N ALA A 92 -4.37 -29.79 -9.62
CA ALA A 92 -4.99 -28.56 -9.13
C ALA A 92 -5.10 -27.51 -10.23
N LEU A 93 -4.41 -27.76 -11.34
CA LEU A 93 -4.40 -26.81 -12.44
C LEU A 93 -5.61 -26.94 -13.36
N GLU A 94 -5.77 -25.96 -14.24
CA GLU A 94 -6.83 -25.96 -15.25
C GLU A 94 -6.18 -25.99 -16.62
N LYS A 95 -6.98 -26.35 -17.64
CA LYS A 95 -6.50 -26.43 -19.02
C LYS A 95 -5.75 -25.17 -19.47
N GLU A 96 -6.24 -24.00 -19.07
CA GLU A 96 -5.65 -22.73 -19.45
C GLU A 96 -4.30 -22.42 -18.80
N ASP A 97 -3.99 -23.10 -17.69
CA ASP A 97 -2.73 -22.90 -16.99
C ASP A 97 -1.55 -23.35 -17.84
N PHE A 98 -0.43 -22.64 -17.71
CA PHE A 98 0.77 -22.90 -18.50
C PHE A 98 1.86 -23.53 -17.64
N ILE A 99 2.34 -24.71 -18.05
CA ILE A 99 3.37 -25.41 -17.30
C ILE A 99 4.76 -25.27 -17.92
N LEU A 100 5.75 -24.92 -17.10
CA LEU A 100 7.14 -24.83 -17.53
C LEU A 100 7.95 -25.84 -16.71
N PRO A 101 8.03 -27.09 -17.21
CA PRO A 101 8.66 -28.20 -16.52
C PRO A 101 10.17 -28.28 -16.64
N GLY A 102 10.78 -29.00 -15.71
CA GLY A 102 12.20 -29.28 -15.77
C GLY A 102 12.35 -30.61 -16.48
N TYR A 103 13.57 -31.10 -16.60
CA TYR A 103 13.86 -32.37 -17.27
C TYR A 103 13.19 -33.58 -16.61
N ARG A 104 12.80 -33.46 -15.35
CA ARG A 104 12.24 -34.59 -14.61
C ARG A 104 10.72 -34.50 -14.51
N ASP A 105 10.18 -33.38 -14.99
CA ASP A 105 8.76 -33.08 -14.87
C ASP A 105 7.95 -33.44 -16.11
N VAL A 106 8.27 -34.60 -16.68
CA VAL A 106 7.58 -35.08 -17.88
C VAL A 106 6.14 -35.51 -17.56
N PRO A 107 5.91 -36.21 -16.43
CA PRO A 107 4.55 -36.65 -16.14
C PRO A 107 3.55 -35.50 -16.12
N GLN A 108 3.94 -34.33 -15.62
CA GLN A 108 3.04 -33.17 -15.59
C GLN A 108 2.55 -32.79 -16.99
N ILE A 109 3.48 -32.61 -17.92
CA ILE A 109 3.10 -32.18 -19.27
C ILE A 109 2.30 -33.23 -20.04
N ILE A 110 2.46 -34.49 -19.65
CA ILE A 110 1.72 -35.59 -20.26
C ILE A 110 0.25 -35.50 -19.86
N TRP A 111 0.00 -35.32 -18.58
CA TRP A 111 -1.36 -35.20 -18.09
C TRP A 111 -2.00 -33.89 -18.51
N HIS A 112 -1.16 -32.91 -18.87
CA HIS A 112 -1.66 -31.61 -19.28
C HIS A 112 -1.98 -31.57 -20.78
N GLY A 113 -1.74 -32.68 -21.48
CA GLY A 113 -2.09 -32.77 -22.90
C GLY A 113 -1.02 -33.26 -23.88
N LEU A 114 0.18 -33.56 -23.40
CA LEU A 114 1.22 -34.04 -24.29
C LEU A 114 1.12 -35.54 -24.48
N PRO A 115 0.87 -35.99 -25.72
CA PRO A 115 0.77 -37.41 -25.99
C PRO A 115 1.98 -38.16 -25.45
N LEU A 116 1.74 -39.37 -24.95
CA LEU A 116 2.78 -40.20 -24.38
C LEU A 116 3.90 -40.54 -25.38
N TYR A 117 3.54 -40.79 -26.65
CA TYR A 117 4.57 -41.15 -27.63
C TYR A 117 5.54 -39.99 -27.85
N GLN A 118 5.01 -38.77 -27.84
CA GLN A 118 5.84 -37.59 -28.00
C GLN A 118 6.79 -37.42 -26.83
N ALA A 119 6.35 -37.81 -25.63
CA ALA A 119 7.20 -37.75 -24.45
C ALA A 119 8.33 -38.76 -24.61
N PHE A 120 8.02 -39.89 -25.25
CA PHE A 120 9.05 -40.89 -25.53
C PHE A 120 10.03 -40.38 -26.59
N LEU A 121 9.54 -39.59 -27.53
CA LEU A 121 10.39 -39.00 -28.56
C LEU A 121 11.31 -37.94 -27.97
N PHE A 122 10.88 -37.33 -26.87
CA PHE A 122 11.72 -36.36 -26.19
C PHE A 122 12.91 -37.07 -25.56
N SER A 123 12.64 -38.24 -24.97
CA SER A 123 13.68 -39.04 -24.36
C SER A 123 14.73 -39.44 -25.41
N ARG A 124 14.25 -39.97 -26.53
CA ARG A 124 15.12 -40.40 -27.62
C ARG A 124 15.89 -39.28 -28.29
N GLY A 125 15.25 -38.12 -28.43
CA GLY A 125 15.84 -36.98 -29.09
C GLY A 125 15.35 -36.83 -30.51
N HIS A 126 14.10 -36.43 -30.65
CA HIS A 126 13.46 -36.24 -31.96
C HIS A 126 12.63 -34.96 -31.88
N PHE A 127 12.80 -34.06 -32.85
CA PHE A 127 12.11 -32.77 -32.82
C PHE A 127 10.58 -32.89 -32.68
N HIS A 128 10.02 -33.93 -33.29
CA HIS A 128 8.57 -34.13 -33.21
C HIS A 128 8.09 -34.30 -31.78
N GLY A 129 8.97 -34.80 -30.91
CA GLY A 129 8.65 -34.99 -29.51
C GLY A 129 8.36 -33.70 -28.79
N ASN A 130 8.88 -32.59 -29.33
CA ASN A 130 8.66 -31.27 -28.72
C ASN A 130 7.61 -30.43 -29.42
N GLN A 131 7.01 -30.98 -30.47
CA GLN A 131 5.95 -30.29 -31.18
C GLN A 131 4.63 -30.43 -30.43
N ILE A 132 4.53 -29.69 -29.32
CA ILE A 132 3.35 -29.66 -28.47
C ILE A 132 2.11 -29.42 -29.32
N PRO A 133 1.03 -30.18 -29.06
CA PRO A 133 -0.20 -29.93 -29.83
C PRO A 133 -0.71 -28.53 -29.55
N GLU A 134 -1.32 -27.91 -30.55
CA GLU A 134 -1.85 -26.56 -30.38
C GLU A 134 -2.95 -26.54 -29.33
N GLY A 135 -2.94 -25.51 -28.49
CA GLY A 135 -3.92 -25.37 -27.43
C GLY A 135 -3.46 -25.96 -26.11
N VAL A 136 -2.44 -26.80 -26.17
CA VAL A 136 -1.86 -27.38 -24.96
C VAL A 136 -0.79 -26.43 -24.44
N ASN A 137 -0.97 -25.97 -23.22
CA ASN A 137 -0.10 -24.95 -22.62
C ASN A 137 1.11 -25.48 -21.85
N VAL A 138 2.13 -25.94 -22.57
CA VAL A 138 3.33 -26.44 -21.92
C VAL A 138 4.57 -26.18 -22.77
N LEU A 139 5.72 -26.20 -22.12
CA LEU A 139 7.02 -26.09 -22.79
C LEU A 139 7.70 -27.43 -22.65
N PRO A 140 8.56 -27.79 -23.62
CA PRO A 140 9.29 -29.03 -23.47
C PRO A 140 10.15 -28.94 -22.20
N PRO A 141 10.53 -30.09 -21.62
CA PRO A 141 11.32 -30.11 -20.39
C PRO A 141 12.62 -29.30 -20.50
N GLN A 142 12.82 -28.37 -19.57
CA GLN A 142 14.00 -27.52 -19.56
C GLN A 142 15.20 -28.21 -18.92
N ILE A 143 16.31 -28.31 -19.64
CA ILE A 143 17.52 -28.91 -19.07
C ILE A 143 18.36 -27.92 -18.30
N ILE A 144 18.26 -26.64 -18.64
CA ILE A 144 19.03 -25.61 -17.93
C ILE A 144 18.33 -25.26 -16.63
N ILE A 145 18.82 -25.86 -15.55
CA ILE A 145 18.25 -25.67 -14.23
C ILE A 145 18.15 -24.20 -13.86
N GLY A 146 16.92 -23.74 -13.63
CA GLY A 146 16.68 -22.34 -13.26
C GLY A 146 16.07 -21.50 -14.37
N ALA A 147 16.35 -21.85 -15.62
CA ALA A 147 15.83 -21.12 -16.77
C ALA A 147 14.30 -21.08 -16.80
N GLN A 148 13.66 -22.20 -16.45
CA GLN A 148 12.21 -22.25 -16.45
C GLN A 148 11.60 -21.24 -15.47
N TYR A 149 12.37 -20.86 -14.46
CA TYR A 149 11.92 -19.89 -13.46
C TYR A 149 11.80 -18.45 -13.98
N ILE A 150 12.84 -17.93 -14.63
CA ILE A 150 12.74 -16.57 -15.17
C ILE A 150 11.76 -16.51 -16.34
N GLN A 151 11.65 -17.60 -17.08
CA GLN A 151 10.69 -17.66 -18.18
C GLN A 151 9.28 -17.71 -17.63
N ALA A 152 9.13 -18.32 -16.46
CA ALA A 152 7.83 -18.42 -15.79
C ALA A 152 7.31 -17.05 -15.38
N ALA A 153 8.19 -16.23 -14.81
CA ALA A 153 7.82 -14.88 -14.40
C ALA A 153 7.31 -14.13 -15.63
N GLY A 154 7.86 -14.48 -16.79
CA GLY A 154 7.47 -13.87 -18.04
C GLY A 154 6.13 -14.35 -18.54
N VAL A 155 5.89 -15.66 -18.48
CA VAL A 155 4.62 -16.25 -18.91
C VAL A 155 3.46 -15.74 -18.06
N ALA A 156 3.65 -15.77 -16.74
CA ALA A 156 2.65 -15.29 -15.79
C ALA A 156 2.28 -13.83 -16.07
N LEU A 157 3.28 -13.00 -16.35
CA LEU A 157 3.02 -11.60 -16.66
C LEU A 157 2.17 -11.50 -17.92
N GLY A 158 2.48 -12.33 -18.92
CA GLY A 158 1.71 -12.35 -20.17
C GLY A 158 0.25 -12.63 -19.91
N LEU A 159 -0.02 -13.62 -19.07
CA LEU A 159 -1.38 -13.98 -18.69
C LEU A 159 -2.06 -12.82 -17.99
N LYS A 160 -1.32 -12.15 -17.11
CA LYS A 160 -1.85 -11.03 -16.35
C LYS A 160 -2.26 -9.92 -17.31
N MET A 161 -1.36 -9.54 -18.20
CA MET A 161 -1.64 -8.47 -19.17
C MET A 161 -2.82 -8.81 -20.08
N ARG A 162 -2.98 -10.10 -20.42
CA ARG A 162 -4.11 -10.52 -21.27
C ARG A 162 -5.43 -10.51 -20.50
N GLY A 163 -5.33 -10.48 -19.18
CA GLY A 163 -6.50 -10.48 -18.31
C GLY A 163 -7.01 -11.89 -18.10
N LYS A 164 -6.13 -12.87 -18.35
CA LYS A 164 -6.50 -14.26 -18.22
C LYS A 164 -6.54 -14.70 -16.76
N LYS A 165 -7.53 -15.53 -16.43
CA LYS A 165 -7.67 -16.09 -15.10
C LYS A 165 -6.95 -17.44 -15.10
N ALA A 166 -5.63 -17.39 -15.25
CA ALA A 166 -4.81 -18.58 -15.31
C ALA A 166 -3.44 -18.30 -14.69
N VAL A 167 -2.67 -19.36 -14.44
CA VAL A 167 -1.38 -19.18 -13.83
C VAL A 167 -0.30 -19.93 -14.60
N ALA A 168 0.94 -19.52 -14.35
CA ALA A 168 2.09 -20.21 -14.90
C ALA A 168 2.68 -20.99 -13.74
N ILE A 169 2.82 -22.30 -13.91
CA ILE A 169 3.40 -23.12 -12.86
C ILE A 169 4.71 -23.70 -13.37
N THR A 170 5.72 -23.72 -12.51
CA THR A 170 7.02 -24.25 -12.89
C THR A 170 7.61 -25.05 -11.75
N TYR A 171 8.52 -25.98 -12.08
CA TYR A 171 9.12 -26.87 -11.10
C TYR A 171 10.64 -26.92 -11.20
N THR A 172 11.29 -26.98 -10.04
CA THR A 172 12.73 -27.18 -9.96
C THR A 172 13.01 -28.02 -8.70
N GLY A 173 14.25 -28.44 -8.53
CA GLY A 173 14.62 -29.25 -7.37
C GLY A 173 15.40 -28.48 -6.32
N ASP A 174 15.78 -29.16 -5.25
CA ASP A 174 16.56 -28.56 -4.17
C ASP A 174 17.85 -27.89 -4.65
N GLY A 175 18.58 -28.57 -5.53
CA GLY A 175 19.83 -28.04 -6.08
C GLY A 175 19.63 -26.77 -6.86
N GLY A 176 18.59 -26.75 -7.69
CA GLY A 176 18.28 -25.60 -8.52
C GLY A 176 17.98 -24.32 -7.77
N THR A 177 17.69 -24.42 -6.47
CA THR A 177 17.41 -23.21 -5.68
C THR A 177 18.66 -22.36 -5.48
N SER A 178 19.83 -22.93 -5.80
CA SER A 178 21.09 -22.22 -5.66
C SER A 178 21.38 -21.31 -6.85
N GLN A 179 20.65 -21.50 -7.95
CA GLN A 179 20.86 -20.73 -9.17
C GLN A 179 20.36 -19.30 -9.08
N GLY A 180 21.04 -18.40 -9.79
CA GLY A 180 20.64 -17.00 -9.85
C GLY A 180 19.27 -16.85 -10.47
N ASP A 181 19.01 -17.60 -11.54
CA ASP A 181 17.72 -17.56 -12.24
C ASP A 181 16.53 -17.97 -11.36
N PHE A 182 16.80 -18.85 -10.39
CA PHE A 182 15.75 -19.24 -9.44
C PHE A 182 15.33 -18.02 -8.64
N TYR A 183 16.31 -17.29 -8.15
CA TYR A 183 16.05 -16.08 -7.38
C TYR A 183 15.46 -14.97 -8.26
N GLU A 184 16.07 -14.72 -9.42
CA GLU A 184 15.57 -13.67 -10.31
C GLU A 184 14.12 -13.92 -10.71
N GLY A 185 13.81 -15.17 -11.02
CA GLY A 185 12.47 -15.56 -11.41
C GLY A 185 11.42 -15.22 -10.36
N ILE A 186 11.65 -15.69 -9.14
CA ILE A 186 10.68 -15.44 -8.07
C ILE A 186 10.65 -13.97 -7.63
N ASN A 187 11.75 -13.25 -7.85
CA ASN A 187 11.79 -11.84 -7.49
C ASN A 187 11.04 -10.98 -8.49
N PHE A 188 11.20 -11.31 -9.77
CA PHE A 188 10.47 -10.62 -10.85
C PHE A 188 8.97 -10.81 -10.73
N ALA A 189 8.56 -12.07 -10.54
CA ALA A 189 7.15 -12.37 -10.41
C ALA A 189 6.56 -11.59 -9.24
N GLY A 190 7.35 -11.42 -8.19
CA GLY A 190 6.92 -10.67 -7.02
C GLY A 190 6.79 -9.20 -7.34
N ALA A 191 7.83 -8.65 -7.97
CA ALA A 191 7.85 -7.24 -8.35
C ALA A 191 6.72 -6.86 -9.29
N PHE A 192 6.41 -7.77 -10.22
CA PHE A 192 5.32 -7.55 -11.17
C PHE A 192 4.00 -8.11 -10.66
N LYS A 193 3.99 -8.62 -9.44
CA LYS A 193 2.79 -9.19 -8.85
C LYS A 193 2.12 -10.07 -9.90
N ALA A 194 2.87 -11.07 -10.38
CA ALA A 194 2.41 -11.95 -11.45
C ALA A 194 1.88 -13.30 -10.95
N PRO A 195 0.88 -13.85 -11.66
CA PRO A 195 0.27 -15.13 -11.29
C PRO A 195 1.16 -16.32 -11.62
N ALA A 196 2.17 -16.55 -10.77
CA ALA A 196 3.08 -17.67 -10.99
C ALA A 196 3.20 -18.56 -9.75
N ILE A 197 3.20 -19.86 -9.98
CA ILE A 197 3.37 -20.81 -8.89
C ILE A 197 4.73 -21.49 -9.06
N PHE A 198 5.64 -21.18 -8.15
CA PHE A 198 6.98 -21.76 -8.18
C PHE A 198 7.03 -22.97 -7.27
N VAL A 199 7.31 -24.14 -7.83
CA VAL A 199 7.36 -25.34 -7.03
C VAL A 199 8.78 -25.88 -6.92
N VAL A 200 9.19 -26.16 -5.68
CA VAL A 200 10.51 -26.70 -5.43
C VAL A 200 10.36 -28.11 -4.89
N GLN A 201 10.87 -29.07 -5.65
CA GLN A 201 10.78 -30.47 -5.24
C GLN A 201 12.07 -30.90 -4.57
N ASN A 202 12.02 -30.94 -3.24
CA ASN A 202 13.18 -31.26 -2.43
C ASN A 202 13.25 -32.72 -2.01
N ASN A 203 14.17 -33.46 -2.61
CA ASN A 203 14.38 -34.86 -2.24
C ASN A 203 15.71 -35.03 -1.49
N ARG A 204 16.30 -33.93 -1.07
CA ARG A 204 17.56 -33.90 -0.34
C ARG A 204 18.81 -34.09 -1.13
N PHE A 205 18.68 -34.56 -2.34
CA PHE A 205 19.80 -34.68 -3.22
C PHE A 205 19.69 -33.94 -4.54
N ALA A 206 20.79 -33.34 -4.90
CA ALA A 206 21.01 -32.84 -6.21
C ALA A 206 22.13 -33.69 -6.79
N ALA A 207 21.72 -34.70 -7.52
CA ALA A 207 22.58 -35.83 -7.91
C ALA A 207 23.29 -36.09 -6.60
N SER A 208 24.59 -36.27 -6.65
CA SER A 208 25.33 -36.67 -5.48
C SER A 208 25.45 -35.67 -4.29
N THR A 209 24.84 -34.51 -4.36
CA THR A 209 25.15 -33.48 -3.41
C THR A 209 24.01 -33.23 -2.48
N PRO A 210 24.17 -33.51 -1.21
CA PRO A 210 23.07 -33.37 -0.26
C PRO A 210 22.62 -31.91 -0.17
N VAL A 211 21.40 -31.68 0.31
CA VAL A 211 20.85 -30.33 0.39
C VAL A 211 21.59 -29.42 1.37
N GLU A 212 22.05 -29.95 2.50
CA GLU A 212 22.78 -29.16 3.49
C GLU A 212 23.98 -28.49 2.81
N LYS A 213 24.42 -29.09 1.71
CA LYS A 213 25.57 -28.58 0.97
C LYS A 213 25.19 -27.50 -0.04
N GLN A 214 23.89 -27.35 -0.29
CA GLN A 214 23.41 -26.34 -1.23
C GLN A 214 23.26 -24.98 -0.57
N THR A 215 22.80 -25.00 0.68
CA THR A 215 22.53 -23.78 1.42
C THR A 215 22.48 -24.12 2.91
N VAL A 216 22.60 -23.10 3.75
CA VAL A 216 22.52 -23.32 5.19
C VAL A 216 21.10 -23.01 5.67
N ALA A 217 20.27 -22.54 4.75
CA ALA A 217 18.88 -22.26 5.05
C ALA A 217 18.24 -23.57 5.49
N LYS A 218 17.55 -23.57 6.63
CA LYS A 218 16.95 -24.80 7.16
C LYS A 218 15.74 -25.30 6.35
N THR A 219 15.13 -24.41 5.58
CA THR A 219 14.04 -24.79 4.69
C THR A 219 14.34 -24.13 3.35
N LEU A 220 13.76 -24.66 2.27
CA LEU A 220 13.94 -24.06 0.97
C LEU A 220 12.80 -23.08 0.71
N ALA A 221 11.68 -23.28 1.40
CA ALA A 221 10.51 -22.43 1.27
C ALA A 221 10.76 -21.01 1.77
N GLN A 222 11.65 -20.87 2.74
CA GLN A 222 11.96 -19.56 3.31
C GLN A 222 12.65 -18.66 2.29
N LYS A 223 13.15 -19.25 1.21
CA LYS A 223 13.81 -18.48 0.16
C LYS A 223 12.85 -17.50 -0.50
N ALA A 224 11.55 -17.72 -0.29
CA ALA A 224 10.51 -16.84 -0.80
C ALA A 224 10.57 -15.48 -0.10
N VAL A 225 11.12 -15.47 1.11
CA VAL A 225 11.27 -14.25 1.89
C VAL A 225 12.11 -13.19 1.17
N ALA A 226 13.14 -13.63 0.44
CA ALA A 226 14.01 -12.72 -0.29
C ALA A 226 13.31 -12.05 -1.46
N ALA A 227 12.22 -12.67 -1.93
CA ALA A 227 11.46 -12.09 -3.03
C ALA A 227 10.28 -11.30 -2.49
N GLY A 228 10.00 -11.44 -1.21
CA GLY A 228 8.89 -10.76 -0.57
C GLY A 228 7.56 -11.44 -0.83
N ILE A 229 7.61 -12.67 -1.31
CA ILE A 229 6.41 -13.44 -1.60
C ILE A 229 6.24 -14.58 -0.59
N PRO A 230 5.00 -15.06 -0.43
CA PRO A 230 4.71 -16.14 0.51
C PRO A 230 5.36 -17.46 0.12
N GLY A 231 5.76 -18.23 1.12
CA GLY A 231 6.39 -19.53 0.91
C GLY A 231 5.70 -20.58 1.75
N ILE A 232 5.60 -21.80 1.21
CA ILE A 232 4.92 -22.88 1.91
C ILE A 232 5.73 -24.18 1.84
N GLN A 233 6.03 -24.77 2.99
CA GLN A 233 6.70 -26.06 3.00
C GLN A 233 5.61 -27.11 3.22
N VAL A 234 5.57 -28.12 2.37
CA VAL A 234 4.53 -29.14 2.44
C VAL A 234 5.12 -30.54 2.36
N ASP A 235 4.41 -31.52 2.92
CA ASP A 235 4.81 -32.92 2.85
C ASP A 235 4.60 -33.37 1.41
N GLY A 236 5.69 -33.39 0.63
CA GLY A 236 5.63 -33.76 -0.78
C GLY A 236 5.23 -35.19 -1.06
N MET A 237 5.07 -35.97 0.00
CA MET A 237 4.67 -37.37 -0.13
C MET A 237 3.18 -37.51 0.20
N ASP A 238 2.50 -36.38 0.29
CA ASP A 238 1.09 -36.31 0.63
C ASP A 238 0.31 -35.61 -0.47
N PRO A 239 -0.50 -36.38 -1.23
CA PRO A 239 -1.29 -35.87 -2.34
C PRO A 239 -2.28 -34.78 -1.96
N LEU A 240 -2.93 -34.92 -0.82
CA LEU A 240 -3.91 -33.93 -0.39
C LEU A 240 -3.26 -32.61 0.04
N ALA A 241 -2.15 -32.71 0.77
CA ALA A 241 -1.44 -31.51 1.21
C ALA A 241 -0.88 -30.77 0.00
N VAL A 242 -0.30 -31.51 -0.95
CA VAL A 242 0.24 -30.91 -2.16
C VAL A 242 -0.85 -30.22 -2.97
N TYR A 243 -1.95 -30.94 -3.22
CA TYR A 243 -3.07 -30.41 -3.98
C TYR A 243 -3.64 -29.14 -3.36
N ALA A 244 -3.83 -29.17 -2.04
CA ALA A 244 -4.39 -28.04 -1.31
C ALA A 244 -3.49 -26.80 -1.38
N ALA A 245 -2.18 -27.02 -1.32
CA ALA A 245 -1.23 -25.91 -1.37
C ALA A 245 -1.19 -25.25 -2.76
N VAL A 246 -1.29 -26.07 -3.81
CA VAL A 246 -1.26 -25.54 -5.17
C VAL A 246 -2.57 -24.84 -5.49
N LYS A 247 -3.67 -25.43 -5.03
CA LYS A 247 -4.99 -24.84 -5.19
C LYS A 247 -5.02 -23.45 -4.55
N ALA A 248 -4.51 -23.37 -3.32
CA ALA A 248 -4.47 -22.11 -2.58
C ALA A 248 -3.59 -21.06 -3.25
N ALA A 249 -2.52 -21.51 -3.91
CA ALA A 249 -1.62 -20.58 -4.60
C ALA A 249 -2.24 -20.13 -5.92
N ARG A 250 -3.06 -20.99 -6.52
CA ARG A 250 -3.71 -20.64 -7.78
C ARG A 250 -4.77 -19.56 -7.55
N GLU A 251 -5.59 -19.76 -6.53
CA GLU A 251 -6.65 -18.80 -6.19
C GLU A 251 -6.05 -17.43 -5.92
N ARG A 252 -5.00 -17.42 -5.09
CA ARG A 252 -4.29 -16.19 -4.75
C ARG A 252 -3.77 -15.52 -6.02
N ALA A 253 -3.23 -16.34 -6.93
CA ALA A 253 -2.68 -15.82 -8.18
C ALA A 253 -3.75 -15.25 -9.11
N ILE A 254 -4.79 -16.03 -9.39
CA ILE A 254 -5.85 -15.56 -10.30
C ILE A 254 -6.61 -14.34 -9.77
N ASN A 255 -6.44 -14.02 -8.49
CA ASN A 255 -7.04 -12.82 -7.90
C ASN A 255 -6.13 -11.61 -7.94
N GLY A 256 -4.99 -11.76 -8.62
CA GLY A 256 -4.03 -10.67 -8.77
C GLY A 256 -3.21 -10.34 -7.53
N GLU A 257 -3.04 -11.33 -6.65
CA GLU A 257 -2.24 -11.12 -5.44
C GLU A 257 -0.80 -11.60 -5.52
N GLY A 258 -0.36 -12.03 -6.71
CA GLY A 258 1.02 -12.44 -6.88
C GLY A 258 1.29 -13.93 -6.81
N PRO A 259 2.58 -14.31 -6.83
CA PRO A 259 3.06 -15.68 -6.84
C PRO A 259 3.23 -16.29 -5.45
N THR A 260 3.55 -17.58 -5.44
CA THR A 260 3.78 -18.33 -4.21
C THR A 260 4.88 -19.36 -4.46
N LEU A 261 5.68 -19.63 -3.45
CA LEU A 261 6.75 -20.63 -3.55
C LEU A 261 6.38 -21.83 -2.70
N ILE A 262 6.33 -23.01 -3.33
CA ILE A 262 5.98 -24.22 -2.62
C ILE A 262 7.14 -25.21 -2.59
N GLU A 263 7.61 -25.53 -1.39
CA GLU A 263 8.65 -26.54 -1.22
C GLU A 263 7.99 -27.85 -0.84
N THR A 264 8.17 -28.86 -1.69
CA THR A 264 7.60 -30.17 -1.42
C THR A 264 8.70 -31.08 -0.90
N LEU A 265 8.46 -31.67 0.26
CA LEU A 265 9.43 -32.59 0.85
C LEU A 265 9.12 -34.01 0.41
N CYS A 266 9.95 -34.54 -0.48
CA CYS A 266 9.73 -35.90 -0.97
C CYS A 266 11.01 -36.72 -1.09
N PHE A 267 10.88 -37.92 -1.63
CA PHE A 267 11.99 -38.83 -1.77
C PHE A 267 11.78 -39.69 -3.02
N ARG A 268 12.85 -39.86 -3.81
CA ARG A 268 12.77 -40.69 -5.00
C ARG A 268 13.39 -42.05 -4.73
N TYR A 269 12.76 -43.10 -5.24
CA TYR A 269 13.25 -44.45 -5.02
C TYR A 269 14.24 -44.92 -6.09
N GLY A 270 14.29 -44.22 -7.21
CA GLY A 270 15.19 -44.59 -8.29
C GLY A 270 16.46 -43.77 -8.35
N PRO A 271 17.30 -44.02 -9.36
CA PRO A 271 18.57 -43.32 -9.60
C PRO A 271 18.31 -41.89 -10.08
N HIS A 272 19.35 -41.07 -10.08
CA HIS A 272 19.23 -39.68 -10.52
C HIS A 272 18.70 -39.59 -11.95
N THR A 273 19.40 -40.24 -12.87
CA THR A 273 19.01 -40.33 -14.27
C THR A 273 19.39 -41.71 -14.76
N MET A 274 19.20 -41.97 -16.05
CA MET A 274 19.54 -43.26 -16.63
C MET A 274 20.83 -43.17 -17.42
N SER A 275 21.44 -42.00 -17.37
CA SER A 275 22.70 -41.70 -18.02
C SER A 275 23.89 -42.29 -17.20
N GLY A 276 24.66 -43.15 -17.84
CA GLY A 276 25.57 -44.01 -17.11
C GLY A 276 26.65 -43.34 -16.31
N ASP A 277 27.07 -44.04 -15.29
CA ASP A 277 26.32 -45.16 -14.83
C ASP A 277 25.72 -44.63 -13.54
N ASP A 278 24.55 -44.01 -13.67
CA ASP A 278 23.85 -43.31 -12.60
C ASP A 278 23.00 -44.26 -11.90
N PRO A 279 22.36 -45.07 -12.71
CA PRO A 279 21.53 -46.19 -12.31
C PRO A 279 22.22 -47.10 -11.34
N THR A 280 23.50 -46.94 -11.16
CA THR A 280 24.17 -47.66 -10.13
C THR A 280 25.26 -46.78 -9.55
N ARG A 281 25.04 -45.48 -9.62
CA ARG A 281 26.02 -44.50 -9.18
C ARG A 281 26.33 -44.80 -7.72
N TYR A 282 25.28 -45.17 -6.98
CA TYR A 282 25.41 -45.59 -5.59
C TYR A 282 24.81 -46.99 -5.43
N ARG A 283 23.68 -47.14 -4.74
CA ARG A 283 22.95 -46.06 -4.07
C ARG A 283 22.72 -46.47 -2.61
N SER A 284 22.23 -45.53 -1.81
CA SER A 284 21.99 -45.83 -0.39
C SER A 284 20.96 -46.94 -0.24
N LYS A 285 21.35 -47.99 0.49
CA LYS A 285 20.51 -49.19 0.65
C LYS A 285 19.52 -49.12 1.82
N GLU A 286 19.93 -48.48 2.91
CA GLU A 286 19.07 -48.42 4.10
C GLU A 286 18.30 -47.10 4.23
N LEU A 287 18.84 -46.03 3.67
CA LEU A 287 18.19 -44.72 3.71
C LEU A 287 16.84 -44.75 3.00
N GLU A 288 16.72 -45.63 2.00
CA GLU A 288 15.48 -45.76 1.23
C GLU A 288 14.42 -46.59 1.95
N ASN A 289 14.86 -47.61 2.69
CA ASN A 289 13.97 -48.53 3.38
C ASN A 289 12.93 -47.93 4.33
N GLU A 290 13.23 -46.78 4.94
CA GLU A 290 12.27 -46.15 5.85
C GLU A 290 11.35 -45.18 5.11
N TRP A 291 11.66 -44.92 3.85
CA TRP A 291 10.84 -44.05 3.02
C TRP A 291 9.83 -44.87 2.22
N ALA A 292 9.82 -46.18 2.47
CA ALA A 292 8.90 -47.09 1.78
C ALA A 292 7.50 -46.99 2.38
N LYS A 293 7.41 -46.45 3.59
CA LYS A 293 6.14 -46.30 4.28
C LYS A 293 5.54 -44.95 3.90
N LYS A 294 6.43 -43.99 3.59
CA LYS A 294 6.03 -42.64 3.22
C LYS A 294 5.49 -42.56 1.79
N ASP A 295 5.59 -43.65 1.04
CA ASP A 295 5.12 -43.71 -0.34
C ASP A 295 3.72 -43.10 -0.47
N PRO A 296 3.59 -42.08 -1.34
CA PRO A 296 2.32 -41.38 -1.55
C PRO A 296 1.17 -42.33 -1.90
N LEU A 297 1.47 -43.40 -2.62
CA LEU A 297 0.46 -44.38 -2.99
C LEU A 297 -0.06 -45.17 -1.79
N VAL A 298 0.81 -45.39 -0.81
CA VAL A 298 0.45 -46.18 0.37
C VAL A 298 -0.57 -45.48 1.26
N ARG A 299 -0.30 -44.25 1.65
CA ARG A 299 -1.21 -43.51 2.52
C ARG A 299 -2.50 -43.13 1.79
N PHE A 300 -2.39 -42.81 0.50
CA PHE A 300 -3.56 -42.41 -0.27
C PHE A 300 -4.40 -43.63 -0.64
N ARG A 301 -3.77 -44.80 -0.67
CA ARG A 301 -4.49 -46.03 -0.95
C ARG A 301 -5.35 -46.37 0.26
N LYS A 302 -4.74 -46.30 1.44
CA LYS A 302 -5.44 -46.57 2.70
C LYS A 302 -6.56 -45.56 2.94
N PHE A 303 -6.30 -44.32 2.58
CA PHE A 303 -7.28 -43.25 2.74
C PHE A 303 -8.53 -43.51 1.93
N LEU A 304 -8.36 -44.04 0.72
CA LEU A 304 -9.49 -44.33 -0.15
C LEU A 304 -10.18 -45.64 0.22
N GLU A 305 -9.40 -46.64 0.61
CA GLU A 305 -9.96 -47.94 0.99
C GLU A 305 -10.81 -47.87 2.25
N ALA A 306 -10.46 -46.94 3.15
CA ALA A 306 -11.23 -46.76 4.38
C ALA A 306 -12.52 -46.02 4.07
N LYS A 307 -12.56 -45.36 2.92
CA LYS A 307 -13.74 -44.64 2.46
C LYS A 307 -14.50 -45.47 1.43
N GLY A 308 -14.08 -46.72 1.25
CA GLY A 308 -14.71 -47.63 0.30
C GLY A 308 -14.71 -47.07 -1.12
N LEU A 309 -13.59 -46.49 -1.53
CA LEU A 309 -13.47 -45.90 -2.86
C LEU A 309 -12.38 -46.49 -3.73
N TRP A 310 -11.63 -47.46 -3.17
CA TRP A 310 -10.56 -48.08 -3.93
C TRP A 310 -10.47 -49.58 -3.61
N SER A 311 -9.89 -50.33 -4.53
CA SER A 311 -9.72 -51.77 -4.38
C SER A 311 -8.55 -52.23 -5.24
N GLU A 312 -7.94 -53.36 -4.89
CA GLU A 312 -6.80 -53.86 -5.65
C GLU A 312 -7.15 -54.27 -7.07
N GLU A 313 -8.42 -54.56 -7.32
CA GLU A 313 -8.87 -54.93 -8.65
C GLU A 313 -8.90 -53.66 -9.51
N GLU A 314 -9.35 -52.58 -8.90
CA GLU A 314 -9.42 -51.28 -9.57
C GLU A 314 -8.03 -50.78 -9.91
N GLU A 315 -7.08 -51.05 -9.02
CA GLU A 315 -5.70 -50.63 -9.21
C GLU A 315 -5.03 -51.46 -10.31
N ASN A 316 -5.35 -52.75 -10.34
CA ASN A 316 -4.80 -53.64 -11.38
C ASN A 316 -5.25 -53.21 -12.77
N ASN A 317 -6.51 -52.77 -12.88
CA ASN A 317 -7.05 -52.29 -14.15
C ASN A 317 -6.28 -51.07 -14.66
N VAL A 318 -5.91 -50.19 -13.73
CA VAL A 318 -5.13 -49.00 -14.07
C VAL A 318 -3.75 -49.39 -14.59
N ILE A 319 -3.11 -50.34 -13.90
CA ILE A 319 -1.81 -50.85 -14.28
C ILE A 319 -1.84 -51.46 -15.69
N GLU A 320 -2.89 -52.21 -15.98
CA GLU A 320 -3.06 -52.82 -17.31
C GLU A 320 -3.29 -51.76 -18.39
N GLN A 321 -4.06 -50.73 -18.05
CA GLN A 321 -4.32 -49.63 -18.97
C GLN A 321 -3.03 -48.88 -19.27
N ALA A 322 -2.18 -48.74 -18.25
CA ALA A 322 -0.91 -48.05 -18.41
C ALA A 322 0.04 -48.81 -19.33
N LYS A 323 0.21 -50.10 -19.07
CA LYS A 323 1.10 -50.95 -19.87
C LYS A 323 0.70 -51.00 -21.34
N GLU A 324 -0.60 -51.21 -21.62
CA GLU A 324 -1.10 -51.23 -22.99
C GLU A 324 -0.82 -49.91 -23.69
N GLU A 325 -1.15 -48.81 -23.03
CA GLU A 325 -0.94 -47.49 -23.60
C GLU A 325 0.54 -47.18 -23.77
N ILE A 326 1.37 -47.72 -22.88
CA ILE A 326 2.81 -47.52 -22.97
C ILE A 326 3.41 -48.24 -24.17
N LYS A 327 2.90 -49.44 -24.49
CA LYS A 327 3.42 -50.16 -25.65
C LYS A 327 3.00 -49.53 -26.98
N GLU A 328 1.78 -49.00 -27.04
CA GLU A 328 1.33 -48.39 -28.28
C GLU A 328 2.00 -47.04 -28.51
N ALA A 329 2.44 -46.40 -27.44
CA ALA A 329 3.14 -45.12 -27.53
C ALA A 329 4.58 -45.33 -27.99
N ILE A 330 5.25 -46.33 -27.41
CA ILE A 330 6.63 -46.61 -27.78
C ILE A 330 6.65 -47.13 -29.22
N LYS A 331 5.55 -47.77 -29.62
CA LYS A 331 5.39 -48.30 -30.97
C LYS A 331 5.13 -47.16 -31.95
N LYS A 332 4.30 -46.22 -31.54
CA LYS A 332 3.97 -45.06 -32.35
C LYS A 332 5.23 -44.22 -32.53
N ALA A 333 6.08 -44.20 -31.52
CA ALA A 333 7.34 -43.47 -31.57
C ALA A 333 8.30 -44.09 -32.58
N ASP A 334 8.37 -45.43 -32.61
CA ASP A 334 9.23 -46.15 -33.54
C ASP A 334 8.85 -45.87 -34.99
N GLU A 335 7.55 -45.68 -35.22
CA GLU A 335 7.03 -45.45 -36.56
C GLU A 335 7.27 -44.04 -37.09
N THR A 336 7.56 -43.10 -36.20
CA THR A 336 7.82 -41.72 -36.63
C THR A 336 9.06 -41.71 -37.53
N PRO A 337 8.96 -41.00 -38.68
CA PRO A 337 10.05 -40.93 -39.66
C PRO A 337 11.32 -40.29 -39.08
N LYS A 338 12.48 -40.82 -39.46
CA LYS A 338 13.76 -40.28 -38.99
C LYS A 338 13.93 -38.81 -39.33
N GLN A 339 14.82 -38.17 -38.58
CA GLN A 339 15.12 -36.76 -38.81
C GLN A 339 16.14 -36.59 -39.93
N LYS A 340 15.88 -35.60 -40.79
CA LYS A 340 16.81 -35.25 -41.85
C LYS A 340 17.35 -33.87 -41.51
N VAL A 341 18.54 -33.55 -41.99
CA VAL A 341 19.11 -32.23 -41.76
C VAL A 341 18.18 -31.13 -42.26
N THR A 342 17.52 -31.38 -43.38
CA THR A 342 16.59 -30.39 -43.94
C THR A 342 15.45 -30.08 -42.97
N ASP A 343 15.02 -31.08 -42.20
CA ASP A 343 13.98 -30.90 -41.20
C ASP A 343 14.45 -29.92 -40.13
N LEU A 344 15.65 -30.16 -39.61
CA LEU A 344 16.24 -29.33 -38.57
C LEU A 344 16.47 -27.90 -39.08
N ILE A 345 16.82 -27.79 -40.36
CA ILE A 345 17.03 -26.50 -41.01
C ILE A 345 15.72 -25.72 -41.13
N SER A 346 14.66 -26.41 -41.56
CA SER A 346 13.35 -25.80 -41.77
C SER A 346 12.70 -25.23 -40.51
N ILE A 347 13.15 -25.70 -39.34
CA ILE A 347 12.57 -25.23 -38.07
C ILE A 347 13.40 -24.17 -37.35
N MET A 348 14.49 -23.72 -37.97
CA MET A 348 15.33 -22.70 -37.35
C MET A 348 14.72 -21.31 -37.35
N PHE A 349 14.13 -20.91 -38.48
CA PHE A 349 13.50 -19.60 -38.63
C PHE A 349 12.19 -19.71 -39.39
N GLU A 350 11.45 -18.62 -39.44
CA GLU A 350 10.21 -18.55 -40.22
C GLU A 350 10.67 -18.42 -41.66
N GLU A 351 11.57 -17.46 -41.87
CA GLU A 351 12.18 -17.19 -43.16
C GLU A 351 13.67 -17.48 -43.00
N LEU A 352 14.16 -18.47 -43.75
CA LEU A 352 15.56 -18.87 -43.66
C LEU A 352 16.50 -17.80 -44.20
N PRO A 353 17.56 -17.49 -43.45
CA PRO A 353 18.58 -16.55 -43.88
C PRO A 353 19.38 -17.16 -45.03
N PHE A 354 20.22 -16.36 -45.67
CA PHE A 354 20.98 -16.83 -46.83
C PHE A 354 21.79 -18.10 -46.58
N ASN A 355 22.55 -18.14 -45.49
CA ASN A 355 23.37 -19.32 -45.19
C ASN A 355 22.58 -20.62 -45.11
N LEU A 356 21.40 -20.58 -44.48
CA LEU A 356 20.55 -21.78 -44.39
C LEU A 356 19.92 -22.18 -45.73
N LYS A 357 19.59 -21.19 -46.56
CA LYS A 357 19.02 -21.49 -47.88
C LYS A 357 20.00 -22.35 -48.69
N GLU A 358 21.27 -21.94 -48.66
CA GLU A 358 22.33 -22.68 -49.35
C GLU A 358 22.46 -24.10 -48.82
N GLN A 359 22.59 -24.21 -47.50
CA GLN A 359 22.79 -25.49 -46.85
C GLN A 359 21.58 -26.39 -46.98
N TYR A 360 20.39 -25.79 -47.04
CA TYR A 360 19.18 -26.56 -47.23
C TYR A 360 19.28 -27.28 -48.58
N GLU A 361 19.73 -26.54 -49.60
CA GLU A 361 19.87 -27.11 -50.95
C GLU A 361 20.95 -28.18 -50.98
N ILE A 362 22.03 -27.96 -50.23
CA ILE A 362 23.11 -28.94 -50.15
C ILE A 362 22.61 -30.24 -49.57
N TYR A 363 21.90 -30.15 -48.44
CA TYR A 363 21.39 -31.34 -47.77
C TYR A 363 20.17 -31.99 -48.42
N LYS A 364 19.49 -31.24 -49.29
CA LYS A 364 18.39 -31.84 -50.04
C LYS A 364 18.95 -32.73 -51.15
N GLU A 365 20.08 -32.31 -51.73
CA GLU A 365 20.72 -33.08 -52.78
C GLU A 365 21.22 -34.40 -52.19
N LYS A 366 21.74 -34.33 -50.96
CA LYS A 366 22.27 -35.50 -50.26
C LYS A 366 21.16 -36.44 -49.79
N GLU A 367 19.97 -35.90 -49.58
CA GLU A 367 18.85 -36.70 -49.11
C GLU A 367 18.02 -37.32 -50.23
N SER A 368 18.27 -36.89 -51.47
CA SER A 368 17.50 -37.40 -52.61
C SER A 368 18.24 -38.52 -53.34
N LYS A 369 19.57 -38.46 -53.33
CA LYS A 369 20.37 -39.47 -54.01
C LYS A 369 20.49 -40.74 -53.15
N ALA B 2 12.36 13.68 -42.24
CA ALA B 2 13.04 14.90 -41.71
C ALA B 2 14.49 14.60 -41.33
N GLN B 3 15.26 15.66 -41.09
CA GLN B 3 16.65 15.50 -40.67
C GLN B 3 16.65 14.93 -39.26
N MET B 4 17.14 13.71 -39.12
CA MET B 4 17.17 13.06 -37.81
C MET B 4 18.54 12.53 -37.45
N THR B 5 18.81 12.48 -36.15
CA THR B 5 20.02 11.87 -35.64
C THR B 5 19.69 10.39 -35.61
N MET B 6 20.65 9.54 -35.31
CA MET B 6 20.35 8.11 -35.29
C MET B 6 19.41 7.75 -34.14
N VAL B 7 19.63 8.38 -32.98
CA VAL B 7 18.79 8.10 -31.81
C VAL B 7 17.33 8.47 -32.09
N GLN B 8 17.12 9.60 -32.77
CA GLN B 8 15.79 10.04 -33.13
C GLN B 8 15.09 9.05 -34.06
N ALA B 9 15.87 8.48 -34.99
CA ALA B 9 15.33 7.47 -35.91
C ALA B 9 14.92 6.22 -35.13
N ILE B 10 15.75 5.84 -34.17
CA ILE B 10 15.47 4.69 -33.31
C ILE B 10 14.14 4.89 -32.60
N THR B 11 13.99 6.05 -31.95
CA THR B 11 12.77 6.39 -31.23
C THR B 11 11.54 6.38 -32.15
N ASP B 12 11.68 6.95 -33.33
CA ASP B 12 10.60 7.02 -34.31
C ASP B 12 10.15 5.61 -34.68
N ALA B 13 11.13 4.75 -34.97
CA ALA B 13 10.87 3.36 -35.32
C ALA B 13 10.08 2.65 -34.22
N LEU B 14 10.48 2.87 -32.96
CA LEU B 14 9.80 2.26 -31.83
C LEU B 14 8.40 2.84 -31.68
N ARG B 15 8.27 4.15 -31.84
CA ARG B 15 6.98 4.83 -31.73
C ARG B 15 6.00 4.25 -32.75
N ILE B 16 6.48 4.03 -33.96
CA ILE B 16 5.66 3.50 -35.05
C ILE B 16 5.17 2.09 -34.78
N GLU B 17 6.05 1.26 -34.23
CA GLU B 17 5.69 -0.11 -33.90
C GLU B 17 4.73 -0.19 -32.72
N LEU B 18 4.96 0.66 -31.72
CA LEU B 18 4.07 0.72 -30.57
C LEU B 18 2.67 1.09 -31.02
N LYS B 19 2.58 1.99 -32.02
CA LYS B 19 1.28 2.43 -32.52
C LYS B 19 0.63 1.41 -33.45
N ASN B 20 1.38 0.93 -34.43
CA ASN B 20 0.86 -0.04 -35.42
C ASN B 20 0.62 -1.46 -34.89
N ASP B 21 1.33 -1.86 -33.85
CA ASP B 21 1.19 -3.20 -33.30
C ASP B 21 1.00 -3.16 -31.79
N PRO B 22 -0.21 -3.53 -31.31
CA PRO B 22 -0.56 -3.53 -29.90
C PRO B 22 0.24 -4.53 -29.07
N ASN B 23 0.84 -5.51 -29.72
CA ASN B 23 1.61 -6.55 -29.02
C ASN B 23 3.03 -6.14 -28.66
N VAL B 24 3.48 -5.02 -29.21
CA VAL B 24 4.83 -4.52 -28.96
C VAL B 24 4.99 -3.96 -27.55
N LEU B 25 6.03 -4.42 -26.84
CA LEU B 25 6.30 -3.96 -25.49
C LEU B 25 7.78 -3.58 -25.35
N ILE B 26 8.04 -2.44 -24.71
CA ILE B 26 9.41 -1.98 -24.49
C ILE B 26 9.67 -2.07 -22.99
N PHE B 27 10.73 -2.77 -22.61
CA PHE B 27 11.08 -2.88 -21.19
C PHE B 27 12.56 -3.04 -20.92
N GLY B 28 12.93 -2.80 -19.66
CA GLY B 28 14.32 -2.90 -19.24
C GLY B 28 14.64 -1.92 -18.14
N GLU B 29 15.93 -1.74 -17.88
CA GLU B 29 16.38 -0.86 -16.81
C GLU B 29 16.32 0.62 -17.20
N ASP B 30 15.49 1.37 -16.48
CA ASP B 30 15.37 2.81 -16.65
C ASP B 30 14.95 3.27 -18.05
N VAL B 31 14.05 2.52 -18.69
CA VAL B 31 13.59 2.88 -20.02
C VAL B 31 12.24 3.58 -20.01
N GLY B 32 11.58 3.56 -18.85
CA GLY B 32 10.24 4.15 -18.69
C GLY B 32 10.19 5.65 -18.52
N VAL B 33 9.86 6.09 -17.30
CA VAL B 33 9.74 7.51 -17.00
C VAL B 33 11.00 8.28 -17.38
N ASN B 34 12.14 7.72 -17.17
CA ASN B 34 13.38 8.37 -17.50
C ASN B 34 13.66 8.41 -18.99
N GLY B 35 13.17 7.44 -19.73
CA GLY B 35 13.34 7.42 -21.16
C GLY B 35 14.70 6.94 -21.64
N GLY B 36 15.32 6.05 -20.87
CA GLY B 36 16.62 5.49 -21.24
C GLY B 36 17.81 6.41 -20.98
N VAL B 37 18.98 5.81 -20.78
CA VAL B 37 20.20 6.58 -20.51
C VAL B 37 20.64 7.47 -21.67
N PHE B 38 20.24 7.10 -22.89
CA PHE B 38 20.57 7.89 -24.08
C PHE B 38 19.32 8.50 -24.72
N ARG B 39 18.21 8.45 -23.97
CA ARG B 39 16.93 9.03 -24.39
C ARG B 39 16.31 8.37 -25.62
N ALA B 40 16.70 7.12 -25.87
CA ALA B 40 16.17 6.37 -27.01
C ALA B 40 14.70 6.02 -26.85
N THR B 41 14.24 5.94 -25.61
CA THR B 41 12.84 5.62 -25.33
C THR B 41 12.11 6.80 -24.71
N GLU B 42 12.63 8.01 -24.94
CA GLU B 42 12.03 9.21 -24.37
C GLU B 42 10.64 9.52 -24.94
N GLY B 43 9.69 9.71 -24.03
CA GLY B 43 8.32 10.07 -24.40
C GLY B 43 7.42 8.90 -24.75
N LEU B 44 8.00 7.72 -24.92
CA LEU B 44 7.24 6.54 -25.29
C LEU B 44 6.24 6.09 -24.22
N GLN B 45 6.68 6.07 -22.96
CA GLN B 45 5.79 5.67 -21.87
C GLN B 45 4.64 6.65 -21.74
N ALA B 46 4.96 7.95 -21.84
CA ALA B 46 3.95 8.99 -21.72
C ALA B 46 2.85 8.87 -22.79
N GLU B 47 3.24 8.49 -24.01
CA GLU B 47 2.29 8.36 -25.11
C GLU B 47 1.53 7.03 -25.17
N PHE B 48 2.19 5.92 -24.86
CA PHE B 48 1.55 4.61 -24.99
C PHE B 48 1.17 3.94 -23.67
N GLY B 49 1.66 4.46 -22.56
CA GLY B 49 1.30 3.93 -21.24
C GLY B 49 2.38 3.10 -20.59
N GLU B 50 2.23 2.90 -19.28
CA GLU B 50 3.18 2.13 -18.47
C GLU B 50 3.09 0.64 -18.72
N ASP B 51 1.92 0.18 -19.15
CA ASP B 51 1.75 -1.25 -19.41
C ASP B 51 2.54 -1.72 -20.62
N ARG B 52 2.85 -0.79 -21.54
CA ARG B 52 3.59 -1.14 -22.74
C ARG B 52 5.08 -0.76 -22.67
N VAL B 53 5.38 0.35 -22.01
CA VAL B 53 6.76 0.81 -21.84
C VAL B 53 7.04 0.91 -20.35
N PHE B 54 7.81 -0.03 -19.81
CA PHE B 54 8.05 -0.07 -18.37
C PHE B 54 9.45 -0.44 -17.90
N ASP B 55 9.77 -0.05 -16.67
CA ASP B 55 11.05 -0.36 -16.05
C ASP B 55 10.98 -1.74 -15.42
N THR B 56 12.15 -2.36 -15.21
CA THR B 56 12.21 -3.68 -14.61
C THR B 56 13.18 -3.67 -13.45
N PRO B 57 13.11 -4.69 -12.57
CA PRO B 57 14.14 -4.76 -11.55
C PRO B 57 15.49 -4.91 -12.28
N LEU B 58 16.58 -4.68 -11.58
CA LEU B 58 17.90 -4.70 -12.18
C LEU B 58 18.46 -6.13 -12.30
N ALA B 59 18.07 -6.82 -13.37
CA ALA B 59 18.53 -8.19 -13.61
C ALA B 59 18.39 -8.55 -15.09
N GLU B 60 19.50 -8.50 -15.82
CA GLU B 60 19.51 -8.78 -17.25
C GLU B 60 18.96 -10.16 -17.60
N SER B 61 19.35 -11.17 -16.83
CA SER B 61 18.86 -12.53 -17.07
C SER B 61 17.35 -12.57 -16.90
N GLY B 62 16.87 -11.90 -15.85
CA GLY B 62 15.43 -11.82 -15.59
C GLY B 62 14.71 -11.08 -16.70
N ILE B 63 15.39 -10.12 -17.32
CA ILE B 63 14.84 -9.36 -18.44
C ILE B 63 14.70 -10.27 -19.67
N GLY B 64 15.71 -11.11 -19.89
CA GLY B 64 15.69 -12.07 -21.00
C GLY B 64 14.59 -13.11 -20.80
N GLY B 65 14.50 -13.65 -19.59
CA GLY B 65 13.47 -14.62 -19.24
C GLY B 65 12.07 -14.02 -19.31
N LEU B 66 11.98 -12.72 -19.07
CA LEU B 66 10.70 -12.02 -19.12
C LEU B 66 10.23 -11.89 -20.58
N ALA B 67 11.16 -11.61 -21.47
CA ALA B 67 10.84 -11.48 -22.89
C ALA B 67 10.42 -12.83 -23.48
N ILE B 68 11.10 -13.89 -23.06
CA ILE B 68 10.77 -15.24 -23.51
C ILE B 68 9.35 -15.62 -23.12
N GLY B 69 9.03 -15.45 -21.83
CA GLY B 69 7.69 -15.76 -21.33
C GLY B 69 6.58 -14.93 -21.95
N LEU B 70 6.83 -13.63 -22.12
CA LEU B 70 5.85 -12.75 -22.74
C LEU B 70 5.63 -13.13 -24.21
N ALA B 71 6.68 -13.61 -24.86
CA ALA B 71 6.57 -14.03 -26.26
C ALA B 71 5.69 -15.28 -26.38
N LEU B 72 5.72 -16.13 -25.35
CA LEU B 72 4.91 -17.33 -25.33
C LEU B 72 3.44 -16.99 -25.13
N GLN B 73 3.17 -15.75 -24.71
CA GLN B 73 1.80 -15.29 -24.51
C GLN B 73 1.35 -14.34 -25.62
N GLY B 74 2.01 -14.43 -26.76
CA GLY B 74 1.63 -13.65 -27.94
C GLY B 74 2.17 -12.25 -28.08
N PHE B 75 3.01 -11.82 -27.14
CA PHE B 75 3.56 -10.47 -27.21
C PHE B 75 4.80 -10.39 -28.10
N ARG B 76 5.08 -9.18 -28.57
CA ARG B 76 6.24 -8.92 -29.42
C ARG B 76 7.21 -8.07 -28.61
N PRO B 77 8.01 -8.73 -27.74
CA PRO B 77 8.92 -8.06 -26.82
C PRO B 77 10.12 -7.37 -27.45
N VAL B 78 10.36 -6.14 -27.04
CA VAL B 78 11.52 -5.37 -27.47
C VAL B 78 12.25 -4.90 -26.22
N PRO B 79 13.02 -5.81 -25.59
CA PRO B 79 13.74 -5.46 -24.38
C PRO B 79 15.02 -4.68 -24.67
N GLU B 80 15.62 -4.12 -23.62
CA GLU B 80 16.87 -3.41 -23.77
C GLU B 80 17.89 -3.89 -22.74
N ILE B 81 19.13 -4.00 -23.16
CA ILE B 81 20.25 -4.32 -22.29
C ILE B 81 21.03 -3.01 -22.27
N GLN B 82 21.08 -2.36 -21.11
CA GLN B 82 21.63 -0.99 -21.01
C GLN B 82 22.93 -0.77 -21.79
N PHE B 83 23.86 -1.70 -21.66
CA PHE B 83 25.10 -1.69 -22.42
C PHE B 83 25.39 -3.14 -22.79
N PHE B 84 25.75 -3.38 -24.04
CA PHE B 84 25.96 -4.75 -24.52
C PHE B 84 27.07 -5.51 -23.81
N GLY B 85 27.78 -4.84 -22.92
CA GLY B 85 28.82 -5.48 -22.12
C GLY B 85 28.17 -6.31 -21.04
N PHE B 86 26.91 -6.01 -20.75
CA PHE B 86 26.17 -6.77 -19.72
C PHE B 86 25.47 -7.97 -20.35
N VAL B 87 25.82 -8.30 -21.58
CA VAL B 87 25.20 -9.43 -22.26
C VAL B 87 25.60 -10.75 -21.59
N TYR B 88 26.70 -10.73 -20.84
CA TYR B 88 27.18 -11.91 -20.15
C TYR B 88 26.21 -12.36 -19.06
N GLU B 89 25.38 -11.44 -18.58
CA GLU B 89 24.39 -11.78 -17.56
C GLU B 89 23.17 -12.48 -18.14
N VAL B 90 22.98 -12.35 -19.45
CA VAL B 90 21.79 -12.90 -20.10
C VAL B 90 22.09 -13.78 -21.32
N MET B 91 23.27 -14.39 -21.36
CA MET B 91 23.65 -15.25 -22.49
C MET B 91 22.77 -16.49 -22.69
N ASP B 92 22.32 -17.10 -21.59
CA ASP B 92 21.47 -18.30 -21.71
C ASP B 92 20.13 -17.97 -22.35
N SER B 93 19.48 -16.90 -21.88
CA SER B 93 18.19 -16.50 -22.43
C SER B 93 18.31 -16.18 -23.92
N ILE B 94 19.44 -15.59 -24.30
CA ILE B 94 19.67 -15.22 -25.69
C ILE B 94 20.10 -16.39 -26.56
N CYS B 95 21.18 -17.08 -26.16
CA CYS B 95 21.74 -18.16 -26.97
C CYS B 95 21.26 -19.58 -26.64
N GLY B 96 20.99 -19.84 -25.37
CA GLY B 96 20.57 -21.17 -24.97
C GLY B 96 19.06 -21.32 -24.93
N GLN B 97 18.35 -20.23 -25.16
CA GLN B 97 16.90 -20.25 -25.07
C GLN B 97 16.14 -19.70 -26.29
N MET B 98 15.93 -18.38 -26.32
CA MET B 98 15.13 -17.76 -27.36
C MET B 98 15.58 -18.04 -28.79
N ALA B 99 16.88 -18.21 -28.98
CA ALA B 99 17.42 -18.49 -30.31
C ALA B 99 17.10 -19.93 -30.70
N ARG B 100 16.75 -20.76 -29.72
CA ARG B 100 16.54 -22.18 -29.95
C ARG B 100 15.09 -22.63 -29.83
N ILE B 101 14.21 -21.73 -29.40
CA ILE B 101 12.81 -22.09 -29.18
C ILE B 101 12.07 -22.62 -30.42
N ARG B 102 12.15 -21.93 -31.54
CA ARG B 102 11.48 -22.41 -32.75
C ARG B 102 11.95 -23.81 -33.13
N TYR B 103 13.27 -24.01 -33.07
CA TYR B 103 13.87 -25.31 -33.35
C TYR B 103 13.49 -26.32 -32.27
N ARG B 104 13.67 -25.93 -31.01
CA ARG B 104 13.39 -26.79 -29.88
C ARG B 104 11.94 -27.28 -29.86
N THR B 105 11.02 -26.43 -30.28
CA THR B 105 9.60 -26.77 -30.29
C THR B 105 9.11 -27.15 -31.68
N GLY B 106 10.04 -27.31 -32.62
CA GLY B 106 9.71 -27.70 -33.98
C GLY B 106 8.72 -26.78 -34.68
N GLY B 107 8.75 -25.50 -34.35
CA GLY B 107 7.85 -24.52 -34.95
C GLY B 107 6.62 -24.20 -34.13
N ARG B 108 6.31 -25.04 -33.15
CA ARG B 108 5.13 -24.84 -32.29
C ARG B 108 5.14 -23.48 -31.60
N TYR B 109 6.30 -23.05 -31.12
CA TYR B 109 6.45 -21.74 -30.51
C TYR B 109 7.51 -20.97 -31.26
N HIS B 110 7.50 -19.66 -31.13
CA HIS B 110 8.51 -18.82 -31.77
C HIS B 110 8.80 -17.60 -30.91
N MET B 111 9.90 -16.92 -31.19
CA MET B 111 10.31 -15.77 -30.38
C MET B 111 10.43 -14.48 -31.18
N PRO B 112 9.31 -13.74 -31.31
CA PRO B 112 9.34 -12.48 -32.04
C PRO B 112 9.93 -11.40 -31.13
N ILE B 113 11.19 -11.58 -30.76
CA ILE B 113 11.89 -10.69 -29.83
C ILE B 113 12.97 -9.84 -30.49
N THR B 114 13.06 -8.56 -30.10
CA THR B 114 14.10 -7.68 -30.61
C THR B 114 14.82 -7.06 -29.43
N ILE B 115 16.09 -7.41 -29.28
CA ILE B 115 16.89 -6.89 -28.19
C ILE B 115 17.75 -5.72 -28.64
N ARG B 116 17.48 -4.56 -28.06
CA ARG B 116 18.25 -3.37 -28.33
C ARG B 116 19.38 -3.24 -27.33
N SER B 117 20.53 -2.73 -27.78
CA SER B 117 21.66 -2.55 -26.89
C SER B 117 22.77 -1.74 -27.54
N PRO B 118 23.21 -0.67 -26.86
CA PRO B 118 24.28 0.20 -27.32
C PRO B 118 25.67 -0.33 -26.99
N PHE B 119 26.65 0.06 -27.81
CA PHE B 119 28.04 -0.35 -27.66
C PHE B 119 28.92 0.65 -28.40
N GLY B 120 30.20 0.34 -28.52
CA GLY B 120 31.12 1.18 -29.28
C GLY B 120 31.84 2.24 -28.47
N GLY B 121 33.07 2.55 -28.89
CA GLY B 121 33.89 3.53 -28.19
C GLY B 121 34.01 4.88 -28.86
N GLY B 122 34.74 5.78 -28.20
CA GLY B 122 34.95 7.12 -28.71
C GLY B 122 34.38 8.20 -27.80
N VAL B 123 33.67 7.76 -26.75
CA VAL B 123 33.03 8.69 -25.82
C VAL B 123 33.49 8.55 -24.36
N HIS B 124 34.62 7.87 -24.15
CA HIS B 124 35.21 7.73 -22.82
C HIS B 124 34.30 7.17 -21.73
N THR B 125 33.67 6.04 -22.01
CA THR B 125 32.80 5.40 -21.04
C THR B 125 33.63 4.57 -20.07
N PRO B 126 33.03 4.18 -18.92
CA PRO B 126 33.72 3.31 -17.98
C PRO B 126 33.81 1.88 -18.51
N GLU B 127 34.36 0.97 -17.71
CA GLU B 127 34.57 -0.42 -18.12
C GLU B 127 33.32 -1.16 -18.59
N LEU B 128 33.51 -2.06 -19.55
CA LEU B 128 32.46 -2.93 -20.09
C LEU B 128 31.23 -2.24 -20.68
N HIS B 129 31.43 -1.00 -21.13
CA HIS B 129 30.37 -0.22 -21.75
C HIS B 129 30.51 -0.18 -23.27
N SER B 130 31.74 -0.08 -23.75
CA SER B 130 32.00 0.09 -25.18
C SER B 130 32.47 -1.15 -25.94
N ASP B 131 32.61 -2.27 -25.23
CA ASP B 131 33.08 -3.51 -25.87
C ASP B 131 32.25 -3.94 -27.06
N SER B 132 32.92 -4.44 -28.09
CA SER B 132 32.25 -4.98 -29.27
C SER B 132 32.15 -6.49 -29.09
N LEU B 133 30.94 -6.95 -28.80
CA LEU B 133 30.72 -8.37 -28.56
C LEU B 133 29.74 -8.99 -29.56
N GLU B 134 29.58 -8.34 -30.72
CA GLU B 134 28.70 -8.85 -31.76
C GLU B 134 29.14 -10.21 -32.28
N GLY B 135 30.43 -10.52 -32.12
CA GLY B 135 30.99 -11.78 -32.61
C GLY B 135 30.51 -13.01 -31.88
N LEU B 136 30.08 -12.83 -30.63
CA LEU B 136 29.58 -13.93 -29.83
C LEU B 136 28.21 -14.40 -30.32
N VAL B 137 27.27 -13.46 -30.40
CA VAL B 137 25.91 -13.80 -30.84
C VAL B 137 25.81 -14.17 -32.32
N ALA B 138 26.75 -13.67 -33.12
CA ALA B 138 26.78 -13.99 -34.53
C ALA B 138 27.16 -15.45 -34.76
N GLN B 139 27.65 -16.12 -33.71
CA GLN B 139 28.03 -17.53 -33.79
C GLN B 139 26.89 -18.44 -33.36
N GLN B 140 25.78 -17.85 -32.96
CA GLN B 140 24.64 -18.64 -32.49
C GLN B 140 23.53 -18.79 -33.52
N PRO B 141 23.36 -20.02 -34.04
CA PRO B 141 22.28 -20.32 -34.97
C PRO B 141 20.93 -19.96 -34.34
N GLY B 142 20.09 -19.27 -35.09
CA GLY B 142 18.77 -18.89 -34.60
C GLY B 142 18.64 -17.41 -34.30
N LEU B 143 19.75 -16.69 -34.47
CA LEU B 143 19.78 -15.26 -34.20
C LEU B 143 20.19 -14.46 -35.43
N LYS B 144 19.71 -13.22 -35.49
CA LYS B 144 20.13 -12.28 -36.51
C LYS B 144 20.72 -11.09 -35.76
N VAL B 145 21.82 -10.55 -36.27
CA VAL B 145 22.49 -9.44 -35.59
C VAL B 145 22.61 -8.24 -36.53
N VAL B 146 21.92 -7.15 -36.18
CA VAL B 146 21.88 -5.96 -37.02
C VAL B 146 22.62 -4.78 -36.38
N ILE B 147 23.40 -4.06 -37.19
CA ILE B 147 24.20 -2.93 -36.70
C ILE B 147 24.21 -1.77 -37.69
N PRO B 148 23.28 -0.81 -37.53
CA PRO B 148 23.16 0.35 -38.40
C PRO B 148 24.29 1.37 -38.23
N SER B 149 24.55 2.14 -39.29
CA SER B 149 25.58 3.17 -39.25
C SER B 149 25.01 4.56 -39.55
N THR B 150 23.75 4.60 -39.95
CA THR B 150 23.07 5.86 -40.27
C THR B 150 21.64 5.86 -39.76
N PRO B 151 21.08 7.07 -39.52
CA PRO B 151 19.70 7.21 -39.06
C PRO B 151 18.70 6.51 -39.98
N TYR B 152 18.85 6.69 -41.29
CA TYR B 152 17.96 6.07 -42.27
C TYR B 152 17.97 4.55 -42.13
N ASP B 153 19.16 3.98 -41.99
CA ASP B 153 19.29 2.53 -41.83
C ASP B 153 18.74 2.07 -40.48
N ALA B 154 19.08 2.80 -39.42
CA ALA B 154 18.63 2.46 -38.07
C ALA B 154 17.11 2.30 -37.98
N LYS B 155 16.38 3.28 -38.51
CA LYS B 155 14.92 3.23 -38.47
C LYS B 155 14.35 2.06 -39.26
N GLY B 156 14.75 1.95 -40.52
CA GLY B 156 14.27 0.87 -41.40
C GLY B 156 14.61 -0.52 -40.89
N LEU B 157 15.86 -0.71 -40.47
CA LEU B 157 16.30 -2.01 -39.96
C LEU B 157 15.64 -2.38 -38.64
N LEU B 158 15.38 -1.37 -37.80
CA LEU B 158 14.73 -1.61 -36.51
C LEU B 158 13.28 -2.04 -36.72
N ILE B 159 12.59 -1.38 -37.65
CA ILE B 159 11.22 -1.74 -37.96
C ILE B 159 11.17 -3.18 -38.47
N SER B 160 12.09 -3.53 -39.37
CA SER B 160 12.18 -4.89 -39.88
C SER B 160 12.49 -5.87 -38.74
N ALA B 161 13.38 -5.46 -37.85
CA ALA B 161 13.80 -6.29 -36.73
C ALA B 161 12.62 -6.62 -35.82
N ILE B 162 11.82 -5.61 -35.49
CA ILE B 162 10.67 -5.82 -34.63
C ILE B 162 9.61 -6.69 -35.32
N ARG B 163 9.46 -6.52 -36.62
CA ARG B 163 8.49 -7.29 -37.39
C ARG B 163 8.90 -8.76 -37.57
N ASP B 164 10.21 -9.01 -37.65
CA ASP B 164 10.72 -10.37 -37.83
C ASP B 164 10.26 -11.25 -36.66
N ASN B 165 9.70 -12.41 -36.98
CA ASN B 165 9.16 -13.32 -35.96
C ASN B 165 10.16 -14.17 -35.20
N ASP B 166 11.45 -13.90 -35.41
CA ASP B 166 12.52 -14.62 -34.72
C ASP B 166 13.42 -13.60 -34.00
N PRO B 167 14.27 -14.08 -33.07
CA PRO B 167 15.11 -13.16 -32.35
C PRO B 167 16.08 -12.36 -33.23
N VAL B 168 16.09 -11.05 -33.03
CA VAL B 168 17.02 -10.17 -33.71
C VAL B 168 17.71 -9.33 -32.65
N ILE B 169 19.02 -9.26 -32.73
CA ILE B 169 19.81 -8.46 -31.81
C ILE B 169 20.22 -7.18 -32.52
N PHE B 170 19.70 -6.05 -32.04
CA PHE B 170 19.95 -4.74 -32.64
C PHE B 170 20.98 -3.95 -31.82
N LEU B 171 22.17 -3.78 -32.38
CA LEU B 171 23.25 -3.09 -31.71
C LEU B 171 23.40 -1.64 -32.17
N GLU B 172 23.35 -0.73 -31.20
CA GLU B 172 23.35 0.70 -31.47
C GLU B 172 24.64 1.38 -31.00
N HIS B 173 25.46 1.83 -31.94
CA HIS B 173 26.75 2.43 -31.62
C HIS B 173 26.64 3.79 -30.92
N LEU B 174 27.14 3.85 -29.70
CA LEU B 174 27.12 5.07 -28.87
C LEU B 174 27.55 6.34 -29.59
N LYS B 175 28.65 6.25 -30.33
CA LYS B 175 29.21 7.41 -31.03
C LYS B 175 28.32 7.89 -32.15
N LEU B 176 27.53 6.98 -32.72
CA LEU B 176 26.68 7.31 -33.85
C LEU B 176 25.29 7.84 -33.46
N TYR B 177 24.95 7.75 -32.17
CA TYR B 177 23.64 8.22 -31.71
C TYR B 177 23.28 9.64 -32.16
N ARG B 178 24.23 10.56 -31.99
CA ARG B 178 24.02 11.97 -32.31
C ARG B 178 25.22 12.57 -33.05
N SER B 179 25.97 11.73 -33.76
CA SER B 179 27.16 12.19 -34.48
C SER B 179 26.82 13.15 -35.62
N PHE B 180 25.76 12.87 -36.35
CA PHE B 180 25.34 13.70 -37.47
C PHE B 180 23.85 13.50 -37.79
N ARG B 181 23.29 14.43 -38.55
CA ARG B 181 21.91 14.34 -38.96
C ARG B 181 21.80 13.84 -40.39
N GLN B 182 20.72 13.13 -40.68
CA GLN B 182 20.48 12.60 -42.02
C GLN B 182 19.00 12.59 -42.30
N GLU B 183 18.64 12.79 -43.57
CA GLU B 183 17.24 12.80 -43.99
C GLU B 183 16.62 11.42 -43.80
N VAL B 184 15.58 11.37 -42.98
CA VAL B 184 14.87 10.12 -42.70
C VAL B 184 13.38 10.30 -43.00
N PRO B 185 12.82 9.41 -43.82
CA PRO B 185 11.40 9.48 -44.17
C PRO B 185 10.51 9.31 -42.96
N GLU B 186 9.37 10.01 -42.96
CA GLU B 186 8.40 9.88 -41.89
C GLU B 186 7.58 8.64 -42.19
N GLY B 187 6.93 8.09 -41.17
CA GLY B 187 6.10 6.89 -41.36
C GLY B 187 6.87 5.60 -41.45
N GLU B 188 6.13 4.50 -41.60
CA GLU B 188 6.73 3.17 -41.66
C GLU B 188 7.38 2.80 -43.01
N TYR B 189 8.61 2.31 -42.92
CA TYR B 189 9.35 1.82 -44.07
C TYR B 189 10.35 0.81 -43.54
N THR B 190 10.62 -0.25 -44.30
CA THR B 190 11.52 -1.29 -43.84
C THR B 190 12.75 -1.47 -44.73
N ILE B 191 13.77 -2.09 -44.17
CA ILE B 191 14.98 -2.42 -44.89
C ILE B 191 15.26 -3.89 -44.62
N PRO B 192 15.35 -4.71 -45.68
CA PRO B 192 15.59 -6.13 -45.54
C PRO B 192 16.79 -6.45 -44.64
N ILE B 193 16.61 -7.42 -43.75
CA ILE B 193 17.68 -7.90 -42.89
C ILE B 193 18.54 -8.88 -43.68
N GLY B 194 19.86 -8.78 -43.53
CA GLY B 194 20.76 -9.64 -44.28
C GLY B 194 21.11 -9.01 -45.62
N LYS B 195 20.83 -7.71 -45.74
CA LYS B 195 21.08 -6.97 -46.95
C LYS B 195 22.05 -5.82 -46.69
N ALA B 196 23.17 -5.82 -47.41
CA ALA B 196 24.17 -4.76 -47.28
C ALA B 196 23.90 -3.70 -48.33
N ASP B 197 24.61 -2.58 -48.27
CA ASP B 197 24.46 -1.55 -49.30
C ASP B 197 25.77 -0.86 -49.58
N ILE B 198 25.86 -0.22 -50.75
CA ILE B 198 27.07 0.48 -51.14
C ILE B 198 27.02 1.92 -50.67
N LYS B 199 27.94 2.28 -49.76
CA LYS B 199 28.04 3.66 -49.29
C LYS B 199 28.81 4.54 -50.27
N ARG B 200 29.75 3.93 -50.98
CA ARG B 200 30.54 4.63 -51.97
C ARG B 200 30.93 3.64 -53.06
N GLU B 201 30.50 3.91 -54.28
CA GLU B 201 30.78 3.03 -55.41
C GLU B 201 32.24 3.23 -55.85
N GLY B 202 33.01 2.15 -55.82
CA GLY B 202 34.43 2.20 -56.18
C GLY B 202 34.80 1.16 -57.22
N LYS B 203 36.04 1.21 -57.70
CA LYS B 203 36.46 0.32 -58.77
C LYS B 203 37.80 -0.40 -58.53
N ASP B 204 38.61 0.13 -57.62
CA ASP B 204 39.95 -0.44 -57.36
C ASP B 204 40.05 -1.39 -56.16
N ILE B 205 39.28 -1.12 -55.12
CA ILE B 205 39.32 -1.97 -53.92
C ILE B 205 38.01 -1.93 -53.13
N THR B 206 37.67 -3.06 -52.51
CA THR B 206 36.45 -3.16 -51.73
C THR B 206 36.72 -2.98 -50.23
N ILE B 207 36.14 -1.95 -49.64
CA ILE B 207 36.26 -1.71 -48.21
C ILE B 207 34.96 -2.17 -47.57
N ILE B 208 35.03 -3.21 -46.76
CA ILE B 208 33.86 -3.75 -46.09
C ILE B 208 33.92 -3.41 -44.61
N ALA B 209 32.83 -2.85 -44.09
CA ALA B 209 32.77 -2.47 -42.69
C ALA B 209 31.35 -2.45 -42.13
N TYR B 210 31.25 -2.15 -40.85
CA TYR B 210 29.97 -2.02 -40.15
C TYR B 210 30.14 -1.10 -38.95
N GLY B 211 29.03 -0.59 -38.43
CA GLY B 211 29.06 0.30 -37.28
C GLY B 211 29.75 1.62 -37.52
N ALA B 212 30.57 2.04 -36.56
CA ALA B 212 31.29 3.31 -36.66
C ALA B 212 32.43 3.24 -37.67
N MET B 213 32.84 2.03 -38.02
CA MET B 213 33.91 1.84 -38.99
C MET B 213 33.50 2.18 -40.42
N VAL B 214 32.20 2.40 -40.62
CA VAL B 214 31.69 2.77 -41.94
C VAL B 214 32.10 4.22 -42.24
N HIS B 215 31.95 5.09 -41.25
CA HIS B 215 32.34 6.49 -41.39
C HIS B 215 33.85 6.60 -41.57
N GLU B 216 34.59 5.74 -40.87
CA GLU B 216 36.06 5.72 -40.98
C GLU B 216 36.47 5.21 -42.36
N SER B 217 35.65 4.34 -42.94
CA SER B 217 35.90 3.78 -44.26
C SER B 217 35.60 4.81 -45.34
N LEU B 218 34.48 5.51 -45.19
CA LEU B 218 34.07 6.55 -46.14
C LEU B 218 35.06 7.70 -46.09
N LYS B 219 35.48 8.06 -44.87
CA LYS B 219 36.44 9.11 -44.67
C LYS B 219 37.78 8.72 -45.29
N ALA B 220 38.10 7.43 -45.18
CA ALA B 220 39.35 6.91 -45.73
C ALA B 220 39.30 6.86 -47.26
N ALA B 221 38.15 6.49 -47.81
CA ALA B 221 37.97 6.40 -49.26
C ALA B 221 38.13 7.77 -49.92
N ALA B 222 37.61 8.79 -49.27
CA ALA B 222 37.71 10.15 -49.80
C ALA B 222 39.16 10.61 -49.91
N GLU B 223 40.01 10.05 -49.06
CA GLU B 223 41.42 10.42 -49.04
C GLU B 223 42.20 9.56 -50.05
N LEU B 224 41.75 8.34 -50.24
CA LEU B 224 42.37 7.43 -51.20
C LEU B 224 42.13 7.91 -52.63
N GLU B 225 41.08 8.70 -52.81
CA GLU B 225 40.74 9.25 -54.11
C GLU B 225 41.82 10.24 -54.56
N LYS B 226 42.32 11.03 -53.61
CA LYS B 226 43.37 12.00 -53.89
C LYS B 226 44.64 11.29 -54.35
N GLU B 227 44.74 10.01 -54.02
CA GLU B 227 45.91 9.21 -54.37
C GLU B 227 45.62 8.29 -55.56
N GLY B 228 44.49 8.51 -56.21
CA GLY B 228 44.13 7.74 -57.39
C GLY B 228 43.61 6.35 -57.13
N ILE B 229 43.13 6.11 -55.91
CA ILE B 229 42.58 4.81 -55.56
C ILE B 229 41.07 4.92 -55.39
N SER B 230 40.33 4.18 -56.21
CA SER B 230 38.88 4.17 -56.16
C SER B 230 38.40 3.07 -55.23
N ALA B 231 37.96 3.46 -54.04
CA ALA B 231 37.51 2.49 -53.04
C ALA B 231 35.99 2.38 -52.96
N GLU B 232 35.50 1.16 -52.97
CA GLU B 232 34.08 0.89 -52.85
C GLU B 232 33.77 0.49 -51.42
N VAL B 233 32.97 1.27 -50.73
CA VAL B 233 32.58 0.99 -49.37
C VAL B 233 31.28 0.28 -49.31
N VAL B 234 31.31 -0.89 -48.69
CA VAL B 234 30.17 -1.69 -48.42
C VAL B 234 29.86 -1.62 -46.94
N ASP B 235 28.60 -1.34 -46.59
CA ASP B 235 28.11 -1.41 -45.24
C ASP B 235 27.29 -2.66 -45.13
N LEU B 236 27.78 -3.61 -44.38
CA LEU B 236 27.14 -4.87 -44.17
C LEU B 236 25.74 -4.72 -43.68
N ARG B 237 25.54 -3.76 -42.81
CA ARG B 237 24.28 -3.53 -42.09
C ARG B 237 23.53 -4.63 -41.37
N THR B 238 23.85 -5.85 -41.68
CA THR B 238 23.57 -7.03 -40.93
C THR B 238 24.80 -7.88 -40.90
N VAL B 239 25.33 -8.19 -39.73
CA VAL B 239 26.47 -9.05 -39.66
C VAL B 239 26.17 -10.53 -39.57
N GLN B 240 24.93 -10.89 -39.33
CA GLN B 240 24.51 -12.23 -39.33
C GLN B 240 23.06 -12.31 -39.61
N PRO B 241 22.69 -12.75 -40.79
CA PRO B 241 23.60 -13.29 -41.80
C PRO B 241 24.25 -12.24 -42.70
N LEU B 242 25.39 -12.61 -43.29
CA LEU B 242 26.09 -11.75 -44.23
C LEU B 242 25.42 -11.75 -45.60
N ASP B 243 25.50 -10.61 -46.29
CA ASP B 243 24.95 -10.48 -47.63
C ASP B 243 26.01 -10.94 -48.61
N ILE B 244 26.09 -12.25 -48.82
CA ILE B 244 27.10 -12.83 -49.71
C ILE B 244 27.04 -12.25 -51.11
N GLU B 245 25.85 -12.25 -51.70
CA GLU B 245 25.63 -11.71 -53.04
C GLU B 245 26.30 -10.36 -53.25
N THR B 246 26.01 -9.41 -52.35
CA THR B 246 26.56 -8.05 -52.44
C THR B 246 28.06 -7.99 -52.16
N ILE B 247 28.51 -8.72 -51.14
CA ILE B 247 29.94 -8.76 -50.80
C ILE B 247 30.79 -9.30 -51.94
N ILE B 248 30.37 -10.44 -52.50
CA ILE B 248 31.11 -11.11 -53.57
C ILE B 248 31.04 -10.36 -54.90
N GLY B 249 29.89 -9.78 -55.20
CA GLY B 249 29.72 -9.01 -56.43
C GLY B 249 30.73 -7.87 -56.51
N SER B 250 30.93 -7.21 -55.37
CA SER B 250 31.88 -6.09 -55.29
C SER B 250 33.32 -6.55 -55.45
N VAL B 251 33.65 -7.68 -54.83
CA VAL B 251 35.00 -8.25 -54.90
C VAL B 251 35.31 -8.80 -56.30
N GLU B 252 34.29 -9.28 -56.99
CA GLU B 252 34.44 -9.77 -58.35
C GLU B 252 34.75 -8.62 -59.32
N LYS B 253 34.36 -7.41 -58.93
CA LYS B 253 34.61 -6.21 -59.74
C LYS B 253 35.96 -5.59 -59.43
N THR B 254 36.29 -5.50 -58.15
CA THR B 254 37.54 -4.88 -57.72
C THR B 254 38.74 -5.83 -57.74
N GLY B 255 38.56 -7.04 -57.21
CA GLY B 255 39.63 -8.03 -57.17
C GLY B 255 40.54 -7.85 -55.96
N ARG B 256 40.19 -6.86 -55.12
CA ARG B 256 40.94 -6.58 -53.90
C ARG B 256 39.98 -6.14 -52.82
N ALA B 257 40.20 -6.62 -51.60
CA ALA B 257 39.32 -6.27 -50.49
C ALA B 257 39.98 -6.26 -49.12
N ILE B 258 39.39 -5.49 -48.21
CA ILE B 258 39.81 -5.43 -46.81
C ILE B 258 38.55 -5.37 -45.97
N VAL B 259 38.62 -5.89 -44.75
CA VAL B 259 37.47 -5.87 -43.84
C VAL B 259 37.84 -5.09 -42.59
N VAL B 260 37.03 -4.09 -42.27
CA VAL B 260 37.29 -3.19 -41.15
C VAL B 260 36.28 -3.36 -40.01
N GLN B 261 36.80 -3.54 -38.80
CA GLN B 261 35.94 -3.67 -37.62
C GLN B 261 36.57 -2.94 -36.44
N GLU B 262 35.73 -2.56 -35.49
CA GLU B 262 36.18 -1.87 -34.29
C GLU B 262 36.56 -2.88 -33.20
N ALA B 263 36.07 -4.10 -33.35
CA ALA B 263 36.35 -5.18 -32.39
C ALA B 263 37.78 -5.69 -32.52
N GLN B 264 38.25 -6.35 -31.48
CA GLN B 264 39.58 -6.95 -31.48
C GLN B 264 39.74 -7.90 -32.66
N ARG B 265 40.97 -8.11 -33.08
CA ARG B 265 41.26 -9.00 -34.20
C ARG B 265 40.74 -10.42 -33.97
N GLN B 266 40.80 -10.91 -32.74
CA GLN B 266 40.32 -12.26 -32.42
C GLN B 266 38.81 -12.29 -32.20
N ALA B 267 38.19 -11.12 -32.20
CA ALA B 267 36.74 -11.02 -32.02
C ALA B 267 36.08 -10.52 -33.29
N GLY B 268 34.87 -9.97 -33.16
CA GLY B 268 34.15 -9.45 -34.31
C GLY B 268 33.71 -10.52 -35.30
N ILE B 269 33.42 -10.11 -36.54
CA ILE B 269 32.96 -11.04 -37.57
C ILE B 269 33.78 -10.95 -38.87
N ALA B 270 34.87 -10.18 -38.83
CA ALA B 270 35.71 -9.99 -40.01
C ALA B 270 36.32 -11.28 -40.56
N ALA B 271 36.71 -12.19 -39.66
CA ALA B 271 37.31 -13.45 -40.07
C ALA B 271 36.33 -14.26 -40.90
N ASN B 272 35.08 -14.27 -40.49
CA ASN B 272 34.05 -14.99 -41.21
C ASN B 272 33.85 -14.38 -42.60
N VAL B 273 33.90 -13.05 -42.68
CA VAL B 273 33.75 -12.35 -43.94
C VAL B 273 34.89 -12.71 -44.89
N VAL B 274 36.11 -12.71 -44.34
CA VAL B 274 37.32 -13.05 -45.09
C VAL B 274 37.30 -14.50 -45.57
N ALA B 275 36.82 -15.40 -44.72
CA ALA B 275 36.74 -16.82 -45.06
C ALA B 275 35.73 -17.06 -46.19
N GLU B 276 34.65 -16.29 -46.20
CA GLU B 276 33.62 -16.42 -47.23
C GLU B 276 34.11 -15.90 -48.58
N ILE B 277 34.86 -14.80 -48.57
CA ILE B 277 35.40 -14.24 -49.80
C ILE B 277 36.47 -15.16 -50.39
N ASN B 278 37.38 -15.61 -49.54
CA ASN B 278 38.48 -16.50 -49.94
C ASN B 278 38.00 -17.82 -50.53
N GLU B 279 36.74 -18.14 -50.29
CA GLU B 279 36.15 -19.39 -50.75
C GLU B 279 35.29 -19.24 -52.00
N ARG B 280 34.53 -18.15 -52.07
CA ARG B 280 33.58 -17.94 -53.16
C ARG B 280 34.14 -17.16 -54.34
N ALA B 281 35.16 -16.34 -54.09
CA ALA B 281 35.73 -15.52 -55.15
C ALA B 281 37.25 -15.56 -55.13
N ILE B 282 37.81 -16.72 -54.86
CA ILE B 282 39.26 -16.89 -54.81
C ILE B 282 39.87 -16.79 -56.20
N LEU B 283 39.02 -16.75 -57.22
CA LEU B 283 39.49 -16.66 -58.61
C LEU B 283 39.50 -15.21 -59.08
N SER B 284 38.98 -14.31 -58.25
CA SER B 284 38.93 -12.90 -58.59
C SER B 284 39.81 -12.07 -57.66
N LEU B 285 40.58 -12.76 -56.82
CA LEU B 285 41.46 -12.10 -55.88
C LEU B 285 42.84 -11.89 -56.48
N GLU B 286 43.36 -10.67 -56.38
CA GLU B 286 44.67 -10.34 -56.91
C GLU B 286 45.58 -9.98 -55.75
N ALA B 287 45.01 -9.95 -54.55
CA ALA B 287 45.73 -9.66 -53.32
C ALA B 287 45.01 -10.31 -52.14
N PRO B 288 45.74 -10.60 -51.05
CA PRO B 288 45.09 -11.20 -49.90
C PRO B 288 44.13 -10.23 -49.24
N VAL B 289 43.00 -10.74 -48.75
CA VAL B 289 42.03 -9.90 -48.07
C VAL B 289 42.56 -9.66 -46.67
N LEU B 290 42.90 -8.40 -46.36
CA LEU B 290 43.43 -8.07 -45.06
C LEU B 290 42.37 -7.48 -44.14
N ARG B 291 42.66 -7.46 -42.85
CA ARG B 291 41.71 -6.94 -41.87
C ARG B 291 42.23 -5.75 -41.08
N VAL B 292 41.33 -4.80 -40.84
CA VAL B 292 41.62 -3.67 -39.99
C VAL B 292 40.82 -3.93 -38.72
N ALA B 293 41.52 -4.12 -37.62
CA ALA B 293 40.88 -4.42 -36.36
C ALA B 293 41.65 -3.86 -35.19
N ALA B 294 41.08 -3.96 -34.00
CA ALA B 294 41.73 -3.48 -32.79
C ALA B 294 42.73 -4.51 -32.26
N PRO B 295 43.71 -4.04 -31.47
CA PRO B 295 44.68 -4.96 -30.88
C PRO B 295 43.98 -6.02 -30.04
N ASP B 296 44.62 -7.16 -29.82
CA ASP B 296 44.00 -8.24 -29.06
C ASP B 296 44.15 -8.11 -27.55
N THR B 297 43.67 -6.98 -27.02
CA THR B 297 43.70 -6.75 -25.59
C THR B 297 42.28 -6.48 -25.14
N VAL B 298 42.07 -6.41 -23.83
CA VAL B 298 40.76 -6.09 -23.29
C VAL B 298 40.46 -4.66 -23.74
N TYR B 299 39.18 -4.31 -23.88
CA TYR B 299 38.84 -2.96 -24.31
C TYR B 299 39.64 -1.95 -23.46
N PRO B 300 40.25 -0.95 -24.11
CA PRO B 300 41.14 0.02 -23.46
C PRO B 300 40.49 0.89 -22.41
N PHE B 301 41.26 1.23 -21.38
CA PHE B 301 40.81 2.18 -20.37
C PHE B 301 40.49 3.44 -21.16
N ALA B 302 39.54 4.24 -20.68
CA ALA B 302 39.08 5.42 -21.41
C ALA B 302 40.16 6.25 -22.11
N GLN B 303 41.17 6.68 -21.37
CA GLN B 303 42.22 7.55 -21.92
C GLN B 303 43.05 6.96 -23.05
N ALA B 304 42.96 5.65 -23.25
CA ALA B 304 43.74 4.97 -24.27
C ALA B 304 42.94 4.68 -25.53
N GLU B 305 41.71 5.20 -25.61
CA GLU B 305 40.84 4.95 -26.75
C GLU B 305 41.37 5.42 -28.11
N SER B 306 41.88 6.64 -28.18
CA SER B 306 42.32 7.20 -29.46
C SER B 306 43.51 6.50 -30.12
N VAL B 307 44.37 5.89 -29.31
CA VAL B 307 45.52 5.17 -29.86
C VAL B 307 45.22 3.69 -30.06
N TRP B 308 44.10 3.23 -29.51
CA TRP B 308 43.74 1.82 -29.59
C TRP B 308 42.66 1.56 -30.65
N LEU B 309 41.65 2.41 -30.70
CA LEU B 309 40.55 2.26 -31.66
C LEU B 309 40.99 2.47 -33.11
N PRO B 310 40.65 1.53 -33.99
CA PRO B 310 40.95 1.66 -35.42
C PRO B 310 40.23 2.87 -35.99
N ASN B 311 40.89 3.61 -36.87
CA ASN B 311 40.28 4.78 -37.50
C ASN B 311 40.56 4.85 -39.00
N PHE B 312 40.19 5.98 -39.60
CA PHE B 312 40.34 6.17 -41.04
C PHE B 312 41.78 6.04 -41.54
N LYS B 313 42.76 6.43 -40.71
CA LYS B 313 44.16 6.35 -41.10
C LYS B 313 44.64 4.91 -41.19
N ASP B 314 44.09 4.04 -40.35
CA ASP B 314 44.44 2.63 -40.36
C ASP B 314 43.87 1.97 -41.61
N VAL B 315 42.71 2.46 -42.03
CA VAL B 315 42.06 1.93 -43.23
C VAL B 315 42.85 2.41 -44.46
N ILE B 316 43.39 3.63 -44.39
CA ILE B 316 44.22 4.17 -45.46
C ILE B 316 45.44 3.27 -45.64
N GLU B 317 46.15 3.05 -44.54
CA GLU B 317 47.37 2.25 -44.52
C GLU B 317 47.18 0.82 -45.01
N THR B 318 46.09 0.18 -44.58
CA THR B 318 45.83 -1.19 -44.96
C THR B 318 45.33 -1.33 -46.40
N ALA B 319 44.54 -0.36 -46.85
CA ALA B 319 44.03 -0.37 -48.22
C ALA B 319 45.18 -0.26 -49.21
N LYS B 320 46.08 0.69 -48.96
CA LYS B 320 47.25 0.91 -49.80
C LYS B 320 48.17 -0.31 -49.78
N LYS B 321 48.18 -1.01 -48.65
CA LYS B 321 49.01 -2.19 -48.49
C LYS B 321 48.52 -3.30 -49.42
N VAL B 322 47.21 -3.34 -49.62
CA VAL B 322 46.59 -4.33 -50.50
C VAL B 322 46.78 -3.93 -51.96
N MET B 323 46.67 -2.65 -52.26
CA MET B 323 46.83 -2.13 -53.62
C MET B 323 48.25 -2.34 -54.14
N ASN B 324 49.22 -2.14 -53.25
CA ASN B 324 50.64 -2.25 -53.60
C ASN B 324 51.20 -3.66 -53.43
N PHE B 325 50.33 -4.62 -53.19
CA PHE B 325 50.74 -6.01 -53.03
C PHE B 325 51.27 -6.55 -54.36
N THR C 5 -13.43 -21.80 2.36
CA THR C 5 -12.18 -22.37 1.78
C THR C 5 -10.97 -22.11 2.65
N PHE C 6 -10.14 -23.12 2.83
CA PHE C 6 -8.94 -23.02 3.67
C PHE C 6 -7.96 -21.96 3.17
N GLN C 7 -7.48 -21.14 4.10
CA GLN C 7 -6.54 -20.07 3.76
C GLN C 7 -5.24 -20.20 4.54
N PHE C 8 -4.12 -19.96 3.87
CA PHE C 8 -2.82 -19.97 4.53
C PHE C 8 -2.55 -18.58 5.10
N PRO C 9 -1.88 -18.52 6.27
CA PRO C 9 -1.57 -17.24 6.89
C PRO C 9 -0.43 -16.51 6.19
N PHE C 10 -0.64 -16.13 4.94
CA PHE C 10 0.40 -15.45 4.16
C PHE C 10 0.75 -14.08 4.74
N ALA C 11 -0.27 -13.32 5.12
CA ALA C 11 -0.07 -11.99 5.68
C ALA C 11 0.72 -12.05 6.99
N GLU C 12 0.34 -12.96 7.88
CA GLU C 12 1.06 -13.13 9.13
C GLU C 12 2.50 -13.52 8.87
N GLN C 13 2.71 -14.36 7.87
CA GLN C 13 4.06 -14.80 7.50
C GLN C 13 4.92 -13.61 7.07
N LEU C 14 4.38 -12.77 6.19
CA LEU C 14 5.10 -11.59 5.70
C LEU C 14 5.39 -10.56 6.79
N GLU C 15 4.44 -10.38 7.71
CA GLU C 15 4.62 -9.43 8.79
C GLU C 15 5.62 -9.91 9.84
N LYS C 16 5.45 -11.16 10.27
CA LYS C 16 6.33 -11.75 11.27
C LYS C 16 7.79 -11.76 10.82
N VAL C 17 8.02 -12.10 9.55
CA VAL C 17 9.38 -12.13 9.03
C VAL C 17 10.01 -10.75 8.97
N ALA C 18 9.30 -9.79 8.36
CA ALA C 18 9.79 -8.42 8.24
C ALA C 18 10.06 -7.84 9.63
N GLU C 19 9.26 -8.27 10.60
CA GLU C 19 9.40 -7.85 11.99
C GLU C 19 10.77 -8.23 12.57
N GLN C 20 11.37 -9.28 12.03
CA GLN C 20 12.69 -9.74 12.49
C GLN C 20 13.84 -8.91 11.93
N PHE C 21 13.54 -7.79 11.29
CA PHE C 21 14.59 -6.93 10.75
C PHE C 21 14.30 -5.45 11.01
N PRO C 22 14.23 -5.08 12.31
CA PRO C 22 13.96 -3.70 12.69
C PRO C 22 15.17 -2.81 12.47
N THR C 23 14.94 -1.56 12.09
CA THR C 23 16.04 -0.62 11.85
C THR C 23 16.87 -0.43 13.10
N PHE C 24 18.17 -0.71 12.99
CA PHE C 24 19.12 -0.56 14.08
C PHE C 24 19.66 0.86 14.10
N GLN C 25 19.52 1.54 15.24
CA GLN C 25 19.94 2.93 15.34
C GLN C 25 20.64 3.23 16.67
N ILE C 26 21.66 4.08 16.62
CA ILE C 26 22.37 4.50 17.83
C ILE C 26 22.15 5.99 18.06
N LEU C 27 22.43 6.79 17.04
CA LEU C 27 22.25 8.24 17.12
C LEU C 27 21.08 8.68 16.27
N ASN C 28 20.19 9.48 16.85
CA ASN C 28 19.05 9.97 16.11
C ASN C 28 19.42 11.24 15.34
N GLU C 29 18.40 11.82 14.70
CA GLU C 29 18.55 13.01 13.88
C GLU C 29 19.15 14.21 14.62
N GLU C 30 18.93 14.27 15.93
CA GLU C 30 19.42 15.39 16.75
C GLU C 30 20.75 15.12 17.46
N GLY C 31 21.36 13.97 17.20
CA GLY C 31 22.63 13.64 17.83
C GLY C 31 22.48 13.07 19.23
N GLU C 32 21.27 12.58 19.53
CA GLU C 32 20.96 12.01 20.83
C GLU C 32 21.12 10.50 20.79
N VAL C 33 21.67 9.92 21.85
CA VAL C 33 21.86 8.47 21.93
C VAL C 33 20.54 7.76 22.27
N VAL C 34 20.04 6.96 21.33
CA VAL C 34 18.80 6.22 21.53
C VAL C 34 19.04 4.76 21.92
N ASN C 35 20.30 4.33 21.90
CA ASN C 35 20.65 2.96 22.25
C ASN C 35 22.04 2.86 22.87
N GLU C 36 22.11 3.10 24.18
CA GLU C 36 23.38 3.05 24.90
C GLU C 36 23.86 1.61 25.09
N GLU C 37 22.92 0.67 25.00
CA GLU C 37 23.24 -0.73 25.15
C GLU C 37 24.19 -1.18 24.05
N ALA C 38 23.92 -0.71 22.83
CA ALA C 38 24.69 -1.09 21.65
C ALA C 38 25.84 -0.13 21.31
N MET C 39 25.99 0.93 22.11
CA MET C 39 27.05 1.90 21.89
C MET C 39 28.40 1.22 21.72
N PRO C 40 29.05 1.44 20.56
CA PRO C 40 30.37 0.87 20.31
C PRO C 40 31.45 1.52 21.16
N GLU C 41 32.47 0.75 21.52
CA GLU C 41 33.56 1.27 22.32
C GLU C 41 34.51 2.03 21.42
N LEU C 42 34.46 3.36 21.49
CA LEU C 42 35.31 4.22 20.67
C LEU C 42 35.88 5.36 21.49
N SER C 43 37.21 5.46 21.50
CA SER C 43 37.89 6.52 22.25
C SER C 43 37.60 7.86 21.61
N ASP C 44 37.82 8.92 22.38
CA ASP C 44 37.62 10.29 21.90
C ASP C 44 38.42 10.54 20.63
N GLU C 45 39.59 9.93 20.55
CA GLU C 45 40.48 10.13 19.40
C GLU C 45 39.94 9.42 18.15
N GLN C 46 39.27 8.29 18.36
CA GLN C 46 38.67 7.54 17.27
C GLN C 46 37.40 8.23 16.77
N LEU C 47 36.61 8.76 17.71
CA LEU C 47 35.40 9.48 17.35
C LEU C 47 35.76 10.67 16.45
N LYS C 48 36.82 11.39 16.84
CA LYS C 48 37.29 12.51 16.04
C LYS C 48 37.70 12.06 14.65
N GLU C 49 38.55 11.04 14.59
CA GLU C 49 39.05 10.50 13.32
C GLU C 49 37.90 10.11 12.39
N LEU C 50 36.87 9.46 12.92
CA LEU C 50 35.73 9.06 12.11
C LEU C 50 35.05 10.30 11.51
N MET C 51 34.87 11.34 12.32
CA MET C 51 34.26 12.58 11.85
C MET C 51 35.12 13.21 10.77
N ARG C 52 36.43 13.26 11.01
CA ARG C 52 37.36 13.84 10.05
C ARG C 52 37.24 13.14 8.70
N ARG C 53 37.20 11.81 8.71
CA ARG C 53 37.08 11.04 7.48
C ARG C 53 35.74 11.26 6.76
N MET C 54 34.68 11.49 7.52
CA MET C 54 33.36 11.73 6.92
C MET C 54 33.28 13.12 6.30
N VAL C 55 33.92 14.09 6.96
CA VAL C 55 33.98 15.45 6.44
C VAL C 55 34.89 15.45 5.23
N TYR C 56 36.01 14.77 5.34
CA TYR C 56 36.97 14.68 4.25
C TYR C 56 36.27 14.16 2.98
N THR C 57 35.51 13.08 3.15
CA THR C 57 34.81 12.44 2.03
C THR C 57 33.75 13.33 1.39
N ARG C 58 33.10 14.16 2.22
CA ARG C 58 32.12 15.11 1.70
C ARG C 58 32.78 16.07 0.72
N ILE C 59 33.91 16.66 1.14
CA ILE C 59 34.68 17.58 0.31
C ILE C 59 35.17 16.88 -0.95
N LEU C 60 35.66 15.66 -0.80
CA LEU C 60 36.13 14.87 -1.94
C LEU C 60 35.02 14.79 -3.00
N ASP C 61 33.82 14.45 -2.58
CA ASP C 61 32.69 14.39 -3.47
C ASP C 61 32.51 15.74 -4.17
N GLN C 62 32.43 16.81 -3.38
CA GLN C 62 32.28 18.16 -3.93
C GLN C 62 33.39 18.50 -4.93
N ARG C 63 34.61 18.08 -4.60
CA ARG C 63 35.76 18.34 -5.47
C ARG C 63 35.76 17.47 -6.72
N SER C 64 35.30 16.23 -6.58
CA SER C 64 35.25 15.31 -7.71
C SER C 64 34.22 15.75 -8.73
N ILE C 65 33.07 16.19 -8.25
CA ILE C 65 31.99 16.67 -9.11
C ILE C 65 32.45 17.89 -9.89
N SER C 66 33.12 18.81 -9.20
CA SER C 66 33.64 20.02 -9.83
C SER C 66 34.62 19.63 -10.93
N LEU C 67 35.61 18.83 -10.57
CA LEU C 67 36.63 18.35 -11.50
C LEU C 67 36.04 17.66 -12.74
N ASN C 68 35.01 16.84 -12.53
CA ASN C 68 34.35 16.16 -13.64
C ASN C 68 33.70 17.14 -14.62
N ARG C 69 33.09 18.19 -14.08
CA ARG C 69 32.47 19.22 -14.91
C ARG C 69 33.53 20.05 -15.64
N GLN C 70 34.73 20.07 -15.08
CA GLN C 70 35.85 20.77 -15.70
C GLN C 70 36.53 19.86 -16.72
N GLY C 71 36.09 18.61 -16.80
CA GLY C 71 36.67 17.62 -17.70
C GLY C 71 37.99 17.07 -17.19
N ARG C 72 38.28 17.33 -15.92
CA ARG C 72 39.50 16.88 -15.26
C ARG C 72 39.36 15.43 -14.78
N LEU C 73 38.13 15.04 -14.47
CA LEU C 73 37.83 13.67 -14.07
C LEU C 73 36.85 13.07 -15.05
N GLY C 74 36.90 11.75 -15.19
CA GLY C 74 35.99 11.04 -16.08
C GLY C 74 34.82 10.49 -15.30
N PHE C 75 34.65 9.17 -15.34
CA PHE C 75 33.55 8.51 -14.65
C PHE C 75 33.55 8.80 -13.16
N TYR C 76 32.47 9.39 -12.69
CA TYR C 76 32.34 9.66 -11.27
C TYR C 76 30.91 9.40 -10.77
N ALA C 77 30.82 8.64 -9.69
CA ALA C 77 29.54 8.33 -9.06
C ALA C 77 29.53 8.93 -7.66
N PRO C 78 28.87 10.10 -7.52
CA PRO C 78 28.74 10.85 -6.26
C PRO C 78 28.45 10.02 -5.02
N THR C 79 28.95 10.48 -3.88
CA THR C 79 28.84 9.74 -2.63
C THR C 79 28.21 10.55 -1.48
N ALA C 80 28.14 11.87 -1.63
CA ALA C 80 27.59 12.74 -0.59
C ALA C 80 26.27 12.19 -0.03
N GLY C 81 26.22 12.03 1.29
CA GLY C 81 25.03 11.51 1.96
C GLY C 81 25.20 10.08 2.44
N GLN C 82 26.15 9.36 1.84
CA GLN C 82 26.42 7.98 2.23
C GLN C 82 27.68 7.86 3.08
N GLU C 83 28.10 8.96 3.71
CA GLU C 83 29.31 8.94 4.52
C GLU C 83 29.31 7.90 5.65
N ALA C 84 28.24 7.84 6.42
CA ALA C 84 28.15 6.86 7.49
C ALA C 84 28.23 5.44 6.92
N SER C 85 27.43 5.19 5.89
CA SER C 85 27.37 3.88 5.26
C SER C 85 28.73 3.43 4.73
N GLN C 86 29.45 4.33 4.07
CA GLN C 86 30.75 4.00 3.49
C GLN C 86 31.93 4.10 4.47
N ILE C 87 32.01 5.24 5.17
CA ILE C 87 33.15 5.51 6.05
C ILE C 87 33.12 4.78 7.40
N ALA C 88 31.98 4.79 8.07
CA ALA C 88 31.86 4.11 9.36
C ALA C 88 31.97 2.60 9.21
N SER C 89 31.49 2.06 8.08
CA SER C 89 31.60 0.63 7.84
C SER C 89 33.07 0.29 7.68
N HIS C 90 33.79 1.10 6.92
CA HIS C 90 35.22 0.89 6.74
C HIS C 90 36.00 1.12 8.03
N PHE C 91 35.51 2.01 8.90
CA PHE C 91 36.22 2.33 10.13
C PHE C 91 36.30 1.12 11.06
N ALA C 92 35.45 0.12 10.81
CA ALA C 92 35.42 -1.10 11.63
C ALA C 92 36.34 -2.20 11.12
N LEU C 93 36.92 -2.01 9.95
CA LEU C 93 37.81 -3.00 9.35
C LEU C 93 39.26 -2.88 9.82
N GLU C 94 40.05 -3.90 9.48
CA GLU C 94 41.47 -3.93 9.77
C GLU C 94 42.20 -4.05 8.44
N LYS C 95 43.48 -3.68 8.44
CA LYS C 95 44.33 -3.73 7.25
C LYS C 95 44.20 -5.06 6.49
N GLU C 96 44.18 -6.16 7.25
CA GLU C 96 44.09 -7.50 6.68
C GLU C 96 42.77 -7.82 5.96
N ASP C 97 41.72 -7.05 6.24
CA ASP C 97 40.44 -7.28 5.58
C ASP C 97 40.51 -6.92 4.10
N PHE C 98 39.77 -7.65 3.28
CA PHE C 98 39.79 -7.46 1.83
C PHE C 98 38.50 -6.82 1.36
N ILE C 99 38.62 -5.69 0.68
CA ILE C 99 37.46 -4.96 0.18
C ILE C 99 37.21 -5.19 -1.31
N LEU C 100 35.96 -5.49 -1.65
CA LEU C 100 35.56 -5.66 -3.04
C LEU C 100 34.46 -4.64 -3.30
N PRO C 101 34.85 -3.42 -3.68
CA PRO C 101 33.90 -2.33 -3.88
C PRO C 101 33.20 -2.34 -5.23
N GLY C 102 32.18 -1.51 -5.34
CA GLY C 102 31.47 -1.27 -6.58
C GLY C 102 31.95 0.07 -7.11
N TYR C 103 31.34 0.52 -8.19
CA TYR C 103 31.72 1.78 -8.85
C TYR C 103 31.61 3.04 -7.99
N ARG C 104 30.78 3.01 -6.95
CA ARG C 104 30.55 4.19 -6.10
C ARG C 104 31.32 4.13 -4.79
N ASP C 105 31.95 2.97 -4.53
CA ASP C 105 32.67 2.77 -3.28
C ASP C 105 34.16 3.04 -3.37
N VAL C 106 34.49 4.18 -3.98
CA VAL C 106 35.88 4.60 -4.10
C VAL C 106 36.43 5.11 -2.76
N PRO C 107 35.61 5.84 -1.99
CA PRO C 107 36.08 6.30 -0.68
C PRO C 107 36.58 5.16 0.21
N GLN C 108 35.83 4.06 0.29
CA GLN C 108 36.27 2.92 1.13
C GLN C 108 37.67 2.44 0.80
N ILE C 109 37.96 2.30 -0.49
CA ILE C 109 39.28 1.80 -0.89
C ILE C 109 40.39 2.84 -0.75
N ILE C 110 40.04 4.12 -0.73
CA ILE C 110 41.01 5.19 -0.51
C ILE C 110 41.55 5.05 0.90
N TRP C 111 40.64 5.05 1.86
CA TRP C 111 41.00 4.95 3.28
C TRP C 111 41.68 3.63 3.60
N HIS C 112 41.50 2.64 2.74
CA HIS C 112 42.10 1.34 2.99
C HIS C 112 43.52 1.24 2.40
N GLY C 113 43.95 2.29 1.71
CA GLY C 113 45.31 2.32 1.16
C GLY C 113 45.52 2.78 -0.27
N LEU C 114 44.45 2.95 -1.03
CA LEU C 114 44.61 3.39 -2.41
C LEU C 114 44.87 4.89 -2.47
N PRO C 115 46.06 5.28 -2.97
CA PRO C 115 46.41 6.69 -3.08
C PRO C 115 45.37 7.47 -3.88
N LEU C 116 45.11 8.69 -3.45
CA LEU C 116 44.09 9.53 -4.07
C LEU C 116 44.27 9.76 -5.56
N TYR C 117 45.52 9.93 -6.02
CA TYR C 117 45.75 10.18 -7.44
C TYR C 117 45.37 8.96 -8.28
N GLN C 118 45.54 7.76 -7.72
CA GLN C 118 45.17 6.55 -8.43
C GLN C 118 43.65 6.43 -8.52
N ALA C 119 42.96 7.00 -7.54
CA ALA C 119 41.50 6.98 -7.55
C ALA C 119 41.03 7.86 -8.71
N PHE C 120 41.69 9.00 -8.87
CA PHE C 120 41.37 9.93 -9.96
C PHE C 120 41.71 9.32 -11.31
N LEU C 121 42.79 8.52 -11.36
CA LEU C 121 43.21 7.86 -12.58
C LEU C 121 42.21 6.81 -13.00
N PHE C 122 41.58 6.18 -12.01
CA PHE C 122 40.54 5.21 -12.29
C PHE C 122 39.40 5.94 -12.97
N SER C 123 39.07 7.12 -12.45
CA SER C 123 37.99 7.94 -12.99
C SER C 123 38.27 8.30 -14.44
N ARG C 124 39.48 8.78 -14.71
CA ARG C 124 39.88 9.17 -16.05
C ARG C 124 39.94 8.00 -17.03
N GLY C 125 40.44 6.87 -16.56
CA GLY C 125 40.57 5.69 -17.41
C GLY C 125 42.03 5.41 -17.73
N HIS C 126 42.80 5.09 -16.69
CA HIS C 126 44.21 4.79 -16.85
C HIS C 126 44.48 3.51 -16.06
N PHE C 127 45.19 2.55 -16.67
CA PHE C 127 45.47 1.28 -16.01
C PHE C 127 46.20 1.45 -14.68
N HIS C 128 47.07 2.45 -14.59
CA HIS C 128 47.83 2.68 -13.37
C HIS C 128 46.96 2.97 -12.15
N GLY C 129 45.77 3.50 -12.38
CA GLY C 129 44.84 3.78 -11.30
C GLY C 129 44.45 2.50 -10.59
N ASN C 130 44.43 1.39 -11.32
CA ASN C 130 44.08 0.09 -10.75
C ASN C 130 45.27 -0.69 -10.21
N GLN C 131 46.48 -0.16 -10.38
CA GLN C 131 47.68 -0.81 -9.87
C GLN C 131 47.82 -0.57 -8.37
N ILE C 132 46.94 -1.20 -7.63
CA ILE C 132 46.88 -1.10 -6.18
C ILE C 132 48.21 -1.49 -5.55
N PRO C 133 48.67 -0.71 -4.55
CA PRO C 133 49.92 -1.02 -3.89
C PRO C 133 49.88 -2.42 -3.28
N GLU C 134 51.03 -3.08 -3.22
CA GLU C 134 51.12 -4.40 -2.62
C GLU C 134 50.83 -4.28 -1.12
N GLY C 135 50.07 -5.23 -0.59
CA GLY C 135 49.72 -5.21 0.83
C GLY C 135 48.42 -4.49 1.11
N VAL C 136 47.97 -3.69 0.15
CA VAL C 136 46.67 -3.03 0.27
C VAL C 136 45.65 -4.02 -0.28
N ASN C 137 44.72 -4.43 0.57
CA ASN C 137 43.75 -5.47 0.19
C ASN C 137 42.42 -4.98 -0.37
N VAL C 138 42.42 -4.58 -1.63
CA VAL C 138 41.21 -4.15 -2.31
C VAL C 138 41.32 -4.49 -3.79
N LEU C 139 40.18 -4.42 -4.47
CA LEU C 139 40.12 -4.56 -5.91
C LEU C 139 39.63 -3.22 -6.41
N PRO C 140 39.92 -2.90 -7.68
CA PRO C 140 39.37 -1.66 -8.20
C PRO C 140 37.85 -1.79 -8.23
N PRO C 141 37.13 -0.65 -8.25
CA PRO C 141 35.67 -0.65 -8.27
C PRO C 141 35.08 -1.56 -9.34
N GLN C 142 34.12 -2.40 -8.95
CA GLN C 142 33.48 -3.32 -9.88
C GLN C 142 32.35 -2.63 -10.64
N ILE C 143 32.42 -2.67 -11.96
CA ILE C 143 31.40 -2.05 -12.82
C ILE C 143 30.20 -2.98 -13.05
N ILE C 144 30.42 -4.29 -12.95
CA ILE C 144 29.33 -5.27 -13.13
C ILE C 144 28.60 -5.54 -11.82
N ILE C 145 27.42 -4.95 -11.68
CA ILE C 145 26.62 -5.08 -10.48
C ILE C 145 26.35 -6.54 -10.12
N GLY C 146 26.86 -6.95 -8.95
CA GLY C 146 26.66 -8.32 -8.48
C GLY C 146 27.91 -9.18 -8.57
N ALA C 147 28.78 -8.88 -9.53
CA ALA C 147 30.01 -9.64 -9.71
C ALA C 147 30.83 -9.66 -8.43
N GLN C 148 30.91 -8.52 -7.74
CA GLN C 148 31.69 -8.42 -6.52
C GLN C 148 31.19 -9.36 -5.42
N TYR C 149 29.90 -9.68 -5.45
CA TYR C 149 29.31 -10.56 -4.44
C TYR C 149 29.81 -12.00 -4.50
N ILE C 150 29.82 -12.59 -5.69
CA ILE C 150 30.29 -13.97 -5.84
C ILE C 150 31.82 -14.06 -5.71
N GLN C 151 32.51 -12.98 -6.04
CA GLN C 151 33.96 -12.95 -5.88
C GLN C 151 34.29 -12.86 -4.39
N ALA C 152 33.53 -12.05 -3.66
CA ALA C 152 33.72 -11.88 -2.21
C ALA C 152 33.62 -13.20 -1.47
N ALA C 153 32.71 -14.07 -1.91
CA ALA C 153 32.53 -15.38 -1.29
C ALA C 153 33.79 -16.21 -1.45
N GLY C 154 34.42 -16.09 -2.62
CA GLY C 154 35.65 -16.81 -2.91
C GLY C 154 36.82 -16.27 -2.11
N VAL C 155 36.90 -14.96 -1.99
CA VAL C 155 37.96 -14.31 -1.22
C VAL C 155 37.84 -14.75 0.24
N ALA C 156 36.61 -14.70 0.76
CA ALA C 156 36.33 -15.09 2.13
C ALA C 156 36.73 -16.55 2.35
N LEU C 157 36.43 -17.40 1.38
CA LEU C 157 36.80 -18.80 1.46
C LEU C 157 38.33 -18.95 1.49
N GLY C 158 39.01 -18.14 0.69
CA GLY C 158 40.47 -18.15 0.65
C GLY C 158 41.07 -17.79 2.00
N LEU C 159 40.55 -16.73 2.61
CA LEU C 159 41.02 -16.30 3.93
C LEU C 159 40.81 -17.40 4.95
N LYS C 160 39.62 -18.01 4.92
CA LYS C 160 39.28 -19.09 5.83
C LYS C 160 40.23 -20.28 5.66
N MET C 161 40.51 -20.63 4.40
CA MET C 161 41.40 -21.74 4.09
C MET C 161 42.84 -21.54 4.56
N ARG C 162 43.31 -20.30 4.52
CA ARG C 162 44.67 -20.00 4.98
C ARG C 162 44.67 -19.72 6.48
N GLY C 163 43.50 -19.80 7.10
CA GLY C 163 43.35 -19.61 8.54
C GLY C 163 43.64 -18.21 9.04
N LYS C 164 43.33 -17.21 8.21
CA LYS C 164 43.56 -15.82 8.59
C LYS C 164 42.35 -15.21 9.28
N LYS C 165 42.59 -14.58 10.44
CA LYS C 165 41.52 -13.88 11.16
C LYS C 165 41.20 -12.55 10.48
N ALA C 166 40.60 -12.64 9.30
CA ALA C 166 40.22 -11.48 8.51
C ALA C 166 38.93 -11.77 7.75
N VAL C 167 38.29 -10.73 7.26
CA VAL C 167 37.04 -10.90 6.53
C VAL C 167 37.09 -10.26 5.14
N ALA C 168 36.20 -10.73 4.28
CA ALA C 168 36.03 -10.13 2.97
C ALA C 168 34.77 -9.29 3.09
N ILE C 169 34.84 -8.04 2.65
CA ILE C 169 33.65 -7.20 2.69
C ILE C 169 33.42 -6.60 1.30
N THR C 170 32.16 -6.57 0.90
CA THR C 170 31.79 -6.05 -0.40
C THR C 170 30.56 -5.15 -0.27
N TYR C 171 30.34 -4.30 -1.28
CA TYR C 171 29.22 -3.37 -1.25
C TYR C 171 28.43 -3.35 -2.56
N THR C 172 27.12 -3.26 -2.45
CA THR C 172 26.25 -3.07 -3.61
C THR C 172 25.05 -2.23 -3.19
N GLY C 173 24.30 -1.71 -4.17
CA GLY C 173 23.13 -0.90 -3.86
C GLY C 173 21.83 -1.68 -3.83
N ASP C 174 20.73 -0.94 -3.66
CA ASP C 174 19.39 -1.54 -3.65
C ASP C 174 19.08 -2.27 -4.95
N GLY C 175 19.46 -1.67 -6.07
CA GLY C 175 19.23 -2.29 -7.38
C GLY C 175 19.93 -3.62 -7.52
N GLY C 176 21.15 -3.71 -7.02
CA GLY C 176 21.97 -4.92 -7.11
C GLY C 176 21.38 -6.15 -6.44
N THR C 177 20.48 -5.94 -5.49
CA THR C 177 19.88 -7.05 -4.77
C THR C 177 18.99 -7.89 -5.69
N SER C 178 18.65 -7.35 -6.86
CA SER C 178 17.82 -8.08 -7.82
C SER C 178 18.63 -9.00 -8.73
N GLN C 179 19.94 -8.83 -8.73
CA GLN C 179 20.83 -9.64 -9.56
C GLN C 179 20.97 -11.05 -9.02
N GLY C 180 21.20 -12.00 -9.92
CA GLY C 180 21.41 -13.40 -9.53
C GLY C 180 22.70 -13.58 -8.76
N ASP C 181 23.75 -12.89 -9.20
CA ASP C 181 25.06 -12.96 -8.54
C ASP C 181 25.01 -12.52 -7.08
N PHE C 182 24.13 -11.58 -6.78
CA PHE C 182 23.94 -11.12 -5.42
C PHE C 182 23.47 -12.28 -4.54
N TYR C 183 22.47 -13.00 -5.02
CA TYR C 183 21.93 -14.14 -4.29
C TYR C 183 22.90 -15.32 -4.25
N GLU C 184 23.60 -15.57 -5.35
CA GLU C 184 24.58 -16.65 -5.38
C GLU C 184 25.77 -16.34 -4.48
N GLY C 185 26.13 -15.07 -4.37
CA GLY C 185 27.22 -14.64 -3.52
C GLY C 185 26.96 -14.96 -2.07
N ILE C 186 25.83 -14.47 -1.56
CA ILE C 186 25.47 -14.71 -0.15
C ILE C 186 25.20 -16.18 0.17
N ASN C 187 24.64 -16.92 -0.79
CA ASN C 187 24.35 -18.34 -0.58
C ASN C 187 25.62 -19.19 -0.49
N PHE C 188 26.56 -18.97 -1.42
CA PHE C 188 27.83 -19.67 -1.40
C PHE C 188 28.61 -19.43 -0.10
N ALA C 189 28.63 -18.19 0.36
CA ALA C 189 29.35 -17.83 1.58
C ALA C 189 28.68 -18.52 2.78
N GLY C 190 27.35 -18.62 2.73
CA GLY C 190 26.60 -19.27 3.79
C GLY C 190 26.87 -20.77 3.77
N ALA C 191 26.81 -21.35 2.58
CA ALA C 191 27.07 -22.78 2.39
C ALA C 191 28.47 -23.17 2.86
N PHE C 192 29.44 -22.28 2.65
CA PHE C 192 30.83 -22.54 3.05
C PHE C 192 31.18 -21.91 4.38
N LYS C 193 30.21 -21.26 5.02
CA LYS C 193 30.41 -20.62 6.31
C LYS C 193 31.66 -19.74 6.22
N ALA C 194 31.75 -18.96 5.16
CA ALA C 194 32.88 -18.11 4.88
C ALA C 194 32.76 -16.74 5.53
N PRO C 195 33.88 -16.22 6.06
CA PRO C 195 33.92 -14.90 6.71
C PRO C 195 33.72 -13.75 5.72
N ALA C 196 32.48 -13.50 5.32
CA ALA C 196 32.20 -12.41 4.39
C ALA C 196 31.16 -11.44 4.95
N ILE C 197 31.40 -10.15 4.76
CA ILE C 197 30.44 -9.15 5.19
C ILE C 197 29.82 -8.53 3.94
N PHE C 198 28.51 -8.75 3.77
CA PHE C 198 27.79 -8.23 2.61
C PHE C 198 27.01 -6.97 2.96
N VAL C 199 27.41 -5.84 2.40
CA VAL C 199 26.74 -4.59 2.65
C VAL C 199 25.86 -4.16 1.47
N VAL C 200 24.60 -3.88 1.76
CA VAL C 200 23.65 -3.38 0.77
C VAL C 200 23.32 -1.94 1.14
N GLN C 201 23.73 -1.00 0.29
CA GLN C 201 23.49 0.40 0.56
C GLN C 201 22.23 0.82 -0.18
N ASN C 202 21.14 0.94 0.58
CA ASN C 202 19.85 1.29 0.02
C ASN C 202 19.59 2.79 0.03
N ASN C 203 19.98 3.46 -1.05
CA ASN C 203 19.75 4.89 -1.17
C ASN C 203 18.41 5.18 -1.85
N ARG C 204 17.55 4.16 -1.89
CA ARG C 204 16.23 4.26 -2.45
C ARG C 204 16.13 4.23 -3.95
N PHE C 205 17.23 4.36 -4.62
CA PHE C 205 17.24 4.42 -6.04
C PHE C 205 18.31 3.60 -6.70
N ALA C 206 17.91 2.99 -7.80
CA ALA C 206 18.78 2.36 -8.74
C ALA C 206 18.61 3.15 -9.99
N ALA C 207 19.52 4.07 -10.17
CA ALA C 207 19.43 5.15 -11.11
C ALA C 207 18.04 5.63 -10.90
N SER C 208 17.33 5.82 -11.98
CA SER C 208 16.02 6.39 -11.96
C SER C 208 14.95 5.57 -11.29
N THR C 209 15.26 4.33 -10.97
CA THR C 209 14.31 3.36 -10.49
C THR C 209 14.21 3.28 -8.97
N PRO C 210 13.02 3.56 -8.46
CA PRO C 210 12.73 3.52 -7.04
C PRO C 210 12.78 2.13 -6.53
N VAL C 211 13.10 1.92 -5.28
CA VAL C 211 13.37 0.63 -4.71
C VAL C 211 12.18 -0.28 -4.67
N GLU C 212 11.01 0.28 -4.81
CA GLU C 212 9.77 -0.49 -4.83
C GLU C 212 9.56 -1.29 -6.11
N LYS C 213 10.15 -0.83 -7.21
CA LYS C 213 10.05 -1.54 -8.49
C LYS C 213 11.02 -2.71 -8.58
N GLN C 214 11.97 -2.76 -7.65
CA GLN C 214 12.97 -3.82 -7.61
C GLN C 214 12.43 -5.11 -7.00
N THR C 215 11.69 -4.99 -5.91
CA THR C 215 11.18 -6.13 -5.19
C THR C 215 9.98 -5.71 -4.33
N VAL C 216 9.18 -6.67 -3.89
CA VAL C 216 8.05 -6.36 -3.02
C VAL C 216 8.42 -6.71 -1.57
N ALA C 217 9.66 -7.18 -1.39
CA ALA C 217 10.17 -7.49 -0.07
C ALA C 217 10.15 -6.24 0.80
N LYS C 218 9.57 -6.36 1.98
CA LYS C 218 9.46 -5.24 2.91
C LYS C 218 10.83 -4.62 3.20
N THR C 219 11.84 -5.46 3.38
CA THR C 219 13.20 -4.97 3.62
C THR C 219 14.15 -5.69 2.66
N LEU C 220 15.36 -5.17 2.53
CA LEU C 220 16.37 -5.79 1.68
C LEU C 220 17.23 -6.71 2.52
N ALA C 221 17.33 -6.40 3.81
CA ALA C 221 18.11 -7.18 4.76
C ALA C 221 17.53 -8.58 4.93
N GLN C 222 16.23 -8.71 4.72
CA GLN C 222 15.55 -9.99 4.87
C GLN C 222 15.91 -10.97 3.75
N LYS C 223 16.59 -10.47 2.72
CA LYS C 223 17.00 -11.33 1.61
C LYS C 223 18.06 -12.33 2.06
N ALA C 224 18.61 -12.11 3.25
CA ALA C 224 19.59 -13.01 3.84
C ALA C 224 18.91 -14.32 4.22
N VAL C 225 17.62 -14.25 4.53
CA VAL C 225 16.86 -15.44 4.89
C VAL C 225 16.98 -16.49 3.79
N ALA C 226 17.01 -16.04 2.54
CA ALA C 226 17.14 -16.95 1.40
C ALA C 226 18.43 -17.75 1.47
N ALA C 227 19.49 -17.13 1.98
CA ALA C 227 20.78 -17.78 2.10
C ALA C 227 20.98 -18.46 3.46
N GLY C 228 20.05 -18.21 4.38
CA GLY C 228 20.14 -18.80 5.72
C GLY C 228 21.16 -18.12 6.62
N ILE C 229 21.58 -16.92 6.24
CA ILE C 229 22.55 -16.16 7.02
C ILE C 229 21.88 -14.96 7.68
N PRO C 230 22.46 -14.47 8.78
CA PRO C 230 21.89 -13.32 9.49
C PRO C 230 21.80 -12.09 8.61
N GLY C 231 20.80 -11.24 8.89
CA GLY C 231 20.59 -10.01 8.16
C GLY C 231 20.31 -8.89 9.14
N ILE C 232 20.82 -7.69 8.84
CA ILE C 232 20.66 -6.55 9.73
C ILE C 232 20.25 -5.30 8.95
N GLN C 233 19.24 -4.59 9.42
CA GLN C 233 18.86 -3.33 8.78
C GLN C 233 19.30 -2.23 9.73
N VAL C 234 20.08 -1.29 9.21
CA VAL C 234 20.61 -0.23 10.04
C VAL C 234 20.34 1.15 9.44
N ASP C 235 20.31 2.15 10.31
CA ASP C 235 20.16 3.52 9.88
C ASP C 235 21.47 3.93 9.22
N GLY C 236 21.47 3.97 7.89
CA GLY C 236 22.66 4.30 7.11
C GLY C 236 23.16 5.74 7.22
N MET C 237 22.45 6.55 7.99
CA MET C 237 22.85 7.94 8.20
C MET C 237 23.43 8.09 9.59
N ASP C 238 23.59 6.94 10.25
CA ASP C 238 24.10 6.88 11.63
C ASP C 238 25.45 6.18 11.65
N PRO C 239 26.53 6.94 11.86
CA PRO C 239 27.89 6.41 11.89
C PRO C 239 28.07 5.30 12.93
N LEU C 240 27.67 5.58 14.16
CA LEU C 240 27.81 4.61 15.25
C LEU C 240 27.07 3.30 14.97
N ALA C 241 25.86 3.40 14.45
CA ALA C 241 25.07 2.22 14.11
C ALA C 241 25.73 1.39 13.03
N VAL C 242 26.17 2.04 11.96
CA VAL C 242 26.82 1.34 10.85
C VAL C 242 28.10 0.66 11.37
N TYR C 243 28.90 1.41 12.11
CA TYR C 243 30.13 0.88 12.69
C TYR C 243 29.85 -0.35 13.55
N ALA C 244 28.93 -0.18 14.51
CA ALA C 244 28.56 -1.25 15.44
C ALA C 244 28.13 -2.53 14.71
N ALA C 245 27.29 -2.37 13.69
CA ALA C 245 26.80 -3.52 12.92
C ALA C 245 27.91 -4.25 12.18
N VAL C 246 28.81 -3.49 11.57
CA VAL C 246 29.93 -4.07 10.83
C VAL C 246 30.94 -4.71 11.79
N LYS C 247 31.20 -4.05 12.91
CA LYS C 247 32.15 -4.57 13.88
C LYS C 247 31.67 -5.91 14.43
N ALA C 248 30.38 -6.00 14.72
CA ALA C 248 29.79 -7.24 15.20
C ALA C 248 29.94 -8.32 14.13
N ALA C 249 29.56 -7.99 12.90
CA ALA C 249 29.67 -8.91 11.78
C ALA C 249 31.11 -9.38 11.58
N ARG C 250 32.07 -8.47 11.80
CA ARG C 250 33.47 -8.80 11.67
C ARG C 250 33.88 -9.79 12.78
N GLU C 251 33.51 -9.44 14.01
CA GLU C 251 33.79 -10.28 15.18
C GLU C 251 33.21 -11.67 14.99
N ARG C 252 31.98 -11.72 14.49
CA ARG C 252 31.29 -12.98 14.24
C ARG C 252 31.98 -13.79 13.14
N ALA C 253 32.44 -13.10 12.11
CA ALA C 253 33.09 -13.75 10.97
C ALA C 253 34.48 -14.29 11.30
N ILE C 254 35.27 -13.52 12.03
CA ILE C 254 36.62 -13.98 12.37
C ILE C 254 36.58 -15.15 13.36
N ASN C 255 35.54 -15.16 14.20
CA ASN C 255 35.33 -16.25 15.14
C ASN C 255 34.84 -17.51 14.42
N GLY C 256 34.76 -17.44 13.10
CA GLY C 256 34.37 -18.57 12.25
C GLY C 256 32.88 -18.93 12.23
N GLU C 257 32.03 -17.95 12.48
CA GLU C 257 30.58 -18.21 12.50
C GLU C 257 29.88 -17.92 11.16
N GLY C 258 30.64 -17.50 10.15
CA GLY C 258 30.06 -17.25 8.84
C GLY C 258 29.83 -15.80 8.47
N PRO C 259 29.12 -15.57 7.36
CA PRO C 259 28.82 -14.24 6.82
C PRO C 259 27.60 -13.56 7.43
N THR C 260 27.43 -12.28 7.08
CA THR C 260 26.31 -11.49 7.55
C THR C 260 25.92 -10.47 6.48
N LEU C 261 24.61 -10.27 6.31
CA LEU C 261 24.12 -9.28 5.36
C LEU C 261 23.68 -8.02 6.11
N ILE C 262 24.17 -6.87 5.67
CA ILE C 262 23.81 -5.60 6.30
C ILE C 262 23.20 -4.62 5.30
N GLU C 263 21.97 -4.20 5.59
CA GLU C 263 21.30 -3.21 4.76
C GLU C 263 21.35 -1.85 5.44
N THR C 264 21.97 -0.87 4.79
CA THR C 264 22.04 0.47 5.36
C THR C 264 21.01 1.37 4.67
N LEU C 265 20.18 2.03 5.47
CA LEU C 265 19.16 2.93 4.95
C LEU C 265 19.75 4.32 4.85
N CYS C 266 20.23 4.66 3.66
CA CYS C 266 20.86 5.95 3.43
C CYS C 266 20.23 6.70 2.26
N PHE C 267 20.94 7.71 1.75
CA PHE C 267 20.41 8.56 0.68
C PHE C 267 21.56 9.37 0.09
N ARG C 268 21.59 9.50 -1.23
CA ARG C 268 22.62 10.32 -1.89
C ARG C 268 22.01 11.64 -2.35
N TYR C 269 22.72 12.73 -2.12
CA TYR C 269 22.21 14.06 -2.49
C TYR C 269 22.50 14.45 -3.93
N GLY C 270 23.54 13.85 -4.53
CA GLY C 270 23.90 14.15 -5.91
C GLY C 270 23.18 13.27 -6.92
N PRO C 271 23.56 13.39 -8.19
CA PRO C 271 22.98 12.59 -9.26
C PRO C 271 23.56 11.18 -9.26
N HIS C 272 22.92 10.26 -9.98
CA HIS C 272 23.39 8.88 -10.05
C HIS C 272 24.86 8.82 -10.47
N THR C 273 25.16 9.45 -11.60
CA THR C 273 26.52 9.57 -12.11
C THR C 273 26.64 10.99 -12.66
N MET C 274 27.85 11.37 -13.07
CA MET C 274 28.04 12.73 -13.59
C MET C 274 27.97 12.83 -15.11
N SER C 275 27.10 12.02 -15.72
CA SER C 275 26.95 12.04 -17.16
C SER C 275 25.49 11.85 -17.60
N GLY C 276 24.80 12.97 -17.82
CA GLY C 276 23.41 12.95 -18.29
C GLY C 276 22.32 12.86 -17.24
N ASP C 277 22.54 12.04 -16.21
CA ASP C 277 21.53 11.82 -15.18
C ASP C 277 21.00 13.10 -14.52
N ASP C 278 19.67 13.26 -14.57
CA ASP C 278 19.00 14.38 -13.94
C ASP C 278 17.97 13.85 -12.94
N PRO C 279 18.23 14.05 -11.64
CA PRO C 279 17.37 13.59 -10.54
C PRO C 279 15.94 14.11 -10.58
N THR C 280 15.73 15.30 -11.14
CA THR C 280 14.40 15.90 -11.22
C THR C 280 13.45 15.17 -12.18
N ARG C 281 13.92 14.08 -12.76
CA ARG C 281 13.11 13.30 -13.69
C ARG C 281 12.45 12.09 -13.01
N TYR C 282 12.83 11.82 -11.76
CA TYR C 282 12.29 10.66 -11.04
C TYR C 282 12.02 10.87 -9.54
N ARG C 283 12.53 11.94 -8.96
CA ARG C 283 12.30 12.19 -7.53
C ARG C 283 11.85 13.62 -7.20
N SER C 284 11.21 13.77 -6.05
CA SER C 284 10.65 15.05 -5.61
C SER C 284 11.61 15.91 -4.79
N LYS C 285 11.24 17.18 -4.64
CA LYS C 285 12.02 18.14 -3.86
C LYS C 285 11.69 17.98 -2.38
N GLU C 286 10.43 17.67 -2.09
CA GLU C 286 9.97 17.46 -0.71
C GLU C 286 10.43 16.09 -0.19
N LEU C 287 11.34 15.47 -0.92
CA LEU C 287 11.92 14.18 -0.54
C LEU C 287 13.41 14.37 -0.32
N GLU C 288 13.97 15.33 -1.04
CA GLU C 288 15.40 15.65 -0.93
C GLU C 288 15.67 16.46 0.34
N ASN C 289 14.77 17.41 0.63
CA ASN C 289 14.92 18.26 1.81
C ASN C 289 14.81 17.48 3.12
N GLU C 290 14.05 16.40 3.11
CA GLU C 290 13.89 15.57 4.30
C GLU C 290 15.19 14.90 4.74
N TRP C 291 15.81 14.19 3.81
CA TRP C 291 17.08 13.50 4.09
C TRP C 291 18.25 14.45 4.35
N ALA C 292 17.97 15.75 4.27
CA ALA C 292 18.99 16.77 4.51
C ALA C 292 19.18 16.94 6.01
N LYS C 293 18.11 16.75 6.78
CA LYS C 293 18.18 16.84 8.22
C LYS C 293 18.76 15.56 8.79
N LYS C 294 18.74 14.50 7.97
CA LYS C 294 19.23 13.19 8.37
C LYS C 294 20.72 13.05 8.06
N ASP C 295 21.30 14.08 7.44
CA ASP C 295 22.71 14.10 7.07
C ASP C 295 23.57 13.54 8.20
N PRO C 296 24.36 12.51 7.90
CA PRO C 296 25.25 11.88 8.89
C PRO C 296 26.19 12.87 9.57
N LEU C 297 26.64 13.88 8.83
CA LEU C 297 27.54 14.89 9.39
C LEU C 297 26.88 15.73 10.47
N VAL C 298 25.59 16.00 10.30
CA VAL C 298 24.85 16.83 11.25
C VAL C 298 24.73 16.21 12.64
N ARG C 299 24.10 15.04 12.71
CA ARG C 299 23.88 14.36 13.98
C ARG C 299 25.19 14.02 14.68
N PHE C 300 26.22 13.68 13.92
CA PHE C 300 27.49 13.29 14.52
C PHE C 300 28.22 14.53 15.03
N ARG C 301 28.04 15.65 14.33
CA ARG C 301 28.65 16.90 14.75
C ARG C 301 28.07 17.33 16.10
N LYS C 302 26.75 17.28 16.24
CA LYS C 302 26.09 17.65 17.49
C LYS C 302 26.49 16.70 18.61
N PHE C 303 26.56 15.41 18.29
CA PHE C 303 26.97 14.40 19.25
C PHE C 303 28.36 14.66 19.80
N LEU C 304 29.29 15.01 18.91
CA LEU C 304 30.66 15.29 19.32
C LEU C 304 30.74 16.61 20.08
N GLU C 305 30.00 17.62 19.63
CA GLU C 305 30.00 18.93 20.27
C GLU C 305 29.50 18.88 21.72
N ALA C 306 28.42 18.16 21.96
CA ALA C 306 27.88 18.00 23.31
C ALA C 306 28.93 17.40 24.23
N LYS C 307 29.86 16.66 23.64
CA LYS C 307 30.96 16.06 24.38
C LYS C 307 32.17 16.98 24.39
N GLY C 308 32.08 18.08 23.66
CA GLY C 308 33.18 19.03 23.56
C GLY C 308 34.39 18.43 22.86
N LEU C 309 34.12 17.51 21.93
CA LEU C 309 35.18 16.83 21.21
C LEU C 309 35.31 17.30 19.76
N TRP C 310 34.52 18.29 19.37
CA TRP C 310 34.56 18.80 18.01
C TRP C 310 34.25 20.30 17.97
N SER C 311 34.73 20.97 16.92
CA SER C 311 34.52 22.41 16.76
C SER C 311 34.66 22.80 15.29
N GLU C 312 34.23 24.01 14.93
CA GLU C 312 34.33 24.46 13.55
C GLU C 312 35.77 24.78 13.14
N GLU C 313 36.66 24.95 14.11
CA GLU C 313 38.08 25.17 13.82
C GLU C 313 38.69 23.88 13.29
N GLU C 314 38.49 22.78 14.01
CA GLU C 314 39.01 21.49 13.57
C GLU C 314 38.37 21.06 12.25
N GLU C 315 37.08 21.33 12.10
CA GLU C 315 36.37 20.96 10.89
C GLU C 315 36.90 21.72 9.67
N ASN C 316 37.17 23.01 9.84
CA ASN C 316 37.73 23.82 8.75
C ASN C 316 39.14 23.39 8.37
N ASN C 317 39.89 22.90 9.35
CA ASN C 317 41.24 22.41 9.10
C ASN C 317 41.21 21.17 8.22
N VAL C 318 40.29 20.26 8.53
CA VAL C 318 40.13 19.03 7.75
C VAL C 318 39.67 19.39 6.34
N ILE C 319 38.77 20.35 6.24
CA ILE C 319 38.26 20.81 4.96
C ILE C 319 39.38 21.33 4.06
N GLU C 320 40.22 22.20 4.62
CA GLU C 320 41.34 22.77 3.87
C GLU C 320 42.43 21.73 3.57
N GLN C 321 42.63 20.80 4.50
CA GLN C 321 43.60 19.73 4.28
C GLN C 321 43.14 18.86 3.13
N ALA C 322 41.83 18.63 3.07
CA ALA C 322 41.22 17.83 2.02
C ALA C 322 41.41 18.49 0.65
N LYS C 323 41.15 19.80 0.57
CA LYS C 323 41.29 20.52 -0.68
C LYS C 323 42.73 20.52 -1.19
N GLU C 324 43.67 20.70 -0.27
CA GLU C 324 45.09 20.73 -0.61
C GLU C 324 45.51 19.36 -1.16
N GLU C 325 45.02 18.30 -0.53
CA GLU C 325 45.35 16.95 -0.96
C GLU C 325 44.69 16.60 -2.29
N ILE C 326 43.46 17.07 -2.52
CA ILE C 326 42.78 16.85 -3.78
C ILE C 326 43.60 17.54 -4.87
N LYS C 327 44.05 18.76 -4.55
CA LYS C 327 44.87 19.58 -5.44
C LYS C 327 46.08 18.79 -5.93
N GLU C 328 46.84 18.22 -5.01
CA GLU C 328 48.04 17.46 -5.37
C GLU C 328 47.75 16.14 -6.10
N ALA C 329 46.63 15.52 -5.75
CA ALA C 329 46.24 14.26 -6.37
C ALA C 329 45.89 14.43 -7.85
N ILE C 330 45.11 15.46 -8.16
CA ILE C 330 44.71 15.70 -9.54
C ILE C 330 45.92 16.08 -10.39
N LYS C 331 46.90 16.74 -9.76
CA LYS C 331 48.13 17.13 -10.42
C LYS C 331 48.99 15.90 -10.70
N LYS C 332 49.10 15.03 -9.70
CA LYS C 332 49.90 13.81 -9.83
C LYS C 332 49.33 12.86 -10.88
N ALA C 333 48.01 12.89 -11.05
CA ALA C 333 47.36 12.05 -12.04
C ALA C 333 47.64 12.58 -13.44
N ASP C 334 47.57 13.91 -13.58
CA ASP C 334 47.85 14.57 -14.86
C ASP C 334 49.27 14.31 -15.32
N GLU C 335 50.18 14.15 -14.37
CA GLU C 335 51.59 13.92 -14.67
C GLU C 335 51.91 12.46 -14.97
N THR C 336 50.92 11.58 -14.79
CA THR C 336 51.11 10.16 -15.10
C THR C 336 51.22 10.04 -16.62
N PRO C 337 52.28 9.36 -17.11
CA PRO C 337 52.47 9.22 -18.54
C PRO C 337 51.26 8.56 -19.20
N LYS C 338 50.98 8.94 -20.44
CA LYS C 338 49.85 8.38 -21.16
C LYS C 338 50.07 6.90 -21.49
N GLN C 339 48.98 6.16 -21.64
CA GLN C 339 49.06 4.74 -21.92
C GLN C 339 49.37 4.47 -23.39
N LYS C 340 50.24 3.50 -23.64
CA LYS C 340 50.58 3.09 -24.99
C LYS C 340 49.96 1.72 -25.22
N VAL C 341 49.61 1.41 -26.46
CA VAL C 341 49.04 0.10 -26.79
C VAL C 341 49.95 -1.03 -26.31
N THR C 342 51.26 -0.82 -26.39
CA THR C 342 52.23 -1.83 -25.94
C THR C 342 52.10 -2.07 -24.44
N ASP C 343 51.68 -1.05 -23.70
CA ASP C 343 51.47 -1.17 -22.26
C ASP C 343 50.31 -2.11 -21.98
N LEU C 344 49.21 -1.92 -22.70
CA LEU C 344 48.01 -2.72 -22.53
C LEU C 344 48.23 -4.16 -22.99
N ILE C 345 49.12 -4.35 -23.95
CA ILE C 345 49.46 -5.68 -24.45
C ILE C 345 50.28 -6.44 -23.41
N SER C 346 51.28 -5.75 -22.84
CA SER C 346 52.17 -6.36 -21.85
C SER C 346 51.46 -6.86 -20.60
N ILE C 347 50.36 -6.20 -20.23
CA ILE C 347 49.64 -6.57 -19.01
C ILE C 347 48.54 -7.61 -19.25
N MET C 348 48.45 -8.14 -20.46
CA MET C 348 47.43 -9.13 -20.79
C MET C 348 47.70 -10.52 -20.20
N PHE C 349 48.93 -11.00 -20.34
CA PHE C 349 49.33 -12.31 -19.85
C PHE C 349 50.68 -12.22 -19.18
N GLU C 350 51.10 -13.30 -18.52
CA GLU C 350 52.42 -13.34 -17.92
C GLU C 350 53.39 -13.46 -19.09
N GLU C 351 53.17 -14.47 -19.93
CA GLU C 351 53.95 -14.62 -21.15
C GLU C 351 52.99 -14.53 -22.32
N LEU C 352 53.20 -13.53 -23.15
CA LEU C 352 52.33 -13.26 -24.30
C LEU C 352 52.18 -14.44 -25.25
N PRO C 353 50.97 -14.62 -25.78
CA PRO C 353 50.72 -15.63 -26.79
C PRO C 353 51.22 -15.08 -28.14
N PHE C 354 51.29 -15.94 -29.14
CA PHE C 354 51.80 -15.56 -30.46
C PHE C 354 51.13 -14.32 -31.07
N ASN C 355 49.81 -14.29 -31.10
CA ASN C 355 49.09 -13.15 -31.68
C ASN C 355 49.46 -11.81 -31.05
N LEU C 356 49.72 -11.81 -29.74
CA LEU C 356 50.11 -10.59 -29.04
C LEU C 356 51.57 -10.24 -29.22
N LYS C 357 52.42 -11.24 -29.40
CA LYS C 357 53.84 -11.01 -29.65
C LYS C 357 53.99 -10.24 -30.96
N GLU C 358 53.24 -10.65 -31.98
CA GLU C 358 53.25 -9.97 -33.27
C GLU C 358 52.78 -8.54 -33.15
N GLN C 359 51.58 -8.37 -32.61
CA GLN C 359 50.97 -7.05 -32.44
C GLN C 359 51.84 -6.14 -31.57
N TYR C 360 52.56 -6.73 -30.63
CA TYR C 360 53.44 -5.95 -29.77
C TYR C 360 54.49 -5.27 -30.63
N GLU C 361 55.08 -6.02 -31.56
CA GLU C 361 56.09 -5.48 -32.47
C GLU C 361 55.51 -4.39 -33.36
N ILE C 362 54.30 -4.63 -33.88
CA ILE C 362 53.62 -3.65 -34.72
C ILE C 362 53.47 -2.29 -34.06
N TYR C 363 52.96 -2.28 -32.82
CA TYR C 363 52.75 -1.04 -32.10
C TYR C 363 54.02 -0.46 -31.48
N LYS C 364 55.01 -1.32 -31.29
CA LYS C 364 56.30 -0.88 -30.77
C LYS C 364 56.96 -0.11 -31.88
N GLU C 365 56.63 -0.49 -33.12
CA GLU C 365 57.16 0.12 -34.32
C GLU C 365 56.50 1.49 -34.49
N LYS C 366 55.18 1.49 -34.33
CA LYS C 366 54.36 2.69 -34.48
C LYS C 366 54.68 3.77 -33.44
N GLU C 367 54.96 3.33 -32.21
CA GLU C 367 55.26 4.23 -31.10
C GLU C 367 56.63 4.88 -31.18
N SER C 368 57.48 4.37 -32.08
CA SER C 368 58.84 4.91 -32.26
C SER C 368 58.84 6.23 -33.03
N LYS C 369 57.95 6.34 -34.02
CA LYS C 369 57.84 7.54 -34.84
C LYS C 369 59.20 8.08 -35.32
N ALA D 2 52.50 -45.62 -19.33
CA ALA D 2 51.46 -46.69 -19.24
C ALA D 2 50.28 -46.39 -20.15
N GLN D 3 49.61 -47.45 -20.60
CA GLN D 3 48.45 -47.32 -21.45
C GLN D 3 47.32 -46.65 -20.66
N MET D 4 46.90 -45.46 -21.11
CA MET D 4 45.84 -44.73 -20.43
C MET D 4 44.81 -44.21 -21.43
N THR D 5 43.57 -44.09 -20.96
CA THR D 5 42.52 -43.48 -21.76
C THR D 5 42.68 -41.97 -21.56
N MET D 6 41.89 -41.16 -22.24
CA MET D 6 42.03 -39.71 -22.09
C MET D 6 41.61 -39.24 -20.69
N VAL D 7 40.55 -39.84 -20.14
CA VAL D 7 40.09 -39.47 -18.81
C VAL D 7 41.09 -39.90 -17.73
N GLN D 8 41.72 -41.06 -17.93
CA GLN D 8 42.73 -41.55 -16.99
C GLN D 8 43.94 -40.62 -16.96
N ALA D 9 44.37 -40.15 -18.14
CA ALA D 9 45.50 -39.24 -18.25
C ALA D 9 45.18 -37.88 -17.61
N ILE D 10 43.91 -37.49 -17.68
CA ILE D 10 43.46 -36.24 -17.09
C ILE D 10 43.47 -36.36 -15.57
N THR D 11 42.90 -37.45 -15.07
CA THR D 11 42.87 -37.72 -13.63
C THR D 11 44.30 -37.79 -13.08
N ASP D 12 45.19 -38.41 -13.83
CA ASP D 12 46.59 -38.54 -13.44
C ASP D 12 47.24 -37.16 -13.40
N ALA D 13 46.92 -36.32 -14.38
CA ALA D 13 47.46 -34.97 -14.45
C ALA D 13 46.99 -34.10 -13.28
N LEU D 14 45.74 -34.28 -12.88
CA LEU D 14 45.17 -33.54 -11.76
C LEU D 14 45.82 -33.98 -10.45
N ARG D 15 46.08 -35.29 -10.33
CA ARG D 15 46.73 -35.83 -9.16
C ARG D 15 48.16 -35.28 -9.07
N ILE D 16 48.84 -35.16 -10.22
CA ILE D 16 50.19 -34.62 -10.25
C ILE D 16 50.22 -33.18 -9.74
N GLU D 17 49.26 -32.37 -10.15
CA GLU D 17 49.21 -30.97 -9.74
C GLU D 17 48.82 -30.80 -8.27
N LEU D 18 47.88 -31.62 -7.80
CA LEU D 18 47.48 -31.57 -6.40
C LEU D 18 48.66 -31.91 -5.50
N LYS D 19 49.45 -32.91 -5.90
CA LYS D 19 50.62 -33.32 -5.14
C LYS D 19 51.71 -32.24 -5.20
N ASN D 20 52.03 -31.79 -6.41
CA ASN D 20 53.08 -30.80 -6.63
C ASN D 20 52.84 -29.42 -6.00
N ASP D 21 51.62 -28.90 -6.16
CA ASP D 21 51.30 -27.55 -5.69
C ASP D 21 50.07 -27.53 -4.77
N PRO D 22 50.28 -27.29 -3.47
CA PRO D 22 49.22 -27.24 -2.45
C PRO D 22 48.19 -26.13 -2.68
N ASN D 23 48.51 -25.19 -3.55
CA ASN D 23 47.57 -24.13 -3.88
C ASN D 23 46.49 -24.60 -4.85
N VAL D 24 46.75 -25.72 -5.53
CA VAL D 24 45.79 -26.27 -6.48
C VAL D 24 44.52 -26.79 -5.78
N LEU D 25 43.39 -26.28 -6.23
CA LEU D 25 42.09 -26.68 -5.70
C LEU D 25 41.22 -27.18 -6.85
N ILE D 26 40.39 -28.17 -6.58
CA ILE D 26 39.47 -28.71 -7.57
C ILE D 26 38.07 -28.67 -6.99
N PHE D 27 37.14 -28.01 -7.69
CA PHE D 27 35.78 -27.88 -7.20
C PHE D 27 34.74 -27.71 -8.28
N GLY D 28 33.50 -28.03 -7.94
CA GLY D 28 32.39 -27.92 -8.87
C GLY D 28 31.26 -28.85 -8.49
N GLU D 29 30.27 -28.96 -9.37
CA GLU D 29 29.12 -29.82 -9.12
C GLU D 29 29.48 -31.29 -9.20
N ASP D 30 29.37 -31.97 -8.06
CA ASP D 30 29.57 -33.41 -7.96
C ASP D 30 30.97 -33.92 -8.36
N VAL D 31 32.01 -33.17 -8.02
CA VAL D 31 33.36 -33.58 -8.38
C VAL D 31 34.12 -34.21 -7.21
N GLY D 32 33.65 -33.96 -5.99
CA GLY D 32 34.32 -34.42 -4.79
C GLY D 32 34.18 -35.89 -4.46
N VAL D 33 33.27 -36.19 -3.55
CA VAL D 33 33.05 -37.56 -3.11
C VAL D 33 32.68 -38.49 -4.27
N ASN D 34 31.84 -38.01 -5.19
CA ASN D 34 31.37 -38.84 -6.30
C ASN D 34 32.42 -39.06 -7.38
N GLY D 35 33.32 -38.10 -7.52
CA GLY D 35 34.40 -38.22 -8.50
C GLY D 35 34.05 -37.76 -9.90
N GLY D 36 32.97 -36.99 -10.03
CA GLY D 36 32.58 -36.45 -11.33
C GLY D 36 31.64 -37.31 -12.16
N VAL D 37 31.01 -36.68 -13.15
CA VAL D 37 30.05 -37.35 -14.03
C VAL D 37 30.72 -38.42 -14.88
N PHE D 38 31.97 -38.19 -15.24
CA PHE D 38 32.71 -39.13 -16.07
C PHE D 38 33.94 -39.68 -15.33
N ARG D 39 33.91 -39.61 -14.00
CA ARG D 39 34.98 -40.10 -13.14
C ARG D 39 36.35 -39.45 -13.36
N ALA D 40 36.35 -38.22 -13.86
CA ALA D 40 37.60 -37.50 -14.11
C ALA D 40 38.31 -37.08 -12.82
N THR D 41 37.56 -37.07 -11.71
CA THR D 41 38.12 -36.67 -10.43
C THR D 41 38.01 -37.78 -9.36
N GLU D 42 37.78 -39.01 -9.82
CA GLU D 42 37.64 -40.16 -8.91
C GLU D 42 38.90 -40.39 -8.07
N GLY D 43 38.70 -40.60 -6.78
CA GLY D 43 39.79 -40.87 -5.85
C GLY D 43 40.55 -39.65 -5.36
N LEU D 44 40.41 -38.53 -6.06
CA LEU D 44 41.15 -37.32 -5.71
C LEU D 44 40.83 -36.74 -4.33
N GLN D 45 39.56 -36.74 -3.96
CA GLN D 45 39.17 -36.23 -2.65
C GLN D 45 39.69 -37.17 -1.56
N ALA D 46 39.60 -38.47 -1.81
CA ALA D 46 40.08 -39.47 -0.86
C ALA D 46 41.57 -39.31 -0.56
N GLU D 47 42.34 -38.99 -1.60
CA GLU D 47 43.79 -38.84 -1.45
C GLU D 47 44.19 -37.49 -0.85
N PHE D 48 43.57 -36.41 -1.32
CA PHE D 48 43.95 -35.06 -0.89
C PHE D 48 43.02 -34.38 0.11
N GLY D 49 41.80 -34.89 0.28
CA GLY D 49 40.86 -34.33 1.25
C GLY D 49 39.84 -33.36 0.71
N GLU D 50 38.73 -33.21 1.43
CA GLU D 50 37.63 -32.34 1.05
C GLU D 50 38.06 -30.88 1.00
N ASP D 51 39.18 -30.57 1.64
CA ASP D 51 39.73 -29.23 1.67
C ASP D 51 40.40 -28.86 0.34
N ARG D 52 40.74 -29.89 -0.45
CA ARG D 52 41.42 -29.67 -1.73
C ARG D 52 40.49 -29.97 -2.92
N VAL D 53 39.64 -30.99 -2.76
CA VAL D 53 38.68 -31.40 -3.79
C VAL D 53 37.29 -31.37 -3.17
N PHE D 54 36.42 -30.46 -3.64
CA PHE D 54 35.12 -30.33 -3.01
C PHE D 54 33.95 -29.99 -3.92
N ASP D 55 32.76 -30.36 -3.46
CA ASP D 55 31.52 -30.07 -4.16
C ASP D 55 31.02 -28.68 -3.81
N THR D 56 30.29 -28.05 -4.73
CA THR D 56 29.76 -26.72 -4.50
C THR D 56 28.25 -26.72 -4.69
N PRO D 57 27.59 -25.63 -4.27
CA PRO D 57 26.16 -25.48 -4.58
C PRO D 57 25.97 -25.45 -6.10
N LEU D 58 24.76 -25.77 -6.55
CA LEU D 58 24.46 -25.85 -7.98
C LEU D 58 24.31 -24.47 -8.63
N ALA D 59 25.44 -23.84 -8.95
CA ALA D 59 25.43 -22.52 -9.58
C ALA D 59 26.76 -22.21 -10.27
N GLU D 60 26.77 -22.24 -11.59
CA GLU D 60 27.99 -22.01 -12.37
C GLU D 60 28.58 -20.61 -12.15
N SER D 61 27.72 -19.61 -12.04
CA SER D 61 28.19 -18.25 -11.82
C SER D 61 28.92 -18.13 -10.48
N GLY D 62 28.36 -18.77 -9.45
CA GLY D 62 28.98 -18.78 -8.12
C GLY D 62 30.31 -19.52 -8.15
N ILE D 63 30.35 -20.63 -8.88
CA ILE D 63 31.57 -21.42 -9.03
C ILE D 63 32.68 -20.57 -9.67
N GLY D 64 32.30 -19.74 -10.64
CA GLY D 64 33.26 -18.87 -11.32
C GLY D 64 33.76 -17.76 -10.40
N GLY D 65 32.87 -17.19 -9.61
CA GLY D 65 33.24 -16.14 -8.68
C GLY D 65 34.09 -16.69 -7.55
N LEU D 66 33.78 -17.91 -7.14
CA LEU D 66 34.52 -18.60 -6.09
C LEU D 66 35.97 -18.78 -6.55
N ALA D 67 36.14 -19.17 -7.81
CA ALA D 67 37.46 -19.37 -8.41
C ALA D 67 38.26 -18.07 -8.46
N ILE D 68 37.59 -16.97 -8.83
CA ILE D 68 38.22 -15.67 -8.90
C ILE D 68 38.66 -15.23 -7.51
N GLY D 69 37.74 -15.34 -6.56
CA GLY D 69 38.03 -14.98 -5.17
C GLY D 69 39.19 -15.76 -4.60
N LEU D 70 39.21 -17.05 -4.84
CA LEU D 70 40.31 -17.92 -4.37
C LEU D 70 41.64 -17.54 -5.02
N ALA D 71 41.61 -17.20 -6.30
CA ALA D 71 42.81 -16.80 -7.00
C ALA D 71 43.40 -15.53 -6.36
N LEU D 72 42.52 -14.65 -5.89
CA LEU D 72 42.95 -13.42 -5.22
C LEU D 72 43.61 -13.72 -3.89
N GLN D 73 43.37 -14.93 -3.37
CA GLN D 73 43.94 -15.36 -2.10
C GLN D 73 45.13 -16.32 -2.26
N GLY D 74 45.72 -16.33 -3.44
CA GLY D 74 46.93 -17.13 -3.71
C GLY D 74 46.74 -18.54 -4.22
N PHE D 75 45.50 -19.00 -4.29
CA PHE D 75 45.23 -20.36 -4.76
C PHE D 75 45.28 -20.50 -6.28
N ARG D 76 45.36 -21.75 -6.73
CA ARG D 76 45.43 -22.06 -8.16
C ARG D 76 44.18 -22.88 -8.51
N PRO D 77 43.05 -22.20 -8.71
CA PRO D 77 41.74 -22.83 -8.93
C PRO D 77 41.60 -23.63 -10.22
N VAL D 78 41.09 -24.85 -10.07
CA VAL D 78 40.81 -25.71 -11.21
C VAL D 78 39.35 -26.16 -11.09
N PRO D 79 38.42 -25.22 -11.33
CA PRO D 79 37.00 -25.54 -11.24
C PRO D 79 36.50 -26.32 -12.46
N GLU D 80 35.31 -26.88 -12.35
CA GLU D 80 34.72 -27.64 -13.45
C GLU D 80 33.31 -27.17 -13.76
N ILE D 81 33.05 -26.89 -15.04
CA ILE D 81 31.70 -26.58 -15.51
C ILE D 81 31.24 -27.94 -16.03
N GLN D 82 30.15 -28.47 -15.48
CA GLN D 82 29.75 -29.86 -15.79
C GLN D 82 29.68 -30.21 -17.29
N PHE D 83 29.09 -29.33 -18.07
CA PHE D 83 29.03 -29.47 -19.53
C PHE D 83 29.20 -28.06 -20.06
N PHE D 84 30.00 -27.90 -21.12
CA PHE D 84 30.29 -26.56 -21.60
C PHE D 84 29.04 -25.79 -22.03
N GLY D 85 27.96 -26.51 -22.29
CA GLY D 85 26.69 -25.88 -22.63
C GLY D 85 26.19 -25.00 -21.50
N PHE D 86 26.59 -25.31 -20.28
CA PHE D 86 26.19 -24.51 -19.13
C PHE D 86 27.10 -23.27 -18.95
N VAL D 87 27.99 -23.04 -19.91
CA VAL D 87 28.89 -21.89 -19.83
C VAL D 87 28.10 -20.60 -19.86
N TYR D 88 26.91 -20.64 -20.46
CA TYR D 88 26.07 -19.44 -20.54
C TYR D 88 25.77 -18.84 -19.16
N GLU D 89 25.82 -19.66 -18.12
CA GLU D 89 25.57 -19.17 -16.77
C GLU D 89 26.77 -18.45 -16.15
N VAL D 90 27.96 -18.69 -16.68
CA VAL D 90 29.17 -18.14 -16.08
C VAL D 90 30.05 -17.35 -17.07
N MET D 91 29.45 -16.83 -18.13
CA MET D 91 30.19 -16.04 -19.12
C MET D 91 30.83 -14.77 -18.56
N ASP D 92 30.20 -14.15 -17.56
CA ASP D 92 30.76 -12.93 -16.99
C ASP D 92 32.02 -13.21 -16.18
N SER D 93 31.95 -14.21 -15.30
CA SER D 93 33.10 -14.57 -14.48
C SER D 93 34.29 -14.94 -15.35
N ILE D 94 34.01 -15.61 -16.46
CA ILE D 94 35.05 -16.03 -17.38
C ILE D 94 35.55 -14.90 -18.27
N CYS D 95 34.64 -14.30 -19.03
CA CYS D 95 35.02 -13.30 -20.02
C CYS D 95 35.05 -11.86 -19.50
N GLY D 96 34.09 -11.49 -18.67
CA GLY D 96 34.04 -10.15 -18.13
C GLY D 96 34.87 -9.94 -16.89
N GLN D 97 35.44 -11.02 -16.35
CA GLN D 97 36.21 -10.92 -15.11
C GLN D 97 37.61 -11.53 -15.15
N MET D 98 37.70 -12.86 -15.00
CA MET D 98 39.00 -13.53 -14.93
C MET D 98 39.92 -13.30 -16.14
N ALA D 99 39.33 -13.26 -17.33
CA ALA D 99 40.12 -13.03 -18.53
C ALA D 99 40.73 -11.62 -18.53
N ARG D 100 40.19 -10.75 -17.68
CA ARG D 100 40.60 -9.35 -17.66
C ARG D 100 41.32 -8.88 -16.39
N ILE D 101 41.38 -9.72 -15.36
CA ILE D 101 41.99 -9.33 -14.09
C ILE D 101 43.39 -8.73 -14.19
N ARG D 102 44.33 -9.47 -14.79
CA ARG D 102 45.70 -8.97 -14.90
C ARG D 102 45.75 -7.63 -15.62
N TYR D 103 45.04 -7.53 -16.73
CA TYR D 103 44.93 -6.29 -17.50
C TYR D 103 44.27 -5.21 -16.66
N ARG D 104 43.14 -5.56 -16.05
CA ARG D 104 42.36 -4.64 -15.24
C ARG D 104 43.17 -4.04 -14.09
N THR D 105 44.10 -4.83 -13.55
CA THR D 105 44.89 -4.39 -12.41
C THR D 105 46.36 -4.13 -12.77
N GLY D 106 46.64 -4.04 -14.07
CA GLY D 106 47.99 -3.80 -14.54
C GLY D 106 49.03 -4.73 -13.95
N GLY D 107 48.66 -6.00 -13.78
CA GLY D 107 49.59 -7.00 -13.23
C GLY D 107 49.57 -7.17 -11.72
N ARG D 108 48.87 -6.29 -11.01
CA ARG D 108 48.80 -6.34 -9.55
C ARG D 108 48.15 -7.65 -9.07
N TYR D 109 47.15 -8.11 -9.82
CA TYR D 109 46.47 -9.36 -9.55
C TYR D 109 46.47 -10.21 -10.81
N HIS D 110 46.36 -11.53 -10.63
CA HIS D 110 46.31 -12.42 -11.78
C HIS D 110 45.40 -13.60 -11.47
N MET D 111 45.05 -14.35 -12.51
CA MET D 111 44.13 -15.48 -12.36
C MET D 111 44.70 -16.81 -12.86
N PRO D 112 45.47 -17.50 -12.01
CA PRO D 112 46.01 -18.81 -12.39
C PRO D 112 44.91 -19.87 -12.30
N ILE D 113 43.89 -19.73 -13.16
CA ILE D 113 42.73 -20.60 -13.16
C ILE D 113 42.63 -21.51 -14.39
N THR D 114 42.32 -22.78 -14.16
CA THR D 114 42.11 -23.70 -15.26
C THR D 114 40.69 -24.25 -15.20
N ILE D 115 39.88 -23.85 -16.18
CA ILE D 115 38.50 -24.33 -16.21
C ILE D 115 38.37 -25.58 -17.07
N ARG D 116 37.95 -26.68 -16.45
CA ARG D 116 37.74 -27.95 -17.16
C ARG D 116 36.26 -28.08 -17.50
N SER D 117 35.96 -28.56 -18.70
CA SER D 117 34.56 -28.74 -19.11
C SER D 117 34.41 -29.63 -20.35
N PRO D 118 33.57 -30.67 -20.24
CA PRO D 118 33.34 -31.58 -21.37
C PRO D 118 32.33 -31.06 -22.39
N PHE D 119 32.50 -31.51 -23.63
CA PHE D 119 31.63 -31.13 -24.74
C PHE D 119 31.73 -32.23 -25.80
N GLY D 120 31.13 -31.99 -26.96
CA GLY D 120 31.23 -32.93 -28.07
C GLY D 120 30.11 -33.95 -28.14
N GLY D 121 29.73 -34.32 -29.36
CA GLY D 121 28.63 -35.26 -29.58
C GLY D 121 29.06 -36.67 -30.00
N GLY D 122 28.08 -37.46 -30.41
CA GLY D 122 28.31 -38.83 -30.83
C GLY D 122 28.01 -39.84 -29.74
N VAL D 123 27.43 -39.36 -28.64
CA VAL D 123 27.08 -40.23 -27.52
C VAL D 123 25.62 -40.11 -27.08
N HIS D 124 24.81 -39.45 -27.91
CA HIS D 124 23.37 -39.29 -27.65
C HIS D 124 23.02 -38.65 -26.30
N THR D 125 23.63 -37.50 -26.01
CA THR D 125 23.38 -36.79 -24.76
C THR D 125 22.13 -35.93 -24.88
N PRO D 126 21.53 -35.56 -23.73
CA PRO D 126 20.38 -34.65 -23.76
C PRO D 126 20.79 -33.27 -24.23
N GLU D 127 19.82 -32.37 -24.36
CA GLU D 127 20.03 -31.01 -24.85
C GLU D 127 21.13 -30.24 -24.12
N LEU D 128 21.87 -29.41 -24.88
CA LEU D 128 22.94 -28.54 -24.34
C LEU D 128 24.06 -29.24 -23.58
N HIS D 129 24.39 -30.46 -24.00
CA HIS D 129 25.47 -31.23 -23.40
C HIS D 129 26.65 -31.36 -24.38
N SER D 130 26.32 -31.51 -25.65
CA SER D 130 27.34 -31.74 -26.68
C SER D 130 27.76 -30.51 -27.51
N ASP D 131 27.05 -29.41 -27.37
CA ASP D 131 27.34 -28.21 -28.14
C ASP D 131 28.81 -27.79 -28.11
N SER D 132 29.31 -27.31 -29.25
CA SER D 132 30.68 -26.80 -29.35
C SER D 132 30.62 -25.28 -29.28
N LEU D 133 31.07 -24.74 -28.16
CA LEU D 133 31.03 -23.30 -27.94
C LEU D 133 32.42 -22.73 -27.71
N GLU D 134 33.43 -23.47 -28.18
CA GLU D 134 34.83 -23.05 -28.03
C GLU D 134 35.07 -21.74 -28.77
N GLY D 135 34.29 -21.50 -29.83
CA GLY D 135 34.42 -20.30 -30.64
C GLY D 135 34.05 -19.02 -29.91
N LEU D 136 33.34 -19.14 -28.79
CA LEU D 136 32.95 -17.98 -28.01
C LEU D 136 34.14 -17.49 -27.20
N VAL D 137 34.69 -18.38 -26.37
CA VAL D 137 35.82 -18.06 -25.51
C VAL D 137 37.11 -17.79 -26.29
N ALA D 138 37.16 -18.24 -27.53
CA ALA D 138 38.33 -17.99 -28.38
C ALA D 138 38.38 -16.51 -28.78
N GLN D 139 37.26 -15.82 -28.60
CA GLN D 139 37.15 -14.40 -28.96
C GLN D 139 37.43 -13.43 -27.81
N GLN D 140 37.73 -13.97 -26.63
CA GLN D 140 38.00 -13.11 -25.48
C GLN D 140 39.49 -13.00 -25.15
N PRO D 141 40.06 -11.81 -25.37
CA PRO D 141 41.45 -11.58 -25.04
C PRO D 141 41.66 -11.85 -23.55
N GLY D 142 42.70 -12.60 -23.22
CA GLY D 142 42.99 -12.92 -21.81
C GLY D 142 42.82 -14.38 -21.50
N LEU D 143 42.24 -15.13 -22.45
CA LEU D 143 42.02 -16.55 -22.28
C LEU D 143 42.80 -17.39 -23.29
N LYS D 144 43.14 -18.60 -22.88
CA LYS D 144 43.74 -19.59 -23.76
C LYS D 144 42.77 -20.75 -23.76
N VAL D 145 42.44 -21.27 -24.94
CA VAL D 145 41.49 -22.37 -25.05
C VAL D 145 42.19 -23.62 -25.59
N VAL D 146 42.12 -24.70 -24.82
CA VAL D 146 42.81 -25.93 -25.18
C VAL D 146 41.83 -27.09 -25.41
N ILE D 147 42.05 -27.84 -26.48
CA ILE D 147 41.19 -28.98 -26.81
C ILE D 147 42.03 -30.18 -27.27
N PRO D 148 42.39 -31.07 -26.32
CA PRO D 148 43.18 -32.27 -26.64
C PRO D 148 42.35 -33.34 -27.36
N SER D 149 43.04 -34.21 -28.11
CA SER D 149 42.37 -35.28 -28.84
C SER D 149 42.91 -36.65 -28.45
N THR D 150 44.03 -36.67 -27.73
CA THR D 150 44.63 -37.92 -27.28
C THR D 150 44.96 -37.86 -25.79
N PRO D 151 45.09 -39.04 -25.16
CA PRO D 151 45.47 -39.13 -23.75
C PRO D 151 46.80 -38.44 -23.49
N TYR D 152 47.77 -38.61 -24.39
CA TYR D 152 49.09 -38.00 -24.22
C TYR D 152 49.00 -36.47 -24.25
N ASP D 153 48.25 -35.94 -25.20
CA ASP D 153 48.07 -34.50 -25.31
C ASP D 153 47.37 -33.96 -24.06
N ALA D 154 46.27 -34.61 -23.68
CA ALA D 154 45.48 -34.21 -22.53
C ALA D 154 46.28 -34.06 -21.24
N LYS D 155 47.04 -35.08 -20.87
CA LYS D 155 47.85 -35.01 -19.66
C LYS D 155 48.84 -33.85 -19.69
N GLY D 156 49.66 -33.81 -20.74
CA GLY D 156 50.67 -32.75 -20.89
C GLY D 156 50.09 -31.36 -20.96
N LEU D 157 49.03 -31.19 -21.75
CA LEU D 157 48.38 -29.90 -21.90
C LEU D 157 47.71 -29.44 -20.61
N LEU D 158 47.03 -30.36 -19.92
CA LEU D 158 46.37 -30.02 -18.67
C LEU D 158 47.37 -29.56 -17.62
N ILE D 159 48.50 -30.27 -17.52
CA ILE D 159 49.54 -29.88 -16.59
C ILE D 159 50.03 -28.47 -16.94
N SER D 160 50.24 -28.20 -18.23
CA SER D 160 50.63 -26.86 -18.68
C SER D 160 49.56 -25.84 -18.33
N ALA D 161 48.30 -26.19 -18.57
CA ALA D 161 47.18 -25.32 -18.29
C ALA D 161 47.11 -24.94 -16.83
N ILE D 162 47.27 -25.94 -15.94
CA ILE D 162 47.23 -25.69 -14.50
C ILE D 162 48.37 -24.78 -14.03
N ARG D 163 49.59 -25.03 -14.52
CA ARG D 163 50.75 -24.23 -14.16
C ARG D 163 50.71 -22.82 -14.76
N ASP D 164 50.04 -22.68 -15.89
CA ASP D 164 49.90 -21.38 -16.56
C ASP D 164 49.24 -20.40 -15.58
N ASN D 165 49.83 -19.21 -15.43
CA ASN D 165 49.34 -18.22 -14.46
C ASN D 165 48.21 -17.30 -14.94
N ASP D 166 47.56 -17.68 -16.03
CA ASP D 166 46.44 -16.93 -16.58
C ASP D 166 45.31 -17.92 -16.85
N PRO D 167 44.08 -17.43 -17.06
CA PRO D 167 42.96 -18.34 -17.27
C PRO D 167 43.08 -19.22 -18.53
N VAL D 168 42.88 -20.52 -18.34
CA VAL D 168 42.91 -21.46 -19.43
C VAL D 168 41.64 -22.30 -19.41
N ILE D 169 40.98 -22.39 -20.55
CA ILE D 169 39.78 -23.19 -20.68
C ILE D 169 40.22 -24.50 -21.33
N PHE D 170 39.96 -25.60 -20.63
CA PHE D 170 40.36 -26.92 -21.05
C PHE D 170 39.13 -27.72 -21.43
N LEU D 171 38.93 -27.90 -22.74
CA LEU D 171 37.75 -28.58 -23.25
C LEU D 171 37.98 -30.07 -23.53
N GLU D 172 37.17 -30.91 -22.88
CA GLU D 172 37.32 -32.35 -22.96
C GLU D 172 36.18 -32.99 -23.74
N HIS D 173 36.51 -33.56 -24.90
CA HIS D 173 35.49 -34.16 -25.76
C HIS D 173 34.94 -35.46 -25.18
N LEU D 174 33.64 -35.50 -24.96
CA LEU D 174 32.94 -36.66 -24.41
C LEU D 174 33.25 -37.99 -25.10
N LYS D 175 33.28 -37.96 -26.42
CA LYS D 175 33.50 -39.17 -27.20
C LYS D 175 34.93 -39.70 -27.10
N LEU D 176 35.86 -38.82 -26.70
CA LEU D 176 37.26 -39.20 -26.63
C LEU D 176 37.74 -39.67 -25.25
N TYR D 177 36.93 -39.43 -24.22
CA TYR D 177 37.30 -39.84 -22.85
C TYR D 177 37.84 -41.27 -22.74
N ARG D 178 37.11 -42.23 -23.29
CA ARG D 178 37.48 -43.64 -23.16
C ARG D 178 37.43 -44.42 -24.48
N SER D 179 37.45 -43.71 -25.60
CA SER D 179 37.35 -44.36 -26.90
C SER D 179 38.54 -45.24 -27.26
N PHE D 180 39.70 -44.97 -26.67
CA PHE D 180 40.89 -45.75 -26.96
C PHE D 180 41.99 -45.48 -25.94
N ARG D 181 43.03 -46.32 -25.97
CA ARG D 181 44.16 -46.16 -25.08
C ARG D 181 45.45 -45.79 -25.83
N GLN D 182 46.36 -45.14 -25.12
CA GLN D 182 47.62 -44.72 -25.71
C GLN D 182 48.70 -44.77 -24.64
N GLU D 183 49.94 -45.01 -25.04
CA GLU D 183 51.05 -45.01 -24.11
C GLU D 183 51.28 -43.60 -23.61
N VAL D 184 51.11 -43.40 -22.31
CA VAL D 184 51.34 -42.10 -21.70
C VAL D 184 52.38 -42.23 -20.59
N PRO D 185 53.46 -41.42 -20.66
CA PRO D 185 54.51 -41.49 -19.66
C PRO D 185 53.97 -41.21 -18.25
N GLU D 186 54.52 -41.92 -17.27
CA GLU D 186 54.15 -41.70 -15.88
C GLU D 186 54.94 -40.49 -15.41
N GLY D 187 54.52 -39.89 -14.30
CA GLY D 187 55.20 -38.71 -13.78
C GLY D 187 54.81 -37.47 -14.58
N GLU D 188 55.30 -36.32 -14.15
CA GLU D 188 54.91 -35.08 -14.81
C GLU D 188 55.73 -34.72 -16.05
N TYR D 189 55.03 -34.21 -17.05
CA TYR D 189 55.63 -33.71 -18.27
C TYR D 189 54.68 -32.63 -18.77
N THR D 190 55.17 -31.73 -19.60
CA THR D 190 54.34 -30.64 -20.09
C THR D 190 54.42 -30.50 -21.60
N ILE D 191 53.33 -29.98 -22.17
CA ILE D 191 53.25 -29.69 -23.59
C ILE D 191 52.88 -28.21 -23.69
N PRO D 192 53.63 -27.45 -24.50
CA PRO D 192 53.38 -26.02 -24.60
C PRO D 192 51.99 -25.69 -25.14
N ILE D 193 51.36 -24.70 -24.52
CA ILE D 193 50.07 -24.20 -24.97
C ILE D 193 50.34 -23.31 -26.18
N GLY D 194 49.51 -23.43 -27.20
CA GLY D 194 49.67 -22.64 -28.43
C GLY D 194 50.52 -23.38 -29.46
N LYS D 195 50.86 -24.63 -29.15
CA LYS D 195 51.69 -25.45 -30.05
C LYS D 195 50.92 -26.64 -30.60
N ALA D 196 50.77 -26.68 -31.92
CA ALA D 196 50.11 -27.79 -32.59
C ALA D 196 51.13 -28.85 -32.96
N ASP D 197 50.66 -30.04 -33.32
CA ASP D 197 51.55 -31.10 -33.76
C ASP D 197 50.98 -31.80 -34.98
N ILE D 198 51.80 -32.62 -35.63
CA ILE D 198 51.38 -33.32 -36.83
C ILE D 198 51.09 -34.77 -36.49
N LYS D 199 49.82 -35.15 -36.62
CA LYS D 199 49.38 -36.50 -36.31
C LYS D 199 49.65 -37.46 -37.46
N ARG D 200 49.89 -36.91 -38.63
CA ARG D 200 50.21 -37.69 -39.81
C ARG D 200 50.92 -36.83 -40.84
N GLU D 201 52.10 -37.26 -41.26
CA GLU D 201 52.89 -36.57 -42.26
C GLU D 201 52.26 -36.78 -43.63
N GLY D 202 52.16 -35.72 -44.42
CA GLY D 202 51.57 -35.79 -45.75
C GLY D 202 52.16 -34.75 -46.69
N LYS D 203 51.94 -34.94 -47.99
CA LYS D 203 52.55 -34.04 -48.99
C LYS D 203 51.60 -33.41 -50.00
N ASP D 204 50.40 -33.97 -50.16
CA ASP D 204 49.45 -33.48 -51.17
C ASP D 204 48.41 -32.48 -50.65
N ILE D 205 47.93 -32.68 -49.43
CA ILE D 205 46.94 -31.79 -48.86
C ILE D 205 47.09 -31.69 -47.34
N THR D 206 46.76 -30.51 -46.82
CA THR D 206 46.83 -30.26 -45.39
C THR D 206 45.43 -30.30 -44.80
N ILE D 207 45.25 -31.12 -43.76
CA ILE D 207 43.97 -31.22 -43.10
C ILE D 207 44.12 -30.73 -41.66
N ILE D 208 43.54 -29.56 -41.38
CA ILE D 208 43.60 -28.95 -40.07
C ILE D 208 42.36 -29.30 -39.27
N ALA D 209 42.53 -29.74 -38.03
CA ALA D 209 41.42 -30.15 -37.20
C ALA D 209 41.71 -30.11 -35.71
N TYR D 210 40.67 -30.29 -34.89
CA TYR D 210 40.81 -30.33 -33.44
C TYR D 210 39.68 -31.14 -32.84
N GLY D 211 39.85 -31.56 -31.58
CA GLY D 211 38.84 -32.36 -30.90
C GLY D 211 38.66 -33.73 -31.50
N ALA D 212 37.41 -34.17 -31.62
CA ALA D 212 37.09 -35.49 -32.16
C ALA D 212 37.24 -35.54 -33.68
N MET D 213 37.42 -34.37 -34.31
CA MET D 213 37.58 -34.32 -35.76
C MET D 213 38.98 -34.72 -36.20
N VAL D 214 39.92 -34.80 -35.26
CA VAL D 214 41.27 -35.23 -35.57
C VAL D 214 41.28 -36.71 -35.98
N HIS D 215 40.52 -37.52 -35.25
CA HIS D 215 40.40 -38.94 -35.56
C HIS D 215 39.70 -39.13 -36.90
N GLU D 216 38.67 -38.32 -37.14
CA GLU D 216 37.92 -38.38 -38.40
C GLU D 216 38.83 -38.02 -39.56
N SER D 217 39.72 -37.06 -39.34
CA SER D 217 40.67 -36.63 -40.35
C SER D 217 41.71 -37.72 -40.61
N LEU D 218 42.04 -38.47 -39.55
CA LEU D 218 42.99 -39.57 -39.69
C LEU D 218 42.37 -40.72 -40.48
N LYS D 219 41.08 -40.98 -40.26
CA LYS D 219 40.38 -42.03 -41.00
C LYS D 219 40.32 -41.67 -42.48
N ALA D 220 39.99 -40.41 -42.76
CA ALA D 220 39.88 -39.92 -44.13
C ALA D 220 41.23 -40.01 -44.83
N ALA D 221 42.27 -39.56 -44.13
CA ALA D 221 43.62 -39.60 -44.67
C ALA D 221 44.01 -41.03 -45.02
N ALA D 222 43.68 -41.96 -44.11
CA ALA D 222 43.97 -43.38 -44.33
C ALA D 222 43.27 -43.89 -45.59
N GLU D 223 42.08 -43.38 -45.87
CA GLU D 223 41.33 -43.81 -47.05
C GLU D 223 41.84 -43.11 -48.30
N LEU D 224 42.22 -41.84 -48.17
CA LEU D 224 42.77 -41.08 -49.29
C LEU D 224 44.06 -41.71 -49.81
N GLU D 225 44.84 -42.24 -48.87
CA GLU D 225 46.12 -42.89 -49.19
C GLU D 225 45.95 -44.12 -50.08
N LYS D 226 44.80 -44.79 -49.94
CA LYS D 226 44.51 -45.97 -50.74
C LYS D 226 44.36 -45.60 -52.21
N GLU D 227 44.31 -44.30 -52.49
CA GLU D 227 44.18 -43.80 -53.86
C GLU D 227 45.42 -43.03 -54.25
N GLY D 228 46.40 -42.97 -53.35
CA GLY D 228 47.65 -42.27 -53.59
C GLY D 228 47.62 -40.82 -53.15
N ILE D 229 46.54 -40.40 -52.50
CA ILE D 229 46.42 -39.02 -52.02
C ILE D 229 47.03 -38.93 -50.63
N SER D 230 48.15 -38.23 -50.51
CA SER D 230 48.82 -38.08 -49.22
C SER D 230 48.36 -36.85 -48.46
N ALA D 231 47.64 -37.07 -47.36
CA ALA D 231 47.12 -35.98 -46.54
C ALA D 231 47.93 -35.78 -45.27
N GLU D 232 48.21 -34.52 -44.95
CA GLU D 232 48.91 -34.20 -43.72
C GLU D 232 47.91 -33.69 -42.70
N VAL D 233 47.73 -34.44 -41.62
CA VAL D 233 46.78 -34.08 -40.59
C VAL D 233 47.43 -33.33 -39.43
N VAL D 234 47.05 -32.06 -39.28
CA VAL D 234 47.57 -31.22 -38.21
C VAL D 234 46.52 -30.98 -37.13
N ASP D 235 46.83 -31.46 -35.93
CA ASP D 235 45.96 -31.30 -34.76
C ASP D 235 46.34 -30.00 -34.07
N LEU D 236 45.40 -29.05 -34.04
CA LEU D 236 45.63 -27.73 -33.44
C LEU D 236 46.02 -27.79 -31.97
N ARG D 237 45.37 -28.69 -31.23
CA ARG D 237 45.60 -28.89 -29.82
C ARG D 237 45.43 -27.70 -28.82
N THR D 238 45.63 -26.48 -29.34
CA THR D 238 45.21 -25.23 -28.79
C THR D 238 44.51 -24.43 -29.86
N VAL D 239 43.33 -23.90 -29.58
CA VAL D 239 42.59 -23.14 -30.60
C VAL D 239 42.70 -21.63 -30.40
N GLN D 240 43.29 -21.24 -29.27
CA GLN D 240 43.56 -19.83 -28.98
C GLN D 240 44.64 -19.77 -27.92
N PRO D 241 45.86 -19.35 -28.31
CA PRO D 241 46.23 -18.91 -29.65
C PRO D 241 46.54 -20.06 -30.60
N LEU D 242 46.32 -19.80 -31.90
CA LEU D 242 46.63 -20.77 -32.95
C LEU D 242 48.12 -20.83 -33.19
N ASP D 243 48.59 -22.01 -33.57
CA ASP D 243 50.00 -22.20 -33.89
C ASP D 243 50.17 -21.87 -35.37
N ILE D 244 50.35 -20.59 -35.66
CA ILE D 244 50.52 -20.10 -37.03
C ILE D 244 51.70 -20.71 -37.75
N GLU D 245 52.84 -20.74 -37.07
CA GLU D 245 54.07 -21.29 -37.64
C GLU D 245 53.91 -22.72 -38.16
N THR D 246 53.23 -23.56 -37.39
CA THR D 246 53.00 -24.95 -37.78
C THR D 246 51.95 -25.07 -38.88
N ILE D 247 50.90 -24.26 -38.81
CA ILE D 247 49.83 -24.30 -39.81
C ILE D 247 50.33 -23.86 -41.18
N ILE D 248 50.97 -22.70 -41.21
CA ILE D 248 51.49 -22.13 -42.45
C ILE D 248 52.57 -23.03 -43.05
N GLY D 249 53.42 -23.59 -42.20
CA GLY D 249 54.47 -24.49 -42.65
C GLY D 249 53.91 -25.68 -43.41
N SER D 250 52.83 -26.25 -42.90
CA SER D 250 52.19 -27.40 -43.52
C SER D 250 51.49 -27.02 -44.82
N VAL D 251 50.82 -25.87 -44.80
CA VAL D 251 50.10 -25.38 -45.98
C VAL D 251 51.06 -25.02 -47.12
N GLU D 252 52.19 -24.41 -46.79
CA GLU D 252 53.17 -24.02 -47.79
C GLU D 252 53.81 -25.24 -48.46
N LYS D 253 53.99 -26.32 -47.70
CA LYS D 253 54.58 -27.53 -48.24
C LYS D 253 53.63 -28.25 -49.20
N THR D 254 52.36 -28.33 -48.83
CA THR D 254 51.37 -29.05 -49.64
C THR D 254 50.72 -28.22 -50.74
N GLY D 255 50.41 -26.96 -50.44
CA GLY D 255 49.77 -26.08 -51.41
C GLY D 255 48.26 -26.18 -51.40
N ARG D 256 47.74 -27.11 -50.60
CA ARG D 256 46.29 -27.31 -50.48
C ARG D 256 45.92 -27.56 -49.03
N ALA D 257 44.77 -27.04 -48.61
CA ALA D 257 44.37 -27.17 -47.21
C ALA D 257 42.87 -27.09 -46.95
N ILE D 258 42.43 -27.80 -45.92
CA ILE D 258 41.05 -27.75 -45.47
C ILE D 258 41.05 -27.71 -43.95
N VAL D 259 40.01 -27.10 -43.38
CA VAL D 259 39.89 -27.03 -41.93
C VAL D 259 38.63 -27.77 -41.53
N VAL D 260 38.75 -28.66 -40.55
CA VAL D 260 37.63 -29.49 -40.11
C VAL D 260 37.27 -29.27 -38.65
N GLN D 261 36.01 -28.93 -38.40
CA GLN D 261 35.53 -28.71 -37.04
C GLN D 261 34.16 -29.34 -36.86
N GLU D 262 33.87 -29.76 -35.63
CA GLU D 262 32.57 -30.35 -35.31
C GLU D 262 31.49 -29.28 -35.10
N ALA D 263 31.92 -28.07 -34.77
CA ALA D 263 31.00 -26.95 -34.54
C ALA D 263 30.32 -26.47 -35.83
N GLN D 264 29.20 -25.76 -35.67
CA GLN D 264 28.49 -25.23 -36.82
C GLN D 264 29.40 -24.30 -37.62
N ARG D 265 29.12 -24.18 -38.92
CA ARG D 265 29.92 -23.32 -39.79
C ARG D 265 30.03 -21.88 -39.29
N GLN D 266 28.92 -21.32 -38.82
CA GLN D 266 28.92 -19.95 -38.32
C GLN D 266 29.59 -19.84 -36.94
N ALA D 267 29.97 -20.99 -36.38
CA ALA D 267 30.64 -21.03 -35.08
C ALA D 267 32.02 -21.67 -35.22
N GLY D 268 32.59 -22.09 -34.10
CA GLY D 268 33.91 -22.70 -34.11
C GLY D 268 35.01 -21.69 -34.36
N ILE D 269 36.19 -22.18 -34.74
CA ILE D 269 37.34 -21.31 -34.99
C ILE D 269 37.89 -21.48 -36.40
N ALA D 270 37.22 -22.28 -37.22
CA ALA D 270 37.67 -22.56 -38.59
C ALA D 270 37.85 -21.32 -39.45
N ALA D 271 36.92 -20.37 -39.34
CA ALA D 271 37.00 -19.13 -40.12
C ALA D 271 38.28 -18.36 -39.81
N ASN D 272 38.70 -18.41 -38.54
CA ASN D 272 39.92 -17.75 -38.12
C ASN D 272 41.16 -18.42 -38.73
N VAL D 273 41.12 -19.74 -38.83
CA VAL D 273 42.23 -20.47 -39.43
C VAL D 273 42.33 -20.08 -40.91
N VAL D 274 41.21 -20.18 -41.61
CA VAL D 274 41.14 -19.85 -43.03
C VAL D 274 41.64 -18.43 -43.30
N ALA D 275 41.22 -17.48 -42.49
CA ALA D 275 41.61 -16.08 -42.65
C ALA D 275 43.12 -15.89 -42.49
N GLU D 276 43.70 -16.63 -41.55
CA GLU D 276 45.14 -16.55 -41.30
C GLU D 276 45.94 -17.20 -42.41
N ILE D 277 45.43 -18.30 -42.96
CA ILE D 277 46.10 -18.99 -44.07
C ILE D 277 46.13 -18.09 -45.30
N ASN D 278 44.98 -17.50 -45.62
CA ASN D 278 44.85 -16.55 -46.72
C ASN D 278 45.79 -15.37 -46.60
N GLU D 279 45.87 -14.84 -45.39
CA GLU D 279 46.69 -13.68 -45.08
C GLU D 279 48.19 -13.92 -45.24
N ARG D 280 48.63 -15.13 -44.87
CA ARG D 280 50.07 -15.42 -44.84
C ARG D 280 50.59 -16.34 -45.95
N ALA D 281 49.73 -17.20 -46.49
CA ALA D 281 50.17 -18.14 -47.51
C ALA D 281 49.29 -18.17 -48.77
N ILE D 282 48.63 -17.05 -49.06
CA ILE D 282 47.74 -16.96 -50.22
C ILE D 282 48.41 -17.34 -51.53
N LEU D 283 49.63 -16.84 -51.75
CA LEU D 283 50.34 -17.10 -53.00
C LEU D 283 51.07 -18.45 -53.04
N SER D 284 50.65 -19.35 -52.15
CA SER D 284 51.16 -20.71 -52.13
C SER D 284 49.98 -21.68 -52.29
N LEU D 285 48.77 -21.12 -52.26
CA LEU D 285 47.56 -21.92 -52.37
C LEU D 285 47.26 -22.32 -53.82
N GLU D 286 46.97 -23.60 -54.01
CA GLU D 286 46.66 -24.12 -55.32
C GLU D 286 45.15 -24.09 -55.49
N ALA D 287 44.46 -23.93 -54.37
CA ALA D 287 43.00 -23.91 -54.34
C ALA D 287 42.54 -23.17 -53.07
N PRO D 288 41.23 -22.90 -52.98
CA PRO D 288 40.73 -22.22 -51.79
C PRO D 288 40.73 -23.17 -50.58
N VAL D 289 40.93 -22.59 -49.39
CA VAL D 289 40.91 -23.36 -48.15
C VAL D 289 39.46 -23.59 -47.79
N LEU D 290 38.99 -24.81 -47.98
CA LEU D 290 37.59 -25.12 -47.70
C LEU D 290 37.40 -25.64 -46.29
N ARG D 291 36.21 -25.45 -45.75
CA ARG D 291 35.91 -25.88 -44.40
C ARG D 291 34.89 -27.00 -44.32
N VAL D 292 35.13 -27.93 -43.41
CA VAL D 292 34.20 -28.99 -43.11
C VAL D 292 33.62 -28.63 -41.75
N ALA D 293 32.32 -28.37 -41.71
CA ALA D 293 31.65 -28.00 -40.48
C ALA D 293 30.20 -28.45 -40.51
N ALA D 294 29.54 -28.37 -39.37
CA ALA D 294 28.15 -28.78 -39.24
C ALA D 294 27.19 -27.73 -39.78
N PRO D 295 25.94 -28.14 -40.11
CA PRO D 295 24.93 -27.21 -40.57
C PRO D 295 24.69 -26.10 -39.54
N ASP D 296 24.30 -24.93 -40.01
CA ASP D 296 24.06 -23.78 -39.11
C ASP D 296 22.75 -23.85 -38.33
N THR D 297 22.45 -25.02 -37.77
CA THR D 297 21.28 -25.17 -36.93
C THR D 297 21.76 -25.39 -35.50
N VAL D 298 20.82 -25.34 -34.56
CA VAL D 298 21.14 -25.63 -33.17
C VAL D 298 21.68 -27.06 -33.15
N TYR D 299 22.50 -27.39 -32.16
CA TYR D 299 23.00 -28.76 -32.06
C TYR D 299 21.79 -29.70 -32.16
N PRO D 300 21.92 -30.81 -32.90
CA PRO D 300 20.83 -31.74 -33.19
C PRO D 300 20.30 -32.57 -32.04
N PHE D 301 19.02 -32.92 -32.14
CA PHE D 301 18.38 -33.83 -31.21
C PHE D 301 19.15 -35.14 -31.33
N ALA D 302 19.35 -35.83 -30.21
CA ALA D 302 20.14 -37.06 -30.16
C ALA D 302 20.09 -37.95 -31.41
N GLN D 303 18.90 -38.42 -31.78
CA GLN D 303 18.76 -39.32 -32.95
C GLN D 303 19.39 -38.79 -34.24
N ALA D 304 19.38 -37.48 -34.42
CA ALA D 304 19.90 -36.87 -35.65
C ALA D 304 21.41 -36.61 -35.67
N GLU D 305 22.13 -37.06 -34.65
CA GLU D 305 23.59 -36.83 -34.63
C GLU D 305 24.32 -37.44 -35.82
N SER D 306 24.00 -38.69 -36.15
CA SER D 306 24.68 -39.40 -37.24
C SER D 306 24.69 -38.67 -38.58
N VAL D 307 23.56 -38.06 -38.95
CA VAL D 307 23.47 -37.32 -40.21
C VAL D 307 23.94 -35.86 -40.14
N TRP D 308 23.90 -35.29 -38.94
CA TRP D 308 24.24 -33.87 -38.74
C TRP D 308 25.74 -33.65 -38.53
N LEU D 309 26.33 -34.42 -37.61
CA LEU D 309 27.75 -34.30 -37.28
C LEU D 309 28.64 -34.61 -38.48
N PRO D 310 29.68 -33.79 -38.70
CA PRO D 310 30.64 -34.03 -39.76
C PRO D 310 31.45 -35.29 -39.44
N ASN D 311 31.79 -36.06 -40.47
CA ASN D 311 32.56 -37.29 -40.29
C ASN D 311 33.67 -37.47 -41.33
N PHE D 312 34.39 -38.58 -41.24
CA PHE D 312 35.48 -38.85 -42.16
C PHE D 312 35.09 -38.81 -43.64
N LYS D 313 33.86 -39.22 -43.95
CA LYS D 313 33.38 -39.21 -45.33
C LYS D 313 33.20 -37.79 -45.88
N ASP D 314 32.83 -36.85 -45.01
CA ASP D 314 32.69 -35.46 -45.39
C ASP D 314 34.08 -34.87 -45.63
N VAL D 315 35.04 -35.33 -44.84
CA VAL D 315 36.42 -34.86 -44.97
C VAL D 315 37.04 -35.38 -46.26
N ILE D 316 36.67 -36.60 -46.65
CA ILE D 316 37.15 -37.19 -47.90
C ILE D 316 36.62 -36.38 -49.07
N GLU D 317 35.30 -36.21 -49.09
CA GLU D 317 34.61 -35.46 -50.14
C GLU D 317 35.15 -34.04 -50.31
N THR D 318 35.37 -33.36 -49.19
CA THR D 318 35.88 -31.99 -49.24
C THR D 318 37.34 -31.98 -49.67
N ALA D 319 38.11 -32.95 -49.19
CA ALA D 319 39.51 -33.06 -49.55
C ALA D 319 39.70 -33.27 -51.05
N LYS D 320 38.87 -34.14 -51.63
CA LYS D 320 38.92 -34.42 -53.06
C LYS D 320 38.44 -33.24 -53.89
N LYS D 321 37.58 -32.40 -53.30
CA LYS D 321 37.06 -31.23 -53.99
C LYS D 321 38.19 -30.22 -54.13
N VAL D 322 39.07 -30.17 -53.13
CA VAL D 322 40.22 -29.29 -53.15
C VAL D 322 41.29 -29.83 -54.10
N MET D 323 41.44 -31.15 -54.14
CA MET D 323 42.42 -31.78 -55.03
C MET D 323 42.05 -31.56 -56.49
N ASN D 324 40.76 -31.61 -56.79
CA ASN D 324 40.26 -31.47 -58.15
C ASN D 324 39.85 -30.06 -58.54
N PHE D 325 40.20 -29.08 -57.71
CA PHE D 325 39.86 -27.69 -58.00
C PHE D 325 40.76 -27.16 -59.11
N THR E 5 -51.65 -11.71 43.68
CA THR E 5 -50.50 -11.54 42.74
C THR E 5 -49.26 -11.01 43.46
N PHE E 6 -48.18 -11.78 43.40
CA PHE E 6 -46.92 -11.46 44.07
C PHE E 6 -46.55 -9.98 44.00
N GLN E 7 -46.11 -9.44 45.14
CA GLN E 7 -45.72 -8.03 45.22
C GLN E 7 -44.27 -7.82 45.66
N PHE E 8 -43.54 -7.00 44.90
CA PHE E 8 -42.18 -6.64 45.25
C PHE E 8 -42.23 -5.48 46.25
N PRO E 9 -41.31 -5.49 47.22
CA PRO E 9 -41.26 -4.43 48.24
C PRO E 9 -40.74 -3.10 47.70
N PHE E 10 -41.46 -2.50 46.75
CA PHE E 10 -41.04 -1.23 46.16
C PHE E 10 -41.16 -0.04 47.12
N ALA E 11 -42.21 -0.02 47.94
CA ALA E 11 -42.38 1.04 48.92
C ALA E 11 -41.21 1.02 49.89
N GLU E 12 -40.88 -0.17 50.38
CA GLU E 12 -39.75 -0.35 51.28
C GLU E 12 -38.45 0.09 50.59
N GLN E 13 -38.35 -0.21 49.30
CA GLN E 13 -37.17 0.16 48.51
C GLN E 13 -36.95 1.67 48.54
N LEU E 14 -38.00 2.44 48.26
CA LEU E 14 -37.92 3.90 48.28
C LEU E 14 -37.66 4.39 49.69
N GLU E 15 -38.21 3.68 50.66
CA GLU E 15 -38.06 4.00 52.07
C GLU E 15 -36.60 3.90 52.52
N LYS E 16 -35.96 2.77 52.21
CA LYS E 16 -34.58 2.54 52.63
C LYS E 16 -33.55 3.41 51.93
N VAL E 17 -33.78 3.77 50.67
CA VAL E 17 -32.85 4.61 49.95
C VAL E 17 -32.90 6.06 50.46
N ALA E 18 -34.08 6.48 50.91
CA ALA E 18 -34.26 7.84 51.41
C ALA E 18 -33.58 8.05 52.77
N GLU E 19 -33.38 6.94 53.49
CA GLU E 19 -32.76 6.97 54.80
C GLU E 19 -31.25 7.10 54.72
N GLN E 20 -30.70 6.80 53.56
CA GLN E 20 -29.30 6.97 53.34
C GLN E 20 -28.85 8.35 53.09
N PHE E 21 -29.78 9.20 52.74
CA PHE E 21 -29.48 10.59 52.41
C PHE E 21 -30.20 11.57 53.32
N PRO E 22 -29.89 11.54 54.62
CA PRO E 22 -30.50 12.51 55.52
C PRO E 22 -29.82 13.85 55.32
N THR E 23 -30.57 14.94 55.50
CA THR E 23 -30.02 16.28 55.32
C THR E 23 -28.91 16.55 56.34
N PHE E 24 -27.75 16.94 55.83
CA PHE E 24 -26.60 17.25 56.68
C PHE E 24 -26.64 18.71 57.13
N GLN E 25 -26.65 18.93 58.43
CA GLN E 25 -26.72 20.29 58.99
C GLN E 25 -25.76 20.43 60.17
N ILE E 26 -25.18 21.62 60.31
CA ILE E 26 -24.28 21.91 61.44
C ILE E 26 -24.81 23.09 62.25
N LEU E 27 -25.20 24.16 61.56
CA LEU E 27 -25.78 25.33 62.19
C LEU E 27 -27.26 25.38 61.89
N ASN E 28 -28.06 25.81 62.86
CA ASN E 28 -29.49 25.90 62.63
C ASN E 28 -29.93 27.33 62.27
N GLU E 29 -31.23 27.50 62.10
CA GLU E 29 -31.84 28.77 61.72
C GLU E 29 -31.49 29.95 62.64
N GLU E 30 -31.01 29.64 63.85
CA GLU E 30 -30.66 30.69 64.80
C GLU E 30 -29.16 30.76 65.12
N GLY E 31 -28.35 30.06 64.33
CA GLY E 31 -26.90 30.07 64.51
C GLY E 31 -26.43 29.20 65.67
N GLU E 32 -27.23 28.20 66.02
CA GLU E 32 -26.88 27.28 67.09
C GLU E 32 -26.29 26.00 66.52
N VAL E 33 -25.14 25.59 67.03
CA VAL E 33 -24.49 24.37 66.56
C VAL E 33 -25.32 23.16 66.99
N VAL E 34 -25.79 22.40 66.00
CA VAL E 34 -26.60 21.22 66.28
C VAL E 34 -25.85 19.94 65.93
N ASN E 35 -24.55 20.06 65.72
CA ASN E 35 -23.72 18.92 65.38
C ASN E 35 -22.24 19.22 65.59
N GLU E 36 -21.80 19.18 66.84
CA GLU E 36 -20.39 19.43 67.20
C GLU E 36 -19.46 18.41 66.57
N GLU E 37 -19.95 17.17 66.45
CA GLU E 37 -19.17 16.09 65.88
C GLU E 37 -18.61 16.43 64.49
N ALA E 38 -19.44 17.09 63.69
CA ALA E 38 -19.06 17.45 62.32
C ALA E 38 -18.38 18.82 62.17
N MET E 39 -18.40 19.61 63.24
CA MET E 39 -17.79 20.94 63.21
C MET E 39 -16.39 20.93 62.59
N PRO E 40 -16.19 21.71 61.51
CA PRO E 40 -14.89 21.80 60.85
C PRO E 40 -13.91 22.64 61.68
N GLU E 41 -12.61 22.43 61.49
CA GLU E 41 -11.60 23.16 62.24
C GLU E 41 -11.10 24.41 61.51
N LEU E 42 -11.77 25.53 61.79
CA LEU E 42 -11.42 26.81 61.19
C LEU E 42 -10.95 27.77 62.28
N SER E 43 -10.02 28.64 61.94
CA SER E 43 -9.53 29.62 62.90
C SER E 43 -10.48 30.80 62.95
N ASP E 44 -10.28 31.70 63.91
CA ASP E 44 -11.13 32.87 64.03
C ASP E 44 -10.95 33.82 62.84
N GLU E 45 -9.81 33.73 62.19
CA GLU E 45 -9.52 34.58 61.04
C GLU E 45 -10.20 34.00 59.79
N GLN E 46 -10.28 32.68 59.72
CA GLN E 46 -10.93 32.01 58.60
C GLN E 46 -12.45 32.17 58.67
N LEU E 47 -12.99 32.18 59.88
CA LEU E 47 -14.43 32.35 60.08
C LEU E 47 -14.88 33.75 59.68
N LYS E 48 -14.06 34.74 59.98
CA LYS E 48 -14.35 36.13 59.64
C LYS E 48 -14.19 36.30 58.13
N GLU E 49 -13.22 35.59 57.58
CA GLU E 49 -12.93 35.59 56.15
C GLU E 49 -14.14 35.08 55.37
N LEU E 50 -14.74 34.01 55.87
CA LEU E 50 -15.89 33.38 55.22
C LEU E 50 -17.11 34.29 55.25
N MET E 51 -17.27 35.01 56.36
CA MET E 51 -18.40 35.93 56.52
C MET E 51 -18.24 37.14 55.62
N ARG E 52 -17.01 37.63 55.49
CA ARG E 52 -16.73 38.79 54.65
C ARG E 52 -17.02 38.50 53.18
N ARG E 53 -16.72 37.29 52.74
CA ARG E 53 -16.95 36.91 51.35
C ARG E 53 -18.44 36.75 51.05
N MET E 54 -19.20 36.26 52.03
CA MET E 54 -20.63 36.07 51.86
C MET E 54 -21.40 37.40 51.83
N VAL E 55 -20.96 38.35 52.65
CA VAL E 55 -21.57 39.67 52.70
C VAL E 55 -21.19 40.45 51.45
N TYR E 56 -19.95 40.28 51.01
CA TYR E 56 -19.45 40.93 49.81
C TYR E 56 -20.22 40.42 48.59
N THR E 57 -20.53 39.12 48.59
CA THR E 57 -21.26 38.50 47.50
C THR E 57 -22.73 38.95 47.49
N ARG E 58 -23.29 39.16 48.68
CA ARG E 58 -24.66 39.62 48.82
C ARG E 58 -24.79 41.01 48.22
N ILE E 59 -23.81 41.87 48.51
CA ILE E 59 -23.78 43.21 47.96
C ILE E 59 -23.59 43.16 46.45
N LEU E 60 -22.75 42.23 46.00
CA LEU E 60 -22.50 42.05 44.57
C LEU E 60 -23.80 41.79 43.83
N ASP E 61 -24.65 40.96 44.40
CA ASP E 61 -25.94 40.64 43.78
C ASP E 61 -26.80 41.89 43.69
N GLN E 62 -26.88 42.64 44.79
CA GLN E 62 -27.69 43.86 44.84
C GLN E 62 -27.22 44.88 43.80
N ARG E 63 -25.92 45.13 43.76
CA ARG E 63 -25.34 46.09 42.81
C ARG E 63 -25.43 45.61 41.36
N SER E 64 -25.30 44.30 41.15
CA SER E 64 -25.38 43.73 39.80
C SER E 64 -26.79 43.83 39.23
N ILE E 65 -27.79 43.57 40.07
CA ILE E 65 -29.17 43.69 39.64
C ILE E 65 -29.47 45.14 39.27
N SER E 66 -28.94 46.06 40.08
CA SER E 66 -29.12 47.49 39.84
C SER E 66 -28.49 47.92 38.52
N LEU E 67 -27.24 47.56 38.31
CA LEU E 67 -26.52 47.89 37.08
C LEU E 67 -27.22 47.33 35.84
N ASN E 68 -27.69 46.09 35.93
CA ASN E 68 -28.40 45.46 34.82
C ASN E 68 -29.65 46.22 34.42
N ARG E 69 -30.43 46.66 35.40
CA ARG E 69 -31.64 47.41 35.13
C ARG E 69 -31.30 48.77 34.51
N GLN E 70 -30.13 49.31 34.86
CA GLN E 70 -29.68 50.58 34.31
C GLN E 70 -29.13 50.39 32.89
N GLY E 71 -28.96 49.13 32.50
CA GLY E 71 -28.42 48.80 31.18
C GLY E 71 -26.91 48.76 31.17
N ARG E 72 -26.29 48.85 32.35
CA ARG E 72 -24.84 48.84 32.47
C ARG E 72 -24.27 47.43 32.56
N LEU E 73 -25.16 46.44 32.60
CA LEU E 73 -24.78 45.04 32.60
C LEU E 73 -25.71 44.27 31.68
N GLY E 74 -25.22 43.16 31.15
CA GLY E 74 -26.01 42.33 30.26
C GLY E 74 -26.61 41.17 31.03
N PHE E 75 -26.40 39.96 30.53
CA PHE E 75 -26.92 38.76 31.17
C PHE E 75 -26.46 38.66 32.62
N TYR E 76 -27.39 38.35 33.50
CA TYR E 76 -27.09 38.17 34.91
C TYR E 76 -28.06 37.23 35.60
N ALA E 77 -27.52 36.29 36.37
CA ALA E 77 -28.33 35.34 37.11
C ALA E 77 -28.10 35.54 38.61
N PRO E 78 -29.09 36.12 39.29
CA PRO E 78 -29.07 36.42 40.73
C PRO E 78 -28.50 35.31 41.61
N THR E 79 -27.77 35.70 42.65
CA THR E 79 -27.13 34.75 43.55
C THR E 79 -27.54 34.89 45.02
N ALA E 80 -28.23 35.98 45.34
CA ALA E 80 -28.67 36.22 46.72
C ALA E 80 -29.41 35.02 47.31
N GLY E 81 -28.87 34.48 48.40
CA GLY E 81 -29.47 33.32 49.05
C GLY E 81 -28.58 32.09 49.02
N GLN E 82 -27.82 31.95 47.95
CA GLN E 82 -26.91 30.80 47.79
C GLN E 82 -25.49 31.12 48.26
N GLU E 83 -25.34 32.15 49.10
CA GLU E 83 -24.01 32.52 49.60
C GLU E 83 -23.28 31.37 50.27
N ALA E 84 -23.99 30.57 51.05
CA ALA E 84 -23.37 29.42 51.72
C ALA E 84 -23.10 28.30 50.74
N SER E 85 -24.00 28.13 49.77
CA SER E 85 -23.84 27.07 48.78
C SER E 85 -22.71 27.37 47.80
N GLN E 86 -22.54 28.65 47.46
CA GLN E 86 -21.52 29.06 46.50
C GLN E 86 -20.18 29.50 47.11
N ILE E 87 -20.24 30.27 48.20
CA ILE E 87 -19.03 30.81 48.82
C ILE E 87 -18.35 29.86 49.82
N ALA E 88 -19.14 29.17 50.63
CA ALA E 88 -18.58 28.24 51.61
C ALA E 88 -18.01 26.99 50.95
N SER E 89 -18.52 26.68 49.76
CA SER E 89 -18.04 25.53 49.02
C SER E 89 -16.69 25.86 48.42
N HIS E 90 -16.58 27.06 47.88
CA HIS E 90 -15.31 27.52 47.31
C HIS E 90 -14.25 27.68 48.38
N PHE E 91 -14.69 28.05 49.57
CA PHE E 91 -13.80 28.30 50.69
C PHE E 91 -13.00 27.04 51.09
N ALA E 92 -13.51 25.88 50.71
CA ALA E 92 -12.86 24.61 51.01
C ALA E 92 -11.85 24.23 49.93
N LEU E 93 -11.81 25.01 48.85
CA LEU E 93 -10.92 24.73 47.74
C LEU E 93 -9.53 25.30 47.92
N GLU E 94 -8.67 25.04 46.94
CA GLU E 94 -7.30 25.49 46.94
C GLU E 94 -7.02 26.10 45.56
N LYS E 95 -6.03 26.99 45.48
CA LYS E 95 -5.67 27.64 44.23
C LYS E 95 -5.37 26.64 43.12
N GLU E 96 -4.93 25.45 43.55
CA GLU E 96 -4.57 24.35 42.67
C GLU E 96 -5.79 23.62 42.09
N ASP E 97 -6.97 23.88 42.66
CA ASP E 97 -8.22 23.26 42.20
C ASP E 97 -8.80 23.96 40.97
N PHE E 98 -9.46 23.18 40.11
CA PHE E 98 -10.05 23.71 38.88
C PHE E 98 -11.57 23.77 39.00
N ILE E 99 -12.15 24.91 38.65
CA ILE E 99 -13.60 25.10 38.75
C ILE E 99 -14.29 25.19 37.38
N LEU E 100 -15.41 24.49 37.26
CA LEU E 100 -16.22 24.54 36.05
C LEU E 100 -17.63 24.98 36.45
N PRO E 101 -17.84 26.30 36.54
CA PRO E 101 -19.11 26.85 36.97
C PRO E 101 -20.17 26.93 35.87
N GLY E 102 -21.41 27.14 36.29
CA GLY E 102 -22.50 27.36 35.36
C GLY E 102 -22.66 28.87 35.22
N TYR E 103 -23.68 29.29 34.47
CA TYR E 103 -23.96 30.70 34.22
C TYR E 103 -24.25 31.55 35.46
N ARG E 104 -24.66 30.89 36.55
CA ARG E 104 -25.02 31.59 37.79
C ARG E 104 -23.88 31.57 38.81
N ASP E 105 -22.91 30.69 38.59
CA ASP E 105 -21.81 30.49 39.51
C ASP E 105 -20.63 31.44 39.31
N VAL E 106 -20.94 32.71 39.03
CA VAL E 106 -19.93 33.73 38.82
C VAL E 106 -19.11 34.03 40.10
N PRO E 107 -19.78 34.11 41.26
CA PRO E 107 -19.05 34.39 42.50
C PRO E 107 -17.87 33.44 42.76
N GLN E 108 -18.07 32.15 42.52
CA GLN E 108 -17.00 31.16 42.74
C GLN E 108 -15.72 31.55 42.00
N ILE E 109 -15.84 31.81 40.71
CA ILE E 109 -14.68 32.14 39.89
C ILE E 109 -14.03 33.48 40.24
N ILE E 110 -14.82 34.41 40.79
CA ILE E 110 -14.30 35.69 41.23
C ILE E 110 -13.37 35.48 42.41
N TRP E 111 -13.88 34.79 43.44
CA TRP E 111 -13.08 34.51 44.64
C TRP E 111 -11.95 33.55 44.37
N HIS E 112 -11.88 33.03 43.14
CA HIS E 112 -10.83 32.08 42.79
C HIS E 112 -9.70 32.79 42.04
N GLY E 113 -9.90 34.07 41.73
CA GLY E 113 -8.87 34.85 41.06
C GLY E 113 -9.28 35.74 39.90
N LEU E 114 -10.48 35.52 39.35
CA LEU E 114 -10.94 36.31 38.22
C LEU E 114 -11.31 37.72 38.66
N PRO E 115 -10.65 38.74 38.06
CA PRO E 115 -10.91 40.13 38.38
C PRO E 115 -12.38 40.49 38.16
N LEU E 116 -12.95 41.19 39.13
CA LEU E 116 -14.34 41.59 39.11
C LEU E 116 -14.80 42.24 37.79
N TYR E 117 -13.96 43.06 37.19
CA TYR E 117 -14.35 43.76 35.96
C TYR E 117 -14.52 42.83 34.77
N GLN E 118 -13.85 41.68 34.82
CA GLN E 118 -13.97 40.70 33.75
C GLN E 118 -15.27 39.93 33.93
N ALA E 119 -15.71 39.81 35.18
CA ALA E 119 -16.98 39.17 35.49
C ALA E 119 -18.10 40.04 34.95
N PHE E 120 -17.88 41.36 34.94
CA PHE E 120 -18.86 42.29 34.39
C PHE E 120 -18.83 42.26 32.86
N LEU E 121 -17.64 42.11 32.29
CA LEU E 121 -17.49 42.00 30.84
C LEU E 121 -18.12 40.70 30.33
N PHE E 122 -18.20 39.69 31.20
CA PHE E 122 -18.85 38.45 30.82
C PHE E 122 -20.36 38.67 30.72
N SER E 123 -20.86 39.53 31.61
CA SER E 123 -22.27 39.88 31.65
C SER E 123 -22.62 40.70 30.41
N ARG E 124 -21.77 41.70 30.12
CA ARG E 124 -21.98 42.58 28.98
C ARG E 124 -21.83 41.88 27.64
N GLY E 125 -20.94 40.88 27.60
CA GLY E 125 -20.71 40.13 26.37
C GLY E 125 -19.46 40.61 25.65
N HIS E 126 -18.32 40.51 26.32
CA HIS E 126 -17.04 40.91 25.77
C HIS E 126 -16.06 39.74 25.97
N PHE E 127 -15.24 39.44 24.96
CA PHE E 127 -14.32 38.31 25.04
C PHE E 127 -13.27 38.44 26.14
N HIS E 128 -12.84 39.67 26.41
CA HIS E 128 -11.83 39.89 27.44
C HIS E 128 -12.30 39.44 28.81
N GLY E 129 -13.62 39.44 29.02
CA GLY E 129 -14.19 39.01 30.28
C GLY E 129 -14.02 37.52 30.52
N ASN E 130 -13.73 36.78 29.46
CA ASN E 130 -13.51 35.34 29.56
C ASN E 130 -12.04 34.95 29.49
N GLN E 131 -11.17 35.93 29.32
CA GLN E 131 -9.74 35.67 29.29
C GLN E 131 -9.20 35.49 30.70
N ILE E 132 -9.41 34.30 31.27
CA ILE E 132 -8.95 33.97 32.62
C ILE E 132 -7.44 34.21 32.71
N PRO E 133 -7.00 34.96 33.74
CA PRO E 133 -5.57 35.23 33.88
C PRO E 133 -4.78 33.99 34.31
N GLU E 134 -3.45 34.09 34.26
CA GLU E 134 -2.58 33.00 34.67
C GLU E 134 -2.78 32.62 36.13
N GLY E 135 -2.60 31.34 36.44
CA GLY E 135 -2.73 30.86 37.81
C GLY E 135 -4.15 30.61 38.27
N VAL E 136 -5.12 31.17 37.55
CA VAL E 136 -6.52 30.98 37.92
C VAL E 136 -7.11 29.82 37.12
N ASN E 137 -7.37 28.73 37.82
CA ASN E 137 -7.89 27.51 37.21
C ASN E 137 -9.42 27.50 37.18
N VAL E 138 -10.00 28.17 36.19
CA VAL E 138 -11.44 28.20 36.03
C VAL E 138 -11.81 28.30 34.55
N LEU E 139 -13.03 27.87 34.23
CA LEU E 139 -13.59 28.04 32.90
C LEU E 139 -14.64 29.12 32.99
N PRO E 140 -14.91 29.82 31.86
CA PRO E 140 -15.98 30.79 31.86
C PRO E 140 -17.31 30.10 32.12
N PRO E 141 -18.28 30.82 32.69
CA PRO E 141 -19.59 30.24 33.01
C PRO E 141 -20.19 29.46 31.84
N GLN E 142 -20.46 28.18 32.06
CA GLN E 142 -21.05 27.32 31.03
C GLN E 142 -22.55 27.61 30.88
N ILE E 143 -22.99 27.86 29.65
CA ILE E 143 -24.39 28.18 29.38
C ILE E 143 -25.24 26.93 29.12
N ILE E 144 -24.60 25.86 28.64
CA ILE E 144 -25.30 24.62 28.33
C ILE E 144 -25.46 23.73 29.56
N ILE E 145 -26.70 23.65 30.06
CA ILE E 145 -27.01 22.87 31.26
C ILE E 145 -26.52 21.42 31.16
N GLY E 146 -25.56 21.07 32.01
CA GLY E 146 -25.03 19.71 32.04
C GLY E 146 -23.66 19.54 31.40
N ALA E 147 -23.35 20.41 30.44
CA ALA E 147 -22.08 20.33 29.72
C ALA E 147 -20.88 20.33 30.66
N GLN E 148 -20.93 21.16 31.70
CA GLN E 148 -19.81 21.27 32.63
C GLN E 148 -19.53 19.96 33.40
N TYR E 149 -20.52 19.08 33.48
CA TYR E 149 -20.37 17.81 34.18
C TYR E 149 -19.47 16.79 33.48
N ILE E 150 -19.65 16.61 32.18
CA ILE E 150 -18.80 15.68 31.45
C ILE E 150 -17.39 16.26 31.25
N GLN E 151 -17.29 17.58 31.28
CA GLN E 151 -16.00 18.25 31.14
C GLN E 151 -15.24 18.17 32.45
N ALA E 152 -15.96 18.18 33.57
CA ALA E 152 -15.33 18.07 34.88
C ALA E 152 -14.74 16.67 35.05
N ALA E 153 -15.43 15.67 34.53
CA ALA E 153 -14.96 14.28 34.61
C ALA E 153 -13.63 14.14 33.89
N GLY E 154 -13.42 14.97 32.85
CA GLY E 154 -12.19 14.96 32.08
C GLY E 154 -11.07 15.71 32.78
N VAL E 155 -11.40 16.87 33.34
CA VAL E 155 -10.42 17.66 34.08
C VAL E 155 -9.90 16.86 35.27
N ALA E 156 -10.83 16.24 36.00
CA ALA E 156 -10.47 15.41 37.15
C ALA E 156 -9.53 14.30 36.70
N LEU E 157 -9.91 13.58 35.65
CA LEU E 157 -9.08 12.51 35.11
C LEU E 157 -7.72 13.04 34.71
N GLY E 158 -7.70 14.26 34.17
CA GLY E 158 -6.45 14.90 33.78
C GLY E 158 -5.54 15.09 34.97
N LEU E 159 -6.08 15.65 36.05
CA LEU E 159 -5.34 15.89 37.28
C LEU E 159 -4.81 14.61 37.91
N LYS E 160 -5.56 13.53 37.76
CA LYS E 160 -5.18 12.23 38.28
C LYS E 160 -3.98 11.67 37.53
N MET E 161 -4.04 11.73 36.19
CA MET E 161 -2.97 11.22 35.35
C MET E 161 -1.62 11.87 35.63
N ARG E 162 -1.64 13.14 36.06
CA ARG E 162 -0.41 13.84 36.39
C ARG E 162 -0.13 13.77 37.89
N GLY E 163 -0.91 12.94 38.58
CA GLY E 163 -0.75 12.77 40.03
C GLY E 163 -0.76 14.06 40.82
N LYS E 164 -1.62 15.00 40.46
CA LYS E 164 -1.68 16.28 41.17
C LYS E 164 -2.63 16.22 42.37
N LYS E 165 -2.20 16.83 43.46
CA LYS E 165 -3.00 16.87 44.67
C LYS E 165 -4.06 17.96 44.56
N ALA E 166 -4.97 17.78 43.60
CA ALA E 166 -6.03 18.75 43.35
C ALA E 166 -7.31 18.07 42.90
N VAL E 167 -8.39 18.85 42.81
CA VAL E 167 -9.67 18.31 42.38
C VAL E 167 -10.35 19.19 41.32
N ALA E 168 -11.38 18.64 40.72
CA ALA E 168 -12.20 19.36 39.77
C ALA E 168 -13.54 19.53 40.44
N ILE E 169 -14.04 20.75 40.50
CA ILE E 169 -15.33 20.99 41.11
C ILE E 169 -16.25 21.67 40.12
N THR E 170 -17.52 21.26 40.09
CA THR E 170 -18.49 21.83 39.17
C THR E 170 -19.84 22.03 39.86
N TYR E 171 -20.63 22.96 39.34
CA TYR E 171 -21.93 23.27 39.90
C TYR E 171 -23.02 23.23 38.84
N THR E 172 -24.21 22.81 39.25
CA THR E 172 -25.39 22.82 38.38
C THR E 172 -26.62 22.94 39.28
N GLY E 173 -27.75 23.34 38.69
CA GLY E 173 -28.97 23.48 39.46
C GLY E 173 -29.77 22.20 39.50
N ASP E 174 -30.88 22.21 40.24
CA ASP E 174 -31.77 21.06 40.34
C ASP E 174 -32.28 20.61 38.97
N GLY E 175 -32.57 21.57 38.10
CA GLY E 175 -33.08 21.25 36.76
C GLY E 175 -32.07 20.49 35.93
N GLY E 176 -30.80 20.86 36.06
CA GLY E 176 -29.70 20.24 35.33
C GLY E 176 -29.51 18.75 35.59
N THR E 177 -30.06 18.28 36.70
CA THR E 177 -29.95 16.87 37.06
C THR E 177 -30.72 15.99 36.07
N SER E 178 -31.59 16.59 35.29
CA SER E 178 -32.39 15.85 34.31
C SER E 178 -31.65 15.61 33.00
N GLN E 179 -30.56 16.33 32.79
CA GLN E 179 -29.79 16.19 31.56
C GLN E 179 -29.00 14.88 31.53
N GLY E 180 -28.84 14.32 30.33
CA GLY E 180 -28.09 13.10 30.15
C GLY E 180 -26.63 13.32 30.45
N ASP E 181 -26.14 14.53 30.15
CA ASP E 181 -24.75 14.89 30.42
C ASP E 181 -24.44 14.89 31.91
N PHE E 182 -25.45 15.22 32.71
CA PHE E 182 -25.32 15.21 34.17
C PHE E 182 -24.97 13.79 34.63
N TYR E 183 -25.76 12.83 34.17
CA TYR E 183 -25.56 11.42 34.49
C TYR E 183 -24.24 10.88 33.93
N GLU E 184 -24.02 11.07 32.63
CA GLU E 184 -22.79 10.59 32.01
C GLU E 184 -21.59 11.17 32.74
N GLY E 185 -21.72 12.42 33.15
CA GLY E 185 -20.66 13.11 33.88
C GLY E 185 -20.24 12.37 35.14
N ILE E 186 -21.19 12.15 36.04
CA ILE E 186 -20.90 11.46 37.29
C ILE E 186 -20.57 9.98 37.09
N ASN E 187 -21.12 9.37 36.03
CA ASN E 187 -20.84 7.98 35.76
C ASN E 187 -19.40 7.80 35.26
N PHE E 188 -18.92 8.77 34.48
CA PHE E 188 -17.54 8.75 34.01
C PHE E 188 -16.56 8.99 35.15
N ALA E 189 -16.85 9.97 35.99
CA ALA E 189 -16.01 10.26 37.15
C ALA E 189 -15.88 9.05 38.06
N GLY E 190 -16.94 8.25 38.13
CA GLY E 190 -16.94 7.04 38.96
C GLY E 190 -16.16 5.91 38.30
N ALA E 191 -16.46 5.65 37.04
CA ALA E 191 -15.79 4.61 36.27
C ALA E 191 -14.27 4.78 36.31
N PHE E 192 -13.80 6.02 36.09
CA PHE E 192 -12.37 6.30 36.12
C PHE E 192 -11.89 6.66 37.53
N LYS E 193 -12.78 6.54 38.50
CA LYS E 193 -12.44 6.85 39.89
C LYS E 193 -11.62 8.14 39.89
N ALA E 194 -12.21 9.20 39.36
CA ALA E 194 -11.54 10.49 39.22
C ALA E 194 -11.89 11.48 40.33
N PRO E 195 -10.93 12.38 40.65
CA PRO E 195 -11.08 13.37 41.71
C PRO E 195 -11.99 14.53 41.29
N ALA E 196 -13.30 14.30 41.37
CA ALA E 196 -14.25 15.34 40.97
C ALA E 196 -15.32 15.57 42.03
N ILE E 197 -15.66 16.84 42.25
CA ILE E 197 -16.71 17.20 43.19
C ILE E 197 -17.86 17.81 42.41
N PHE E 198 -18.97 17.07 42.34
CA PHE E 198 -20.16 17.53 41.64
C PHE E 198 -21.15 18.14 42.60
N VAL E 199 -21.41 19.44 42.46
CA VAL E 199 -22.34 20.12 43.34
C VAL E 199 -23.66 20.41 42.64
N VAL E 200 -24.76 20.03 43.29
CA VAL E 200 -26.10 20.30 42.77
C VAL E 200 -26.79 21.28 43.71
N GLN E 201 -27.14 22.44 43.19
CA GLN E 201 -27.79 23.49 43.96
C GLN E 201 -29.29 23.47 43.71
N ASN E 202 -30.01 22.87 44.64
CA ASN E 202 -31.45 22.71 44.54
C ASN E 202 -32.26 23.81 45.21
N ASN E 203 -32.80 24.73 44.41
CA ASN E 203 -33.66 25.77 44.94
C ASN E 203 -35.12 25.50 44.61
N ARG E 204 -35.41 24.25 44.26
CA ARG E 204 -36.77 23.78 44.00
C ARG E 204 -37.34 24.11 42.62
N PHE E 205 -36.78 25.09 41.95
CA PHE E 205 -37.32 25.53 40.70
C PHE E 205 -36.28 25.56 39.63
N ALA E 206 -36.66 25.12 38.46
CA ALA E 206 -35.85 25.20 37.28
C ALA E 206 -36.53 26.19 36.37
N ALA E 207 -36.09 27.41 36.43
CA ALA E 207 -36.83 28.51 35.88
C ALA E 207 -38.13 28.34 36.59
N SER E 208 -39.20 28.23 35.84
CA SER E 208 -40.52 28.18 36.38
C SER E 208 -41.06 26.81 36.68
N THR E 209 -40.26 25.78 36.58
CA THR E 209 -40.74 24.42 36.81
C THR E 209 -40.25 23.90 38.14
N PRO E 210 -41.17 23.56 39.02
CA PRO E 210 -40.86 22.99 40.33
C PRO E 210 -40.11 21.66 40.22
N VAL E 211 -39.27 21.36 41.20
CA VAL E 211 -38.47 20.13 41.19
C VAL E 211 -39.32 18.87 41.01
N GLU E 212 -40.53 18.88 41.54
CA GLU E 212 -41.42 17.71 41.43
C GLU E 212 -41.67 17.31 39.98
N LYS E 213 -41.64 18.28 39.07
CA LYS E 213 -41.88 17.98 37.66
C LYS E 213 -40.60 17.64 36.90
N GLN E 214 -39.46 17.70 37.59
CA GLN E 214 -38.18 17.32 37.00
C GLN E 214 -37.97 15.82 37.16
N THR E 215 -38.27 15.31 38.35
CA THR E 215 -38.06 13.91 38.66
C THR E 215 -38.99 13.43 39.78
N VAL E 216 -39.12 12.11 39.92
CA VAL E 216 -39.95 11.54 40.97
C VAL E 216 -39.06 11.17 42.16
N ALA E 217 -37.74 11.25 41.95
CA ALA E 217 -36.78 10.98 43.02
C ALA E 217 -37.01 11.98 44.16
N LYS E 218 -37.06 11.47 45.40
CA LYS E 218 -37.36 12.32 46.55
C LYS E 218 -36.18 13.21 46.97
N THR E 219 -34.97 12.77 46.68
CA THR E 219 -33.78 13.57 46.92
C THR E 219 -33.03 13.62 45.59
N LEU E 220 -32.13 14.58 45.45
CA LEU E 220 -31.35 14.66 44.22
C LEU E 220 -29.98 14.04 44.46
N ALA E 221 -29.62 13.90 45.73
CA ALA E 221 -28.36 13.29 46.10
C ALA E 221 -28.36 11.81 45.78
N GLN E 222 -29.55 11.20 45.80
CA GLN E 222 -29.69 9.77 45.52
C GLN E 222 -29.34 9.43 44.07
N LYS E 223 -29.26 10.45 43.22
CA LYS E 223 -28.90 10.22 41.81
C LYS E 223 -27.47 9.69 41.68
N ALA E 224 -26.67 9.90 42.73
CA ALA E 224 -25.29 9.43 42.75
C ALA E 224 -25.23 7.91 42.84
N VAL E 225 -26.35 7.29 43.20
CA VAL E 225 -26.45 5.85 43.32
C VAL E 225 -26.24 5.17 41.97
N ALA E 226 -26.83 5.76 40.94
CA ALA E 226 -26.74 5.23 39.58
C ALA E 226 -25.31 5.22 39.05
N ALA E 227 -24.47 6.09 39.61
CA ALA E 227 -23.07 6.17 39.20
C ALA E 227 -22.18 5.34 40.13
N GLY E 228 -22.76 4.87 41.23
CA GLY E 228 -22.03 4.06 42.20
C GLY E 228 -21.10 4.87 43.08
N ILE E 229 -21.38 6.17 43.19
CA ILE E 229 -20.55 7.05 43.99
C ILE E 229 -21.35 7.61 45.17
N PRO E 230 -20.64 8.07 46.21
CA PRO E 230 -21.31 8.61 47.38
C PRO E 230 -22.05 9.92 47.08
N GLY E 231 -23.20 10.10 47.71
CA GLY E 231 -24.02 11.29 47.53
C GLY E 231 -24.33 11.90 48.88
N ILE E 232 -24.29 13.22 48.96
CA ILE E 232 -24.55 13.93 50.20
C ILE E 232 -25.55 15.06 50.04
N GLN E 233 -26.67 14.99 50.78
CA GLN E 233 -27.62 16.08 50.79
C GLN E 233 -27.31 16.95 51.99
N VAL E 234 -27.17 18.26 51.76
CA VAL E 234 -26.79 19.18 52.82
C VAL E 234 -27.62 20.46 52.83
N ASP E 235 -27.74 21.05 54.02
CA ASP E 235 -28.45 22.31 54.18
C ASP E 235 -27.66 23.39 53.44
N GLY E 236 -28.15 23.76 52.27
CA GLY E 236 -27.48 24.74 51.42
C GLY E 236 -27.46 26.16 51.96
N MET E 237 -28.18 26.38 53.06
CA MET E 237 -28.23 27.70 53.69
C MET E 237 -27.34 27.69 54.94
N ASP E 238 -26.56 26.62 55.08
CA ASP E 238 -25.67 26.45 56.23
C ASP E 238 -24.22 26.44 55.77
N PRO E 239 -23.51 27.57 55.97
CA PRO E 239 -22.12 27.73 55.56
C PRO E 239 -21.20 26.60 56.04
N LEU E 240 -21.27 26.26 57.32
CA LEU E 240 -20.40 25.23 57.88
C LEU E 240 -20.70 23.83 57.34
N ALA E 241 -21.98 23.54 57.11
CA ALA E 241 -22.36 22.24 56.56
C ALA E 241 -21.82 22.10 55.14
N VAL E 242 -21.97 23.17 54.35
CA VAL E 242 -21.48 23.17 52.98
C VAL E 242 -19.96 23.04 52.94
N TYR E 243 -19.28 23.79 53.80
CA TYR E 243 -17.82 23.75 53.86
C TYR E 243 -17.30 22.35 54.17
N ALA E 244 -17.82 21.76 55.24
CA ALA E 244 -17.41 20.43 55.68
C ALA E 244 -17.70 19.36 54.63
N ALA E 245 -18.87 19.45 54.00
CA ALA E 245 -19.27 18.50 52.95
C ALA E 245 -18.28 18.53 51.79
N VAL E 246 -17.89 19.73 51.37
CA VAL E 246 -16.92 19.89 50.29
C VAL E 246 -15.54 19.48 50.77
N LYS E 247 -15.24 19.82 52.02
CA LYS E 247 -13.97 19.47 52.66
C LYS E 247 -13.79 17.95 52.67
N ALA E 248 -14.82 17.23 53.11
CA ALA E 248 -14.77 15.77 53.14
C ALA E 248 -14.69 15.20 51.73
N ALA E 249 -15.41 15.85 50.81
CA ALA E 249 -15.41 15.43 49.41
C ALA E 249 -14.04 15.63 48.78
N ARG E 250 -13.35 16.69 49.21
CA ARG E 250 -12.03 16.98 48.69
C ARG E 250 -11.00 15.96 49.19
N GLU E 251 -11.07 15.64 50.47
CA GLU E 251 -10.16 14.64 51.06
C GLU E 251 -10.29 13.30 50.37
N ARG E 252 -11.52 12.86 50.17
CA ARG E 252 -11.79 11.58 49.52
C ARG E 252 -11.20 11.55 48.12
N ALA E 253 -11.31 12.66 47.40
CA ALA E 253 -10.81 12.77 46.04
C ALA E 253 -9.28 12.80 45.94
N ILE E 254 -8.62 13.54 46.83
CA ILE E 254 -7.16 13.61 46.81
C ILE E 254 -6.53 12.28 47.22
N ASN E 255 -7.28 11.48 47.98
CA ASN E 255 -6.82 10.16 48.39
C ASN E 255 -6.93 9.15 47.25
N GLY E 256 -7.52 9.59 46.15
CA GLY E 256 -7.72 8.73 44.98
C GLY E 256 -8.92 7.81 45.16
N GLU E 257 -9.84 8.20 46.04
CA GLU E 257 -11.04 7.40 46.32
C GLU E 257 -12.26 7.75 45.46
N GLY E 258 -12.05 8.50 44.39
CA GLY E 258 -13.14 8.84 43.48
C GLY E 258 -13.92 10.11 43.78
N PRO E 259 -15.02 10.33 43.06
CA PRO E 259 -15.85 11.52 43.16
C PRO E 259 -16.94 11.44 44.22
N THR E 260 -17.70 12.52 44.35
CA THR E 260 -18.81 12.62 45.29
C THR E 260 -19.80 13.69 44.84
N LEU E 261 -21.09 13.38 44.94
CA LEU E 261 -22.14 14.31 44.57
C LEU E 261 -22.63 15.02 45.82
N ILE E 262 -22.83 16.33 45.72
CA ILE E 262 -23.30 17.13 46.84
C ILE E 262 -24.52 17.95 46.44
N GLU E 263 -25.63 17.73 47.14
CA GLU E 263 -26.86 18.48 46.89
C GLU E 263 -27.08 19.51 47.99
N THR E 264 -27.00 20.79 47.63
CA THR E 264 -27.22 21.85 48.60
C THR E 264 -28.66 22.34 48.52
N LEU E 265 -29.40 22.15 49.61
CA LEU E 265 -30.80 22.60 49.67
C LEU E 265 -30.84 24.08 50.03
N CYS E 266 -30.88 24.94 49.03
CA CYS E 266 -30.91 26.39 49.27
C CYS E 266 -32.12 27.11 48.68
N PHE E 267 -32.06 28.43 48.69
CA PHE E 267 -33.16 29.26 48.21
C PHE E 267 -32.67 30.65 47.85
N ARG E 268 -32.98 31.10 46.64
CA ARG E 268 -32.59 32.44 46.23
C ARG E 268 -33.75 33.42 46.31
N TYR E 269 -33.46 34.61 46.85
CA TYR E 269 -34.49 35.64 47.06
C TYR E 269 -34.78 36.48 45.82
N GLY E 270 -34.10 36.18 44.71
CA GLY E 270 -34.28 36.93 43.48
C GLY E 270 -34.88 36.13 42.34
N PRO E 271 -35.10 36.81 41.20
CA PRO E 271 -35.66 36.20 39.98
C PRO E 271 -34.67 35.23 39.32
N HIS E 272 -35.15 34.49 38.33
CA HIS E 272 -34.33 33.52 37.62
C HIS E 272 -33.13 34.20 36.95
N THR E 273 -33.41 35.14 36.07
CA THR E 273 -32.37 35.94 35.41
C THR E 273 -32.79 37.40 35.40
N MET E 274 -32.19 38.19 34.51
CA MET E 274 -32.49 39.61 34.41
C MET E 274 -32.88 40.00 32.98
N SER E 275 -33.77 39.25 32.37
CA SER E 275 -34.18 39.52 30.99
C SER E 275 -35.60 39.07 30.65
N GLY E 276 -36.51 40.03 30.55
CA GLY E 276 -37.91 39.75 30.22
C GLY E 276 -38.68 38.95 31.25
N ASP E 277 -37.99 38.53 32.30
CA ASP E 277 -38.63 37.75 33.36
C ASP E 277 -38.38 38.34 34.73
N ASN E 289 -40.64 35.35 52.13
CA ASN E 289 -40.75 35.86 53.49
C ASN E 289 -40.44 34.82 54.56
N GLU E 290 -40.83 33.59 54.31
CA GLU E 290 -40.59 32.49 55.24
C GLU E 290 -39.10 32.12 55.31
N TRP E 291 -38.46 32.03 54.14
CA TRP E 291 -37.05 31.70 54.05
C TRP E 291 -36.12 32.80 54.54
N ALA E 292 -36.69 33.94 54.93
CA ALA E 292 -35.91 35.07 55.43
C ALA E 292 -35.09 34.67 56.65
N LYS E 293 -35.71 33.90 57.56
CA LYS E 293 -35.03 33.45 58.76
C LYS E 293 -33.91 32.46 58.43
N LYS E 294 -33.97 31.87 57.24
CA LYS E 294 -32.98 30.89 56.81
C LYS E 294 -31.79 31.46 56.03
N ASP E 295 -31.74 32.78 55.92
CA ASP E 295 -30.64 33.45 55.23
C ASP E 295 -29.32 33.02 55.86
N PRO E 296 -28.38 32.49 55.04
CA PRO E 296 -27.09 32.04 55.54
C PRO E 296 -26.39 33.11 56.36
N LEU E 297 -26.58 34.38 55.98
CA LEU E 297 -25.97 35.49 56.68
C LEU E 297 -26.54 35.67 58.09
N VAL E 298 -27.83 35.44 58.25
CA VAL E 298 -28.49 35.58 59.54
C VAL E 298 -27.96 34.58 60.56
N ARG E 299 -28.01 33.29 60.23
CA ARG E 299 -27.56 32.25 61.15
C ARG E 299 -26.05 32.30 61.40
N PHE E 300 -25.28 32.70 60.39
CA PHE E 300 -23.83 32.75 60.53
C PHE E 300 -23.40 34.03 61.27
N ARG E 301 -24.24 35.06 61.20
CA ARG E 301 -23.95 36.30 61.92
C ARG E 301 -24.13 36.06 63.41
N LYS E 302 -25.25 35.43 63.76
CA LYS E 302 -25.56 35.09 65.15
C LYS E 302 -24.50 34.19 65.74
N PHE E 303 -23.93 33.33 64.90
CA PHE E 303 -22.89 32.39 65.31
C PHE E 303 -21.62 33.13 65.69
N LEU E 304 -21.18 34.03 64.82
CA LEU E 304 -19.96 34.80 65.07
C LEU E 304 -20.15 35.85 66.17
N GLU E 305 -21.35 36.42 66.25
CA GLU E 305 -21.64 37.42 67.28
C GLU E 305 -21.72 36.81 68.67
N ALA E 306 -21.98 35.51 68.75
CA ALA E 306 -22.03 34.81 70.03
C ALA E 306 -20.60 34.51 70.46
N LYS E 307 -19.74 34.26 69.48
CA LYS E 307 -18.33 33.99 69.73
C LYS E 307 -17.55 35.30 69.85
N GLY E 308 -18.24 36.42 69.60
CA GLY E 308 -17.62 37.74 69.66
C GLY E 308 -16.58 37.96 68.59
N LEU E 309 -16.89 37.57 67.36
CA LEU E 309 -15.95 37.70 66.24
C LEU E 309 -16.44 38.66 65.17
N TRP E 310 -17.74 38.95 65.16
CA TRP E 310 -18.32 39.80 64.13
C TRP E 310 -19.10 40.96 64.74
N SER E 311 -19.06 42.11 64.06
CA SER E 311 -19.77 43.28 64.54
C SER E 311 -20.40 44.07 63.39
N GLU E 312 -21.32 44.97 63.75
CA GLU E 312 -22.01 45.80 62.76
C GLU E 312 -21.03 46.69 62.02
N GLU E 313 -20.07 47.25 62.74
CA GLU E 313 -19.06 48.13 62.14
C GLU E 313 -18.17 47.41 61.13
N GLU E 314 -17.94 46.12 61.34
CA GLU E 314 -17.13 45.32 60.42
C GLU E 314 -17.94 44.97 59.18
N GLU E 315 -19.22 44.71 59.38
CA GLU E 315 -20.11 44.37 58.27
C GLU E 315 -20.35 45.60 57.41
N ASN E 316 -20.37 46.77 58.04
CA ASN E 316 -20.54 48.03 57.31
C ASN E 316 -19.30 48.35 56.48
N ASN E 317 -18.13 47.94 56.97
CA ASN E 317 -16.88 48.15 56.24
C ASN E 317 -16.77 47.26 55.01
N VAL E 318 -17.18 46.00 55.17
CA VAL E 318 -17.17 45.05 54.05
C VAL E 318 -18.10 45.57 52.96
N ILE E 319 -19.29 46.01 53.37
CA ILE E 319 -20.28 46.56 52.44
C ILE E 319 -19.75 47.77 51.67
N GLU E 320 -19.10 48.69 52.38
CA GLU E 320 -18.54 49.88 51.74
C GLU E 320 -17.35 49.53 50.86
N GLN E 321 -16.57 48.54 51.30
CA GLN E 321 -15.44 48.06 50.51
C GLN E 321 -15.95 47.41 49.23
N ALA E 322 -17.05 46.67 49.36
CA ALA E 322 -17.66 46.00 48.22
C ALA E 322 -18.17 47.02 47.20
N LYS E 323 -18.99 47.97 47.67
CA LYS E 323 -19.54 48.99 46.80
C LYS E 323 -18.45 49.82 46.12
N GLU E 324 -17.35 50.04 46.83
CA GLU E 324 -16.21 50.76 46.28
C GLU E 324 -15.65 49.99 45.09
N GLU E 325 -15.21 48.76 45.36
CA GLU E 325 -14.62 47.90 44.35
C GLU E 325 -15.55 47.62 43.18
N ILE E 326 -16.86 47.70 43.41
CA ILE E 326 -17.83 47.50 42.35
C ILE E 326 -17.78 48.66 41.37
N LYS E 327 -17.85 49.89 41.89
CA LYS E 327 -17.83 51.10 41.09
C LYS E 327 -16.57 51.23 40.23
N GLU E 328 -15.43 50.82 40.78
CA GLU E 328 -14.18 50.90 40.04
C GLU E 328 -14.03 49.78 39.02
N ALA E 329 -14.80 48.72 39.20
CA ALA E 329 -14.77 47.59 38.28
C ALA E 329 -15.65 47.86 37.06
N ILE E 330 -16.82 48.44 37.29
CA ILE E 330 -17.75 48.75 36.21
C ILE E 330 -17.13 49.84 35.31
N LYS E 331 -16.37 50.73 35.93
CA LYS E 331 -15.68 51.80 35.22
C LYS E 331 -14.60 51.19 34.33
N LYS E 332 -13.88 50.22 34.88
CA LYS E 332 -12.80 49.55 34.16
C LYS E 332 -13.37 48.77 32.96
N ALA E 333 -14.60 48.29 33.09
CA ALA E 333 -15.27 47.57 32.02
C ALA E 333 -15.66 48.54 30.91
N ASP E 334 -16.03 49.76 31.30
CA ASP E 334 -16.38 50.82 30.35
C ASP E 334 -15.14 51.26 29.59
N GLU E 335 -14.00 51.26 30.28
CA GLU E 335 -12.74 51.69 29.70
C GLU E 335 -12.12 50.67 28.76
N THR E 336 -12.55 49.42 28.85
CA THR E 336 -12.04 48.37 27.97
C THR E 336 -12.47 48.65 26.54
N PRO E 337 -11.51 48.64 25.61
CA PRO E 337 -11.78 48.93 24.19
C PRO E 337 -12.87 48.03 23.63
N LYS E 338 -13.65 48.56 22.69
CA LYS E 338 -14.72 47.79 22.08
C LYS E 338 -14.19 46.71 21.15
N GLN E 339 -14.96 45.64 21.01
CA GLN E 339 -14.59 44.50 20.18
C GLN E 339 -14.65 44.83 18.69
N LYS E 340 -13.77 44.19 17.93
CA LYS E 340 -13.73 44.34 16.47
C LYS E 340 -13.83 42.96 15.86
N VAL E 341 -14.34 42.87 14.63
CA VAL E 341 -14.48 41.58 13.96
C VAL E 341 -13.13 40.87 13.81
N THR E 342 -12.07 41.64 13.62
CA THR E 342 -10.73 41.06 13.49
C THR E 342 -10.26 40.42 14.81
N ASP E 343 -10.70 40.97 15.93
CA ASP E 343 -10.37 40.41 17.24
C ASP E 343 -10.97 39.02 17.38
N LEU E 344 -12.24 38.90 17.01
CA LEU E 344 -12.95 37.63 17.10
C LEU E 344 -12.34 36.59 16.18
N ILE E 345 -11.94 37.03 14.98
CA ILE E 345 -11.31 36.14 14.01
C ILE E 345 -9.98 35.60 14.52
N SER E 346 -9.16 36.47 15.09
CA SER E 346 -7.84 36.11 15.62
C SER E 346 -7.88 35.06 16.73
N ILE E 347 -8.96 35.05 17.51
CA ILE E 347 -9.08 34.11 18.62
C ILE E 347 -9.76 32.79 18.25
N MET E 348 -9.92 32.53 16.96
CA MET E 348 -10.55 31.30 16.49
C MET E 348 -9.58 30.12 16.44
N PHE E 349 -8.41 30.35 15.84
CA PHE E 349 -7.39 29.32 15.69
C PHE E 349 -6.01 29.87 16.01
N GLU E 350 -5.05 28.96 16.18
CA GLU E 350 -3.66 29.34 16.41
C GLU E 350 -3.15 29.95 15.10
N GLU E 351 -3.41 29.24 14.01
CA GLU E 351 -3.13 29.71 12.67
C GLU E 351 -4.46 29.70 11.91
N LEU E 352 -4.80 30.81 11.27
CA LEU E 352 -6.08 30.92 10.59
C LEU E 352 -6.21 30.11 9.30
N PRO E 353 -7.38 29.47 9.11
CA PRO E 353 -7.66 28.72 7.89
C PRO E 353 -7.91 29.71 6.76
N PHE E 354 -7.64 29.30 5.52
CA PHE E 354 -7.78 30.19 4.37
C PHE E 354 -8.95 31.17 4.43
N ASN E 355 -10.15 30.65 4.67
CA ASN E 355 -11.35 31.50 4.72
C ASN E 355 -11.23 32.65 5.72
N LEU E 356 -10.69 32.36 6.89
CA LEU E 356 -10.52 33.40 7.91
C LEU E 356 -9.39 34.38 7.56
N LYS E 357 -8.45 33.93 6.74
CA LYS E 357 -7.37 34.81 6.29
C LYS E 357 -7.91 35.87 5.35
N GLU E 358 -8.80 35.46 4.45
CA GLU E 358 -9.44 36.39 3.53
C GLU E 358 -10.31 37.37 4.28
N GLN E 359 -11.14 36.85 5.18
CA GLN E 359 -12.07 37.64 5.95
C GLN E 359 -11.37 38.60 6.92
N TYR E 360 -10.25 38.17 7.47
CA TYR E 360 -9.50 39.02 8.39
C TYR E 360 -9.07 40.29 7.66
N GLU E 361 -8.56 40.13 6.44
CA GLU E 361 -8.13 41.28 5.66
C GLU E 361 -9.31 42.13 5.17
N ILE E 362 -10.44 41.48 4.90
CA ILE E 362 -11.64 42.19 4.49
C ILE E 362 -12.08 43.12 5.62
N TYR E 363 -12.09 42.60 6.85
CA TYR E 363 -12.51 43.38 8.00
C TYR E 363 -11.45 44.32 8.56
N LYS E 364 -10.19 44.09 8.20
CA LYS E 364 -9.12 44.99 8.62
C LYS E 364 -9.30 46.27 7.82
N GLU E 365 -9.88 46.12 6.63
CA GLU E 365 -10.17 47.25 5.75
C GLU E 365 -11.30 48.10 6.30
N LYS E 366 -12.40 47.45 6.70
CA LYS E 366 -13.54 48.16 7.29
C LYS E 366 -13.13 48.98 8.50
N GLU E 367 -12.39 48.33 9.40
CA GLU E 367 -11.95 48.95 10.65
C GLU E 367 -10.97 50.11 10.43
N SER E 368 -10.26 50.09 9.31
CA SER E 368 -9.29 51.14 8.99
C SER E 368 -10.00 52.41 8.52
N LYS E 369 -11.19 52.24 7.93
CA LYS E 369 -11.97 53.37 7.44
C LYS E 369 -12.41 54.29 8.58
N ALA F 2 6.79 0.65 4.22
CA ALA F 2 6.56 0.81 2.75
C ALA F 2 5.10 0.57 2.36
N GLN F 3 4.83 -0.54 1.68
CA GLN F 3 3.47 -0.85 1.25
C GLN F 3 2.53 -1.05 2.43
N MET F 4 1.60 -0.11 2.59
CA MET F 4 0.65 -0.16 3.70
C MET F 4 -0.78 0.07 3.22
N THR F 5 -1.75 -0.50 3.93
CA THR F 5 -3.15 -0.24 3.66
C THR F 5 -3.42 1.10 4.34
N MET F 6 -4.59 1.68 4.14
CA MET F 6 -4.87 2.97 4.76
C MET F 6 -4.96 2.83 6.28
N VAL F 7 -5.56 1.74 6.75
CA VAL F 7 -5.69 1.51 8.18
C VAL F 7 -4.33 1.28 8.84
N GLN F 8 -3.38 0.75 8.08
CA GLN F 8 -2.02 0.54 8.60
C GLN F 8 -1.35 1.88 8.79
N ALA F 9 -1.49 2.76 7.79
CA ALA F 9 -0.91 4.10 7.83
C ALA F 9 -1.46 4.86 9.02
N ILE F 10 -2.75 4.68 9.28
CA ILE F 10 -3.41 5.30 10.42
C ILE F 10 -2.72 4.84 11.69
N THR F 11 -2.69 3.53 11.88
CA THR F 11 -2.08 2.93 13.06
C THR F 11 -0.65 3.39 13.21
N ASP F 12 0.05 3.49 12.09
CA ASP F 12 1.44 3.93 12.08
C ASP F 12 1.55 5.37 12.56
N ALA F 13 0.62 6.21 12.12
CA ALA F 13 0.60 7.62 12.51
C ALA F 13 0.32 7.77 14.00
N LEU F 14 -0.58 6.94 14.52
CA LEU F 14 -0.93 6.98 15.93
C LEU F 14 0.25 6.53 16.78
N ARG F 15 1.03 5.59 16.26
CA ARG F 15 2.20 5.07 16.96
C ARG F 15 3.27 6.16 17.07
N ILE F 16 3.52 6.86 15.97
CA ILE F 16 4.51 7.93 15.92
C ILE F 16 4.20 9.04 16.92
N GLU F 17 2.93 9.41 17.03
CA GLU F 17 2.52 10.46 17.95
C GLU F 17 2.55 9.99 19.40
N LEU F 18 2.24 8.73 19.64
CA LEU F 18 2.29 8.20 20.99
C LEU F 18 3.70 8.20 21.54
N LYS F 19 4.69 8.10 20.66
CA LYS F 19 6.08 8.07 21.09
C LYS F 19 6.73 9.45 21.12
N ASN F 20 6.50 10.24 20.07
CA ASN F 20 7.09 11.59 19.99
C ASN F 20 6.49 12.59 20.98
N ASP F 21 5.23 12.40 21.34
CA ASP F 21 4.53 13.30 22.26
C ASP F 21 3.88 12.56 23.43
N PRO F 22 4.42 12.73 24.65
CA PRO F 22 3.91 12.08 25.85
C PRO F 22 2.49 12.49 26.25
N ASN F 23 1.98 13.57 25.65
CA ASN F 23 0.64 14.06 25.96
C ASN F 23 -0.47 13.41 25.13
N VAL F 24 -0.10 12.71 24.07
CA VAL F 24 -1.07 12.06 23.21
C VAL F 24 -1.82 10.93 23.92
N LEU F 25 -3.14 10.91 23.75
CA LEU F 25 -3.99 9.89 24.36
C LEU F 25 -4.98 9.36 23.33
N ILE F 26 -5.26 8.06 23.41
CA ILE F 26 -6.24 7.44 22.53
C ILE F 26 -7.28 6.77 23.41
N PHE F 27 -8.54 7.17 23.27
CA PHE F 27 -9.60 6.54 24.06
C PHE F 27 -10.92 6.50 23.32
N GLY F 28 -11.76 5.55 23.70
CA GLY F 28 -13.06 5.37 23.07
C GLY F 28 -13.60 3.99 23.40
N GLU F 29 -14.65 3.60 22.68
CA GLU F 29 -15.27 2.30 22.91
C GLU F 29 -14.52 1.18 22.19
N ASP F 30 -14.02 0.23 22.97
CA ASP F 30 -13.32 -0.94 22.43
C ASP F 30 -12.02 -0.63 21.71
N VAL F 31 -11.30 0.41 22.15
CA VAL F 31 -10.06 0.80 21.48
C VAL F 31 -8.81 0.23 22.14
N GLY F 32 -8.90 -0.11 23.41
CA GLY F 32 -7.77 -0.66 24.14
C GLY F 32 -7.44 -2.10 23.80
N VAL F 33 -7.83 -3.02 24.69
CA VAL F 33 -7.56 -4.45 24.53
C VAL F 33 -7.90 -5.00 23.16
N ASN F 34 -9.10 -4.72 22.67
CA ASN F 34 -9.55 -5.24 21.38
C ASN F 34 -8.85 -4.60 20.18
N GLY F 35 -8.39 -3.37 20.36
CA GLY F 35 -7.69 -2.65 19.30
C GLY F 35 -8.58 -2.03 18.24
N GLY F 36 -9.86 -1.86 18.55
CA GLY F 36 -10.81 -1.25 17.61
C GLY F 36 -11.53 -2.26 16.74
N VAL F 37 -12.69 -1.87 16.23
CA VAL F 37 -13.49 -2.76 15.37
C VAL F 37 -12.87 -2.98 13.99
N PHE F 38 -11.90 -2.15 13.63
CA PHE F 38 -11.19 -2.28 12.36
C PHE F 38 -9.69 -2.42 12.61
N ARG F 39 -9.36 -2.50 13.87
CA ARG F 39 -8.00 -2.70 14.31
C ARG F 39 -7.09 -1.55 14.06
N ALA F 40 -7.67 -0.36 14.01
CA ALA F 40 -6.95 0.89 13.79
C ALA F 40 -6.04 1.24 14.96
N THR F 41 -6.37 0.71 16.14
CA THR F 41 -5.57 0.95 17.33
C THR F 41 -5.08 -0.38 17.91
N GLU F 42 -4.83 -1.35 17.04
CA GLU F 42 -4.37 -2.66 17.47
C GLU F 42 -2.90 -2.62 17.87
N GLY F 43 -2.59 -3.18 19.04
CA GLY F 43 -1.22 -3.24 19.54
C GLY F 43 -0.74 -1.95 20.17
N LEU F 44 -1.57 -0.91 20.12
CA LEU F 44 -1.19 0.39 20.67
C LEU F 44 -1.15 0.41 22.19
N GLN F 45 -2.11 -0.27 22.83
CA GLN F 45 -2.17 -0.34 24.28
C GLN F 45 -1.07 -1.22 24.83
N ALA F 46 -0.74 -2.28 24.10
CA ALA F 46 0.31 -3.21 24.51
C ALA F 46 1.67 -2.52 24.57
N GLU F 47 1.90 -1.61 23.65
CA GLU F 47 3.18 -0.91 23.56
C GLU F 47 3.29 0.33 24.45
N PHE F 48 2.20 1.05 24.62
CA PHE F 48 2.22 2.28 25.40
C PHE F 48 1.46 2.23 26.73
N GLY F 49 0.77 1.11 26.99
CA GLY F 49 0.05 0.94 28.24
C GLY F 49 -1.38 1.48 28.26
N GLU F 50 -2.17 0.97 29.20
CA GLU F 50 -3.58 1.37 29.34
C GLU F 50 -3.71 2.82 29.79
N ASP F 51 -2.62 3.37 30.31
CA ASP F 51 -2.58 4.75 30.76
C ASP F 51 -2.75 5.76 29.62
N ARG F 52 -2.35 5.36 28.42
CA ARG F 52 -2.41 6.27 27.27
C ARG F 52 -3.41 5.81 26.21
N VAL F 53 -3.69 4.51 26.20
CA VAL F 53 -4.65 3.95 25.27
C VAL F 53 -5.66 3.19 26.13
N PHE F 54 -6.88 3.72 26.26
CA PHE F 54 -7.85 3.09 27.14
C PHE F 54 -9.29 3.06 26.65
N ASP F 55 -10.08 2.17 27.24
CA ASP F 55 -11.49 2.05 26.91
C ASP F 55 -12.34 2.89 27.85
N THR F 56 -13.43 3.43 27.34
CA THR F 56 -14.33 4.25 28.14
C THR F 56 -15.69 3.56 28.25
N PRO F 57 -16.55 4.06 29.15
CA PRO F 57 -17.91 3.53 29.18
C PRO F 57 -18.58 3.86 27.84
N LEU F 58 -19.75 3.28 27.60
CA LEU F 58 -20.43 3.48 26.32
C LEU F 58 -21.29 4.75 26.36
N ALA F 59 -20.68 5.86 25.93
CA ALA F 59 -21.35 7.16 25.88
C ALA F 59 -20.49 8.19 25.13
N GLU F 60 -20.89 8.51 23.91
CA GLU F 60 -20.13 9.46 23.07
C GLU F 60 -20.03 10.86 23.68
N SER F 61 -21.13 11.34 24.26
CA SER F 61 -21.14 12.67 24.84
C SER F 61 -20.10 12.76 25.96
N GLY F 62 -20.01 11.71 26.77
CA GLY F 62 -19.04 11.65 27.86
C GLY F 62 -17.62 11.60 27.35
N ILE F 63 -17.40 10.90 26.24
CA ILE F 63 -16.08 10.81 25.63
C ILE F 63 -15.66 12.19 25.12
N GLY F 64 -16.61 12.93 24.56
CA GLY F 64 -16.35 14.28 24.07
C GLY F 64 -15.94 15.20 25.19
N GLY F 65 -16.68 15.13 26.30
CA GLY F 65 -16.39 15.94 27.48
C GLY F 65 -15.07 15.53 28.11
N LEU F 66 -14.78 14.24 28.06
CA LEU F 66 -13.54 13.71 28.61
C LEU F 66 -12.36 14.32 27.88
N ALA F 67 -12.45 14.35 26.54
CA ALA F 67 -11.41 14.95 25.70
C ALA F 67 -11.20 16.42 26.03
N ILE F 68 -12.30 17.16 26.12
CA ILE F 68 -12.26 18.58 26.47
C ILE F 68 -11.57 18.75 27.83
N GLY F 69 -12.04 17.99 28.81
CA GLY F 69 -11.46 18.03 30.16
C GLY F 69 -9.98 17.74 30.15
N LEU F 70 -9.57 16.68 29.45
CA LEU F 70 -8.16 16.32 29.34
C LEU F 70 -7.36 17.40 28.62
N ALA F 71 -7.95 17.96 27.57
CA ALA F 71 -7.31 19.03 26.82
C ALA F 71 -7.02 20.22 27.72
N LEU F 72 -7.92 20.47 28.67
CA LEU F 72 -7.74 21.56 29.63
C LEU F 72 -6.56 21.29 30.56
N GLN F 73 -6.17 20.04 30.67
CA GLN F 73 -5.05 19.66 31.54
C GLN F 73 -3.75 19.39 30.79
N GLY F 74 -3.60 20.01 29.62
CA GLY F 74 -2.37 19.89 28.85
C GLY F 74 -2.20 18.66 28.00
N PHE F 75 -3.19 17.77 28.01
CA PHE F 75 -3.12 16.56 27.21
C PHE F 75 -3.49 16.83 25.75
N ARG F 76 -3.22 15.87 24.89
CA ARG F 76 -3.51 15.99 23.46
C ARG F 76 -4.35 14.78 23.06
N PRO F 77 -5.66 14.84 23.38
CA PRO F 77 -6.60 13.73 23.20
C PRO F 77 -6.95 13.41 21.77
N VAL F 78 -6.89 12.12 21.43
CA VAL F 78 -7.27 11.64 20.11
C VAL F 78 -8.34 10.58 20.34
N PRO F 79 -9.57 11.01 20.65
CA PRO F 79 -10.67 10.09 20.93
C PRO F 79 -11.24 9.48 19.66
N GLU F 80 -11.97 8.38 19.81
CA GLU F 80 -12.58 7.74 18.66
C GLU F 80 -14.09 7.56 18.82
N ILE F 81 -14.82 7.99 17.82
CA ILE F 81 -16.26 7.74 17.76
C ILE F 81 -16.32 6.57 16.80
N GLN F 82 -16.87 5.46 17.29
CA GLN F 82 -16.86 4.20 16.54
C GLN F 82 -17.40 4.25 15.11
N PHE F 83 -18.43 5.05 14.90
CA PHE F 83 -19.00 5.27 13.57
C PHE F 83 -19.55 6.69 13.58
N PHE F 84 -19.20 7.47 12.57
CA PHE F 84 -19.61 8.87 12.57
C PHE F 84 -21.14 9.05 12.62
N GLY F 85 -21.87 7.97 12.42
CA GLY F 85 -23.32 8.02 12.49
C GLY F 85 -23.78 8.32 13.92
N PHE F 86 -22.88 8.09 14.88
CA PHE F 86 -23.19 8.33 16.28
C PHE F 86 -22.71 9.71 16.73
N VAL F 87 -22.37 10.57 15.76
CA VAL F 87 -21.91 11.92 16.08
C VAL F 87 -23.03 12.74 16.71
N TYR F 88 -24.28 12.34 16.47
CA TYR F 88 -25.43 13.05 17.02
C TYR F 88 -25.40 13.05 18.53
N GLU F 89 -24.85 12.00 19.12
CA GLU F 89 -24.74 11.90 20.57
C GLU F 89 -23.70 12.84 21.18
N VAL F 90 -22.83 13.41 20.35
CA VAL F 90 -21.75 14.24 20.86
C VAL F 90 -21.58 15.57 20.09
N MET F 91 -22.67 16.08 19.52
CA MET F 91 -22.62 17.34 18.77
C MET F 91 -22.26 18.57 19.61
N ASP F 92 -22.72 18.60 20.86
CA ASP F 92 -22.44 19.75 21.73
C ASP F 92 -20.96 19.85 22.07
N SER F 93 -20.39 18.75 22.55
CA SER F 93 -18.98 18.72 22.92
C SER F 93 -18.07 19.08 21.75
N ILE F 94 -18.51 18.74 20.54
CA ILE F 94 -17.77 19.04 19.32
C ILE F 94 -18.04 20.44 18.79
N CYS F 95 -19.31 20.73 18.50
CA CYS F 95 -19.69 22.00 17.89
C CYS F 95 -20.03 23.15 18.85
N GLY F 96 -20.63 22.81 19.99
CA GLY F 96 -20.98 23.83 20.96
C GLY F 96 -19.93 24.03 22.03
N GLN F 97 -18.89 23.20 22.02
CA GLN F 97 -17.86 23.30 23.05
C GLN F 97 -16.40 23.39 22.54
N MET F 98 -15.80 22.25 22.21
CA MET F 98 -14.38 22.22 21.82
C MET F 98 -14.02 23.14 20.65
N ALA F 99 -14.94 23.29 19.71
CA ALA F 99 -14.71 24.16 18.56
C ALA F 99 -14.73 25.63 18.97
N ARG F 100 -15.34 25.92 20.10
CA ARG F 100 -15.51 27.29 20.56
C ARG F 100 -14.62 27.72 21.71
N ILE F 101 -13.97 26.75 22.37
CA ILE F 101 -13.13 27.05 23.54
C ILE F 101 -12.11 28.18 23.36
N ARG F 102 -11.28 28.09 22.32
CA ARG F 102 -10.27 29.12 22.09
C ARG F 102 -10.91 30.47 21.88
N TYR F 103 -12.04 30.47 21.17
CA TYR F 103 -12.80 31.69 20.93
C TYR F 103 -13.44 32.17 22.24
N ARG F 104 -14.09 31.23 22.92
CA ARG F 104 -14.79 31.51 24.16
C ARG F 104 -13.90 32.08 25.26
N THR F 105 -12.68 31.54 25.36
CA THR F 105 -11.74 31.96 26.38
C THR F 105 -10.77 33.02 25.85
N GLY F 106 -11.04 33.49 24.64
CA GLY F 106 -10.20 34.51 24.01
C GLY F 106 -8.72 34.14 23.96
N GLY F 107 -8.45 32.86 23.74
CA GLY F 107 -7.06 32.38 23.62
C GLY F 107 -6.50 31.67 24.84
N ARG F 108 -6.95 32.06 26.02
CA ARG F 108 -6.47 31.48 27.29
C ARG F 108 -6.42 29.94 27.30
N TYR F 109 -7.44 29.31 26.74
CA TYR F 109 -7.46 27.85 26.63
C TYR F 109 -7.61 27.48 25.16
N HIS F 110 -7.27 26.23 24.83
CA HIS F 110 -7.41 25.75 23.47
C HIS F 110 -7.69 24.25 23.49
N MET F 111 -8.07 23.69 22.34
CA MET F 111 -8.39 22.27 22.28
C MET F 111 -7.62 21.51 21.21
N PRO F 112 -6.38 21.09 21.54
CA PRO F 112 -5.58 20.31 20.60
C PRO F 112 -6.11 18.89 20.55
N ILE F 113 -7.30 18.74 19.96
CA ILE F 113 -7.99 17.46 19.90
C ILE F 113 -8.23 16.99 18.47
N THR F 114 -7.98 15.70 18.23
CA THR F 114 -8.24 15.09 16.94
C THR F 114 -9.25 13.97 17.13
N ILE F 115 -10.44 14.14 16.55
CA ILE F 115 -11.48 13.13 16.66
C ILE F 115 -11.46 12.20 15.44
N ARG F 116 -11.21 10.92 15.68
CA ARG F 116 -11.22 9.93 14.62
C ARG F 116 -12.57 9.23 14.54
N SER F 117 -13.07 9.03 13.32
CA SER F 117 -14.34 8.32 13.13
C SER F 117 -14.51 7.80 11.72
N PRO F 118 -14.80 6.50 11.59
CA PRO F 118 -15.02 5.85 10.29
C PRO F 118 -16.40 6.14 9.71
N PHE F 119 -16.52 6.08 8.39
CA PHE F 119 -17.77 6.32 7.70
C PHE F 119 -17.68 5.72 6.30
N GLY F 120 -18.74 5.89 5.51
CA GLY F 120 -18.71 5.45 4.13
C GLY F 120 -19.44 4.15 3.85
N GLY F 121 -20.00 4.04 2.65
CA GLY F 121 -20.74 2.85 2.24
C GLY F 121 -20.00 1.94 1.28
N GLY F 122 -20.71 0.91 0.82
CA GLY F 122 -20.15 -0.05 -0.12
C GLY F 122 -19.75 -1.35 0.55
N VAL F 123 -19.95 -1.44 1.86
CA VAL F 123 -19.58 -2.63 2.62
C VAL F 123 -20.72 -3.23 3.47
N HIS F 124 -21.95 -3.08 2.99
CA HIS F 124 -23.14 -3.65 3.63
C HIS F 124 -23.28 -3.52 5.16
N THR F 125 -22.86 -2.40 5.73
CA THR F 125 -22.96 -2.18 7.17
C THR F 125 -24.41 -2.00 7.62
N PRO F 126 -24.70 -2.21 8.91
CA PRO F 126 -26.05 -1.96 9.42
C PRO F 126 -26.36 -0.47 9.45
N GLU F 127 -27.57 -0.12 9.89
CA GLU F 127 -28.02 1.27 9.91
C GLU F 127 -27.08 2.24 10.64
N LEU F 128 -27.07 3.49 10.18
CA LEU F 128 -26.28 4.58 10.77
C LEU F 128 -24.78 4.33 10.96
N HIS F 129 -24.21 3.49 10.10
CA HIS F 129 -22.78 3.20 10.16
C HIS F 129 -22.04 3.86 9.00
N SER F 130 -22.68 3.90 7.84
CA SER F 130 -22.06 4.42 6.62
C SER F 130 -22.44 5.85 6.24
N ASP F 131 -23.26 6.50 7.06
CA ASP F 131 -23.71 7.86 6.77
C ASP F 131 -22.58 8.87 6.56
N SER F 132 -22.73 9.70 5.52
CA SER F 132 -21.77 10.76 5.24
C SER F 132 -22.29 12.03 5.89
N LEU F 133 -21.78 12.34 7.07
CA LEU F 133 -22.23 13.51 7.82
C LEU F 133 -21.15 14.57 7.96
N GLU F 134 -20.14 14.53 7.10
CA GLU F 134 -19.07 15.53 7.15
C GLU F 134 -19.62 16.93 6.92
N GLY F 135 -20.77 17.01 6.24
CA GLY F 135 -21.39 18.29 5.95
C GLY F 135 -21.85 19.05 7.18
N LEU F 136 -22.10 18.33 8.26
CA LEU F 136 -22.53 18.97 9.50
C LEU F 136 -21.39 19.72 10.17
N VAL F 137 -20.32 19.00 10.47
CA VAL F 137 -19.16 19.59 11.14
C VAL F 137 -18.40 20.62 10.30
N ALA F 138 -18.61 20.62 8.99
CA ALA F 138 -17.95 21.57 8.12
C ALA F 138 -18.60 22.96 8.23
N GLN F 139 -19.77 23.01 8.84
CA GLN F 139 -20.51 24.27 9.02
C GLN F 139 -20.19 24.91 10.37
N GLN F 140 -19.37 24.25 11.18
CA GLN F 140 -19.03 24.78 12.49
C GLN F 140 -17.66 25.45 12.54
N PRO F 141 -17.65 26.78 12.73
CA PRO F 141 -16.39 27.50 12.87
C PRO F 141 -15.59 26.97 14.05
N GLY F 142 -14.29 26.83 13.87
CA GLY F 142 -13.44 26.33 14.94
C GLY F 142 -13.04 24.88 14.75
N LEU F 143 -13.56 24.25 13.70
CA LEU F 143 -13.24 22.87 13.40
C LEU F 143 -12.58 22.73 12.04
N LYS F 144 -11.74 21.70 11.92
CA LYS F 144 -11.16 21.37 10.62
C LYS F 144 -11.61 19.94 10.34
N VAL F 145 -12.06 19.69 9.12
CA VAL F 145 -12.52 18.36 8.77
C VAL F 145 -11.62 17.79 7.69
N VAL F 146 -10.99 16.66 7.99
CA VAL F 146 -10.06 16.00 7.09
C VAL F 146 -10.56 14.63 6.64
N ILE F 147 -10.47 14.35 5.34
CA ILE F 147 -10.94 13.08 4.78
C ILE F 147 -9.96 12.52 3.74
N PRO F 148 -9.14 11.55 4.15
CA PRO F 148 -8.14 10.91 3.29
C PRO F 148 -8.71 9.86 2.32
N SER F 149 -8.03 9.68 1.19
CA SER F 149 -8.45 8.71 0.18
C SER F 149 -7.39 7.64 -0.04
N THR F 150 -6.17 7.91 0.42
CA THR F 150 -5.06 6.97 0.26
C THR F 150 -4.29 6.83 1.57
N PRO F 151 -3.53 5.72 1.71
CA PRO F 151 -2.70 5.50 2.90
C PRO F 151 -1.66 6.60 3.12
N TYR F 152 -1.03 7.08 2.03
CA TYR F 152 -0.03 8.14 2.14
C TYR F 152 -0.59 9.43 2.76
N ASP F 153 -1.70 9.91 2.23
CA ASP F 153 -2.33 11.13 2.77
C ASP F 153 -2.81 10.90 4.18
N ALA F 154 -3.43 9.74 4.42
CA ALA F 154 -3.96 9.39 5.73
C ALA F 154 -2.91 9.60 6.82
N LYS F 155 -1.76 8.95 6.68
CA LYS F 155 -0.71 9.07 7.69
C LYS F 155 -0.25 10.52 7.85
N GLY F 156 0.09 11.16 6.73
CA GLY F 156 0.58 12.52 6.73
C GLY F 156 -0.42 13.55 7.24
N LEU F 157 -1.69 13.33 6.94
CA LEU F 157 -2.75 14.23 7.39
C LEU F 157 -3.08 13.99 8.86
N LEU F 158 -3.10 12.72 9.27
CA LEU F 158 -3.41 12.39 10.66
C LEU F 158 -2.33 12.91 11.61
N ILE F 159 -1.07 12.80 11.20
CA ILE F 159 0.03 13.33 12.01
C ILE F 159 -0.15 14.84 12.15
N SER F 160 -0.44 15.51 11.04
CA SER F 160 -0.70 16.94 11.05
C SER F 160 -1.87 17.24 11.98
N ALA F 161 -2.96 16.50 11.79
CA ALA F 161 -4.15 16.68 12.59
C ALA F 161 -3.88 16.62 14.08
N ILE F 162 -3.07 15.65 14.52
CA ILE F 162 -2.77 15.50 15.93
C ILE F 162 -1.91 16.66 16.46
N ARG F 163 -0.95 17.11 15.67
CA ARG F 163 -0.07 18.21 16.07
C ARG F 163 -0.78 19.56 16.05
N ASP F 164 -1.88 19.66 15.30
CA ASP F 164 -2.66 20.88 15.21
C ASP F 164 -3.29 21.20 16.56
N ASN F 165 -3.04 22.41 17.06
CA ASN F 165 -3.51 22.82 18.40
C ASN F 165 -4.99 23.20 18.51
N ASP F 166 -5.75 22.93 17.47
CA ASP F 166 -7.18 23.18 17.46
C ASP F 166 -7.90 21.89 17.05
N PRO F 167 -9.22 21.82 17.30
CA PRO F 167 -9.93 20.57 17.00
C PRO F 167 -10.00 20.21 15.51
N VAL F 168 -9.68 18.96 15.20
CA VAL F 168 -9.75 18.45 13.83
C VAL F 168 -10.58 17.16 13.82
N ILE F 169 -11.49 17.05 12.85
CA ILE F 169 -12.28 15.83 12.69
C ILE F 169 -11.68 15.02 11.56
N PHE F 170 -11.11 13.87 11.90
CA PHE F 170 -10.45 13.01 10.93
C PHE F 170 -11.37 11.85 10.56
N LEU F 171 -11.97 11.94 9.37
CA LEU F 171 -12.93 10.92 8.92
C LEU F 171 -12.29 9.86 8.02
N GLU F 172 -12.42 8.61 8.44
CA GLU F 172 -11.81 7.46 7.75
C GLU F 172 -12.86 6.61 7.02
N HIS F 173 -12.73 6.49 5.70
CA HIS F 173 -13.70 5.76 4.90
C HIS F 173 -13.55 4.25 5.03
N LEU F 174 -14.61 3.59 5.52
CA LEU F 174 -14.65 2.16 5.73
C LEU F 174 -14.14 1.33 4.55
N LYS F 175 -14.67 1.65 3.38
CA LYS F 175 -14.32 0.92 2.16
C LYS F 175 -12.84 1.09 1.82
N LEU F 176 -12.27 2.24 2.15
CA LEU F 176 -10.88 2.53 1.83
C LEU F 176 -9.85 2.01 2.85
N TYR F 177 -10.32 1.42 3.95
CA TYR F 177 -9.40 0.89 4.95
C TYR F 177 -8.36 -0.07 4.39
N ARG F 178 -8.82 -1.05 3.62
CA ARG F 178 -7.93 -2.06 3.06
C ARG F 178 -8.18 -2.29 1.58
N SER F 179 -8.63 -1.26 0.88
CA SER F 179 -8.96 -1.37 -0.55
C SER F 179 -7.73 -1.57 -1.44
N PHE F 180 -6.60 -0.99 -1.04
CA PHE F 180 -5.37 -1.12 -1.81
C PHE F 180 -4.16 -0.74 -0.97
N ARG F 181 -2.99 -1.23 -1.38
CA ARG F 181 -1.74 -0.92 -0.69
C ARG F 181 -0.91 0.11 -1.46
N GLN F 182 -0.33 1.06 -0.73
CA GLN F 182 0.48 2.11 -1.32
C GLN F 182 1.76 2.34 -0.53
N GLU F 183 2.81 2.83 -1.19
CA GLU F 183 4.08 3.11 -0.54
C GLU F 183 3.94 4.24 0.47
N VAL F 184 4.23 3.94 1.73
CA VAL F 184 4.15 4.93 2.79
C VAL F 184 5.49 5.05 3.51
N PRO F 185 6.12 6.24 3.43
CA PRO F 185 7.41 6.52 4.05
C PRO F 185 7.44 6.20 5.55
N GLU F 186 8.54 5.57 5.98
CA GLU F 186 8.74 5.22 7.38
C GLU F 186 9.10 6.48 8.16
N GLY F 187 8.75 6.52 9.44
CA GLY F 187 9.06 7.69 10.26
C GLY F 187 8.05 8.79 10.12
N GLU F 188 8.33 9.94 10.74
CA GLU F 188 7.42 11.08 10.73
C GLU F 188 7.48 11.91 9.45
N TYR F 189 6.32 12.38 9.03
CA TYR F 189 6.19 13.30 7.90
C TYR F 189 4.79 13.90 7.94
N THR F 190 4.68 15.16 7.57
CA THR F 190 3.39 15.84 7.62
C THR F 190 2.91 16.36 6.29
N ILE F 191 1.59 16.50 6.18
CA ILE F 191 0.96 17.07 4.99
C ILE F 191 0.08 18.20 5.49
N PRO F 192 0.33 19.42 5.00
CA PRO F 192 -0.44 20.59 5.43
C PRO F 192 -1.94 20.38 5.29
N ILE F 193 -2.69 20.82 6.29
CA ILE F 193 -4.14 20.75 6.29
C ILE F 193 -4.70 21.94 5.53
N GLY F 194 -5.79 21.72 4.80
CA GLY F 194 -6.39 22.77 3.99
C GLY F 194 -5.69 22.85 2.65
N LYS F 195 -5.00 21.75 2.33
CA LYS F 195 -4.23 21.65 1.09
C LYS F 195 -4.66 20.41 0.30
N ALA F 196 -5.21 20.64 -0.89
CA ALA F 196 -5.63 19.55 -1.76
C ALA F 196 -4.47 19.16 -2.68
N ASP F 197 -4.65 18.09 -3.46
CA ASP F 197 -3.62 17.68 -4.40
C ASP F 197 -4.23 17.13 -5.69
N ILE F 198 -3.41 17.12 -6.74
CA ILE F 198 -3.85 16.63 -8.03
C ILE F 198 -3.46 15.18 -8.26
N LYS F 199 -4.45 14.28 -8.16
CA LYS F 199 -4.23 12.86 -8.40
C LYS F 199 -3.97 12.54 -9.86
N ARG F 200 -4.45 13.42 -10.74
CA ARG F 200 -4.27 13.25 -12.18
C ARG F 200 -4.44 14.60 -12.87
N GLU F 201 -3.53 14.90 -13.79
CA GLU F 201 -3.59 16.16 -14.53
C GLU F 201 -4.41 16.04 -15.80
N GLY F 202 -5.14 17.09 -16.12
CA GLY F 202 -6.01 17.15 -17.30
C GLY F 202 -6.10 18.56 -17.82
N LYS F 203 -6.81 18.74 -18.94
CA LYS F 203 -6.95 20.06 -19.57
C LYS F 203 -8.38 20.40 -19.96
N ASP F 204 -9.20 19.37 -20.15
CA ASP F 204 -10.58 19.57 -20.62
C ASP F 204 -11.63 19.82 -19.55
N ILE F 205 -11.52 19.11 -18.42
CA ILE F 205 -12.48 19.28 -17.34
C ILE F 205 -11.86 19.00 -15.98
N THR F 206 -12.34 19.71 -14.96
CA THR F 206 -11.85 19.52 -13.60
C THR F 206 -12.83 18.72 -12.77
N ILE F 207 -12.36 17.62 -12.20
CA ILE F 207 -13.20 16.79 -11.34
C ILE F 207 -12.75 16.89 -9.88
N ILE F 208 -13.56 17.53 -9.07
CA ILE F 208 -13.27 17.70 -7.66
C ILE F 208 -14.01 16.63 -6.87
N ALA F 209 -13.26 15.85 -6.09
CA ALA F 209 -13.86 14.78 -5.30
C ALA F 209 -13.14 14.60 -3.96
N TYR F 210 -13.70 13.74 -3.12
CA TYR F 210 -13.10 13.43 -1.82
C TYR F 210 -13.62 12.10 -1.29
N GLY F 211 -12.82 11.46 -0.44
CA GLY F 211 -13.19 10.16 0.13
C GLY F 211 -13.12 9.06 -0.90
N ALA F 212 -14.10 8.16 -0.86
CA ALA F 212 -14.17 7.04 -1.79
C ALA F 212 -14.45 7.49 -3.21
N MET F 213 -14.93 8.72 -3.36
CA MET F 213 -15.29 9.26 -4.66
C MET F 213 -14.07 9.62 -5.51
N VAL F 214 -12.91 9.78 -4.86
CA VAL F 214 -11.70 10.08 -5.61
C VAL F 214 -11.39 8.91 -6.53
N HIS F 215 -11.36 7.71 -5.97
CA HIS F 215 -11.09 6.51 -6.75
C HIS F 215 -12.08 6.37 -7.91
N GLU F 216 -13.35 6.61 -7.62
CA GLU F 216 -14.39 6.52 -8.65
C GLU F 216 -14.15 7.57 -9.72
N SER F 217 -13.50 8.67 -9.34
CA SER F 217 -13.22 9.75 -10.29
C SER F 217 -12.04 9.41 -11.19
N LEU F 218 -11.01 8.79 -10.61
CA LEU F 218 -9.83 8.37 -11.38
C LEU F 218 -10.24 7.27 -12.35
N LYS F 219 -11.12 6.39 -11.89
CA LYS F 219 -11.63 5.31 -12.71
C LYS F 219 -12.40 5.92 -13.88
N ALA F 220 -13.14 6.99 -13.60
CA ALA F 220 -13.90 7.69 -14.63
C ALA F 220 -12.98 8.44 -15.58
N ALA F 221 -11.96 9.09 -15.02
CA ALA F 221 -11.00 9.86 -15.81
C ALA F 221 -10.27 8.98 -16.82
N ALA F 222 -9.87 7.78 -16.39
CA ALA F 222 -9.16 6.86 -17.27
C ALA F 222 -10.06 6.39 -18.42
N GLU F 223 -11.35 6.30 -18.15
CA GLU F 223 -12.31 5.87 -19.16
C GLU F 223 -12.67 7.02 -20.08
N LEU F 224 -12.66 8.23 -19.53
CA LEU F 224 -12.97 9.44 -20.30
C LEU F 224 -11.84 9.78 -21.25
N GLU F 225 -10.62 9.39 -20.90
CA GLU F 225 -9.46 9.64 -21.73
C GLU F 225 -9.58 8.88 -23.06
N LYS F 226 -10.17 7.69 -23.00
CA LYS F 226 -10.37 6.85 -24.17
C LYS F 226 -11.39 7.49 -25.12
N GLU F 227 -12.19 8.40 -24.58
CA GLU F 227 -13.18 9.11 -25.38
C GLU F 227 -12.63 10.47 -25.81
N GLY F 228 -11.35 10.70 -25.50
CA GLY F 228 -10.68 11.94 -25.86
C GLY F 228 -10.86 13.08 -24.87
N ILE F 229 -11.57 12.81 -23.78
CA ILE F 229 -11.81 13.82 -22.75
C ILE F 229 -10.72 13.77 -21.67
N SER F 230 -9.95 14.85 -21.58
CA SER F 230 -8.89 14.96 -20.59
C SER F 230 -9.47 15.51 -19.29
N ALA F 231 -9.47 14.68 -18.24
CA ALA F 231 -10.02 15.08 -16.96
C ALA F 231 -8.96 15.22 -15.87
N GLU F 232 -8.95 16.37 -15.20
CA GLU F 232 -8.01 16.61 -14.12
C GLU F 232 -8.71 16.33 -12.79
N VAL F 233 -8.24 15.30 -12.10
CA VAL F 233 -8.84 14.89 -10.84
C VAL F 233 -8.24 15.61 -9.64
N VAL F 234 -9.08 16.35 -8.92
CA VAL F 234 -8.64 17.07 -7.74
C VAL F 234 -9.21 16.45 -6.46
N ASP F 235 -8.32 15.93 -5.62
CA ASP F 235 -8.73 15.35 -4.34
C ASP F 235 -8.63 16.43 -3.28
N LEU F 236 -9.76 16.76 -2.67
CA LEU F 236 -9.81 17.82 -1.65
C LEU F 236 -8.97 17.54 -0.41
N ARG F 237 -9.02 16.30 0.08
CA ARG F 237 -8.30 15.87 1.28
C ARG F 237 -8.51 16.62 2.61
N THR F 238 -8.94 17.88 2.52
CA THR F 238 -9.51 18.64 3.61
C THR F 238 -10.74 19.35 3.05
N VAL F 239 -11.92 18.99 3.57
CA VAL F 239 -13.17 19.60 3.09
C VAL F 239 -13.50 20.91 3.81
N GLN F 240 -12.76 21.18 4.88
CA GLN F 240 -12.93 22.42 5.64
C GLN F 240 -11.66 22.69 6.45
N PRO F 241 -10.93 23.76 6.07
CA PRO F 241 -11.24 24.68 4.98
C PRO F 241 -10.84 24.15 3.61
N LEU F 242 -11.48 24.67 2.56
CA LEU F 242 -11.17 24.27 1.19
C LEU F 242 -9.86 24.87 0.69
N ASP F 243 -9.18 24.15 -0.19
CA ASP F 243 -7.97 24.65 -0.81
C ASP F 243 -8.44 25.45 -2.02
N ILE F 244 -8.82 26.70 -1.78
CA ILE F 244 -9.33 27.57 -2.83
C ILE F 244 -8.35 27.76 -3.98
N GLU F 245 -7.09 28.03 -3.64
CA GLU F 245 -6.04 28.25 -4.64
C GLU F 245 -5.97 27.12 -5.68
N THR F 246 -5.91 25.88 -5.21
CA THR F 246 -5.82 24.73 -6.10
C THR F 246 -7.09 24.51 -6.91
N ILE F 247 -8.22 24.51 -6.25
CA ILE F 247 -9.50 24.30 -6.93
C ILE F 247 -9.69 25.23 -8.11
N ILE F 248 -9.55 26.53 -7.86
CA ILE F 248 -9.75 27.54 -8.89
C ILE F 248 -8.67 27.53 -9.97
N GLY F 249 -7.44 27.21 -9.57
CA GLY F 249 -6.34 27.14 -10.53
C GLY F 249 -6.65 26.09 -11.58
N SER F 250 -7.25 24.99 -11.15
CA SER F 250 -7.62 23.91 -12.06
C SER F 250 -8.82 24.28 -12.92
N VAL F 251 -9.78 24.98 -12.34
CA VAL F 251 -10.99 25.39 -13.06
C VAL F 251 -10.68 26.47 -14.09
N GLU F 252 -9.81 27.41 -13.73
CA GLU F 252 -9.41 28.48 -14.65
C GLU F 252 -8.72 27.90 -15.89
N LYS F 253 -8.04 26.77 -15.71
CA LYS F 253 -7.33 26.12 -16.80
C LYS F 253 -8.28 25.32 -17.70
N THR F 254 -9.18 24.57 -17.08
CA THR F 254 -10.10 23.71 -17.83
C THR F 254 -11.32 24.45 -18.36
N GLY F 255 -11.92 25.29 -17.52
CA GLY F 255 -13.11 26.05 -17.91
C GLY F 255 -14.39 25.29 -17.63
N ARG F 256 -14.25 24.04 -17.21
CA ARG F 256 -15.39 23.20 -16.88
C ARG F 256 -15.04 22.39 -15.64
N ALA F 257 -16.02 22.18 -14.75
CA ALA F 257 -15.77 21.44 -13.53
C ALA F 257 -17.02 20.76 -12.99
N ILE F 258 -16.81 19.65 -12.29
CA ILE F 258 -17.89 18.94 -11.64
C ILE F 258 -17.41 18.56 -10.24
N VAL F 259 -18.35 18.44 -9.31
CA VAL F 259 -18.02 18.10 -7.93
C VAL F 259 -18.68 16.77 -7.57
N VAL F 260 -17.87 15.82 -7.11
CA VAL F 260 -18.35 14.49 -6.77
C VAL F 260 -18.29 14.20 -5.28
N GLN F 261 -19.44 13.83 -4.70
CA GLN F 261 -19.52 13.47 -3.30
C GLN F 261 -20.41 12.24 -3.11
N GLU F 262 -20.14 11.48 -2.06
CA GLU F 262 -20.94 10.30 -1.76
C GLU F 262 -22.20 10.67 -1.00
N ALA F 263 -22.11 11.74 -0.21
CA ALA F 263 -23.23 12.22 0.59
C ALA F 263 -24.43 12.59 -0.28
N GLN F 264 -25.61 12.69 0.35
CA GLN F 264 -26.81 13.10 -0.36
C GLN F 264 -26.61 14.49 -0.96
N ARG F 265 -27.37 14.79 -2.03
CA ARG F 265 -27.29 16.08 -2.70
C ARG F 265 -27.50 17.27 -1.76
N GLN F 266 -28.34 17.10 -0.75
CA GLN F 266 -28.59 18.17 0.23
C GLN F 266 -27.57 18.14 1.36
N ALA F 267 -26.67 17.17 1.32
CA ALA F 267 -25.64 17.03 2.33
C ALA F 267 -24.23 17.28 1.77
N GLY F 268 -23.22 16.77 2.46
CA GLY F 268 -21.84 16.92 2.02
C GLY F 268 -21.37 18.36 1.96
N ILE F 269 -20.42 18.64 1.07
CA ILE F 269 -19.89 19.99 0.94
C ILE F 269 -19.80 20.44 -0.53
N ALA F 270 -20.36 19.64 -1.43
CA ALA F 270 -20.33 19.95 -2.85
C ALA F 270 -20.87 21.33 -3.19
N ALA F 271 -22.01 21.70 -2.59
CA ALA F 271 -22.63 22.99 -2.85
C ALA F 271 -21.70 24.12 -2.49
N ASN F 272 -20.98 23.97 -1.39
CA ASN F 272 -20.05 25.01 -0.95
C ASN F 272 -18.92 25.20 -1.95
N VAL F 273 -18.46 24.10 -2.55
CA VAL F 273 -17.41 24.17 -3.55
C VAL F 273 -17.95 24.89 -4.79
N VAL F 274 -19.13 24.48 -5.23
CA VAL F 274 -19.79 25.08 -6.38
C VAL F 274 -19.94 26.60 -6.20
N ALA F 275 -20.42 27.00 -5.03
CA ALA F 275 -20.62 28.41 -4.71
C ALA F 275 -19.32 29.20 -4.80
N GLU F 276 -18.21 28.56 -4.39
CA GLU F 276 -16.90 29.21 -4.42
C GLU F 276 -16.39 29.40 -5.84
N ILE F 277 -16.64 28.41 -6.71
CA ILE F 277 -16.22 28.51 -8.10
C ILE F 277 -16.98 29.64 -8.79
N ASN F 278 -18.29 29.49 -8.86
CA ASN F 278 -19.17 30.46 -9.50
C ASN F 278 -18.96 31.89 -9.02
N GLU F 279 -18.34 32.02 -7.85
CA GLU F 279 -18.11 33.33 -7.23
C GLU F 279 -16.73 33.89 -7.58
N ARG F 280 -15.76 33.01 -7.78
CA ARG F 280 -14.39 33.43 -8.03
C ARG F 280 -13.91 33.22 -9.46
N ALA F 281 -14.38 32.15 -10.11
CA ALA F 281 -13.95 31.84 -11.46
C ALA F 281 -15.11 31.80 -12.46
N ILE F 282 -16.07 32.70 -12.29
CA ILE F 282 -17.25 32.74 -13.15
C ILE F 282 -16.91 33.10 -14.60
N LEU F 283 -15.93 33.98 -14.78
CA LEU F 283 -15.54 34.41 -16.12
C LEU F 283 -14.73 33.37 -16.87
N SER F 284 -14.41 32.28 -16.19
CA SER F 284 -13.63 31.20 -16.80
C SER F 284 -14.50 30.00 -17.15
N LEU F 285 -15.73 29.99 -16.64
CA LEU F 285 -16.65 28.88 -16.88
C LEU F 285 -17.28 28.85 -18.26
N GLU F 286 -17.07 27.75 -18.97
CA GLU F 286 -17.65 27.54 -20.28
C GLU F 286 -18.89 26.68 -20.12
N ALA F 287 -19.20 26.34 -18.87
CA ALA F 287 -20.35 25.50 -18.53
C ALA F 287 -20.58 25.56 -17.03
N PRO F 288 -21.83 25.36 -16.59
CA PRO F 288 -22.12 25.39 -15.16
C PRO F 288 -21.46 24.23 -14.42
N VAL F 289 -21.02 24.50 -13.19
CA VAL F 289 -20.40 23.49 -12.36
C VAL F 289 -21.49 22.56 -11.81
N LEU F 290 -21.51 21.33 -12.32
CA LEU F 290 -22.52 20.36 -11.91
C LEU F 290 -22.02 19.44 -10.79
N ARG F 291 -22.96 18.94 -10.00
CA ARG F 291 -22.61 18.07 -8.88
C ARG F 291 -23.04 16.63 -9.08
N VAL F 292 -22.19 15.71 -8.64
CA VAL F 292 -22.51 14.29 -8.62
C VAL F 292 -22.67 13.91 -7.16
N ALA F 293 -23.88 13.51 -6.80
CA ALA F 293 -24.18 13.16 -5.42
C ALA F 293 -25.27 12.09 -5.35
N ALA F 294 -25.52 11.60 -4.15
CA ALA F 294 -26.53 10.58 -3.93
C ALA F 294 -27.93 11.21 -3.88
N PRO F 295 -28.97 10.37 -4.02
CA PRO F 295 -30.35 10.87 -3.96
C PRO F 295 -30.69 11.36 -2.56
N ASP F 296 -31.58 12.34 -2.47
CA ASP F 296 -31.96 12.94 -1.19
C ASP F 296 -32.84 12.06 -0.28
N THR F 297 -32.37 10.85 0.00
CA THR F 297 -33.07 9.95 0.89
C THR F 297 -32.11 9.58 2.01
N VAL F 298 -32.64 8.95 3.06
CA VAL F 298 -31.82 8.47 4.15
C VAL F 298 -30.87 7.46 3.55
N TYR F 299 -29.70 7.27 4.17
CA TYR F 299 -28.76 6.28 3.66
C TYR F 299 -29.53 4.99 3.39
N PRO F 300 -29.23 4.33 2.27
CA PRO F 300 -29.96 3.14 1.82
C PRO F 300 -29.80 1.90 2.69
N PHE F 301 -30.83 1.07 2.72
CA PHE F 301 -30.78 -0.22 3.40
C PHE F 301 -29.69 -1.02 2.70
N ALA F 302 -28.81 -1.64 3.48
CA ALA F 302 -27.63 -2.36 2.98
C ALA F 302 -27.64 -3.08 1.61
N GLN F 303 -28.74 -3.66 1.21
CA GLN F 303 -28.87 -4.28 -0.10
C GLN F 303 -29.05 -3.31 -1.24
N ALA F 304 -29.52 -2.10 -0.92
CA ALA F 304 -29.75 -1.09 -1.94
C ALA F 304 -28.55 -0.17 -2.19
N GLU F 305 -27.44 -0.41 -1.49
CA GLU F 305 -26.25 0.42 -1.67
C GLU F 305 -25.81 0.59 -3.13
N SER F 306 -25.68 -0.52 -3.85
CA SER F 306 -25.20 -0.50 -5.23
C SER F 306 -25.94 0.44 -6.19
N VAL F 307 -27.27 0.44 -6.13
CA VAL F 307 -28.06 1.28 -7.04
C VAL F 307 -28.19 2.72 -6.57
N TRP F 308 -27.86 2.96 -5.30
CA TRP F 308 -28.01 4.28 -4.69
C TRP F 308 -26.70 5.08 -4.62
N LEU F 309 -25.61 4.40 -4.28
CA LEU F 309 -24.30 5.04 -4.16
C LEU F 309 -23.72 5.49 -5.51
N PRO F 310 -23.28 6.75 -5.58
CA PRO F 310 -22.67 7.29 -6.80
C PRO F 310 -21.37 6.57 -7.14
N ASN F 311 -21.20 6.21 -8.40
CA ASN F 311 -19.98 5.52 -8.82
C ASN F 311 -19.36 6.19 -10.04
N PHE F 312 -18.33 5.55 -10.62
CA PHE F 312 -17.62 6.13 -11.76
C PHE F 312 -18.51 6.36 -12.98
N LYS F 313 -19.50 5.51 -13.18
CA LYS F 313 -20.42 5.64 -14.32
C LYS F 313 -21.23 6.93 -14.24
N ASP F 314 -21.53 7.36 -13.02
CA ASP F 314 -22.26 8.60 -12.79
C ASP F 314 -21.34 9.78 -13.07
N VAL F 315 -20.06 9.61 -12.74
CA VAL F 315 -19.06 10.64 -12.97
C VAL F 315 -18.75 10.72 -14.45
N ILE F 316 -18.84 9.59 -15.14
CA ILE F 316 -18.64 9.55 -16.59
C ILE F 316 -19.76 10.37 -17.21
N GLU F 317 -20.99 10.02 -16.85
CA GLU F 317 -22.19 10.65 -17.39
C GLU F 317 -22.28 12.17 -17.16
N THR F 318 -22.08 12.60 -15.91
CA THR F 318 -22.15 14.02 -15.60
C THR F 318 -21.01 14.79 -16.25
N ALA F 319 -19.82 14.17 -16.29
CA ALA F 319 -18.66 14.81 -16.90
C ALA F 319 -18.89 15.05 -18.39
N LYS F 320 -19.49 14.07 -19.06
CA LYS F 320 -19.80 14.20 -20.48
C LYS F 320 -20.85 15.27 -20.70
N LYS F 321 -21.87 15.30 -19.85
CA LYS F 321 -22.94 16.29 -19.94
C LYS F 321 -22.37 17.71 -19.87
N VAL F 322 -21.35 17.90 -19.04
CA VAL F 322 -20.70 19.21 -18.92
C VAL F 322 -19.89 19.50 -20.19
N MET F 323 -19.18 18.49 -20.69
CA MET F 323 -18.40 18.64 -21.92
C MET F 323 -19.32 18.98 -23.11
N ASN F 324 -20.46 18.29 -23.18
CA ASN F 324 -21.42 18.48 -24.27
C ASN F 324 -22.35 19.69 -24.08
N PHE F 325 -22.04 20.54 -23.11
CA PHE F 325 -22.84 21.73 -22.86
C PHE F 325 -22.39 22.85 -23.78
N THR G 5 -11.51 13.65 64.03
CA THR G 5 -11.78 13.88 62.58
C THR G 5 -13.13 13.30 62.17
N PHE G 6 -13.95 14.12 61.51
CA PHE G 6 -15.28 13.69 61.07
C PHE G 6 -15.24 13.05 59.68
N GLN G 7 -16.00 11.98 59.52
CA GLN G 7 -16.06 11.25 58.26
C GLN G 7 -17.50 10.87 57.94
N PHE G 8 -17.89 11.02 56.68
CA PHE G 8 -19.23 10.61 56.25
C PHE G 8 -19.27 9.11 56.04
N PRO G 9 -20.41 8.47 56.34
CA PRO G 9 -20.54 7.03 56.18
C PRO G 9 -20.82 6.63 54.73
N PHE G 10 -19.84 6.82 53.86
CA PHE G 10 -20.00 6.48 52.44
C PHE G 10 -20.05 4.96 52.25
N ALA G 11 -19.09 4.26 52.85
CA ALA G 11 -19.04 2.81 52.76
C ALA G 11 -20.39 2.19 53.10
N GLU G 12 -21.00 2.69 54.17
CA GLU G 12 -22.31 2.22 54.61
C GLU G 12 -23.36 2.50 53.55
N GLN G 13 -23.37 3.72 53.03
CA GLN G 13 -24.33 4.14 52.01
C GLN G 13 -24.33 3.21 50.79
N LEU G 14 -23.16 3.02 50.18
CA LEU G 14 -23.06 2.13 49.02
C LEU G 14 -23.53 0.71 49.37
N GLU G 15 -23.19 0.28 50.58
CA GLU G 15 -23.55 -1.06 51.05
C GLU G 15 -25.06 -1.24 51.24
N LYS G 16 -25.67 -0.38 52.06
CA LYS G 16 -27.10 -0.47 52.34
C LYS G 16 -28.02 -0.25 51.15
N VAL G 17 -27.55 0.49 50.15
CA VAL G 17 -28.35 0.74 48.95
C VAL G 17 -28.36 -0.47 48.03
N ALA G 18 -27.18 -1.06 47.83
CA ALA G 18 -27.05 -2.24 46.99
C ALA G 18 -27.88 -3.42 47.51
N GLU G 19 -28.02 -3.50 48.84
CA GLU G 19 -28.79 -4.58 49.46
C GLU G 19 -30.30 -4.45 49.20
N GLN G 20 -30.70 -3.34 48.61
CA GLN G 20 -32.11 -3.15 48.27
C GLN G 20 -32.41 -3.74 46.90
N PHE G 21 -31.37 -4.28 46.26
CA PHE G 21 -31.52 -4.91 44.96
C PHE G 21 -30.91 -6.31 44.91
N PRO G 22 -31.45 -7.23 45.74
CA PRO G 22 -30.98 -8.61 45.75
C PRO G 22 -31.51 -9.37 44.54
N THR G 23 -30.73 -10.32 44.04
CA THR G 23 -31.11 -11.09 42.86
C THR G 23 -32.40 -11.90 43.06
N PHE G 24 -33.36 -11.64 42.20
CA PHE G 24 -34.66 -12.33 42.24
C PHE G 24 -34.57 -13.64 41.46
N GLN G 25 -34.89 -14.74 42.12
CA GLN G 25 -34.79 -16.06 41.50
C GLN G 25 -35.93 -16.97 41.93
N ILE G 26 -36.44 -17.77 41.01
CA ILE G 26 -37.51 -18.71 41.30
C ILE G 26 -37.02 -20.15 41.10
N LEU G 27 -36.31 -20.38 40.00
CA LEU G 27 -35.72 -21.68 39.70
C LEU G 27 -34.21 -21.64 39.80
N ASN G 28 -33.63 -22.66 40.43
CA ASN G 28 -32.18 -22.75 40.51
C ASN G 28 -31.63 -23.50 39.29
N GLU G 29 -30.31 -23.65 39.23
CA GLU G 29 -29.65 -24.34 38.13
C GLU G 29 -30.14 -25.76 37.93
N GLU G 30 -30.58 -26.39 39.02
CA GLU G 30 -31.06 -27.78 38.99
C GLU G 30 -32.54 -27.94 38.64
N GLY G 31 -33.26 -26.82 38.60
CA GLY G 31 -34.67 -26.86 38.26
C GLY G 31 -35.59 -26.91 39.47
N GLU G 32 -35.02 -26.71 40.66
CA GLU G 32 -35.82 -26.68 41.89
C GLU G 32 -36.43 -25.31 42.13
N VAL G 33 -37.67 -25.27 42.62
CA VAL G 33 -38.34 -24.02 42.93
C VAL G 33 -37.83 -23.51 44.27
N VAL G 34 -37.03 -22.44 44.22
CA VAL G 34 -36.44 -21.88 45.43
C VAL G 34 -37.19 -20.64 45.96
N ASN G 35 -38.32 -20.34 45.34
CA ASN G 35 -39.14 -19.20 45.75
C ASN G 35 -40.59 -19.45 45.35
N GLU G 36 -41.30 -20.20 46.19
CA GLU G 36 -42.68 -20.60 45.91
C GLU G 36 -43.76 -19.50 45.96
N GLU G 37 -43.59 -18.49 46.80
CA GLU G 37 -44.60 -17.43 46.86
C GLU G 37 -44.50 -16.43 45.70
N ALA G 38 -43.40 -16.53 44.95
CA ALA G 38 -43.19 -15.67 43.79
C ALA G 38 -43.60 -16.41 42.52
N MET G 39 -43.89 -17.71 42.67
CA MET G 39 -44.30 -18.56 41.57
C MET G 39 -45.52 -18.00 40.84
N PRO G 40 -45.35 -17.66 39.55
CA PRO G 40 -46.43 -17.09 38.74
C PRO G 40 -47.49 -18.11 38.34
N GLU G 41 -48.72 -17.62 38.17
CA GLU G 41 -49.87 -18.42 37.76
C GLU G 41 -49.82 -18.73 36.27
N LEU G 42 -49.33 -19.91 35.92
CA LEU G 42 -49.23 -20.34 34.53
C LEU G 42 -49.76 -21.76 34.36
N SER G 43 -50.58 -21.97 33.34
CA SER G 43 -51.17 -23.29 33.08
C SER G 43 -50.16 -24.24 32.43
N ASP G 44 -50.57 -25.48 32.25
CA ASP G 44 -49.72 -26.49 31.63
C ASP G 44 -49.37 -26.13 30.19
N GLU G 45 -50.38 -25.69 29.45
CA GLU G 45 -50.19 -25.33 28.05
C GLU G 45 -49.30 -24.10 27.91
N GLN G 46 -49.41 -23.17 28.86
CA GLN G 46 -48.59 -21.97 28.85
C GLN G 46 -47.13 -22.27 29.15
N LEU G 47 -46.90 -23.12 30.14
CA LEU G 47 -45.53 -23.53 30.50
C LEU G 47 -44.86 -24.28 29.34
N LYS G 48 -45.63 -25.07 28.61
CA LYS G 48 -45.09 -25.79 27.46
C LYS G 48 -44.75 -24.84 26.34
N GLU G 49 -45.63 -23.87 26.09
CA GLU G 49 -45.43 -22.89 25.03
C GLU G 49 -44.18 -22.05 25.28
N LEU G 50 -43.95 -21.69 26.54
CA LEU G 50 -42.77 -20.92 26.91
C LEU G 50 -41.51 -21.73 26.57
N MET G 51 -41.51 -23.00 26.97
CA MET G 51 -40.38 -23.87 26.67
C MET G 51 -40.18 -24.01 25.16
N ARG G 52 -41.29 -24.23 24.44
CA ARG G 52 -41.25 -24.32 23.00
C ARG G 52 -40.60 -23.09 22.36
N ARG G 53 -41.05 -21.91 22.79
CA ARG G 53 -40.52 -20.66 22.27
C ARG G 53 -39.02 -20.49 22.54
N MET G 54 -38.58 -20.89 23.72
CA MET G 54 -37.16 -20.78 24.07
C MET G 54 -36.31 -21.77 23.26
N VAL G 55 -36.87 -22.95 22.99
CA VAL G 55 -36.18 -23.94 22.17
C VAL G 55 -36.15 -23.44 20.73
N TYR G 56 -37.32 -23.03 20.24
CA TYR G 56 -37.45 -22.51 18.88
C TYR G 56 -36.42 -21.41 18.65
N THR G 57 -36.35 -20.47 19.58
CA THR G 57 -35.41 -19.35 19.52
C THR G 57 -33.95 -19.79 19.54
N ARG G 58 -33.67 -20.88 20.26
CA ARG G 58 -32.31 -21.41 20.32
C ARG G 58 -31.90 -21.91 18.94
N ILE G 59 -32.83 -22.60 18.26
CA ILE G 59 -32.60 -23.09 16.91
C ILE G 59 -32.44 -21.90 15.96
N LEU G 60 -33.32 -20.91 16.11
CA LEU G 60 -33.26 -19.69 15.30
C LEU G 60 -31.88 -19.06 15.34
N ASP G 61 -31.26 -19.04 16.52
CA ASP G 61 -29.91 -18.48 16.65
C ASP G 61 -28.93 -19.32 15.85
N GLN G 62 -28.92 -20.62 16.12
CA GLN G 62 -28.02 -21.56 15.43
C GLN G 62 -28.14 -21.48 13.91
N ARG G 63 -29.37 -21.45 13.40
CA ARG G 63 -29.60 -21.36 11.97
C ARG G 63 -29.24 -19.99 11.40
N SER G 64 -29.43 -18.93 12.19
CA SER G 64 -29.09 -17.58 11.73
C SER G 64 -27.57 -17.38 11.66
N ILE G 65 -26.85 -18.08 12.52
CA ILE G 65 -25.40 -18.02 12.54
C ILE G 65 -24.85 -18.77 11.33
N SER G 66 -25.53 -19.85 10.97
CA SER G 66 -25.12 -20.67 9.83
C SER G 66 -25.44 -19.94 8.53
N LEU G 67 -26.63 -19.33 8.47
CA LEU G 67 -27.04 -18.60 7.29
C LEU G 67 -26.14 -17.40 7.02
N ASN G 68 -25.74 -16.72 8.09
CA ASN G 68 -24.84 -15.58 7.96
C ASN G 68 -23.49 -16.00 7.40
N ARG G 69 -22.99 -17.15 7.87
CA ARG G 69 -21.71 -17.66 7.41
C ARG G 69 -21.74 -18.17 5.97
N GLN G 70 -22.95 -18.48 5.48
CA GLN G 70 -23.13 -18.89 4.09
C GLN G 70 -23.37 -17.65 3.27
N GLY G 71 -23.58 -16.53 3.96
CA GLY G 71 -23.81 -15.24 3.31
C GLY G 71 -25.27 -15.01 2.99
N ARG G 72 -26.15 -15.83 3.56
CA ARG G 72 -27.59 -15.71 3.30
C ARG G 72 -28.30 -14.78 4.30
N LEU G 73 -27.52 -14.18 5.19
CA LEU G 73 -28.01 -13.19 6.14
C LEU G 73 -26.94 -12.12 6.32
N GLY G 74 -27.37 -10.89 6.56
CA GLY G 74 -26.44 -9.78 6.74
C GLY G 74 -26.08 -9.59 8.20
N PHE G 75 -26.56 -8.49 8.78
CA PHE G 75 -26.29 -8.19 10.17
C PHE G 75 -27.02 -9.14 11.11
N TYR G 76 -26.33 -9.63 12.11
CA TYR G 76 -26.95 -10.52 13.09
C TYR G 76 -26.19 -10.53 14.41
N ALA G 77 -26.92 -10.34 15.50
CA ALA G 77 -26.37 -10.35 16.84
C ALA G 77 -26.96 -11.55 17.57
N PRO G 78 -26.13 -12.57 17.84
CA PRO G 78 -26.50 -13.82 18.50
C PRO G 78 -27.28 -13.64 19.80
N THR G 79 -28.29 -14.47 19.99
CA THR G 79 -29.15 -14.38 21.16
C THR G 79 -29.03 -15.60 22.09
N ALA G 80 -28.39 -16.66 21.62
CA ALA G 80 -28.23 -17.88 22.41
C ALA G 80 -27.79 -17.60 23.84
N GLY G 81 -28.57 -18.08 24.80
CA GLY G 81 -28.26 -17.88 26.21
C GLY G 81 -29.19 -16.89 26.89
N GLN G 82 -29.74 -15.97 26.12
CA GLN G 82 -30.65 -14.97 26.66
C GLN G 82 -32.12 -15.32 26.46
N GLU G 83 -32.41 -16.57 26.11
CA GLU G 83 -33.80 -16.99 25.86
C GLU G 83 -34.76 -16.59 26.98
N ALA G 84 -34.39 -16.87 28.23
CA ALA G 84 -35.26 -16.52 29.35
C ALA G 84 -35.46 -15.00 29.41
N SER G 85 -34.36 -14.27 29.31
CA SER G 85 -34.38 -12.82 29.36
C SER G 85 -35.22 -12.19 28.23
N GLN G 86 -35.18 -12.79 27.05
CA GLN G 86 -35.92 -12.27 25.90
C GLN G 86 -37.32 -12.86 25.74
N ILE G 87 -37.41 -14.20 25.80
CA ILE G 87 -38.67 -14.90 25.57
C ILE G 87 -39.66 -14.84 26.73
N ALA G 88 -39.19 -15.10 27.94
CA ALA G 88 -40.05 -15.08 29.13
C ALA G 88 -40.54 -13.66 29.42
N SER G 89 -39.69 -12.66 29.13
CA SER G 89 -40.06 -11.28 29.32
C SER G 89 -41.18 -10.92 28.36
N HIS G 90 -41.07 -11.40 27.11
CA HIS G 90 -42.10 -11.16 26.11
C HIS G 90 -43.36 -11.97 26.39
N PHE G 91 -43.20 -13.13 27.00
CA PHE G 91 -44.32 -14.02 27.29
C PHE G 91 -45.31 -13.36 28.25
N ALA G 92 -44.81 -12.44 29.07
CA ALA G 92 -45.65 -11.72 30.03
C ALA G 92 -46.45 -10.58 29.39
N LEU G 93 -46.07 -10.22 28.16
CA LEU G 93 -46.73 -9.13 27.44
C LEU G 93 -48.06 -9.52 26.78
N GLU G 94 -48.77 -8.50 26.28
CA GLU G 94 -50.03 -8.71 25.59
C GLU G 94 -49.95 -8.06 24.20
N LYS G 95 -50.82 -8.48 23.30
CA LYS G 95 -50.89 -7.97 21.92
C LYS G 95 -50.97 -6.44 21.91
N GLU G 96 -51.64 -5.89 22.92
CA GLU G 96 -51.84 -4.45 23.07
C GLU G 96 -50.55 -3.69 23.43
N ASP G 97 -49.56 -4.39 23.94
CA ASP G 97 -48.31 -3.76 24.38
C ASP G 97 -47.37 -3.41 23.21
N PHE G 98 -46.61 -2.34 23.38
CA PHE G 98 -45.68 -1.86 22.36
C PHE G 98 -44.24 -2.17 22.74
N ILE G 99 -43.49 -2.78 21.82
CA ILE G 99 -42.10 -3.16 22.08
C ILE G 99 -41.09 -2.35 21.28
N LEU G 100 -40.11 -1.76 21.96
CA LEU G 100 -39.06 -1.01 21.27
C LEU G 100 -37.75 -1.75 21.48
N PRO G 101 -37.43 -2.67 20.55
CA PRO G 101 -36.27 -3.53 20.65
C PRO G 101 -34.98 -2.88 20.20
N GLY G 102 -33.86 -3.45 20.65
CA GLY G 102 -32.55 -3.02 20.22
C GLY G 102 -32.18 -3.92 19.06
N TYR G 103 -30.97 -3.78 18.55
CA TYR G 103 -30.49 -4.57 17.42
C TYR G 103 -30.42 -6.08 17.70
N ARG G 104 -30.42 -6.48 18.97
CA ARG G 104 -30.30 -7.89 19.31
C ARG G 104 -31.64 -8.52 19.67
N ASP G 105 -32.64 -7.67 19.88
CA ASP G 105 -33.95 -8.13 20.35
C ASP G 105 -34.96 -8.50 19.26
N VAL G 106 -34.47 -9.14 18.19
CA VAL G 106 -35.31 -9.57 17.09
C VAL G 106 -36.34 -10.63 17.52
N PRO G 107 -35.90 -11.62 18.32
CA PRO G 107 -36.81 -12.66 18.80
C PRO G 107 -38.11 -12.14 19.42
N GLN G 108 -38.04 -11.11 20.25
CA GLN G 108 -39.24 -10.57 20.87
C GLN G 108 -40.27 -10.11 19.84
N ILE G 109 -39.82 -9.33 18.86
CA ILE G 109 -40.73 -8.81 17.84
C ILE G 109 -41.22 -9.93 16.92
N ILE G 110 -40.44 -11.00 16.83
CA ILE G 110 -40.83 -12.17 16.06
C ILE G 110 -42.07 -12.76 16.70
N TRP G 111 -41.99 -12.97 18.01
CA TRP G 111 -43.09 -13.57 18.76
C TRP G 111 -44.24 -12.60 18.98
N HIS G 112 -44.02 -11.33 18.67
CA HIS G 112 -45.08 -10.35 18.84
C HIS G 112 -45.87 -10.17 17.55
N GLY G 113 -45.40 -10.79 16.46
CA GLY G 113 -46.14 -10.74 15.19
C GLY G 113 -45.36 -10.50 13.91
N LEU G 114 -44.09 -10.12 14.01
CA LEU G 114 -43.28 -9.87 12.82
C LEU G 114 -42.89 -11.16 12.11
N PRO G 115 -43.37 -11.34 10.87
CA PRO G 115 -43.04 -12.53 10.11
C PRO G 115 -41.54 -12.81 10.14
N LEU G 116 -41.18 -14.08 10.13
CA LEU G 116 -39.78 -14.49 10.21
C LEU G 116 -38.96 -14.02 9.00
N TYR G 117 -39.56 -14.06 7.82
CA TYR G 117 -38.85 -13.66 6.61
C TYR G 117 -38.51 -12.17 6.59
N GLN G 118 -39.28 -11.36 7.31
CA GLN G 118 -39.00 -9.93 7.38
C GLN G 118 -37.87 -9.68 8.38
N ALA G 119 -37.70 -10.60 9.33
CA ALA G 119 -36.60 -10.50 10.28
C ALA G 119 -35.30 -10.84 9.54
N PHE G 120 -35.41 -11.69 8.51
CA PHE G 120 -34.24 -12.02 7.69
C PHE G 120 -33.95 -10.86 6.76
N LEU G 121 -35.00 -10.20 6.29
CA LEU G 121 -34.84 -9.03 5.43
C LEU G 121 -34.19 -7.90 6.19
N PHE G 122 -34.46 -7.83 7.50
CA PHE G 122 -33.84 -6.81 8.34
C PHE G 122 -32.34 -7.06 8.40
N SER G 123 -31.97 -8.33 8.53
CA SER G 123 -30.57 -8.72 8.61
C SER G 123 -29.81 -8.36 7.34
N ARG G 124 -30.42 -8.63 6.19
CA ARG G 124 -29.81 -8.33 4.90
C ARG G 124 -29.74 -6.83 4.61
N GLY G 125 -30.83 -6.12 4.90
CA GLY G 125 -30.90 -4.70 4.61
C GLY G 125 -31.90 -4.42 3.50
N HIS G 126 -33.18 -4.52 3.83
CA HIS G 126 -34.24 -4.31 2.86
C HIS G 126 -35.41 -3.61 3.57
N PHE G 127 -35.97 -2.59 2.95
CA PHE G 127 -37.04 -1.82 3.59
C PHE G 127 -38.26 -2.66 3.97
N HIS G 128 -38.52 -3.72 3.21
CA HIS G 128 -39.69 -4.56 3.48
C HIS G 128 -39.59 -5.33 4.79
N GLY G 129 -38.36 -5.47 5.29
CA GLY G 129 -38.12 -6.14 6.55
C GLY G 129 -38.65 -5.33 7.72
N ASN G 130 -38.68 -4.01 7.55
CA ASN G 130 -39.17 -3.10 8.59
C ASN G 130 -40.63 -2.72 8.43
N GLN G 131 -41.28 -3.22 7.39
CA GLN G 131 -42.69 -2.92 7.18
C GLN G 131 -43.57 -3.73 8.13
N ILE G 132 -43.63 -3.28 9.38
CA ILE G 132 -44.40 -3.96 10.43
C ILE G 132 -45.87 -4.12 10.03
N PRO G 133 -46.38 -5.36 10.11
CA PRO G 133 -47.77 -5.62 9.75
C PRO G 133 -48.73 -4.86 10.67
N GLU G 134 -49.91 -4.52 10.16
CA GLU G 134 -50.90 -3.84 10.99
C GLU G 134 -51.26 -4.73 12.17
N GLY G 135 -51.47 -4.13 13.33
CA GLY G 135 -51.82 -4.88 14.52
C GLY G 135 -50.62 -5.34 15.34
N VAL G 136 -49.43 -5.24 14.75
CA VAL G 136 -48.22 -5.63 15.47
C VAL G 136 -47.54 -4.38 16.01
N ASN G 137 -47.65 -4.18 17.32
CA ASN G 137 -47.12 -2.98 17.97
C ASN G 137 -45.64 -3.05 18.34
N VAL G 138 -44.78 -2.87 17.34
CA VAL G 138 -43.33 -2.87 17.55
C VAL G 138 -42.63 -1.94 16.57
N LEU G 139 -41.42 -1.52 16.92
CA LEU G 139 -40.57 -0.75 16.03
C LEU G 139 -39.48 -1.68 15.53
N PRO G 140 -38.85 -1.36 14.40
CA PRO G 140 -37.74 -2.19 13.97
C PRO G 140 -36.60 -2.06 14.98
N PRO G 141 -35.69 -3.03 15.02
CA PRO G 141 -34.60 -2.98 15.99
C PRO G 141 -33.85 -1.65 15.95
N GLN G 142 -33.71 -1.02 17.12
CA GLN G 142 -32.99 0.25 17.22
C GLN G 142 -31.50 -0.04 17.18
N ILE G 143 -30.77 0.74 16.39
CA ILE G 143 -29.34 0.57 16.24
C ILE G 143 -28.56 1.50 17.17
N ILE G 144 -29.17 2.64 17.48
CA ILE G 144 -28.54 3.64 18.34
C ILE G 144 -28.84 3.36 19.81
N ILE G 145 -27.84 2.85 20.51
CA ILE G 145 -27.97 2.48 21.92
C ILE G 145 -28.45 3.63 22.81
N GLY G 146 -29.63 3.45 23.40
CA GLY G 146 -30.20 4.47 24.28
C GLY G 146 -31.40 5.17 23.68
N ALA G 147 -31.41 5.31 22.36
CA ALA G 147 -32.52 5.97 21.68
C ALA G 147 -33.88 5.34 21.98
N GLN G 148 -33.91 4.01 22.09
CA GLN G 148 -35.17 3.32 22.34
C GLN G 148 -35.74 3.59 23.74
N TYR G 149 -34.89 4.06 24.65
CA TYR G 149 -35.32 4.38 26.00
C TYR G 149 -36.15 5.65 26.11
N ILE G 150 -35.68 6.74 25.50
CA ILE G 150 -36.44 7.98 25.52
C ILE G 150 -37.68 7.88 24.63
N GLN G 151 -37.63 7.01 23.62
CA GLN G 151 -38.78 6.80 22.76
C GLN G 151 -39.84 6.01 23.52
N ALA G 152 -39.39 5.07 24.36
CA ALA G 152 -40.30 4.27 25.17
C ALA G 152 -41.11 5.15 26.10
N ALA G 153 -40.43 6.10 26.75
CA ALA G 153 -41.11 7.03 27.66
C ALA G 153 -42.22 7.76 26.94
N GLY G 154 -41.99 8.08 25.67
CA GLY G 154 -42.99 8.76 24.85
C GLY G 154 -44.15 7.83 24.53
N VAL G 155 -43.83 6.60 24.13
CA VAL G 155 -44.86 5.61 23.80
C VAL G 155 -45.72 5.35 25.02
N ALA G 156 -45.06 5.11 26.16
CA ALA G 156 -45.74 4.86 27.43
C ALA G 156 -46.72 5.99 27.74
N LEU G 157 -46.23 7.23 27.68
CA LEU G 157 -47.07 8.39 27.94
C LEU G 157 -48.28 8.40 26.99
N GLY G 158 -48.04 8.05 25.73
CA GLY G 158 -49.09 8.00 24.73
C GLY G 158 -50.19 7.01 25.10
N LEU G 159 -49.79 5.90 25.70
CA LEU G 159 -50.74 4.86 26.12
C LEU G 159 -51.56 5.36 27.31
N LYS G 160 -50.89 6.05 28.23
CA LYS G 160 -51.53 6.62 29.41
C LYS G 160 -52.53 7.71 29.02
N MET G 161 -52.16 8.55 28.06
CA MET G 161 -53.04 9.64 27.61
C MET G 161 -54.31 9.16 26.94
N ARG G 162 -54.25 8.02 26.27
CA ARG G 162 -55.44 7.48 25.61
C ARG G 162 -56.21 6.53 26.51
N GLY G 163 -55.72 6.40 27.75
CA GLY G 163 -56.35 5.53 28.74
C GLY G 163 -56.28 4.06 28.41
N LYS G 164 -55.26 3.66 27.66
CA LYS G 164 -55.09 2.26 27.27
C LYS G 164 -54.37 1.46 28.34
N LYS G 165 -54.94 0.32 28.71
CA LYS G 165 -54.34 -0.56 29.69
C LYS G 165 -53.28 -1.47 29.07
N ALA G 166 -52.27 -0.82 28.49
CA ALA G 166 -51.16 -1.51 27.86
C ALA G 166 -49.90 -0.80 28.32
N VAL G 167 -48.75 -1.42 28.05
CA VAL G 167 -47.48 -0.84 28.45
C VAL G 167 -46.53 -0.74 27.28
N ALA G 168 -45.44 0.01 27.49
CA ALA G 168 -44.39 0.11 26.51
C ALA G 168 -43.21 -0.62 27.14
N ILE G 169 -42.53 -1.46 26.37
CA ILE G 169 -41.38 -2.18 26.90
C ILE G 169 -40.22 -2.03 25.94
N THR G 170 -39.03 -1.84 26.50
CA THR G 170 -37.85 -1.65 25.69
C THR G 170 -36.69 -2.40 26.31
N TYR G 171 -35.71 -2.75 25.48
CA TYR G 171 -34.55 -3.49 25.94
C TYR G 171 -33.24 -2.79 25.57
N THR G 172 -32.25 -2.92 26.45
CA THR G 172 -30.90 -2.44 26.18
C THR G 172 -29.94 -3.32 26.96
N GLY G 173 -28.64 -3.12 26.78
CA GLY G 173 -27.64 -3.92 27.48
C GLY G 173 -26.91 -3.18 28.58
N ASP G 174 -26.01 -3.87 29.26
CA ASP G 174 -25.21 -3.28 30.32
C ASP G 174 -24.43 -2.06 29.84
N GLY G 175 -24.01 -2.10 28.58
CA GLY G 175 -23.27 -0.98 28.00
C GLY G 175 -24.17 0.23 27.84
N GLY G 176 -25.39 0.00 27.39
CA GLY G 176 -26.37 1.06 27.16
C GLY G 176 -26.77 1.84 28.39
N THR G 177 -26.44 1.32 29.57
CA THR G 177 -26.78 1.99 30.82
C THR G 177 -25.94 3.26 31.01
N SER G 178 -24.83 3.34 30.27
CA SER G 178 -23.93 4.49 30.38
C SER G 178 -24.39 5.67 29.53
N GLN G 179 -25.34 5.43 28.63
CA GLN G 179 -25.84 6.48 27.75
C GLN G 179 -26.75 7.47 28.46
N GLY G 180 -26.63 8.74 28.07
CA GLY G 180 -27.45 9.80 28.63
C GLY G 180 -28.92 9.54 28.33
N ASP G 181 -29.19 9.01 27.15
CA ASP G 181 -30.58 8.69 26.76
C ASP G 181 -31.17 7.62 27.68
N PHE G 182 -30.33 6.73 28.18
CA PHE G 182 -30.78 5.70 29.12
C PHE G 182 -31.39 6.37 30.34
N TYR G 183 -30.59 7.23 30.99
CA TYR G 183 -31.04 7.94 32.18
C TYR G 183 -32.21 8.87 31.90
N GLU G 184 -32.12 9.65 30.83
CA GLU G 184 -33.21 10.57 30.49
C GLU G 184 -34.49 9.81 30.22
N GLY G 185 -34.35 8.62 29.66
CA GLY G 185 -35.49 7.77 29.35
C GLY G 185 -36.26 7.37 30.60
N ILE G 186 -35.54 6.84 31.58
CA ILE G 186 -36.17 6.40 32.83
C ILE G 186 -36.62 7.57 33.71
N ASN G 187 -35.97 8.72 33.59
CA ASN G 187 -36.34 9.88 34.39
C ASN G 187 -37.65 10.49 33.92
N PHE G 188 -37.80 10.62 32.60
CA PHE G 188 -39.04 11.16 32.00
C PHE G 188 -40.24 10.28 32.34
N ALA G 189 -40.05 8.96 32.23
CA ALA G 189 -41.12 8.01 32.51
C ALA G 189 -41.59 8.14 33.96
N GLY G 190 -40.64 8.40 34.85
CA GLY G 190 -40.96 8.58 36.26
C GLY G 190 -41.71 9.88 36.48
N ALA G 191 -41.19 10.96 35.90
CA ALA G 191 -41.78 12.28 36.03
C ALA G 191 -43.24 12.30 35.55
N PHE G 192 -43.50 11.62 34.43
CA PHE G 192 -44.85 11.56 33.88
C PHE G 192 -45.59 10.33 34.38
N LYS G 193 -44.94 9.54 35.23
CA LYS G 193 -45.53 8.34 35.80
C LYS G 193 -46.14 7.48 34.69
N ALA G 194 -45.36 7.32 33.62
CA ALA G 194 -45.78 6.60 32.42
C ALA G 194 -45.60 5.09 32.53
N PRO G 195 -46.53 4.33 31.93
CA PRO G 195 -46.51 2.87 31.96
C PRO G 195 -45.43 2.25 31.08
N ALA G 196 -44.18 2.38 31.49
CA ALA G 196 -43.08 1.85 30.72
C ALA G 196 -42.25 0.82 31.48
N ILE G 197 -41.92 -0.28 30.82
CA ILE G 197 -41.10 -1.31 31.43
C ILE G 197 -39.74 -1.28 30.77
N PHE G 198 -38.73 -0.89 31.53
CA PHE G 198 -37.36 -0.79 31.03
C PHE G 198 -36.55 -2.03 31.43
N VAL G 199 -36.10 -2.77 30.43
CA VAL G 199 -35.31 -3.96 30.68
C VAL G 199 -33.86 -3.76 30.30
N VAL G 200 -32.95 -4.13 31.21
CA VAL G 200 -31.52 -4.06 30.94
C VAL G 200 -30.97 -5.49 30.95
N GLN G 201 -30.63 -5.98 29.77
CA GLN G 201 -30.09 -7.32 29.63
C GLN G 201 -28.57 -7.31 29.83
N ASN G 202 -28.16 -7.70 31.03
CA ASN G 202 -26.75 -7.71 31.40
C ASN G 202 -26.06 -9.04 31.12
N ASN G 203 -25.41 -9.14 29.95
CA ASN G 203 -24.64 -10.34 29.62
C ASN G 203 -23.16 -10.15 29.98
N ARG G 204 -22.93 -9.16 30.85
CA ARG G 204 -21.61 -8.83 31.41
C ARG G 204 -20.60 -8.19 30.47
N PHE G 205 -20.97 -8.09 29.20
CA PHE G 205 -20.18 -7.45 28.20
C PHE G 205 -20.89 -6.47 27.31
N ALA G 206 -20.17 -5.43 26.96
CA ALA G 206 -20.56 -4.50 25.95
C ALA G 206 -19.55 -4.64 24.83
N ALA G 207 -19.83 -5.57 23.96
CA ALA G 207 -18.90 -6.10 23.01
C ALA G 207 -17.74 -6.52 23.89
N SER G 208 -16.56 -6.03 23.61
CA SER G 208 -15.36 -6.48 24.28
C SER G 208 -15.19 -5.94 25.66
N THR G 209 -15.95 -4.95 25.98
CA THR G 209 -15.80 -4.21 27.24
C THR G 209 -16.61 -4.83 28.38
N PRO G 210 -15.92 -5.28 29.44
CA PRO G 210 -16.55 -5.89 30.60
C PRO G 210 -17.36 -4.84 31.38
N VAL G 211 -18.46 -5.28 31.99
CA VAL G 211 -19.36 -4.38 32.72
C VAL G 211 -18.69 -3.48 33.76
N GLU G 212 -17.68 -3.98 34.46
CA GLU G 212 -16.97 -3.18 35.46
C GLU G 212 -16.39 -1.89 34.90
N LYS G 213 -16.17 -1.84 33.58
CA LYS G 213 -15.64 -0.64 32.94
C LYS G 213 -16.71 0.43 32.69
N GLN G 214 -17.98 0.00 32.66
CA GLN G 214 -19.09 0.91 32.40
C GLN G 214 -19.40 1.81 33.59
N THR G 215 -19.35 1.23 34.78
CA THR G 215 -19.69 1.97 35.99
C THR G 215 -19.16 1.23 37.22
N VAL G 216 -19.01 1.94 38.32
CA VAL G 216 -18.57 1.31 39.57
C VAL G 216 -19.77 0.89 40.39
N ALA G 217 -20.97 1.24 39.92
CA ALA G 217 -22.20 0.85 40.60
C ALA G 217 -22.21 -0.67 40.76
N LYS G 218 -22.49 -1.13 41.98
CA LYS G 218 -22.50 -2.57 42.26
C LYS G 218 -23.56 -3.33 41.45
N THR G 219 -24.69 -2.70 41.21
CA THR G 219 -25.75 -3.30 40.40
C THR G 219 -26.14 -2.29 39.33
N LEU G 220 -26.87 -2.75 38.31
CA LEU G 220 -27.36 -1.85 37.27
C LEU G 220 -28.80 -1.48 37.56
N ALA G 221 -29.48 -2.33 38.30
CA ALA G 221 -30.88 -2.11 38.68
C ALA G 221 -31.02 -0.91 39.61
N GLN G 222 -29.96 -0.60 40.35
CA GLN G 222 -29.96 0.52 41.29
C GLN G 222 -29.93 1.87 40.56
N LYS G 223 -29.65 1.85 39.27
CA LYS G 223 -29.63 3.09 38.51
C LYS G 223 -31.03 3.71 38.48
N ALA G 224 -32.02 2.88 38.81
CA ALA G 224 -33.41 3.31 38.87
C ALA G 224 -33.62 4.33 39.99
N VAL G 225 -32.71 4.34 40.96
CA VAL G 225 -32.78 5.27 42.08
C VAL G 225 -32.62 6.71 41.61
N ALA G 226 -31.82 6.90 40.55
CA ALA G 226 -31.61 8.22 39.97
C ALA G 226 -32.90 8.75 39.37
N ALA G 227 -33.75 7.85 38.90
CA ALA G 227 -35.04 8.23 38.33
C ALA G 227 -36.09 8.20 39.42
N GLY G 228 -35.77 7.55 40.54
CA GLY G 228 -36.69 7.45 41.66
C GLY G 228 -37.76 6.39 41.45
N ILE G 229 -37.55 5.53 40.46
CA ILE G 229 -38.50 4.47 40.15
C ILE G 229 -38.02 3.13 40.69
N PRO G 230 -38.94 2.17 40.83
CA PRO G 230 -38.60 0.83 41.31
C PRO G 230 -37.59 0.13 40.41
N GLY G 231 -36.72 -0.68 41.01
CA GLY G 231 -35.73 -1.43 40.26
C GLY G 231 -35.64 -2.87 40.76
N ILE G 232 -35.52 -3.81 39.84
CA ILE G 232 -35.44 -5.22 40.20
C ILE G 232 -34.31 -5.93 39.47
N GLN G 233 -33.44 -6.60 40.23
CA GLN G 233 -32.38 -7.38 39.61
C GLN G 233 -32.85 -8.83 39.61
N VAL G 234 -32.85 -9.45 38.44
CA VAL G 234 -33.34 -10.82 38.33
C VAL G 234 -32.35 -11.74 37.61
N ASP G 235 -32.47 -13.03 37.90
CA ASP G 235 -31.66 -14.04 37.25
C ASP G 235 -32.13 -14.16 35.80
N GLY G 236 -31.39 -13.54 34.89
CA GLY G 236 -31.75 -13.54 33.47
C GLY G 236 -31.65 -14.90 32.78
N MET G 237 -31.37 -15.93 33.56
CA MET G 237 -31.27 -17.30 33.06
C MET G 237 -32.43 -18.09 33.64
N ASP G 238 -33.32 -17.40 34.35
CA ASP G 238 -34.47 -18.02 34.98
C ASP G 238 -35.77 -17.57 34.31
N PRO G 239 -36.33 -18.42 33.45
CA PRO G 239 -37.57 -18.13 32.72
C PRO G 239 -38.71 -17.65 33.62
N LEU G 240 -38.93 -18.34 34.73
CA LEU G 240 -40.01 -18.00 35.65
C LEU G 240 -39.79 -16.68 36.40
N ALA G 241 -38.54 -16.39 36.77
CA ALA G 241 -38.23 -15.15 37.48
C ALA G 241 -38.37 -13.94 36.56
N VAL G 242 -37.83 -14.06 35.35
CA VAL G 242 -37.92 -13.00 34.37
C VAL G 242 -39.39 -12.73 34.07
N TYR G 243 -40.16 -13.80 33.92
CA TYR G 243 -41.59 -13.69 33.65
C TYR G 243 -42.34 -12.98 34.78
N ALA G 244 -42.05 -13.39 36.01
CA ALA G 244 -42.71 -12.82 37.20
C ALA G 244 -42.37 -11.35 37.39
N ALA G 245 -41.12 -10.98 37.15
CA ALA G 245 -40.68 -9.59 37.30
C ALA G 245 -41.36 -8.66 36.30
N VAL G 246 -41.40 -9.10 35.04
CA VAL G 246 -42.02 -8.30 33.98
C VAL G 246 -43.52 -8.20 34.19
N LYS G 247 -44.13 -9.32 34.54
CA LYS G 247 -45.57 -9.37 34.79
C LYS G 247 -45.97 -8.48 35.97
N ALA G 248 -45.12 -8.42 36.99
CA ALA G 248 -45.37 -7.56 38.15
C ALA G 248 -45.21 -6.10 37.73
N ALA G 249 -44.27 -5.85 36.83
CA ALA G 249 -44.00 -4.51 36.33
C ALA G 249 -45.17 -4.03 35.47
N ARG G 250 -45.70 -4.95 34.65
CA ARG G 250 -46.83 -4.62 33.79
C ARG G 250 -48.06 -4.34 34.65
N GLU G 251 -48.26 -5.21 35.64
CA GLU G 251 -49.36 -5.10 36.58
C GLU G 251 -49.33 -3.73 37.24
N ARG G 252 -48.13 -3.35 37.69
CA ARG G 252 -47.90 -2.07 38.34
C ARG G 252 -48.19 -0.90 37.41
N ALA G 253 -47.75 -1.02 36.16
CA ALA G 253 -47.92 0.05 35.17
C ALA G 253 -49.36 0.28 34.75
N ILE G 254 -50.08 -0.78 34.38
CA ILE G 254 -51.46 -0.66 33.91
C ILE G 254 -52.42 -0.10 34.98
N ASN G 255 -51.96 -0.08 36.23
CA ASN G 255 -52.75 0.50 37.31
C ASN G 255 -52.33 1.94 37.60
N GLY G 256 -51.48 2.49 36.72
CA GLY G 256 -51.03 3.87 36.84
C GLY G 256 -49.96 4.15 37.87
N GLU G 257 -49.23 3.11 38.30
CA GLU G 257 -48.20 3.29 39.32
C GLU G 257 -46.83 3.67 38.72
N GLY G 258 -46.75 3.71 37.40
CA GLY G 258 -45.52 4.12 36.74
C GLY G 258 -44.67 3.01 36.16
N PRO G 259 -43.41 3.35 35.84
CA PRO G 259 -42.42 2.47 35.23
C PRO G 259 -41.60 1.66 36.23
N THR G 260 -40.92 0.64 35.72
CA THR G 260 -40.06 -0.21 36.53
C THR G 260 -38.81 -0.58 35.75
N LEU G 261 -37.65 -0.48 36.40
CA LEU G 261 -36.40 -0.89 35.76
C LEU G 261 -36.10 -2.34 36.15
N ILE G 262 -35.82 -3.17 35.15
CA ILE G 262 -35.56 -4.57 35.39
C ILE G 262 -34.21 -4.99 34.81
N GLU G 263 -33.29 -5.38 35.68
CA GLU G 263 -31.98 -5.84 35.23
C GLU G 263 -31.93 -7.37 35.25
N THR G 264 -31.76 -7.97 34.08
CA THR G 264 -31.67 -9.42 34.00
C THR G 264 -30.21 -9.84 33.87
N LEU G 265 -29.79 -10.77 34.73
CA LEU G 265 -28.43 -11.28 34.71
C LEU G 265 -28.35 -12.52 33.83
N CYS G 266 -28.00 -12.31 32.56
CA CYS G 266 -27.90 -13.40 31.60
C CYS G 266 -26.50 -13.54 31.01
N PHE G 267 -26.38 -14.33 29.95
CA PHE G 267 -25.11 -14.58 29.31
C PHE G 267 -25.33 -15.00 27.86
N ARG G 268 -24.53 -14.45 26.95
CA ARG G 268 -24.63 -14.84 25.54
C ARG G 268 -23.48 -15.80 25.18
N TYR G 269 -23.82 -16.94 24.60
CA TYR G 269 -22.82 -17.94 24.25
C TYR G 269 -22.03 -17.60 22.99
N GLY G 270 -22.71 -16.98 22.02
CA GLY G 270 -22.06 -16.60 20.77
C GLY G 270 -21.29 -15.30 20.90
N PRO G 271 -20.79 -14.79 19.76
CA PRO G 271 -20.04 -13.54 19.74
C PRO G 271 -20.98 -12.32 19.79
N HIS G 272 -20.41 -11.13 19.88
CA HIS G 272 -21.19 -9.90 19.91
C HIS G 272 -22.12 -9.85 18.71
N THR G 273 -21.53 -9.85 17.52
CA THR G 273 -22.26 -9.92 16.27
C THR G 273 -21.47 -10.80 15.31
N MET G 274 -21.86 -10.83 14.05
CA MET G 274 -21.16 -11.65 13.06
C MET G 274 -20.24 -10.81 12.18
N SER G 275 -20.01 -9.57 12.59
CA SER G 275 -19.19 -8.65 11.81
C SER G 275 -17.68 -8.73 12.08
N GLY G 276 -17.29 -9.56 13.05
CA GLY G 276 -15.87 -9.73 13.36
C GLY G 276 -15.50 -10.00 14.80
N ASP G 277 -16.44 -9.85 15.71
CA ASP G 277 -16.18 -10.06 17.13
C ASP G 277 -15.73 -11.49 17.45
N ASP G 278 -14.65 -11.61 18.20
CA ASP G 278 -14.12 -12.91 18.60
C ASP G 278 -14.08 -12.99 20.13
N PRO G 279 -14.95 -13.83 20.71
CA PRO G 279 -15.08 -14.02 22.16
C PRO G 279 -13.76 -14.26 22.90
N THR G 280 -12.92 -15.13 22.34
CA THR G 280 -11.64 -15.48 22.96
C THR G 280 -10.75 -14.27 23.28
N ARG G 281 -10.99 -13.15 22.60
CA ARG G 281 -10.19 -11.95 22.81
C ARG G 281 -10.51 -11.21 24.11
N TYR G 282 -11.69 -11.44 24.67
CA TYR G 282 -12.10 -10.76 25.91
C TYR G 282 -12.65 -11.66 27.03
N ARG G 283 -12.77 -12.96 26.76
CA ARG G 283 -13.27 -13.88 27.78
C ARG G 283 -12.69 -15.29 27.63
N SER G 284 -12.73 -16.06 28.72
CA SER G 284 -12.18 -17.40 28.73
C SER G 284 -13.28 -18.47 28.64
N LYS G 285 -12.86 -19.71 28.36
CA LYS G 285 -13.78 -20.84 28.28
C LYS G 285 -14.41 -21.15 29.64
N GLU G 286 -13.62 -21.01 30.70
CA GLU G 286 -14.10 -21.27 32.07
C GLU G 286 -15.39 -20.53 32.39
N LEU G 287 -15.38 -19.21 32.15
CA LEU G 287 -16.56 -18.38 32.39
C LEU G 287 -17.72 -18.83 31.50
N GLU G 288 -17.41 -19.16 30.25
CA GLU G 288 -18.40 -19.61 29.29
C GLU G 288 -18.99 -20.96 29.67
N ASN G 289 -18.13 -21.87 30.15
CA ASN G 289 -18.56 -23.19 30.59
C ASN G 289 -19.41 -23.13 31.84
N GLU G 290 -19.09 -22.19 32.73
CA GLU G 290 -19.82 -22.02 33.98
C GLU G 290 -21.23 -21.53 33.69
N TRP G 291 -21.34 -20.53 32.82
CA TRP G 291 -22.64 -20.00 32.42
C TRP G 291 -23.37 -20.93 31.47
N ALA G 292 -22.67 -21.96 31.01
CA ALA G 292 -23.26 -22.97 30.13
C ALA G 292 -24.12 -23.89 30.99
N LYS G 293 -23.74 -24.03 32.25
CA LYS G 293 -24.48 -24.85 33.20
C LYS G 293 -25.71 -24.09 33.67
N LYS G 294 -25.75 -22.79 33.36
CA LYS G 294 -26.85 -21.93 33.75
C LYS G 294 -27.90 -21.77 32.65
N ASP G 295 -27.66 -22.40 31.50
CA ASP G 295 -28.58 -22.35 30.37
C ASP G 295 -30.03 -22.50 30.84
N PRO G 296 -30.87 -21.50 30.52
CA PRO G 296 -32.28 -21.47 30.90
C PRO G 296 -33.06 -22.71 30.46
N LEU G 297 -32.67 -23.31 29.35
CA LEU G 297 -33.34 -24.51 28.85
C LEU G 297 -33.11 -25.71 29.76
N VAL G 298 -31.91 -25.79 30.34
CA VAL G 298 -31.56 -26.91 31.20
C VAL G 298 -32.45 -27.00 32.44
N ARG G 299 -32.55 -25.89 33.18
CA ARG G 299 -33.33 -25.87 34.41
C ARG G 299 -34.83 -25.92 34.16
N PHE G 300 -35.28 -25.30 33.07
CA PHE G 300 -36.69 -25.25 32.76
C PHE G 300 -37.18 -26.60 32.24
N ARG G 301 -36.28 -27.35 31.61
CA ARG G 301 -36.60 -28.68 31.12
C ARG G 301 -36.80 -29.61 32.32
N LYS G 302 -35.85 -29.54 33.26
CA LYS G 302 -35.92 -30.34 34.47
C LYS G 302 -37.15 -30.01 35.31
N PHE G 303 -37.49 -28.72 35.36
CA PHE G 303 -38.66 -28.24 36.09
C PHE G 303 -39.95 -28.80 35.48
N LEU G 304 -40.02 -28.83 34.15
CA LEU G 304 -41.19 -29.34 33.47
C LEU G 304 -41.28 -30.86 33.53
N GLU G 305 -40.12 -31.52 33.48
CA GLU G 305 -40.08 -32.98 33.54
C GLU G 305 -40.46 -33.49 34.94
N ALA G 306 -40.12 -32.72 35.96
CA ALA G 306 -40.47 -33.08 37.33
C ALA G 306 -41.97 -32.95 37.56
N LYS G 307 -42.63 -32.23 36.64
CA LYS G 307 -44.08 -32.07 36.69
C LYS G 307 -44.72 -32.92 35.59
N GLY G 308 -43.90 -33.74 34.94
CA GLY G 308 -44.35 -34.61 33.86
C GLY G 308 -45.03 -33.86 32.72
N LEU G 309 -44.37 -32.83 32.21
CA LEU G 309 -44.97 -32.01 31.16
C LEU G 309 -44.10 -31.81 29.92
N TRP G 310 -42.95 -32.45 29.86
CA TRP G 310 -42.08 -32.30 28.72
C TRP G 310 -41.41 -33.62 28.35
N SER G 311 -41.30 -33.88 27.05
CA SER G 311 -40.68 -35.11 26.55
C SER G 311 -39.73 -34.78 25.41
N GLU G 312 -38.83 -35.70 25.07
CA GLU G 312 -37.90 -35.47 23.98
C GLU G 312 -38.60 -35.37 22.63
N GLU G 313 -39.54 -36.26 22.38
CA GLU G 313 -40.30 -36.26 21.13
C GLU G 313 -40.99 -34.92 20.94
N GLU G 314 -41.44 -34.35 22.06
CA GLU G 314 -42.13 -33.07 22.07
C GLU G 314 -41.16 -31.94 21.72
N GLU G 315 -39.95 -32.01 22.27
CA GLU G 315 -38.91 -31.01 21.97
C GLU G 315 -38.42 -31.19 20.54
N ASN G 316 -38.34 -32.45 20.09
CA ASN G 316 -37.93 -32.74 18.72
C ASN G 316 -38.89 -32.12 17.72
N ASN G 317 -40.19 -32.19 18.01
CA ASN G 317 -41.22 -31.62 17.15
C ASN G 317 -41.00 -30.12 16.92
N VAL G 318 -40.67 -29.42 18.01
CA VAL G 318 -40.40 -27.98 17.94
C VAL G 318 -39.20 -27.70 17.04
N ILE G 319 -38.08 -28.37 17.32
CA ILE G 319 -36.85 -28.19 16.57
C ILE G 319 -37.03 -28.34 15.06
N GLU G 320 -37.61 -29.46 14.63
CA GLU G 320 -37.85 -29.69 13.21
C GLU G 320 -38.80 -28.67 12.62
N GLN G 321 -39.80 -28.26 13.40
CA GLN G 321 -40.74 -27.24 12.95
C GLN G 321 -39.97 -25.95 12.74
N ALA G 322 -39.11 -25.63 13.71
CA ALA G 322 -38.28 -24.43 13.64
C ALA G 322 -37.38 -24.44 12.41
N LYS G 323 -36.77 -25.58 12.12
CA LYS G 323 -35.89 -25.69 10.95
C LYS G 323 -36.69 -25.58 9.66
N GLU G 324 -37.92 -26.09 9.69
CA GLU G 324 -38.80 -26.06 8.53
C GLU G 324 -39.29 -24.64 8.24
N GLU G 325 -39.69 -23.92 9.29
CA GLU G 325 -40.18 -22.56 9.14
C GLU G 325 -39.04 -21.60 8.77
N ILE G 326 -37.85 -21.85 9.27
CA ILE G 326 -36.70 -21.02 8.99
C ILE G 326 -36.29 -21.05 7.52
N LYS G 327 -36.23 -22.26 6.95
CA LYS G 327 -35.82 -22.41 5.55
C LYS G 327 -36.90 -21.89 4.58
N GLU G 328 -38.15 -21.90 5.02
CA GLU G 328 -39.24 -21.37 4.21
C GLU G 328 -39.26 -19.83 4.27
N ALA G 329 -38.68 -19.29 5.34
CA ALA G 329 -38.62 -17.84 5.52
C ALA G 329 -37.45 -17.25 4.72
N ILE G 330 -36.34 -17.97 4.69
CA ILE G 330 -35.18 -17.55 3.91
C ILE G 330 -35.51 -17.57 2.43
N LYS G 331 -36.30 -18.57 2.02
CA LYS G 331 -36.72 -18.69 0.63
C LYS G 331 -37.61 -17.51 0.27
N LYS G 332 -38.50 -17.14 1.19
CA LYS G 332 -39.42 -16.02 0.99
C LYS G 332 -38.68 -14.68 1.00
N ALA G 333 -37.54 -14.64 1.68
CA ALA G 333 -36.70 -13.44 1.72
C ALA G 333 -35.94 -13.30 0.40
N ASP G 334 -35.58 -14.45 -0.18
CA ASP G 334 -34.89 -14.48 -1.48
C ASP G 334 -35.84 -14.06 -2.60
N GLU G 335 -37.13 -14.34 -2.41
CA GLU G 335 -38.15 -14.03 -3.41
C GLU G 335 -38.65 -12.58 -3.36
N THR G 336 -38.16 -11.82 -2.39
CA THR G 336 -38.55 -10.42 -2.27
C THR G 336 -37.81 -9.59 -3.33
N PRO G 337 -38.57 -8.86 -4.15
CA PRO G 337 -37.98 -8.05 -5.23
C PRO G 337 -36.94 -7.06 -4.75
N LYS G 338 -35.90 -6.86 -5.56
CA LYS G 338 -34.82 -5.93 -5.25
C LYS G 338 -35.32 -4.51 -5.07
N GLN G 339 -34.67 -3.78 -4.16
CA GLN G 339 -35.03 -2.39 -3.86
C GLN G 339 -34.59 -1.45 -4.96
N LYS G 340 -35.51 -0.59 -5.40
CA LYS G 340 -35.16 0.42 -6.39
C LYS G 340 -35.02 1.75 -5.64
N VAL G 341 -34.27 2.68 -6.20
CA VAL G 341 -34.11 3.99 -5.59
C VAL G 341 -35.47 4.69 -5.51
N THR G 342 -36.34 4.43 -6.49
CA THR G 342 -37.69 5.01 -6.46
C THR G 342 -38.49 4.53 -5.27
N ASP G 343 -38.20 3.32 -4.80
CA ASP G 343 -38.85 2.78 -3.61
C ASP G 343 -38.37 3.56 -2.39
N LEU G 344 -37.08 3.86 -2.35
CA LEU G 344 -36.50 4.60 -1.24
C LEU G 344 -36.98 6.06 -1.22
N ILE G 345 -37.17 6.64 -2.41
CA ILE G 345 -37.67 8.00 -2.53
C ILE G 345 -39.10 8.10 -2.02
N SER G 346 -39.93 7.14 -2.45
CA SER G 346 -41.35 7.12 -2.11
C SER G 346 -41.67 7.00 -0.62
N ILE G 347 -40.76 6.41 0.15
CA ILE G 347 -40.99 6.24 1.58
C ILE G 347 -40.37 7.34 2.45
N MET G 348 -40.02 8.47 1.82
CA MET G 348 -39.41 9.59 2.54
C MET G 348 -40.41 10.56 3.16
N PHE G 349 -41.45 10.91 2.41
CA PHE G 349 -42.47 11.83 2.86
C PHE G 349 -43.82 11.37 2.34
N GLU G 350 -44.89 11.88 2.95
CA GLU G 350 -46.24 11.57 2.49
C GLU G 350 -46.34 12.18 1.09
N GLU G 351 -46.15 13.50 1.02
CA GLU G 351 -46.11 14.20 -0.26
C GLU G 351 -44.69 14.71 -0.48
N LEU G 352 -44.04 14.20 -1.52
CA LEU G 352 -42.64 14.52 -1.82
C LEU G 352 -42.33 16.01 -2.02
N PRO G 353 -41.15 16.43 -1.55
CA PRO G 353 -40.69 17.80 -1.72
C PRO G 353 -40.16 17.95 -3.14
N PHE G 354 -40.08 19.19 -3.62
CA PHE G 354 -39.62 19.46 -4.98
C PHE G 354 -38.37 18.69 -5.38
N ASN G 355 -37.35 18.73 -4.54
CA ASN G 355 -36.10 18.02 -4.86
C ASN G 355 -36.28 16.53 -5.11
N LEU G 356 -37.14 15.89 -4.32
CA LEU G 356 -37.39 14.47 -4.49
C LEU G 356 -38.27 14.17 -5.71
N LYS G 357 -39.07 15.14 -6.12
CA LYS G 357 -39.91 14.97 -7.30
C LYS G 357 -39.02 14.87 -8.54
N GLU G 358 -38.03 15.76 -8.61
CA GLU G 358 -37.08 15.76 -9.71
C GLU G 358 -36.29 14.46 -9.75
N GLN G 359 -35.78 14.05 -8.60
CA GLN G 359 -34.96 12.86 -8.48
C GLN G 359 -35.75 11.58 -8.75
N TYR G 360 -37.03 11.59 -8.41
CA TYR G 360 -37.88 10.43 -8.66
C TYR G 360 -37.98 10.18 -10.16
N GLU G 361 -38.25 11.24 -10.91
CA GLU G 361 -38.37 11.15 -12.36
C GLU G 361 -37.05 10.72 -13.01
N ILE G 362 -35.94 11.24 -12.48
CA ILE G 362 -34.62 10.90 -12.99
C ILE G 362 -34.35 9.41 -12.83
N TYR G 363 -34.61 8.89 -11.64
CA TYR G 363 -34.40 7.46 -11.36
C TYR G 363 -35.47 6.56 -11.99
N LYS G 364 -36.64 7.12 -12.26
CA LYS G 364 -37.69 6.37 -12.92
C LYS G 364 -37.24 6.09 -14.36
N GLU G 365 -36.45 7.00 -14.91
CA GLU G 365 -35.92 6.86 -16.26
C GLU G 365 -34.75 5.87 -16.28
N LYS G 366 -33.93 5.88 -15.23
CA LYS G 366 -32.80 4.95 -15.15
C LYS G 366 -33.24 3.52 -14.87
N GLU G 367 -34.40 3.37 -14.24
CA GLU G 367 -34.92 2.04 -13.90
C GLU G 367 -35.73 1.41 -15.03
N SER G 368 -36.16 2.24 -15.98
CA SER G 368 -36.97 1.77 -17.11
C SER G 368 -36.15 1.06 -18.19
N LYS G 369 -34.94 0.62 -17.82
CA LYS G 369 -34.06 -0.10 -18.74
C LYS G 369 -33.86 0.68 -20.05
N ALA H 2 -56.76 40.81 12.22
CA ALA H 2 -56.35 41.69 13.35
C ALA H 2 -54.86 41.97 13.31
N GLN H 3 -54.46 43.14 13.78
CA GLN H 3 -53.05 43.51 13.84
C GLN H 3 -52.33 42.60 14.81
N MET H 4 -51.36 41.83 14.31
CA MET H 4 -50.62 40.93 15.18
C MET H 4 -49.11 41.06 15.02
N THR H 5 -48.39 40.75 16.08
CA THR H 5 -46.94 40.67 16.05
C THR H 5 -46.68 39.22 15.66
N MET H 6 -45.46 38.89 15.27
CA MET H 6 -45.20 37.51 14.85
C MET H 6 -45.49 36.50 15.95
N VAL H 7 -45.16 36.84 17.19
CA VAL H 7 -45.43 35.93 18.32
C VAL H 7 -46.94 35.72 18.50
N GLN H 8 -47.71 36.79 18.47
CA GLN H 8 -49.17 36.69 18.61
C GLN H 8 -49.73 35.75 17.55
N ALA H 9 -49.21 35.88 16.33
CA ALA H 9 -49.65 35.06 15.20
C ALA H 9 -49.32 33.59 15.44
N ILE H 10 -48.19 33.35 16.09
CA ILE H 10 -47.76 31.99 16.42
C ILE H 10 -48.69 31.41 17.48
N THR H 11 -48.95 32.19 18.52
CA THR H 11 -49.86 31.76 19.59
C THR H 11 -51.24 31.50 19.00
N ASP H 12 -51.67 32.34 18.06
CA ASP H 12 -52.97 32.18 17.44
C ASP H 12 -53.03 30.88 16.64
N ALA H 13 -51.95 30.59 15.92
CA ALA H 13 -51.85 29.39 15.10
C ALA H 13 -51.84 28.12 15.96
N LEU H 14 -51.16 28.19 17.10
CA LEU H 14 -51.09 27.05 18.03
C LEU H 14 -52.46 26.76 18.65
N ARG H 15 -53.23 27.81 18.90
CA ARG H 15 -54.55 27.70 19.44
C ARG H 15 -55.53 27.11 18.47
N ILE H 16 -55.46 27.52 17.24
CA ILE H 16 -56.34 27.01 16.20
C ILE H 16 -56.12 25.52 15.96
N GLU H 17 -54.86 25.09 15.98
CA GLU H 17 -54.53 23.68 15.78
C GLU H 17 -54.88 22.78 16.96
N LEU H 18 -54.80 23.31 18.17
CA LEU H 18 -55.17 22.56 19.37
C LEU H 18 -56.67 22.27 19.40
N LYS H 19 -57.45 23.18 18.82
CA LYS H 19 -58.91 23.04 18.77
C LYS H 19 -59.34 22.16 17.59
N ASN H 20 -58.65 22.31 16.47
CA ASN H 20 -58.98 21.56 15.25
C ASN H 20 -58.69 20.07 15.36
N ASP H 21 -57.51 19.72 15.85
CA ASP H 21 -57.11 18.31 15.96
C ASP H 21 -56.68 17.97 17.39
N PRO H 22 -57.50 17.18 18.10
CA PRO H 22 -57.26 16.78 19.48
C PRO H 22 -55.97 15.98 19.70
N ASN H 23 -55.33 15.56 18.62
CA ASN H 23 -54.06 14.82 18.74
C ASN H 23 -52.87 15.77 18.92
N VAL H 24 -53.08 17.06 18.65
CA VAL H 24 -52.03 18.05 18.79
C VAL H 24 -51.65 18.26 20.25
N LEU H 25 -50.35 18.13 20.53
CA LEU H 25 -49.82 18.34 21.87
C LEU H 25 -48.67 19.34 21.84
N ILE H 26 -48.62 20.20 22.84
CA ILE H 26 -47.54 21.17 22.94
C ILE H 26 -46.80 20.95 24.25
N PHE H 27 -45.50 20.73 24.17
CA PHE H 27 -44.71 20.50 25.36
C PHE H 27 -43.25 20.93 25.18
N GLY H 28 -42.57 21.07 26.31
CA GLY H 28 -41.18 21.50 26.32
C GLY H 28 -40.83 22.12 27.65
N GLU H 29 -39.72 22.84 27.69
CA GLU H 29 -39.28 23.48 28.92
C GLU H 29 -39.98 24.83 29.14
N ASP H 30 -40.73 24.92 30.24
CA ASP H 30 -41.40 26.16 30.65
C ASP H 30 -42.44 26.68 29.66
N VAL H 31 -43.17 25.78 29.01
CA VAL H 31 -44.15 26.20 28.02
C VAL H 31 -45.59 26.12 28.49
N GLY H 32 -45.79 25.48 29.64
CA GLY H 32 -47.13 25.28 30.18
C GLY H 32 -47.65 26.45 31.02
N VAL H 33 -47.43 26.35 32.33
CA VAL H 33 -47.90 27.37 33.26
C VAL H 33 -47.32 28.75 32.94
N ASN H 34 -46.04 28.78 32.62
CA ASN H 34 -45.31 30.01 32.33
C ASN H 34 -45.72 30.61 30.98
N GLY H 35 -46.25 29.78 30.08
CA GLY H 35 -46.68 30.24 28.77
C GLY H 35 -45.53 30.49 27.81
N GLY H 36 -44.34 30.00 28.16
CA GLY H 36 -43.16 30.17 27.33
C GLY H 36 -42.28 31.36 27.69
N VAL H 37 -41.00 31.28 27.33
CA VAL H 37 -40.04 32.34 27.60
C VAL H 37 -40.40 33.63 26.86
N PHE H 38 -41.01 33.49 25.69
CA PHE H 38 -41.40 34.65 24.90
C PHE H 38 -42.93 34.77 24.78
N ARG H 39 -43.63 34.08 25.67
CA ARG H 39 -45.09 34.09 25.73
C ARG H 39 -45.77 33.47 24.51
N ALA H 40 -45.00 32.66 23.76
CA ALA H 40 -45.52 32.01 22.56
C ALA H 40 -46.65 31.03 22.85
N THR H 41 -46.64 30.45 24.05
CA THR H 41 -47.67 29.48 24.43
C THR H 41 -48.53 29.94 25.61
N GLU H 42 -48.52 31.23 25.91
CA GLU H 42 -49.32 31.78 26.98
C GLU H 42 -50.80 31.65 26.77
N GLY H 43 -51.50 31.14 27.78
CA GLY H 43 -52.95 30.97 27.75
C GLY H 43 -53.42 29.68 27.09
N LEU H 44 -52.50 28.93 26.51
CA LEU H 44 -52.85 27.69 25.83
C LEU H 44 -53.21 26.56 26.79
N GLN H 45 -52.45 26.42 27.88
CA GLN H 45 -52.71 25.38 28.87
C GLN H 45 -54.02 25.66 29.62
N ALA H 46 -54.25 26.93 29.94
CA ALA H 46 -55.46 27.32 30.65
C ALA H 46 -56.71 26.94 29.87
N GLU H 47 -56.64 27.04 28.55
CA GLU H 47 -57.76 26.71 27.69
C GLU H 47 -57.90 25.22 27.38
N PHE H 48 -56.78 24.55 27.14
CA PHE H 48 -56.82 23.15 26.75
C PHE H 48 -56.44 22.12 27.81
N GLY H 49 -55.84 22.58 28.90
CA GLY H 49 -55.46 21.68 29.99
C GLY H 49 -54.02 21.20 29.95
N GLU H 50 -53.57 20.66 31.08
CA GLU H 50 -52.21 20.16 31.23
C GLU H 50 -52.02 18.86 30.45
N ASP H 51 -53.12 18.30 29.96
CA ASP H 51 -53.07 17.10 29.14
C ASP H 51 -52.67 17.44 27.70
N ARG H 52 -52.89 18.69 27.30
CA ARG H 52 -52.57 19.14 25.95
C ARG H 52 -51.31 20.01 25.90
N VAL H 53 -51.10 20.83 26.93
CA VAL H 53 -49.93 21.69 27.02
C VAL H 53 -49.25 21.45 28.36
N PHE H 54 -48.02 20.94 28.34
CA PHE H 54 -47.35 20.60 29.58
C PHE H 54 -45.85 20.85 29.62
N ASP H 55 -45.32 20.93 30.84
CA ASP H 55 -43.89 21.14 31.07
C ASP H 55 -43.18 19.80 31.21
N THR H 56 -41.94 19.76 30.75
CA THR H 56 -41.15 18.54 30.79
C THR H 56 -39.89 18.77 31.60
N PRO H 57 -39.23 17.68 32.04
CA PRO H 57 -37.96 17.83 32.73
C PRO H 57 -36.98 18.56 31.84
N LEU H 58 -35.93 19.12 32.44
CA LEU H 58 -34.94 19.88 31.68
C LEU H 58 -33.98 18.94 30.95
N ALA H 59 -34.37 18.56 29.72
CA ALA H 59 -33.56 17.66 28.91
C ALA H 59 -34.04 17.65 27.46
N GLU H 60 -33.25 18.23 26.56
CA GLU H 60 -33.61 18.31 25.15
C GLU H 60 -33.81 16.96 24.47
N SER H 61 -32.86 16.04 24.65
CA SER H 61 -32.97 14.71 24.04
C SER H 61 -34.24 13.98 24.47
N GLY H 62 -34.55 14.03 25.76
CA GLY H 62 -35.75 13.38 26.30
C GLY H 62 -37.01 13.95 25.67
N ILE H 63 -36.99 15.24 25.35
CA ILE H 63 -38.12 15.89 24.70
C ILE H 63 -38.31 15.32 23.29
N GLY H 64 -37.20 15.13 22.59
CA GLY H 64 -37.24 14.57 21.24
C GLY H 64 -37.80 13.15 21.27
N GLY H 65 -37.28 12.34 22.19
CA GLY H 65 -37.73 10.96 22.33
C GLY H 65 -39.21 10.86 22.65
N LEU H 66 -39.68 11.78 23.50
CA LEU H 66 -41.07 11.80 23.93
C LEU H 66 -41.98 12.13 22.75
N ALA H 67 -41.56 13.08 21.94
CA ALA H 67 -42.30 13.47 20.75
C ALA H 67 -42.46 12.26 19.82
N ILE H 68 -41.37 11.53 19.62
CA ILE H 68 -41.37 10.36 18.75
C ILE H 68 -42.34 9.28 19.24
N GLY H 69 -42.25 8.96 20.54
CA GLY H 69 -43.11 7.96 21.15
C GLY H 69 -44.59 8.34 21.11
N LEU H 70 -44.86 9.62 21.28
CA LEU H 70 -46.24 10.13 21.23
C LEU H 70 -46.78 10.05 19.81
N ALA H 71 -45.93 10.33 18.83
CA ALA H 71 -46.32 10.26 17.43
C ALA H 71 -46.63 8.81 17.07
N LEU H 72 -45.88 7.87 17.65
CA LEU H 72 -46.12 6.45 17.42
C LEU H 72 -47.48 6.01 17.96
N GLN H 73 -48.02 6.76 18.91
CA GLN H 73 -49.34 6.45 19.48
C GLN H 73 -50.44 7.32 18.89
N GLY H 74 -50.18 7.86 17.69
CA GLY H 74 -51.18 8.65 16.97
C GLY H 74 -51.30 10.12 17.31
N PHE H 75 -50.40 10.63 18.13
CA PHE H 75 -50.44 12.05 18.48
C PHE H 75 -49.67 12.92 17.49
N ARG H 76 -49.99 14.21 17.49
CA ARG H 76 -49.36 15.18 16.61
C ARG H 76 -48.54 16.15 17.45
N PRO H 77 -47.32 15.75 17.83
CA PRO H 77 -46.46 16.51 18.73
C PRO H 77 -45.91 17.82 18.17
N VAL H 78 -45.97 18.86 19.00
CA VAL H 78 -45.42 20.16 18.67
C VAL H 78 -44.51 20.57 19.83
N PRO H 79 -43.37 19.87 19.96
CA PRO H 79 -42.43 20.17 21.04
C PRO H 79 -41.69 21.48 20.81
N GLU H 80 -41.09 22.01 21.87
CA GLU H 80 -40.33 23.24 21.77
C GLU H 80 -38.93 23.11 22.37
N ILE H 81 -37.96 23.70 21.69
CA ILE H 81 -36.58 23.77 22.17
C ILE H 81 -36.38 25.26 22.45
N GLN H 82 -36.14 25.62 23.72
CA GLN H 82 -36.04 27.03 24.13
C GLN H 82 -35.24 27.94 23.21
N PHE H 83 -34.07 27.48 22.77
CA PHE H 83 -33.23 28.20 21.84
C PHE H 83 -32.62 27.14 20.94
N PHE H 84 -32.68 27.36 19.62
CA PHE H 84 -32.21 26.35 18.69
C PHE H 84 -30.72 26.01 18.84
N GLY H 85 -30.02 26.77 19.66
CA GLY H 85 -28.61 26.49 19.96
C GLY H 85 -28.54 25.24 20.82
N PHE H 86 -29.66 24.89 21.46
CA PHE H 86 -29.72 23.71 22.30
C PHE H 86 -30.08 22.47 21.48
N VAL H 87 -30.05 22.60 20.16
CA VAL H 87 -30.38 21.49 19.27
C VAL H 87 -29.33 20.37 19.35
N TYR H 88 -28.12 20.74 19.74
CA TYR H 88 -27.03 19.78 19.83
C TYR H 88 -27.34 18.60 20.75
N GLU H 89 -28.09 18.86 21.82
CA GLU H 89 -28.47 17.81 22.77
C GLU H 89 -29.54 16.85 22.25
N VAL H 90 -30.12 17.17 21.10
CA VAL H 90 -31.21 16.36 20.58
C VAL H 90 -31.11 16.08 19.07
N MET H 91 -29.89 16.13 18.52
CA MET H 91 -29.68 15.86 17.10
C MET H 91 -30.13 14.48 16.64
N ASP H 92 -29.91 13.46 17.46
CA ASP H 92 -30.28 12.10 17.09
C ASP H 92 -31.78 11.99 16.88
N SER H 93 -32.53 12.37 17.92
CA SER H 93 -34.00 12.31 17.85
C SER H 93 -34.52 12.96 16.58
N ILE H 94 -33.91 14.07 16.18
CA ILE H 94 -34.34 14.80 14.99
C ILE H 94 -33.79 14.22 13.68
N CYS H 95 -32.47 14.12 13.58
CA CYS H 95 -31.83 13.67 12.36
C CYS H 95 -31.57 12.16 12.31
N GLY H 96 -31.30 11.57 13.47
CA GLY H 96 -31.04 10.15 13.51
C GLY H 96 -32.29 9.32 13.66
N GLN H 97 -33.39 9.95 14.08
CA GLN H 97 -34.61 9.21 14.35
C GLN H 97 -35.87 9.66 13.63
N MET H 98 -36.48 10.75 14.10
CA MET H 98 -37.76 11.21 13.55
C MET H 98 -37.79 11.49 12.05
N ALA H 99 -36.69 11.99 11.49
CA ALA H 99 -36.65 12.27 10.06
C ALA H 99 -36.58 10.99 9.23
N ARG H 100 -36.18 9.91 9.88
CA ARG H 100 -35.99 8.63 9.19
C ARG H 100 -37.10 7.61 9.38
N ILE H 101 -37.98 7.85 10.36
CA ILE H 101 -39.05 6.91 10.69
C ILE H 101 -39.86 6.34 9.52
N ARG H 102 -40.44 7.20 8.69
CA ARG H 102 -41.25 6.73 7.56
C ARG H 102 -40.42 5.84 6.64
N TYR H 103 -39.19 6.26 6.38
CA TYR H 103 -38.26 5.52 5.54
C TYR H 103 -37.86 4.22 6.21
N ARG H 104 -37.53 4.30 7.50
CA ARG H 104 -37.11 3.16 8.28
C ARG H 104 -38.19 2.09 8.39
N THR H 105 -39.46 2.50 8.30
CA THR H 105 -40.57 1.56 8.42
C THR H 105 -41.34 1.36 7.13
N GLY H 106 -40.81 1.87 6.03
CA GLY H 106 -41.46 1.74 4.73
C GLY H 106 -42.89 2.24 4.71
N GLY H 107 -43.12 3.41 5.31
CA GLY H 107 -44.45 4.00 5.36
C GLY H 107 -45.36 3.49 6.47
N ARG H 108 -44.93 2.44 7.16
CA ARG H 108 -45.72 1.85 8.24
C ARG H 108 -45.92 2.83 9.40
N TYR H 109 -44.89 3.60 9.70
CA TYR H 109 -44.97 4.62 10.73
C TYR H 109 -44.58 5.97 10.15
N HIS H 110 -45.00 7.05 10.81
CA HIS H 110 -44.66 8.40 10.37
C HIS H 110 -44.60 9.36 11.55
N MET H 111 -43.86 10.45 11.40
CA MET H 111 -43.69 11.43 12.47
C MET H 111 -44.35 12.77 12.17
N PRO H 112 -45.64 12.92 12.53
CA PRO H 112 -46.29 14.21 12.33
C PRO H 112 -45.85 15.19 13.43
N ILE H 113 -44.57 15.53 13.42
CA ILE H 113 -43.98 16.40 14.44
C ILE H 113 -43.60 17.78 13.91
N THR H 114 -43.77 18.80 14.75
CA THR H 114 -43.37 20.15 14.40
C THR H 114 -42.55 20.72 15.55
N ILE H 115 -41.26 20.92 15.31
CA ILE H 115 -40.41 21.47 16.35
C ILE H 115 -40.31 22.97 16.21
N ARG H 116 -40.75 23.68 17.26
CA ARG H 116 -40.65 25.13 17.31
C ARG H 116 -39.42 25.51 18.10
N SER H 117 -38.65 26.45 17.59
CA SER H 117 -37.45 26.90 18.30
C SER H 117 -37.00 28.27 17.80
N PRO H 118 -36.80 29.21 18.73
CA PRO H 118 -36.36 30.55 18.35
C PRO H 118 -34.86 30.65 18.14
N PHE H 119 -34.44 31.66 17.40
CA PHE H 119 -33.03 31.89 17.11
C PHE H 119 -32.90 33.34 16.67
N GLY H 120 -31.68 33.76 16.33
CA GLY H 120 -31.46 35.11 15.82
C GLY H 120 -30.74 36.08 16.74
N GLY H 121 -29.92 36.93 16.14
CA GLY H 121 -29.18 37.93 16.89
C GLY H 121 -29.79 39.32 16.79
N GLY H 122 -29.22 40.25 17.54
CA GLY H 122 -29.69 41.63 17.55
C GLY H 122 -30.36 42.03 18.85
N VAL H 123 -30.39 41.13 19.81
CA VAL H 123 -31.02 41.41 21.11
C VAL H 123 -30.11 41.22 22.32
N HIS H 124 -28.81 41.03 22.08
CA HIS H 124 -27.84 40.88 23.16
C HIS H 124 -28.11 39.69 24.08
N THR H 125 -28.42 38.53 23.50
CA THR H 125 -28.64 37.32 24.28
C THR H 125 -27.28 36.72 24.66
N PRO H 126 -27.26 35.91 25.73
CA PRO H 126 -26.03 35.25 26.14
C PRO H 126 -25.64 34.15 25.14
N GLU H 127 -24.51 33.49 25.40
CA GLU H 127 -23.97 32.46 24.51
C GLU H 127 -24.97 31.37 24.08
N LEU H 128 -24.80 30.88 22.85
CA LEU H 128 -25.59 29.79 22.29
C LEU H 128 -27.12 29.99 22.23
N HIS H 129 -27.55 31.24 22.24
CA HIS H 129 -28.97 31.57 22.18
C HIS H 129 -29.42 32.04 20.81
N SER H 130 -28.55 32.79 20.14
CA SER H 130 -28.86 33.42 18.86
C SER H 130 -28.29 32.72 17.61
N ASP H 131 -27.50 31.68 17.82
CA ASP H 131 -26.87 30.99 16.70
C ASP H 131 -27.84 30.55 15.59
N SER H 132 -27.44 30.80 14.34
CA SER H 132 -28.20 30.34 13.20
C SER H 132 -27.65 28.98 12.78
N LEU H 133 -28.35 27.91 13.15
CA LEU H 133 -27.89 26.57 12.83
C LEU H 133 -28.85 25.85 11.89
N GLU H 134 -29.68 26.61 11.17
CA GLU H 134 -30.64 26.02 10.24
C GLU H 134 -29.95 25.22 9.15
N GLY H 135 -28.66 25.47 8.96
CA GLY H 135 -27.89 24.78 7.92
C GLY H 135 -27.64 23.31 8.21
N LEU H 136 -27.69 22.94 9.49
CA LEU H 136 -27.46 21.55 9.90
C LEU H 136 -28.68 20.69 9.56
N VAL H 137 -29.85 21.09 10.03
CA VAL H 137 -31.07 20.33 9.77
C VAL H 137 -31.48 20.35 8.29
N ALA H 138 -31.05 21.38 7.57
CA ALA H 138 -31.36 21.47 6.15
C ALA H 138 -30.65 20.37 5.35
N GLN H 139 -29.60 19.80 5.93
CA GLN H 139 -28.85 18.73 5.28
C GLN H 139 -29.39 17.35 5.58
N GLN H 140 -30.46 17.28 6.36
CA GLN H 140 -31.02 15.99 6.75
C GLN H 140 -32.29 15.62 5.98
N PRO H 141 -32.19 14.58 5.13
CA PRO H 141 -33.34 14.09 4.37
C PRO H 141 -34.44 13.59 5.31
N GLY H 142 -35.68 14.00 5.06
CA GLY H 142 -36.81 13.60 5.89
C GLY H 142 -37.34 14.76 6.70
N LEU H 143 -36.67 15.90 6.58
CA LEU H 143 -37.07 17.11 7.29
C LEU H 143 -37.44 18.23 6.34
N LYS H 144 -38.24 19.16 6.86
CA LYS H 144 -38.59 20.37 6.14
C LYS H 144 -38.31 21.48 7.14
N VAL H 145 -37.61 22.52 6.72
CA VAL H 145 -37.24 23.60 7.60
C VAL H 145 -37.95 24.88 7.18
N VAL H 146 -38.73 25.44 8.11
CA VAL H 146 -39.50 26.65 7.83
C VAL H 146 -39.05 27.81 8.71
N ILE H 147 -38.79 28.95 8.08
CA ILE H 147 -38.33 30.15 8.79
C ILE H 147 -39.05 31.39 8.28
N PRO H 148 -40.22 31.71 8.88
CA PRO H 148 -41.01 32.88 8.47
C PRO H 148 -40.38 34.21 8.90
N SER H 149 -40.83 35.30 8.28
CA SER H 149 -40.32 36.62 8.61
C SER H 149 -41.43 37.61 8.99
N THR H 150 -42.69 37.24 8.71
CA THR H 150 -43.83 38.08 9.04
C THR H 150 -44.91 37.34 9.82
N PRO H 151 -45.71 38.07 10.60
CA PRO H 151 -46.84 37.49 11.33
C PRO H 151 -47.77 36.70 10.42
N TYR H 152 -48.07 37.23 9.24
CA TYR H 152 -48.94 36.54 8.29
C TYR H 152 -48.33 35.20 7.84
N ASP H 153 -47.03 35.19 7.61
CA ASP H 153 -46.34 33.97 7.17
C ASP H 153 -46.23 32.97 8.31
N ALA H 154 -45.83 33.45 9.47
CA ALA H 154 -45.69 32.60 10.65
C ALA H 154 -46.95 31.78 10.93
N LYS H 155 -48.11 32.44 10.93
CA LYS H 155 -49.36 31.75 11.21
C LYS H 155 -49.70 30.69 10.17
N GLY H 156 -49.72 31.10 8.89
CA GLY H 156 -50.04 30.19 7.79
C GLY H 156 -49.05 29.06 7.64
N LEU H 157 -47.77 29.36 7.80
CA LEU H 157 -46.74 28.34 7.72
C LEU H 157 -46.80 27.38 8.89
N LEU H 158 -47.14 27.90 10.07
CA LEU H 158 -47.23 27.07 11.26
C LEU H 158 -48.39 26.09 11.20
N ILE H 159 -49.53 26.54 10.70
CA ILE H 159 -50.70 25.68 10.57
C ILE H 159 -50.41 24.56 9.56
N SER H 160 -49.70 24.89 8.48
CA SER H 160 -49.29 23.90 7.48
C SER H 160 -48.31 22.91 8.08
N ALA H 161 -47.30 23.43 8.77
CA ALA H 161 -46.27 22.61 9.40
C ALA H 161 -46.88 21.59 10.34
N ILE H 162 -47.83 22.04 11.16
CA ILE H 162 -48.50 21.15 12.11
C ILE H 162 -49.36 20.09 11.43
N ARG H 163 -49.98 20.43 10.30
CA ARG H 163 -50.82 19.48 9.56
C ARG H 163 -49.99 18.52 8.70
N ASP H 164 -48.75 18.91 8.42
CA ASP H 164 -47.85 18.08 7.61
C ASP H 164 -47.48 16.85 8.43
N ASN H 165 -47.72 15.68 7.86
CA ASN H 165 -47.50 14.40 8.56
C ASN H 165 -46.07 13.92 8.66
N ASP H 166 -45.12 14.82 8.40
CA ASP H 166 -43.70 14.51 8.49
C ASP H 166 -43.03 15.60 9.32
N PRO H 167 -41.84 15.31 9.86
CA PRO H 167 -41.18 16.29 10.72
C PRO H 167 -40.89 17.63 10.04
N VAL H 168 -41.13 18.72 10.77
CA VAL H 168 -40.87 20.06 10.28
C VAL H 168 -40.26 20.90 11.38
N ILE H 169 -39.09 21.49 11.10
CA ILE H 169 -38.45 22.38 12.06
C ILE H 169 -38.95 23.80 11.77
N PHE H 170 -39.58 24.42 12.77
CA PHE H 170 -40.13 25.76 12.64
C PHE H 170 -39.26 26.73 13.46
N LEU H 171 -38.44 27.49 12.77
CA LEU H 171 -37.48 28.40 13.42
C LEU H 171 -38.00 29.84 13.52
N GLU H 172 -38.10 30.33 14.76
CA GLU H 172 -38.65 31.64 15.04
C GLU H 172 -37.59 32.67 15.43
N HIS H 173 -37.40 33.66 14.57
CA HIS H 173 -36.37 34.67 14.83
C HIS H 173 -36.72 35.57 16.01
N LEU H 174 -35.81 35.64 16.96
CA LEU H 174 -35.98 36.43 18.19
C LEU H 174 -36.27 37.90 17.94
N LYS H 175 -35.59 38.48 16.95
CA LYS H 175 -35.76 39.90 16.64
C LYS H 175 -37.11 40.20 16.00
N LEU H 176 -37.74 39.20 15.42
CA LEU H 176 -39.01 39.40 14.72
C LEU H 176 -40.26 39.11 15.56
N TYR H 177 -40.07 38.61 16.77
CA TYR H 177 -41.21 38.30 17.65
C TYR H 177 -42.16 39.46 17.87
N ARG H 178 -41.62 40.62 18.24
CA ARG H 178 -42.43 41.79 18.54
C ARG H 178 -41.92 43.07 17.88
N SER H 179 -41.16 42.91 16.79
CA SER H 179 -40.57 44.07 16.11
C SER H 179 -41.61 44.94 15.41
N PHE H 180 -42.67 44.32 14.91
CA PHE H 180 -43.70 45.05 14.19
C PHE H 180 -45.03 44.31 14.13
N ARG H 181 -46.08 45.01 13.73
CA ARG H 181 -47.41 44.43 13.59
C ARG H 181 -47.87 44.37 12.15
N GLN H 182 -48.70 43.38 11.85
CA GLN H 182 -49.23 43.17 10.51
C GLN H 182 -50.67 42.68 10.61
N GLU H 183 -51.47 42.99 9.59
CA GLU H 183 -52.85 42.53 9.56
C GLU H 183 -52.87 41.04 9.23
N VAL H 184 -53.24 40.23 10.21
CA VAL H 184 -53.33 38.79 10.02
C VAL H 184 -54.79 38.36 10.16
N PRO H 185 -55.31 37.63 9.16
CA PRO H 185 -56.69 37.18 9.19
C PRO H 185 -56.97 36.25 10.37
N GLU H 186 -58.11 36.41 11.02
CA GLU H 186 -58.48 35.53 12.12
C GLU H 186 -58.95 34.22 11.49
N GLY H 187 -59.05 33.17 12.28
CA GLY H 187 -59.47 31.88 11.74
C GLY H 187 -58.31 31.22 11.05
N GLU H 188 -58.56 30.04 10.46
CA GLU H 188 -57.48 29.30 9.83
C GLU H 188 -57.29 29.58 8.34
N TYR H 189 -56.04 29.44 7.91
CA TYR H 189 -55.64 29.58 6.52
C TYR H 189 -54.26 28.94 6.48
N THR H 190 -53.82 28.52 5.30
CA THR H 190 -52.53 27.86 5.20
C THR H 190 -51.64 28.47 4.13
N ILE H 191 -50.34 28.23 4.28
CA ILE H 191 -49.34 28.68 3.33
C ILE H 191 -48.49 27.45 3.00
N PRO H 192 -48.36 27.13 1.71
CA PRO H 192 -47.63 25.93 1.31
C PRO H 192 -46.18 25.95 1.77
N ILE H 193 -45.68 24.80 2.20
CA ILE H 193 -44.30 24.65 2.60
C ILE H 193 -43.47 24.44 1.33
N GLY H 194 -42.29 25.05 1.27
CA GLY H 194 -41.43 24.94 0.10
C GLY H 194 -41.82 25.95 -0.96
N LYS H 195 -42.53 26.99 -0.54
CA LYS H 195 -42.99 28.03 -1.44
C LYS H 195 -42.58 29.40 -0.96
N ALA H 196 -41.74 30.08 -1.73
CA ALA H 196 -41.30 31.43 -1.40
C ALA H 196 -42.33 32.41 -1.95
N ASP H 197 -42.10 33.70 -1.69
CA ASP H 197 -42.97 34.74 -2.22
C ASP H 197 -42.18 36.03 -2.44
N ILE H 198 -42.71 36.91 -3.27
CA ILE H 198 -42.05 38.17 -3.56
C ILE H 198 -42.47 39.23 -2.55
N LYS H 199 -41.53 39.66 -1.72
CA LYS H 199 -41.81 40.70 -0.73
C LYS H 199 -41.73 42.10 -1.34
N ARG H 200 -41.04 42.21 -2.47
CA ARG H 200 -40.92 43.46 -3.20
C ARG H 200 -40.60 43.15 -4.66
N GLU H 201 -41.46 43.61 -5.56
CA GLU H 201 -41.25 43.38 -6.98
C GLU H 201 -40.18 44.32 -7.54
N GLY H 202 -39.21 43.74 -8.25
CA GLY H 202 -38.12 44.51 -8.84
C GLY H 202 -37.77 44.02 -10.23
N LYS H 203 -36.81 44.67 -10.89
CA LYS H 203 -36.44 44.29 -12.25
C LYS H 203 -34.94 44.31 -12.54
N ASP H 204 -34.16 44.86 -11.61
CA ASP H 204 -32.72 45.01 -11.83
C ASP H 204 -31.82 44.02 -11.09
N ILE H 205 -32.30 43.49 -9.98
CA ILE H 205 -31.51 42.55 -9.19
C ILE H 205 -32.39 41.75 -8.24
N THR H 206 -32.07 40.47 -8.09
CA THR H 206 -32.81 39.58 -7.22
C THR H 206 -32.09 39.44 -5.89
N ILE H 207 -32.75 39.87 -4.81
CA ILE H 207 -32.20 39.74 -3.47
C ILE H 207 -32.91 38.59 -2.78
N ILE H 208 -32.19 37.50 -2.57
CA ILE H 208 -32.75 36.32 -1.91
C ILE H 208 -32.38 36.34 -0.43
N ALA H 209 -33.39 36.20 0.43
CA ALA H 209 -33.15 36.22 1.87
C ALA H 209 -34.17 35.39 2.66
N TYR H 210 -33.91 35.25 3.95
CA TYR H 210 -34.81 34.55 4.87
C TYR H 210 -34.56 35.02 6.31
N GLY H 211 -35.58 34.88 7.15
CA GLY H 211 -35.48 35.31 8.55
C GLY H 211 -35.46 36.83 8.65
N ALA H 212 -34.62 37.34 9.56
CA ALA H 212 -34.51 38.77 9.78
C ALA H 212 -33.85 39.48 8.59
N MET H 213 -33.18 38.71 7.75
CA MET H 213 -32.50 39.25 6.58
C MET H 213 -33.47 39.78 5.54
N VAL H 214 -34.73 39.35 5.62
CA VAL H 214 -35.76 39.82 4.71
C VAL H 214 -35.98 41.31 4.93
N HIS H 215 -36.09 41.71 6.20
CA HIS H 215 -36.28 43.12 6.54
C HIS H 215 -35.08 43.97 6.13
N GLU H 216 -33.88 43.43 6.28
CA GLU H 216 -32.67 44.16 5.91
C GLU H 216 -32.58 44.28 4.40
N SER H 217 -33.09 43.28 3.70
CA SER H 217 -33.09 43.27 2.24
C SER H 217 -34.10 44.29 1.69
N LEU H 218 -35.24 44.39 2.35
CA LEU H 218 -36.28 45.34 1.97
C LEU H 218 -35.81 46.76 2.27
N LYS H 219 -35.15 46.92 3.40
CA LYS H 219 -34.61 48.21 3.81
C LYS H 219 -33.57 48.66 2.79
N ALA H 220 -32.81 47.69 2.27
CA ALA H 220 -31.77 47.97 1.30
C ALA H 220 -32.39 48.30 -0.06
N ALA H 221 -33.42 47.55 -0.43
CA ALA H 221 -34.10 47.78 -1.70
C ALA H 221 -34.63 49.21 -1.74
N ALA H 222 -35.20 49.65 -0.62
CA ALA H 222 -35.75 50.99 -0.51
C ALA H 222 -34.69 52.06 -0.78
N GLU H 223 -33.47 51.83 -0.31
CA GLU H 223 -32.37 52.77 -0.53
C GLU H 223 -31.83 52.71 -1.96
N LEU H 224 -31.87 51.54 -2.56
CA LEU H 224 -31.40 51.34 -3.93
C LEU H 224 -32.36 52.01 -4.91
N GLU H 225 -33.63 52.08 -4.54
CA GLU H 225 -34.66 52.70 -5.37
C GLU H 225 -34.44 54.22 -5.48
N LYS H 226 -33.74 54.79 -4.51
CA LYS H 226 -33.45 56.22 -4.51
C LYS H 226 -32.44 56.55 -5.60
N GLU H 227 -31.74 55.52 -6.08
CA GLU H 227 -30.74 55.68 -7.13
C GLU H 227 -31.25 55.10 -8.44
N GLY H 228 -32.51 54.68 -8.46
CA GLY H 228 -33.10 54.11 -9.66
C GLY H 228 -32.75 52.65 -9.88
N ILE H 229 -32.32 51.98 -8.83
CA ILE H 229 -31.99 50.55 -8.92
C ILE H 229 -33.15 49.76 -8.31
N SER H 230 -33.85 49.03 -9.18
CA SER H 230 -35.00 48.25 -8.77
C SER H 230 -34.61 46.84 -8.31
N ALA H 231 -34.67 46.61 -7.01
CA ALA H 231 -34.31 45.31 -6.44
C ALA H 231 -35.54 44.48 -6.09
N GLU H 232 -35.52 43.21 -6.50
CA GLU H 232 -36.61 42.32 -6.17
C GLU H 232 -36.24 41.47 -4.97
N VAL H 233 -36.96 41.67 -3.87
CA VAL H 233 -36.70 40.92 -2.64
C VAL H 233 -37.56 39.67 -2.58
N VAL H 234 -36.92 38.52 -2.59
CA VAL H 234 -37.61 37.23 -2.50
C VAL H 234 -37.38 36.60 -1.14
N ASP H 235 -38.47 36.25 -0.47
CA ASP H 235 -38.40 35.62 0.84
C ASP H 235 -38.58 34.12 0.65
N LEU H 236 -37.55 33.36 1.00
CA LEU H 236 -37.57 31.91 0.85
C LEU H 236 -38.72 31.28 1.63
N ARG H 237 -38.89 31.70 2.89
CA ARG H 237 -39.92 31.19 3.80
C ARG H 237 -39.84 29.72 4.18
N THR H 238 -39.31 28.90 3.28
CA THR H 238 -38.90 27.53 3.56
C THR H 238 -37.48 27.38 3.01
N VAL H 239 -36.54 27.02 3.88
CA VAL H 239 -35.15 26.87 3.43
C VAL H 239 -34.80 25.44 3.05
N GLN H 240 -35.76 24.54 3.17
CA GLN H 240 -35.60 23.13 2.79
C GLN H 240 -36.97 22.45 2.81
N PRO H 241 -37.50 22.10 1.63
CA PRO H 241 -36.89 22.29 0.32
C PRO H 241 -37.05 23.72 -0.21
N LEU H 242 -36.12 24.14 -1.06
CA LEU H 242 -36.15 25.47 -1.67
C LEU H 242 -37.23 25.54 -2.75
N ASP H 243 -37.67 26.76 -3.03
CA ASP H 243 -38.65 27.00 -4.08
C ASP H 243 -37.90 27.39 -5.36
N ILE H 244 -37.38 26.38 -6.05
CA ILE H 244 -36.61 26.60 -7.26
C ILE H 244 -37.35 27.45 -8.30
N GLU H 245 -38.60 27.08 -8.59
CA GLU H 245 -39.42 27.79 -9.58
C GLU H 245 -39.49 29.30 -9.35
N THR H 246 -39.80 29.71 -8.12
CA THR H 246 -39.89 31.13 -7.80
C THR H 246 -38.51 31.80 -7.81
N ILE H 247 -37.51 31.10 -7.30
CA ILE H 247 -36.14 31.61 -7.27
C ILE H 247 -35.61 31.81 -8.69
N ILE H 248 -35.61 30.74 -9.48
CA ILE H 248 -35.13 30.79 -10.85
C ILE H 248 -35.90 31.77 -11.72
N GLY H 249 -37.23 31.78 -11.57
CA GLY H 249 -38.08 32.69 -12.33
C GLY H 249 -37.72 34.15 -12.13
N SER H 250 -37.26 34.48 -10.93
CA SER H 250 -36.86 35.84 -10.59
C SER H 250 -35.49 36.19 -11.16
N VAL H 251 -34.55 35.25 -11.04
CA VAL H 251 -33.19 35.44 -11.52
C VAL H 251 -33.14 35.58 -13.05
N GLU H 252 -33.95 34.79 -13.74
CA GLU H 252 -33.99 34.86 -15.20
C GLU H 252 -34.55 36.20 -15.68
N LYS H 253 -35.45 36.78 -14.91
CA LYS H 253 -36.04 38.07 -15.25
C LYS H 253 -35.08 39.22 -15.03
N THR H 254 -34.40 39.19 -13.88
CA THR H 254 -33.47 40.25 -13.50
C THR H 254 -32.08 40.08 -14.11
N GLY H 255 -31.58 38.86 -14.14
CA GLY H 255 -30.26 38.58 -14.68
C GLY H 255 -29.16 38.68 -13.64
N ARG H 256 -29.50 39.24 -12.48
CA ARG H 256 -28.52 39.41 -11.38
C ARG H 256 -29.13 38.99 -10.05
N ALA H 257 -28.30 38.47 -9.15
CA ALA H 257 -28.79 37.99 -7.87
C ALA H 257 -27.74 37.92 -6.76
N ILE H 258 -28.22 38.03 -5.52
CA ILE H 258 -27.37 37.89 -4.34
C ILE H 258 -28.18 37.18 -3.26
N VAL H 259 -27.50 36.40 -2.43
CA VAL H 259 -28.17 35.69 -1.35
C VAL H 259 -27.74 36.30 -0.02
N VAL H 260 -28.70 36.48 0.88
CA VAL H 260 -28.43 37.12 2.17
C VAL H 260 -28.90 36.24 3.32
N GLN H 261 -27.98 35.94 4.23
CA GLN H 261 -28.29 35.14 5.41
C GLN H 261 -27.55 35.74 6.61
N GLU H 262 -28.07 35.48 7.81
CA GLU H 262 -27.47 35.99 9.03
C GLU H 262 -26.32 35.09 9.48
N ALA H 263 -26.44 33.81 9.14
CA ALA H 263 -25.44 32.80 9.49
C ALA H 263 -24.07 33.06 8.88
N GLN H 264 -23.04 32.48 9.50
CA GLN H 264 -21.68 32.58 8.99
C GLN H 264 -21.63 32.10 7.54
N ARG H 265 -20.61 32.54 6.82
CA ARG H 265 -20.44 32.17 5.41
C ARG H 265 -20.37 30.65 5.20
N GLN H 266 -19.74 29.93 6.11
CA GLN H 266 -19.61 28.46 5.99
C GLN H 266 -20.86 27.70 6.47
N ALA H 267 -21.85 28.44 6.97
CA ALA H 267 -23.07 27.82 7.47
C ALA H 267 -24.30 28.25 6.67
N GLY H 268 -25.47 28.15 7.26
CA GLY H 268 -26.71 28.55 6.59
C GLY H 268 -27.04 27.68 5.39
N ILE H 269 -27.76 28.24 4.42
CA ILE H 269 -28.13 27.51 3.21
C ILE H 269 -27.88 28.32 1.94
N ALA H 270 -27.11 29.40 2.05
CA ALA H 270 -26.81 30.28 0.91
C ALA H 270 -25.99 29.60 -0.18
N ALA H 271 -25.16 28.64 0.20
CA ALA H 271 -24.35 27.93 -0.78
C ALA H 271 -25.24 27.11 -1.70
N ASN H 272 -26.29 26.52 -1.13
CA ASN H 272 -27.27 25.74 -1.88
C ASN H 272 -28.00 26.56 -2.91
N VAL H 273 -28.39 27.77 -2.53
CA VAL H 273 -29.10 28.66 -3.42
C VAL H 273 -28.22 29.00 -4.61
N VAL H 274 -26.99 29.42 -4.33
CA VAL H 274 -26.03 29.76 -5.36
C VAL H 274 -25.74 28.59 -6.28
N ALA H 275 -25.63 27.39 -5.71
CA ALA H 275 -25.39 26.19 -6.50
C ALA H 275 -26.57 25.92 -7.43
N GLU H 276 -27.78 26.06 -6.90
CA GLU H 276 -28.98 25.83 -7.70
C GLU H 276 -29.17 26.90 -8.78
N ILE H 277 -28.82 28.15 -8.49
CA ILE H 277 -28.92 29.23 -9.50
C ILE H 277 -27.98 28.87 -10.65
N ASN H 278 -26.69 28.83 -10.35
CA ASN H 278 -25.66 28.45 -11.30
C ASN H 278 -26.08 27.30 -12.21
N GLU H 279 -26.53 26.22 -11.58
CA GLU H 279 -26.90 24.99 -12.28
C GLU H 279 -28.10 25.12 -13.22
N ARG H 280 -29.00 26.06 -12.94
CA ARG H 280 -30.23 26.18 -13.73
C ARG H 280 -30.39 27.49 -14.50
N ALA H 281 -29.65 28.52 -14.14
CA ALA H 281 -29.81 29.81 -14.78
C ALA H 281 -28.51 30.58 -15.01
N ILE H 282 -27.42 29.86 -15.27
CA ILE H 282 -26.14 30.53 -15.51
C ILE H 282 -26.13 31.23 -16.87
N LEU H 283 -26.97 30.74 -17.78
CA LEU H 283 -27.09 31.32 -19.13
C LEU H 283 -27.87 32.64 -19.10
N SER H 284 -28.23 33.09 -17.91
CA SER H 284 -28.98 34.33 -17.76
C SER H 284 -28.29 35.31 -16.83
N LEU H 285 -27.20 34.85 -16.20
CA LEU H 285 -26.46 35.70 -15.26
C LEU H 285 -25.56 36.72 -15.93
N GLU H 286 -25.71 37.97 -15.52
CA GLU H 286 -24.89 39.07 -16.03
C GLU H 286 -23.64 39.17 -15.15
N ALA H 287 -23.73 38.59 -13.95
CA ALA H 287 -22.63 38.62 -12.99
C ALA H 287 -22.72 37.41 -12.07
N PRO H 288 -21.72 37.23 -11.20
CA PRO H 288 -21.74 36.11 -10.25
C PRO H 288 -22.76 36.33 -9.14
N VAL H 289 -23.39 35.25 -8.70
CA VAL H 289 -24.36 35.33 -7.60
C VAL H 289 -23.59 35.44 -6.30
N LEU H 290 -23.47 36.65 -5.78
CA LEU H 290 -22.71 36.90 -4.55
C LEU H 290 -23.53 36.67 -3.29
N ARG H 291 -22.85 36.38 -2.19
CA ARG H 291 -23.52 36.13 -0.92
C ARG H 291 -23.17 37.14 0.16
N VAL H 292 -24.19 37.49 0.95
CA VAL H 292 -24.03 38.35 2.10
C VAL H 292 -24.20 37.45 3.29
N ALA H 293 -23.16 37.36 4.13
CA ALA H 293 -23.19 36.48 5.29
C ALA H 293 -22.25 37.00 6.36
N ALA H 294 -22.33 36.41 7.54
CA ALA H 294 -21.50 36.83 8.66
C ALA H 294 -20.10 36.21 8.57
N PRO H 295 -19.13 36.82 9.26
CA PRO H 295 -17.75 36.29 9.29
C PRO H 295 -17.73 34.88 9.87
N ASP H 296 -16.79 34.06 9.39
CA ASP H 296 -16.68 32.65 9.80
C ASP H 296 -16.13 32.39 11.21
N THR H 297 -16.70 33.08 12.20
CA THR H 297 -16.32 32.84 13.59
C THR H 297 -17.57 32.38 14.32
N VAL H 298 -17.39 31.89 15.53
CA VAL H 298 -18.51 31.51 16.38
C VAL H 298 -19.37 32.74 16.57
N TYR H 299 -20.65 32.56 16.90
CA TYR H 299 -21.51 33.71 17.10
C TYR H 299 -20.79 34.69 18.02
N PRO H 300 -20.90 35.99 17.75
CA PRO H 300 -20.17 37.00 18.54
C PRO H 300 -20.71 37.20 19.95
N PHE H 301 -19.84 37.66 20.83
CA PHE H 301 -20.25 38.03 22.17
C PHE H 301 -21.29 39.14 21.99
N ALA H 302 -22.16 39.31 22.98
CA ALA H 302 -23.24 40.29 22.91
C ALA H 302 -22.89 41.65 22.33
N GLN H 303 -21.91 42.32 22.92
CA GLN H 303 -21.56 43.68 22.49
C GLN H 303 -20.96 43.80 21.09
N ALA H 304 -20.53 42.68 20.52
CA ALA H 304 -19.92 42.66 19.19
C ALA H 304 -20.94 42.36 18.08
N GLU H 305 -22.23 42.28 18.44
CA GLU H 305 -23.28 41.98 17.47
C GLU H 305 -23.44 43.01 16.35
N SER H 306 -23.42 44.28 16.69
CA SER H 306 -23.64 45.34 15.70
C SER H 306 -22.63 45.38 14.55
N VAL H 307 -21.38 45.03 14.84
CA VAL H 307 -20.34 45.05 13.81
C VAL H 307 -20.19 43.69 13.11
N TRP H 308 -20.72 42.65 13.72
CA TRP H 308 -20.59 41.30 13.20
C TRP H 308 -21.77 40.91 12.30
N LEU H 309 -22.98 41.09 12.81
CA LEU H 309 -24.19 40.74 12.08
C LEU H 309 -24.36 41.54 10.79
N PRO H 310 -24.69 40.86 9.69
CA PRO H 310 -24.94 41.53 8.42
C PRO H 310 -26.13 42.47 8.58
N ASN H 311 -26.10 43.60 7.88
CA ASN H 311 -27.19 44.56 7.95
C ASN H 311 -27.51 45.10 6.56
N PHE H 312 -28.41 46.08 6.49
CA PHE H 312 -28.85 46.61 5.20
C PHE H 312 -27.73 47.26 4.38
N LYS H 313 -26.74 47.83 5.06
CA LYS H 313 -25.62 48.45 4.37
C LYS H 313 -24.78 47.42 3.62
N ASP H 314 -24.59 46.25 4.23
CA ASP H 314 -23.85 45.16 3.60
C ASP H 314 -24.58 44.71 2.33
N VAL H 315 -25.90 44.66 2.41
CA VAL H 315 -26.74 44.27 1.27
C VAL H 315 -26.62 45.31 0.15
N ILE H 316 -26.70 46.59 0.51
CA ILE H 316 -26.55 47.67 -0.45
C ILE H 316 -25.23 47.45 -1.18
N GLU H 317 -24.15 47.48 -0.40
CA GLU H 317 -22.78 47.32 -0.89
C GLU H 317 -22.61 46.18 -1.88
N THR H 318 -23.09 44.99 -1.50
CA THR H 318 -22.95 43.81 -2.34
C THR H 318 -23.82 43.87 -3.59
N ALA H 319 -24.99 44.49 -3.47
CA ALA H 319 -25.89 44.64 -4.62
C ALA H 319 -25.22 45.50 -5.68
N LYS H 320 -24.65 46.64 -5.26
CA LYS H 320 -23.93 47.54 -6.14
C LYS H 320 -22.73 46.87 -6.79
N LYS H 321 -22.14 45.92 -6.08
CA LYS H 321 -20.98 45.21 -6.60
C LYS H 321 -21.41 44.34 -7.79
N VAL H 322 -22.61 43.78 -7.71
CA VAL H 322 -23.17 42.96 -8.76
C VAL H 322 -23.63 43.80 -9.95
N MET H 323 -24.18 44.98 -9.66
CA MET H 323 -24.65 45.89 -10.71
C MET H 323 -23.48 46.44 -11.54
N ASN H 324 -22.36 46.67 -10.87
CA ASN H 324 -21.17 47.23 -11.51
C ASN H 324 -20.16 46.20 -11.99
N PHE H 325 -20.45 44.93 -11.76
CA PHE H 325 -19.54 43.87 -12.17
C PHE H 325 -19.20 44.00 -13.66
N ARG I 128 61.06 -20.85 -54.36
CA ARG I 128 60.11 -21.54 -55.24
C ARG I 128 59.40 -20.57 -56.16
N VAL I 129 58.10 -20.79 -56.35
CA VAL I 129 57.30 -19.93 -57.21
C VAL I 129 56.17 -19.27 -56.44
N ILE I 130 55.66 -18.15 -56.97
CA ILE I 130 54.58 -17.42 -56.33
C ILE I 130 53.59 -16.81 -57.31
N ALA I 131 52.30 -17.12 -57.11
CA ALA I 131 51.21 -16.59 -57.90
C ALA I 131 49.88 -16.73 -57.19
N MET I 132 49.01 -15.75 -57.31
CA MET I 132 47.70 -15.86 -56.72
C MET I 132 47.01 -17.05 -57.30
N PRO I 133 46.05 -17.61 -56.58
CA PRO I 133 45.43 -18.88 -56.92
C PRO I 133 44.63 -18.85 -58.17
N SER I 134 44.17 -17.69 -58.54
CA SER I 134 43.36 -17.59 -59.70
C SER I 134 44.31 -17.88 -60.81
N VAL I 135 45.51 -17.39 -60.66
CA VAL I 135 46.54 -17.56 -61.66
C VAL I 135 46.94 -19.01 -61.79
N ARG I 136 47.50 -19.56 -60.74
CA ARG I 136 47.75 -20.96 -60.66
C ARG I 136 46.70 -21.86 -61.27
N LYS I 137 45.45 -21.45 -61.28
CA LYS I 137 44.40 -22.30 -61.75
C LYS I 137 44.10 -22.03 -63.18
N TYR I 138 44.59 -20.90 -63.64
CA TYR I 138 44.49 -20.55 -65.02
C TYR I 138 45.54 -21.39 -65.69
N ALA I 139 46.76 -21.34 -65.20
CA ALA I 139 47.85 -22.13 -65.74
C ALA I 139 47.58 -23.62 -65.80
N ARG I 140 46.73 -24.12 -64.93
CA ARG I 140 46.54 -25.58 -64.87
C ARG I 140 45.49 -26.05 -65.84
N GLU I 141 44.44 -25.26 -65.92
CA GLU I 141 43.33 -25.42 -66.80
C GLU I 141 43.83 -25.51 -68.17
N LYS I 142 44.90 -24.76 -68.40
CA LYS I 142 45.40 -24.53 -69.71
C LYS I 142 46.56 -25.42 -70.02
N GLY I 143 46.88 -26.35 -69.13
CA GLY I 143 47.97 -27.31 -69.26
C GLY I 143 49.37 -26.77 -69.28
N VAL I 144 49.55 -25.59 -68.74
CA VAL I 144 50.85 -24.97 -68.69
C VAL I 144 51.24 -25.29 -67.28
N ASP I 145 52.53 -25.40 -67.05
CA ASP I 145 53.08 -25.62 -65.76
C ASP I 145 53.58 -24.26 -65.53
N ILE I 146 52.96 -23.57 -64.60
CA ILE I 146 53.30 -22.22 -64.27
C ILE I 146 54.70 -22.15 -63.81
N ARG I 147 55.32 -23.27 -63.50
CA ARG I 147 56.64 -23.24 -62.87
C ARG I 147 57.73 -22.92 -63.86
N LEU I 148 57.32 -22.70 -65.10
CA LEU I 148 58.29 -22.52 -66.17
C LEU I 148 57.81 -21.33 -66.97
N VAL I 149 57.48 -20.27 -66.26
CA VAL I 149 56.81 -19.15 -66.86
C VAL I 149 57.48 -18.08 -66.13
N GLN I 150 57.63 -16.91 -66.72
CA GLN I 150 58.32 -15.85 -66.03
C GLN I 150 57.38 -14.76 -65.66
N GLY I 151 57.16 -14.60 -64.36
CA GLY I 151 56.29 -13.56 -63.88
C GLY I 151 56.96 -12.23 -63.95
N THR I 152 56.13 -11.23 -64.19
CA THR I 152 56.58 -9.87 -64.33
C THR I 152 56.00 -9.11 -63.17
N GLY I 153 55.96 -9.75 -62.01
CA GLY I 153 55.36 -9.13 -60.87
C GLY I 153 56.32 -9.03 -59.73
N LYS I 154 55.87 -8.36 -58.68
CA LYS I 154 56.65 -8.12 -57.51
C LYS I 154 57.22 -9.38 -56.95
N ASN I 155 58.52 -9.60 -57.15
CA ASN I 155 59.24 -10.58 -56.44
C ASN I 155 59.31 -11.79 -57.28
N GLY I 156 58.74 -11.65 -58.46
CA GLY I 156 58.71 -12.67 -59.46
C GLY I 156 57.39 -13.36 -59.44
N ARG I 157 56.32 -12.66 -59.10
CA ARG I 157 55.02 -13.27 -59.03
C ARG I 157 54.48 -13.32 -60.40
N VAL I 158 53.92 -14.44 -60.78
CA VAL I 158 53.48 -14.57 -62.12
C VAL I 158 52.03 -14.23 -62.27
N LEU I 159 51.73 -13.56 -63.34
CA LEU I 159 50.41 -13.04 -63.48
C LEU I 159 49.75 -13.61 -64.67
N LYS I 160 48.43 -13.65 -64.64
CA LYS I 160 47.65 -14.08 -65.76
C LYS I 160 47.94 -13.13 -66.84
N GLU I 161 49.11 -13.19 -67.38
CA GLU I 161 49.48 -12.13 -68.24
C GLU I 161 50.78 -12.67 -68.72
N ASP I 162 51.43 -13.39 -67.84
CA ASP I 162 52.61 -14.10 -68.23
C ASP I 162 52.29 -15.43 -68.81
N ILE I 163 51.17 -16.00 -68.40
CA ILE I 163 50.82 -17.27 -68.88
C ILE I 163 50.30 -17.04 -70.24
N ASP I 164 49.73 -15.87 -70.43
CA ASP I 164 49.17 -15.56 -71.71
C ASP I 164 50.27 -15.35 -72.72
N ALA I 165 51.33 -14.65 -72.33
CA ALA I 165 52.52 -14.55 -73.14
C ALA I 165 53.38 -15.81 -73.02
N PHE I 166 52.78 -16.94 -73.27
CA PHE I 166 53.50 -18.15 -73.11
C PHE I 166 52.74 -19.06 -73.99
N LEU I 167 51.46 -19.05 -73.74
CA LEU I 167 50.48 -19.56 -74.64
C LEU I 167 50.75 -18.87 -75.96
N ALA I 168 51.76 -18.05 -75.98
CA ALA I 168 51.90 -17.22 -77.14
C ALA I 168 53.15 -17.43 -77.96
N GLY I 169 54.29 -17.60 -77.31
CA GLY I 169 55.54 -17.68 -78.00
C GLY I 169 56.27 -16.50 -77.47
N ARG J 128 -33.79 37.98 -25.89
CA ARG J 128 -34.07 36.55 -25.85
C ARG J 128 -32.80 35.76 -25.70
N VAL J 129 -31.92 36.14 -24.78
CA VAL J 129 -30.53 35.69 -24.89
C VAL J 129 -30.04 34.56 -24.04
N ILE J 130 -29.24 33.69 -24.62
CA ILE J 130 -28.62 32.61 -23.87
C ILE J 130 -27.15 32.84 -23.93
N ALA J 131 -26.51 33.04 -22.79
CA ALA J 131 -25.09 33.11 -22.76
C ALA J 131 -24.47 33.12 -21.41
N MET J 132 -23.33 32.45 -21.33
CA MET J 132 -22.54 32.37 -20.13
C MET J 132 -22.21 33.76 -19.65
N PRO J 133 -21.58 33.88 -18.53
CA PRO J 133 -21.32 35.21 -18.00
C PRO J 133 -20.02 35.82 -18.53
N SER J 134 -19.06 34.97 -18.87
CA SER J 134 -17.79 35.45 -19.34
C SER J 134 -18.05 36.25 -20.55
N VAL J 135 -18.92 35.72 -21.39
CA VAL J 135 -19.22 36.28 -22.67
C VAL J 135 -20.10 37.46 -22.59
N ARG J 136 -21.01 37.46 -21.65
CA ARG J 136 -21.87 38.60 -21.44
C ARG J 136 -21.07 39.75 -20.91
N LYS J 137 -20.01 39.48 -20.18
CA LYS J 137 -19.22 40.53 -19.61
C LYS J 137 -18.22 41.01 -20.62
N TYR J 138 -17.83 40.12 -21.51
CA TYR J 138 -17.02 40.50 -22.65
C TYR J 138 -17.76 41.48 -23.52
N ALA J 139 -18.97 41.12 -23.92
CA ALA J 139 -19.83 42.00 -24.66
C ALA J 139 -19.93 43.35 -24.02
N ARG J 140 -20.24 43.38 -22.74
CA ARG J 140 -20.36 44.60 -21.98
C ARG J 140 -19.13 45.51 -21.90
N GLU J 141 -17.94 44.99 -21.69
CA GLU J 141 -16.78 45.87 -21.53
C GLU J 141 -16.40 46.50 -22.84
N LYS J 142 -16.77 45.83 -23.91
CA LYS J 142 -16.42 46.19 -25.24
C LYS J 142 -17.58 46.91 -25.90
N GLY J 143 -18.57 47.23 -25.10
CA GLY J 143 -19.61 48.16 -25.47
C GLY J 143 -20.53 47.62 -26.50
N VAL J 144 -20.47 46.32 -26.69
CA VAL J 144 -21.31 45.68 -27.67
C VAL J 144 -22.63 45.41 -27.02
N ASP J 145 -23.61 45.03 -27.79
CA ASP J 145 -24.91 44.71 -27.28
C ASP J 145 -25.32 43.35 -27.71
N ILE J 146 -25.22 42.39 -26.79
CA ILE J 146 -25.45 41.00 -27.08
C ILE J 146 -26.74 40.75 -27.77
N ARG J 147 -27.80 41.47 -27.44
CA ARG J 147 -29.06 41.23 -28.10
C ARG J 147 -29.06 41.27 -29.63
N LEU J 148 -28.03 41.82 -30.23
CA LEU J 148 -27.96 41.88 -31.68
C LEU J 148 -26.96 40.94 -32.23
N VAL J 149 -26.15 40.38 -31.37
CA VAL J 149 -25.14 39.51 -31.86
C VAL J 149 -25.74 38.22 -32.26
N GLN J 150 -25.25 37.64 -33.33
CA GLN J 150 -25.78 36.36 -33.72
C GLN J 150 -24.98 35.18 -33.17
N GLY J 151 -25.63 34.35 -32.41
CA GLY J 151 -24.95 33.34 -31.66
C GLY J 151 -24.80 32.09 -32.47
N THR J 152 -23.62 31.54 -32.37
CA THR J 152 -23.23 30.37 -33.08
C THR J 152 -23.04 29.16 -32.19
N GLY J 153 -23.32 29.26 -30.90
CA GLY J 153 -23.14 28.15 -30.02
C GLY J 153 -24.36 27.26 -30.04
N LYS J 154 -24.39 26.27 -29.19
CA LYS J 154 -25.46 25.32 -29.18
C LYS J 154 -26.83 25.92 -28.95
N ASN J 155 -27.80 25.50 -29.72
CA ASN J 155 -29.07 26.12 -29.61
C ASN J 155 -28.81 27.56 -30.05
N GLY J 156 -27.57 27.99 -29.93
CA GLY J 156 -27.23 29.36 -30.27
C GLY J 156 -26.72 30.20 -29.13
N ARG J 157 -26.37 29.59 -28.01
CA ARG J 157 -25.74 30.39 -27.03
C ARG J 157 -24.74 31.17 -27.85
N VAL J 158 -24.21 32.25 -27.30
CA VAL J 158 -23.39 33.18 -28.04
C VAL J 158 -22.06 33.24 -27.39
N LEU J 159 -21.01 33.01 -28.16
CA LEU J 159 -19.68 32.89 -27.58
C LEU J 159 -18.77 34.03 -27.91
N LYS J 160 -17.56 33.99 -27.39
CA LYS J 160 -16.63 35.10 -27.52
C LYS J 160 -15.94 35.07 -28.87
N GLU J 161 -16.60 34.47 -29.83
CA GLU J 161 -16.11 34.41 -31.17
C GLU J 161 -17.20 35.02 -31.98
N ASP J 162 -18.26 35.39 -31.30
CA ASP J 162 -19.32 36.10 -31.93
C ASP J 162 -19.34 37.55 -31.51
N ILE J 163 -18.87 37.82 -30.31
CA ILE J 163 -18.67 39.17 -29.95
C ILE J 163 -17.68 39.74 -30.93
N ASP J 164 -16.61 39.03 -31.23
CA ASP J 164 -15.78 39.45 -32.32
C ASP J 164 -16.16 38.73 -33.60
N ALA J 165 -16.54 39.45 -34.61
CA ALA J 165 -17.22 38.82 -35.72
C ALA J 165 -18.36 39.75 -35.92
N PHE J 166 -18.54 40.54 -34.88
CA PHE J 166 -19.43 41.63 -34.85
C PHE J 166 -18.51 42.76 -34.48
N LEU J 167 -17.54 42.53 -33.62
CA LEU J 167 -16.62 43.59 -33.35
C LEU J 167 -17.22 44.62 -32.41
#